data_8IP0
#
_entry.id   8IP0
#
_cell.length_a   1.00
_cell.length_b   1.00
_cell.length_c   1.00
_cell.angle_alpha   90.00
_cell.angle_beta   90.00
_cell.angle_gamma   90.00
#
_symmetry.space_group_name_H-M   'P 1'
#
loop_
_entity.id
_entity.type
_entity.pdbx_description
1 polymer 'Type I-MYXAN CRISPR-associated protein Cmx8'
2 polymer 'Type I-MYXAN CRISPR-associated protein Cas5/Cmx5/DevS'
3 polymer 'Fruiting body developmental protein R-like protein'
4 polymer "DNA (5'-D(P*TP*CP*CP*AP*TP*GP*TP*TP*TP*AP*TP*CP*AP*CP*C)-3')"
5 polymer 'RNA (44-MER)'
6 polymer 'DNA (41-MER)'
7 polymer "DNA (5'-D(P*AP*AP*AP*AP*AP*AP*AP*AP*AP*A)-3')"
8 polymer 'CRISPR associated protein Cas11b'
#
loop_
_entity_poly.entity_id
_entity_poly.type
_entity_poly.pdbx_seq_one_letter_code
_entity_poly.pdbx_strand_id
1 'polypeptide(L)'
;MPKTQAEILTLDFNLAELPSAQHRAGLAGLILMIRELKKWPWFKIRQKEKDVLLSIENLDQYGASIQLNLEGLIALFDLA
YLSFTEERKSKSKIKDFKRVDEIEIEENGKNKIQKYYFYDVITPQGGFLAGWDKSDGQIWLRIWRDMFWSIIKGVPATRN
PFNNRCGLNLNAGDSFSKDVESVWKSLQNAEKTTGQSGAFYLGAMAVNAENVSTDDLIKWQFLLHFWAFVAQVYCPYILD
KDGKRNFNGYVIVIPDIANLEDFCDILPDVLSNRNSKAFGFRPQESVIDVPEQGALELLNLIKQRIAKKAGSGLLSDLIV
GVEVIHAEKQGNSIKLHSVSYLQPNEESVDDYNAIKNSYYCPWFRRQLLLNLVNPKFDLASQSWLKRHPWYGFGDLLSRI
PQRWLKENNSYFSHDARQLFTQKGDFDMTVATTKTREYAEIVYKIAQGFVLSKLSSKHDLQWSKCKGNPKLEREYNDKKE
KVVNEAFLAIRSRTEKQAFIDYFVSTLYPHVRQDEFVDFAQKLFQDTDEIRSLTLLALSSQYPIKRQGETE
;
J
2 'polypeptide(L)'
;MAQLALALDTVTRYLRLKAPFAAFRPFQSGSFRSTTPVPSFSAVYGLLLNLAGIEQRQEVEGKVTLIKPKAELPKLAIAI
GQVKPSSTSLINQQLHNYPVGNSGKEFASRTFGSKYWIAPVRREVLVNLDLIIGLQSPVEFWQKLDQGLKGETVINRYGL
PFAGDNNFLFDEIYPIEKPDLASWYCPLEPDTRPNQGACRLTLWIDRENNTQTTIKVFSPSDFRLEPPAKAWQQLPG
;
A
3 'polypeptide(L)'
;MSNLNLFATILTYPAPASNYRGESEENRSVIQKILKDGQKYAIISPESMRNALREMLIELGQPNNRTRLHSEDQLAVEFK
EYPNPDKFADDFLFGYMVAQTNDAKEMKKLNRPAKRDSIFRCNMAVAVNPYKYDTVFYQSPLNAGDSAWKNSTSSALLHR
EVTHTAFQYPFALAGKDCAAKPEWVKALLQAIAELNGVAGGHARAYYEFAPRSVVARLTPKLVAGYQTYGFDAEGNWLEL
SRLTATDSDNLDLPANEFWLGGELVRKMDQEQKAQLEAMGAHLYANPEKLFADLADSFLGV
;
B,C,D,N,O,H,I
4 'polydeoxyribonucleotide' (DT)(DC)(DC)(DA)(DT)(DG)(DT)(DT)(DT)(DA)(DT)(DC)(DA)(DC)(DC) E
5 'polyribonucleotide' AGAGCACUUUUAUCACCGUGUCCCCAAUCUGGAUAUUUUGUGUG F
6 'polydeoxyribonucleotide'
;(DA)(DC)(DA)(DC)(DA)(DA)(DA)(DA)(DT)(DA)(DT)(DC)(DC)(DA)(DG)(DA)(DT)(DT)(DG)(DG)
(DG)(DG)(DA)(DC)(DA)(DC)(DG)(DG)(DT)(DG)(DA)(DT)(DA)(DA)(DA)(DC)(DA)(DT)(DG)(DG)
(DA)
;
G
7 'polydeoxyribonucleotide' (DA)(DA)(DA)(DA)(DA)(DA)(DA)(DA)(DA)(DA) P
8 'polypeptide(L)'
;MTVATTKTREYAEIVYKIAQGFVLSKLSSKHDLQWSKCKGNPKLEREYNDKKEKVVNEAFLAIRSRTEKQAFIDYFVSTL
YPHVRQDEFVDFAQKLFQDTDEIRSLTLLALSSQYPIKRQGETE
;
K,L,M
#
# COMPACT_ATOMS: atom_id res chain seq x y z
N GLU A 7 -90.19 -1.99 -52.20
CA GLU A 7 -90.64 -0.79 -51.48
C GLU A 7 -89.51 0.21 -51.33
N ILE A 8 -89.72 1.21 -50.48
CA ILE A 8 -88.74 2.25 -50.22
C ILE A 8 -88.46 2.28 -48.71
N LEU A 9 -87.19 2.22 -48.34
CA LEU A 9 -86.76 2.24 -46.95
C LEU A 9 -85.82 3.41 -46.74
N THR A 10 -86.11 4.23 -45.72
CA THR A 10 -85.34 5.43 -45.40
C THR A 10 -84.70 5.27 -44.04
N LEU A 11 -83.43 5.66 -43.94
CA LEU A 11 -82.68 5.57 -42.70
C LEU A 11 -81.93 6.88 -42.46
N ASP A 12 -81.78 7.22 -41.18
CA ASP A 12 -81.06 8.41 -40.75
C ASP A 12 -80.09 8.04 -39.64
N PHE A 13 -78.95 8.73 -39.61
CA PHE A 13 -77.90 8.43 -38.65
C PHE A 13 -77.23 9.72 -38.19
N ASN A 14 -76.67 9.67 -36.98
CA ASN A 14 -75.93 10.76 -36.40
C ASN A 14 -74.63 10.25 -35.80
N LEU A 15 -73.61 11.09 -35.81
CA LEU A 15 -72.31 10.74 -35.24
C LEU A 15 -72.15 11.19 -33.80
N ALA A 16 -73.17 11.78 -33.20
CA ALA A 16 -73.12 12.23 -31.82
C ALA A 16 -73.56 11.17 -30.82
N GLU A 17 -73.99 10.00 -31.30
CA GLU A 17 -74.46 8.93 -30.42
C GLU A 17 -73.70 7.62 -30.58
N LEU A 18 -72.83 7.51 -31.57
CA LEU A 18 -72.09 6.28 -31.78
C LEU A 18 -71.06 6.11 -30.67
N PRO A 19 -71.04 4.97 -29.97
CA PRO A 19 -70.10 4.81 -28.85
C PRO A 19 -68.72 4.33 -29.28
N SER A 20 -68.62 3.76 -30.48
CA SER A 20 -67.38 3.17 -30.97
C SER A 20 -66.90 3.91 -32.20
N ALA A 21 -65.57 3.99 -32.34
CA ALA A 21 -64.99 4.63 -33.52
C ALA A 21 -65.30 3.86 -34.79
N GLN A 22 -65.35 2.52 -34.70
CA GLN A 22 -65.66 1.71 -35.87
C GLN A 22 -67.07 2.00 -36.38
N HIS A 23 -67.99 2.36 -35.49
CA HIS A 23 -69.32 2.78 -35.93
C HIS A 23 -69.24 3.99 -36.85
N ARG A 24 -68.41 4.97 -36.48
CA ARG A 24 -68.23 6.15 -37.32
C ARG A 24 -67.52 5.79 -38.63
N ALA A 25 -66.52 4.91 -38.55
CA ALA A 25 -65.77 4.53 -39.74
C ALA A 25 -66.66 3.82 -40.76
N GLY A 26 -67.58 2.98 -40.27
CA GLY A 26 -68.48 2.28 -41.18
C GLY A 26 -69.36 3.21 -41.99
N LEU A 27 -69.76 4.34 -41.41
CA LEU A 27 -70.57 5.31 -42.14
C LEU A 27 -69.82 5.84 -43.36
N ALA A 28 -68.57 6.28 -43.15
CA ALA A 28 -67.77 6.76 -44.27
C ALA A 28 -67.51 5.63 -45.27
N GLY A 29 -67.27 4.42 -44.77
CA GLY A 29 -67.05 3.29 -45.68
C GLY A 29 -68.25 3.04 -46.59
N LEU A 30 -69.45 3.01 -46.02
CA LEU A 30 -70.63 2.78 -46.84
C LEU A 30 -70.92 3.95 -47.75
N ILE A 31 -70.61 5.18 -47.32
CA ILE A 31 -70.76 6.33 -48.20
C ILE A 31 -69.85 6.18 -49.41
N LEU A 32 -68.60 5.75 -49.19
CA LEU A 32 -67.68 5.54 -50.29
C LEU A 32 -68.15 4.41 -51.19
N MET A 33 -68.72 3.35 -50.61
CA MET A 33 -69.26 2.26 -51.41
C MET A 33 -70.41 2.75 -52.30
N ILE A 34 -71.30 3.57 -51.75
CA ILE A 34 -72.41 4.11 -52.54
C ILE A 34 -71.88 4.98 -53.66
N ARG A 35 -70.90 5.84 -53.36
CA ARG A 35 -70.32 6.69 -54.40
C ARG A 35 -69.66 5.86 -55.49
N GLU A 36 -68.96 4.78 -55.11
CA GLU A 36 -68.35 3.89 -56.10
C GLU A 36 -69.43 3.23 -56.97
N LEU A 37 -70.55 2.83 -56.35
CA LEU A 37 -71.67 2.32 -57.13
C LEU A 37 -72.16 3.36 -58.13
N LYS A 38 -72.26 4.62 -57.70
CA LYS A 38 -72.74 5.67 -58.59
C LYS A 38 -71.80 5.93 -59.76
N LYS A 39 -70.57 5.41 -59.71
CA LYS A 39 -69.58 5.60 -60.77
C LYS A 39 -69.34 4.32 -61.57
N TRP A 40 -70.39 3.52 -61.82
CA TRP A 40 -70.25 2.30 -62.58
C TRP A 40 -71.41 2.19 -63.58
N PRO A 41 -71.11 1.98 -64.87
CA PRO A 41 -72.20 1.89 -65.86
C PRO A 41 -73.17 0.75 -65.60
N TRP A 42 -72.68 -0.38 -65.10
CA TRP A 42 -73.58 -1.51 -64.85
C TRP A 42 -74.57 -1.19 -63.73
N PHE A 43 -74.18 -0.34 -62.78
CA PHE A 43 -75.13 0.11 -61.76
C PHE A 43 -76.27 0.90 -62.39
N LYS A 44 -75.95 1.78 -63.34
CA LYS A 44 -77.01 2.51 -64.04
C LYS A 44 -77.87 1.58 -64.89
N ILE A 45 -77.25 0.55 -65.47
CA ILE A 45 -78.01 -0.44 -66.23
C ILE A 45 -79.00 -1.16 -65.31
N ARG A 46 -78.54 -1.55 -64.12
CA ARG A 46 -79.42 -2.19 -63.14
C ARG A 46 -80.53 -1.23 -62.70
N GLN A 47 -80.19 0.05 -62.54
CA GLN A 47 -81.21 1.04 -62.20
C GLN A 47 -82.27 1.14 -63.27
N LYS A 48 -81.85 1.14 -64.54
CA LYS A 48 -82.80 1.22 -65.64
C LYS A 48 -83.67 -0.03 -65.73
N GLU A 49 -83.09 -1.20 -65.49
CA GLU A 49 -83.82 -2.45 -65.71
C GLU A 49 -84.68 -2.81 -64.50
N LYS A 50 -84.05 -3.02 -63.34
CA LYS A 50 -84.73 -3.51 -62.15
C LYS A 50 -85.22 -2.39 -61.23
N ASP A 51 -85.08 -1.13 -61.65
CA ASP A 51 -85.52 0.03 -60.86
C ASP A 51 -84.81 0.06 -59.50
N VAL A 52 -83.48 0.12 -59.57
CA VAL A 52 -82.66 0.16 -58.35
C VAL A 52 -82.73 1.56 -57.77
N LEU A 53 -83.03 1.63 -56.47
CA LEU A 53 -83.13 2.91 -55.76
C LEU A 53 -82.04 2.96 -54.70
N LEU A 54 -81.18 3.97 -54.78
CA LEU A 54 -80.14 4.20 -53.77
C LEU A 54 -79.75 5.67 -53.85
N SER A 55 -80.26 6.47 -52.91
CA SER A 55 -80.04 7.91 -52.92
C SER A 55 -79.63 8.41 -51.55
N ILE A 56 -78.56 9.18 -51.50
CA ILE A 56 -78.14 9.86 -50.28
C ILE A 56 -78.87 11.18 -50.20
N GLU A 57 -79.64 11.37 -49.12
CA GLU A 57 -80.47 12.56 -48.97
C GLU A 57 -79.72 13.70 -48.29
N ASN A 58 -79.24 13.47 -47.07
CA ASN A 58 -78.58 14.50 -46.28
C ASN A 58 -77.09 14.18 -46.16
N LEU A 59 -76.26 15.17 -46.47
CA LEU A 59 -74.81 15.07 -46.31
C LEU A 59 -74.33 16.38 -45.69
N ASP A 60 -74.04 16.35 -44.40
CA ASP A 60 -73.63 17.56 -43.68
C ASP A 60 -72.52 17.17 -42.70
N GLN A 61 -72.22 18.08 -41.78
CA GLN A 61 -71.13 17.84 -40.84
C GLN A 61 -71.45 16.70 -39.88
N TYR A 62 -72.70 16.61 -39.41
CA TYR A 62 -73.06 15.67 -38.37
C TYR A 62 -74.00 14.58 -38.85
N GLY A 63 -75.16 14.95 -39.39
CA GLY A 63 -76.17 13.97 -39.76
C GLY A 63 -75.91 13.30 -41.09
N ALA A 64 -76.66 12.23 -41.34
CA ALA A 64 -76.61 11.52 -42.60
C ALA A 64 -77.95 10.85 -42.86
N SER A 65 -78.33 10.77 -44.13
CA SER A 65 -79.58 10.16 -44.53
C SER A 65 -79.36 9.28 -45.75
N ILE A 66 -80.22 8.27 -45.91
CA ILE A 66 -80.12 7.35 -47.03
C ILE A 66 -81.50 6.78 -47.32
N GLN A 67 -81.75 6.52 -48.61
CA GLN A 67 -82.97 5.84 -49.05
C GLN A 67 -82.58 4.74 -50.03
N LEU A 68 -83.19 3.58 -49.87
CA LEU A 68 -82.82 2.44 -50.70
C LEU A 68 -83.99 1.46 -50.79
N ASN A 69 -83.91 0.59 -51.79
CA ASN A 69 -84.87 -0.49 -52.00
C ASN A 69 -84.14 -1.83 -51.85
N LEU A 70 -84.89 -2.92 -52.09
CA LEU A 70 -84.29 -4.24 -52.02
C LEU A 70 -83.23 -4.43 -53.10
N GLU A 71 -83.49 -3.95 -54.31
CA GLU A 71 -82.54 -4.10 -55.40
C GLU A 71 -81.25 -3.34 -55.12
N GLY A 72 -81.36 -2.13 -54.55
CA GLY A 72 -80.16 -1.40 -54.19
C GLY A 72 -79.33 -2.11 -53.15
N LEU A 73 -79.99 -2.70 -52.15
CA LEU A 73 -79.28 -3.48 -51.14
C LEU A 73 -78.59 -4.69 -51.78
N ILE A 74 -79.28 -5.35 -52.72
CA ILE A 74 -78.68 -6.49 -53.41
C ILE A 74 -77.44 -6.06 -54.18
N ALA A 75 -77.53 -4.93 -54.89
CA ALA A 75 -76.38 -4.44 -55.64
C ALA A 75 -75.21 -4.08 -54.71
N LEU A 76 -75.53 -3.44 -53.58
CA LEU A 76 -74.48 -3.10 -52.62
C LEU A 76 -73.81 -4.35 -52.07
N PHE A 77 -74.60 -5.37 -51.75
CA PHE A 77 -74.02 -6.62 -51.27
C PHE A 77 -73.17 -7.29 -52.34
N ASP A 78 -73.63 -7.24 -53.60
CA ASP A 78 -72.85 -7.83 -54.68
C ASP A 78 -71.52 -7.13 -54.85
N LEU A 79 -71.50 -5.79 -54.78
CA LEU A 79 -70.24 -5.08 -54.91
C LEU A 79 -69.32 -5.34 -53.72
N ALA A 80 -69.86 -5.24 -52.50
CA ALA A 80 -69.02 -5.34 -51.31
C ALA A 80 -68.47 -6.75 -51.12
N TYR A 81 -69.30 -7.76 -51.36
CA TYR A 81 -68.93 -9.15 -51.08
C TYR A 81 -68.53 -9.91 -52.35
N LEU A 82 -67.98 -9.22 -53.34
CA LEU A 82 -67.50 -9.87 -54.55
C LEU A 82 -66.17 -10.55 -54.26
N SER A 83 -66.04 -11.80 -54.70
CA SER A 83 -64.83 -12.58 -54.46
C SER A 83 -64.47 -13.36 -55.72
N PHE A 84 -63.20 -13.72 -55.82
CA PHE A 84 -62.68 -14.50 -56.94
C PHE A 84 -61.78 -15.60 -56.39
N THR A 85 -61.24 -16.41 -57.29
CA THR A 85 -60.38 -17.54 -56.94
C THR A 85 -58.96 -17.29 -57.44
N GLU A 86 -57.98 -17.59 -56.59
CA GLU A 86 -56.57 -17.42 -56.93
C GLU A 86 -55.84 -18.74 -56.67
N GLU A 87 -54.87 -19.05 -57.53
CA GLU A 87 -54.11 -20.29 -57.44
C GLU A 87 -52.75 -20.02 -56.82
N ARG A 88 -52.37 -20.87 -55.87
CA ARG A 88 -51.09 -20.74 -55.17
C ARG A 88 -50.33 -22.06 -55.27
N LYS A 89 -49.01 -21.96 -55.40
CA LYS A 89 -48.14 -23.12 -55.53
C LYS A 89 -47.24 -23.21 -54.31
N SER A 90 -47.11 -24.42 -53.76
CA SER A 90 -46.26 -24.63 -52.60
C SER A 90 -44.80 -24.45 -52.97
N LYS A 91 -44.04 -23.81 -52.07
CA LYS A 91 -42.63 -23.56 -52.30
C LYS A 91 -41.89 -23.32 -50.99
N TYR A 117 -49.75 -31.36 -56.93
CA TYR A 117 -49.75 -30.67 -55.65
C TYR A 117 -50.03 -29.18 -55.83
N PHE A 118 -51.27 -28.85 -56.15
CA PHE A 118 -51.69 -27.48 -56.35
C PHE A 118 -52.94 -27.20 -55.54
N TYR A 119 -53.10 -25.94 -55.13
CA TYR A 119 -54.18 -25.53 -54.25
C TYR A 119 -54.61 -24.12 -54.59
N ASP A 120 -55.92 -23.88 -54.55
CA ASP A 120 -56.49 -22.58 -54.88
C ASP A 120 -57.07 -21.94 -53.62
N VAL A 121 -56.94 -20.62 -53.53
CA VAL A 121 -57.38 -19.85 -52.38
C VAL A 121 -58.40 -18.83 -52.82
N ILE A 122 -59.55 -18.81 -52.16
CA ILE A 122 -60.60 -17.84 -52.45
C ILE A 122 -60.24 -16.51 -51.80
N THR A 123 -60.29 -15.44 -52.59
CA THR A 123 -59.90 -14.11 -52.12
C THR A 123 -60.96 -13.10 -52.53
N PRO A 124 -61.42 -12.25 -51.61
CA PRO A 124 -62.41 -11.22 -51.98
C PRO A 124 -61.82 -10.20 -52.93
N GLN A 125 -62.70 -9.61 -53.75
CA GLN A 125 -62.24 -8.62 -54.71
C GLN A 125 -61.70 -7.37 -54.02
N GLY A 126 -62.40 -6.88 -53.00
CA GLY A 126 -61.98 -5.71 -52.25
C GLY A 126 -62.86 -4.50 -52.43
N GLY A 127 -63.83 -4.54 -53.35
CA GLY A 127 -64.71 -3.40 -53.52
C GLY A 127 -64.01 -2.25 -54.22
N PHE A 128 -64.16 -1.05 -53.66
CA PHE A 128 -63.59 0.16 -54.26
C PHE A 128 -62.07 0.20 -54.21
N LEU A 129 -61.43 -0.69 -53.45
CA LEU A 129 -59.98 -0.66 -53.34
C LEU A 129 -59.31 -0.90 -54.68
N ALA A 130 -59.87 -1.80 -55.50
CA ALA A 130 -59.32 -2.03 -56.83
C ALA A 130 -59.43 -0.79 -57.70
N GLY A 131 -60.44 0.05 -57.47
CA GLY A 131 -60.62 1.25 -58.26
C GLY A 131 -59.67 2.38 -57.96
N TRP A 132 -58.92 2.30 -56.85
CA TRP A 132 -57.97 3.33 -56.47
C TRP A 132 -56.53 2.86 -56.43
N ASP A 133 -56.28 1.56 -56.43
CA ASP A 133 -54.93 1.02 -56.33
C ASP A 133 -54.32 0.94 -57.72
N LYS A 134 -53.36 1.83 -58.01
CA LYS A 134 -52.61 1.82 -59.25
C LYS A 134 -51.14 1.52 -59.03
N SER A 135 -50.78 1.00 -57.85
CA SER A 135 -49.39 0.72 -57.54
C SER A 135 -48.88 -0.48 -58.32
N ASP A 136 -47.57 -0.69 -58.27
CA ASP A 136 -46.93 -1.80 -58.97
C ASP A 136 -47.43 -3.13 -58.44
N GLY A 137 -48.22 -3.84 -59.25
CA GLY A 137 -48.73 -5.14 -58.86
C GLY A 137 -49.79 -5.13 -57.78
N GLN A 138 -50.25 -3.95 -57.37
CA GLN A 138 -51.25 -3.80 -56.30
C GLN A 138 -50.80 -4.54 -55.05
N ILE A 139 -49.53 -4.40 -54.70
CA ILE A 139 -48.98 -5.08 -53.54
C ILE A 139 -49.63 -4.58 -52.26
N TRP A 140 -50.04 -3.30 -52.22
CA TRP A 140 -50.78 -2.80 -51.07
C TRP A 140 -52.12 -3.50 -50.94
N LEU A 141 -52.77 -3.80 -52.07
CA LEU A 141 -54.01 -4.56 -52.04
C LEU A 141 -53.80 -5.96 -51.50
N ARG A 142 -52.64 -6.56 -51.82
CA ARG A 142 -52.35 -7.91 -51.34
C ARG A 142 -52.28 -7.95 -49.82
N ILE A 143 -51.67 -6.94 -49.20
CA ILE A 143 -51.58 -6.90 -47.75
C ILE A 143 -52.97 -6.78 -47.14
N TRP A 144 -53.81 -5.90 -47.68
CA TRP A 144 -55.16 -5.72 -47.15
C TRP A 144 -55.97 -7.00 -47.29
N ARG A 145 -55.86 -7.68 -48.43
CA ARG A 145 -56.63 -8.91 -48.64
C ARG A 145 -56.20 -10.00 -47.67
N ASP A 146 -54.90 -10.11 -47.40
CA ASP A 146 -54.41 -11.14 -46.49
C ASP A 146 -54.96 -10.94 -45.08
N MET A 147 -54.98 -9.70 -44.60
CA MET A 147 -55.50 -9.44 -43.26
C MET A 147 -56.99 -9.70 -43.18
N PHE A 148 -57.72 -9.38 -44.24
CA PHE A 148 -59.17 -9.54 -44.23
C PHE A 148 -59.58 -11.00 -44.06
N TRP A 149 -58.99 -11.88 -44.87
CA TRP A 149 -59.27 -13.30 -44.74
C TRP A 149 -58.72 -13.89 -43.43
N SER A 150 -57.50 -13.50 -43.11
CA SER A 150 -56.78 -14.01 -41.92
C SER A 150 -57.27 -13.72 -40.49
N ILE A 151 -57.66 -12.48 -40.20
CA ILE A 151 -58.08 -12.18 -38.82
C ILE A 151 -59.55 -11.83 -38.62
N ILE A 152 -60.05 -10.85 -39.37
CA ILE A 152 -61.44 -10.43 -39.26
C ILE A 152 -62.33 -11.58 -39.67
N LYS A 153 -61.89 -12.29 -40.70
CA LYS A 153 -62.61 -13.42 -41.26
C LYS A 153 -62.06 -14.80 -40.92
N GLY A 154 -61.38 -14.92 -39.78
CA GLY A 154 -60.82 -16.20 -39.38
C GLY A 154 -61.90 -17.25 -39.23
N VAL A 155 -63.05 -16.82 -38.71
CA VAL A 155 -64.19 -17.69 -38.57
C VAL A 155 -64.55 -18.09 -39.99
N PRO A 156 -64.98 -19.33 -40.16
CA PRO A 156 -65.30 -19.85 -41.49
C PRO A 156 -66.42 -19.09 -42.16
N ALA A 157 -67.10 -18.24 -41.41
CA ALA A 157 -68.24 -17.49 -41.93
C ALA A 157 -67.86 -16.69 -43.16
N THR A 158 -66.67 -16.10 -43.21
CA THR A 158 -66.28 -15.36 -44.40
C THR A 158 -66.23 -16.35 -45.58
N ARG A 159 -65.61 -17.51 -45.36
CA ARG A 159 -65.49 -18.55 -46.36
C ARG A 159 -66.85 -19.08 -46.80
N ASN A 160 -67.78 -19.29 -45.87
CA ASN A 160 -69.06 -19.80 -46.33
C ASN A 160 -69.70 -18.80 -47.28
N PRO A 161 -69.72 -17.53 -46.87
CA PRO A 161 -70.25 -16.45 -47.72
C PRO A 161 -69.36 -16.11 -48.92
N PHE A 162 -68.06 -16.00 -48.65
CA PHE A 162 -67.06 -15.64 -49.66
C PHE A 162 -66.82 -16.63 -50.79
N ASN A 163 -66.76 -17.92 -50.45
CA ASN A 163 -66.49 -18.95 -51.43
C ASN A 163 -67.67 -19.11 -52.37
N ASN A 164 -68.89 -19.09 -51.81
CA ASN A 164 -70.09 -19.21 -52.63
C ASN A 164 -70.20 -18.04 -53.60
N ARG A 165 -69.91 -16.85 -53.11
CA ARG A 165 -69.95 -15.65 -53.94
C ARG A 165 -68.93 -15.69 -55.07
N CYS A 166 -67.75 -16.24 -54.79
CA CYS A 166 -66.65 -16.24 -55.75
C CYS A 166 -66.89 -16.82 -57.15
N GLY A 167 -66.32 -16.12 -58.12
CA GLY A 167 -66.37 -16.44 -59.53
C GLY A 167 -67.56 -15.90 -60.28
N LEU A 168 -68.45 -15.17 -59.63
CA LEU A 168 -69.63 -14.63 -60.29
C LEU A 168 -69.25 -13.52 -61.26
N ASN A 169 -70.09 -13.34 -62.28
CA ASN A 169 -69.89 -12.32 -63.31
C ASN A 169 -71.00 -11.29 -63.20
N LEU A 170 -70.63 -10.04 -62.90
CA LEU A 170 -71.62 -8.97 -62.84
C LEU A 170 -72.21 -8.69 -64.22
N ASN A 171 -71.38 -8.74 -65.27
CA ASN A 171 -71.86 -8.49 -66.62
C ASN A 171 -72.82 -9.56 -67.10
N ALA A 172 -72.80 -10.74 -66.49
CA ALA A 172 -73.70 -11.83 -66.88
C ALA A 172 -75.01 -11.82 -66.10
N GLY A 173 -75.22 -10.84 -65.23
CA GLY A 173 -76.44 -10.77 -64.45
C GLY A 173 -76.47 -11.68 -63.24
N ASP A 174 -75.34 -12.28 -62.87
CA ASP A 174 -75.30 -13.15 -61.70
C ASP A 174 -75.55 -12.35 -60.43
N SER A 175 -76.35 -12.92 -59.53
CA SER A 175 -76.68 -12.25 -58.28
C SER A 175 -77.05 -13.29 -57.25
N PHE A 176 -76.99 -12.88 -55.98
CA PHE A 176 -77.36 -13.72 -54.84
C PHE A 176 -78.27 -12.92 -53.93
N SER A 177 -79.35 -13.55 -53.48
CA SER A 177 -80.34 -12.86 -52.66
C SER A 177 -80.86 -13.66 -51.48
N LYS A 178 -80.34 -14.86 -51.23
CA LYS A 178 -80.81 -15.65 -50.09
C LYS A 178 -80.47 -14.97 -48.77
N ASP A 179 -79.25 -14.45 -48.64
CA ASP A 179 -78.85 -13.77 -47.43
C ASP A 179 -79.46 -12.37 -47.33
N VAL A 180 -79.75 -11.73 -48.46
CA VAL A 180 -80.29 -10.38 -48.45
C VAL A 180 -81.68 -10.36 -47.83
N GLU A 181 -82.47 -11.40 -48.07
CA GLU A 181 -83.84 -11.44 -47.54
C GLU A 181 -83.84 -11.40 -46.02
N SER A 182 -82.96 -12.17 -45.38
CA SER A 182 -82.89 -12.15 -43.92
C SER A 182 -82.48 -10.78 -43.40
N VAL A 183 -81.47 -10.16 -44.03
CA VAL A 183 -81.03 -8.85 -43.59
C VAL A 183 -82.13 -7.81 -43.79
N TRP A 184 -82.81 -7.86 -44.94
CA TRP A 184 -83.87 -6.90 -45.21
C TRP A 184 -85.00 -7.04 -44.20
N LYS A 185 -85.40 -8.27 -43.87
CA LYS A 185 -86.43 -8.48 -42.87
C LYS A 185 -85.98 -7.97 -41.50
N SER A 186 -84.71 -8.22 -41.15
CA SER A 186 -84.18 -7.71 -39.89
C SER A 186 -84.14 -6.19 -39.88
N LEU A 187 -83.78 -5.60 -41.02
CA LEU A 187 -83.68 -4.14 -41.11
C LEU A 187 -85.03 -3.45 -40.99
N GLN A 188 -86.14 -4.19 -41.16
CA GLN A 188 -87.45 -3.59 -40.98
C GLN A 188 -87.64 -3.07 -39.56
N ASN A 189 -87.23 -3.88 -38.58
CA ASN A 189 -87.23 -3.46 -37.18
C ASN A 189 -85.83 -3.03 -36.77
N ALA A 190 -85.45 -1.84 -37.22
CA ALA A 190 -84.12 -1.32 -36.91
C ALA A 190 -83.93 -1.09 -35.42
N GLU A 191 -85.03 -0.85 -34.69
CA GLU A 191 -84.95 -0.63 -33.26
C GLU A 191 -84.82 -1.91 -32.45
N LYS A 192 -84.97 -3.07 -33.07
CA LYS A 192 -84.89 -4.33 -32.36
C LYS A 192 -83.42 -4.66 -32.04
N THR A 193 -83.23 -5.76 -31.31
CA THR A 193 -81.91 -6.16 -30.86
C THR A 193 -81.57 -7.57 -31.36
N THR A 194 -80.28 -7.82 -31.53
CA THR A 194 -79.79 -9.12 -31.95
C THR A 194 -78.33 -9.26 -31.50
N GLY A 195 -77.92 -10.50 -31.26
CA GLY A 195 -76.59 -10.75 -30.75
C GLY A 195 -75.51 -10.40 -31.74
N GLN A 196 -74.32 -10.09 -31.20
CA GLN A 196 -73.17 -9.77 -32.02
C GLN A 196 -72.47 -11.05 -32.47
N SER A 197 -71.29 -10.92 -33.06
CA SER A 197 -70.55 -12.07 -33.56
C SER A 197 -69.07 -11.73 -33.59
N GLY A 198 -68.25 -12.77 -33.75
CA GLY A 198 -66.80 -12.59 -33.76
C GLY A 198 -66.28 -11.96 -35.02
N ALA A 199 -67.09 -11.91 -36.09
CA ALA A 199 -66.66 -11.24 -37.31
C ALA A 199 -66.43 -9.75 -37.06
N PHE A 200 -67.31 -9.13 -36.30
CA PHE A 200 -67.12 -7.75 -35.85
C PHE A 200 -66.19 -7.76 -34.64
N TYR A 201 -66.11 -6.64 -33.93
CA TYR A 201 -65.30 -6.58 -32.72
C TYR A 201 -65.78 -7.62 -31.71
N LEU A 202 -64.84 -8.32 -31.11
CA LEU A 202 -65.15 -9.48 -30.27
C LEU A 202 -65.18 -9.09 -28.79
N GLY A 203 -65.93 -9.86 -28.02
CA GLY A 203 -66.06 -9.64 -26.59
C GLY A 203 -67.46 -9.88 -26.08
N ALA A 204 -68.45 -9.74 -26.95
CA ALA A 204 -69.85 -9.93 -26.59
C ALA A 204 -70.24 -11.41 -26.66
N MET A 205 -69.26 -12.28 -26.45
CA MET A 205 -69.49 -13.71 -26.44
C MET A 205 -69.60 -14.17 -24.98
N ALA A 206 -68.58 -14.89 -24.49
CA ALA A 206 -68.56 -15.38 -23.12
C ALA A 206 -68.56 -14.22 -22.11
N VAL A 207 -67.81 -13.17 -22.41
CA VAL A 207 -67.76 -11.99 -21.55
C VAL A 207 -66.90 -12.13 -20.28
N ASN A 208 -66.11 -13.20 -20.21
CA ASN A 208 -65.24 -13.45 -19.06
C ASN A 208 -65.85 -13.27 -17.67
N ALA A 209 -67.09 -13.73 -17.47
CA ALA A 209 -67.73 -13.61 -16.18
C ALA A 209 -69.24 -13.56 -16.44
N GLU A 210 -69.94 -14.54 -15.92
CA GLU A 210 -71.40 -14.64 -16.06
C GLU A 210 -71.80 -14.99 -17.49
N ASN A 211 -72.87 -15.76 -17.63
CA ASN A 211 -73.38 -16.13 -18.96
C ASN A 211 -74.49 -15.15 -19.36
N VAL A 212 -74.05 -13.95 -19.72
CA VAL A 212 -74.95 -12.85 -20.06
C VAL A 212 -74.55 -12.30 -21.43
N SER A 213 -75.55 -12.00 -22.25
CA SER A 213 -75.32 -11.47 -23.59
C SER A 213 -75.03 -9.98 -23.52
N THR A 214 -74.99 -9.35 -24.70
CA THR A 214 -74.67 -7.93 -24.82
C THR A 214 -75.91 -7.14 -25.26
N ASP A 215 -75.78 -5.82 -25.22
CA ASP A 215 -76.84 -4.90 -25.62
C ASP A 215 -76.44 -4.18 -26.90
N ASP A 216 -77.34 -4.16 -27.87
CA ASP A 216 -77.13 -3.46 -29.13
C ASP A 216 -78.45 -3.36 -29.86
N LEU A 217 -78.42 -2.66 -30.98
CA LEU A 217 -79.59 -2.49 -31.83
C LEU A 217 -79.23 -2.82 -33.27
N ILE A 218 -80.24 -3.21 -34.04
CA ILE A 218 -80.00 -3.89 -35.32
C ILE A 218 -79.27 -2.99 -36.31
N LYS A 219 -79.75 -1.77 -36.49
CA LYS A 219 -79.19 -0.93 -37.55
C LYS A 219 -77.74 -0.54 -37.26
N TRP A 220 -77.34 -0.53 -35.99
CA TRP A 220 -75.93 -0.31 -35.67
C TRP A 220 -75.06 -1.45 -36.18
N GLN A 221 -75.53 -2.68 -36.04
CA GLN A 221 -74.76 -3.83 -36.51
C GLN A 221 -74.58 -3.80 -38.02
N PHE A 222 -75.63 -3.36 -38.75
CA PHE A 222 -75.54 -3.31 -40.20
C PHE A 222 -74.47 -2.33 -40.66
N LEU A 223 -74.32 -1.20 -39.96
CA LEU A 223 -73.33 -0.21 -40.34
C LEU A 223 -71.91 -0.73 -40.16
N LEU A 224 -71.71 -1.73 -39.32
CA LEU A 224 -70.39 -2.29 -39.05
C LEU A 224 -69.94 -3.28 -40.12
N HIS A 225 -70.60 -3.31 -41.27
CA HIS A 225 -70.23 -4.22 -42.35
C HIS A 225 -69.23 -3.61 -43.32
N PHE A 226 -68.82 -2.35 -43.12
CA PHE A 226 -67.94 -1.69 -44.09
C PHE A 226 -66.83 -0.89 -43.41
N TRP A 227 -66.61 -1.04 -42.11
CA TRP A 227 -65.57 -0.28 -41.43
C TRP A 227 -64.17 -0.76 -41.80
N ALA A 228 -64.04 -1.98 -42.31
CA ALA A 228 -62.71 -2.52 -42.60
C ALA A 228 -62.05 -1.82 -43.78
N PHE A 229 -62.84 -1.35 -44.74
CA PHE A 229 -62.29 -0.74 -45.95
C PHE A 229 -61.49 0.52 -45.63
N VAL A 230 -62.02 1.36 -44.73
CA VAL A 230 -61.35 2.60 -44.37
C VAL A 230 -60.06 2.32 -43.59
N ALA A 231 -59.98 1.20 -42.89
CA ALA A 231 -58.86 0.92 -42.01
C ALA A 231 -57.55 0.83 -42.79
N GLN A 232 -56.47 1.27 -42.15
CA GLN A 232 -55.13 1.17 -42.70
C GLN A 232 -54.42 -0.02 -42.08
N VAL A 233 -53.60 -0.70 -42.89
CA VAL A 233 -52.96 -1.95 -42.50
C VAL A 233 -51.45 -1.75 -42.54
N TYR A 234 -50.77 -2.18 -41.48
CA TYR A 234 -49.32 -2.15 -41.40
C TYR A 234 -48.82 -3.52 -40.94
N CYS A 235 -47.62 -3.88 -41.39
CA CYS A 235 -47.05 -5.19 -41.10
C CYS A 235 -45.88 -5.05 -40.13
N PRO A 236 -45.98 -5.56 -38.90
CA PRO A 236 -44.87 -5.50 -37.96
C PRO A 236 -43.99 -6.73 -38.05
N TYR A 237 -42.83 -6.65 -37.38
CA TYR A 237 -41.87 -7.74 -37.39
C TYR A 237 -41.04 -7.69 -36.12
N ILE A 238 -40.37 -8.81 -35.83
CA ILE A 238 -39.52 -8.96 -34.67
C ILE A 238 -38.11 -9.32 -35.12
N LEU A 239 -37.12 -8.58 -34.62
CA LEU A 239 -35.73 -8.88 -34.92
C LEU A 239 -35.31 -10.19 -34.26
N ASP A 240 -34.59 -11.02 -35.01
CA ASP A 240 -33.96 -12.22 -34.48
C ASP A 240 -32.46 -11.96 -34.32
N LYS A 241 -31.71 -13.01 -33.95
CA LYS A 241 -30.27 -12.87 -33.80
C LYS A 241 -29.59 -12.60 -35.14
N ASP A 242 -30.11 -13.17 -36.23
CA ASP A 242 -29.53 -12.99 -37.55
C ASP A 242 -30.01 -11.73 -38.25
N GLY A 243 -30.93 -10.98 -37.65
CA GLY A 243 -31.41 -9.75 -38.24
C GLY A 243 -32.51 -9.91 -39.27
N LYS A 244 -33.01 -11.12 -39.47
CA LYS A 244 -34.08 -11.34 -40.45
C LYS A 244 -35.36 -10.66 -40.00
N ARG A 245 -36.05 -10.02 -40.94
CA ARG A 245 -37.30 -9.31 -40.65
C ARG A 245 -38.41 -10.36 -40.51
N ASN A 246 -38.55 -10.89 -39.30
CA ASN A 246 -39.54 -11.92 -39.01
C ASN A 246 -40.90 -11.27 -38.83
N PHE A 247 -41.62 -11.11 -39.93
CA PHE A 247 -42.95 -10.51 -39.88
C PHE A 247 -43.93 -11.42 -39.15
N ASN A 248 -44.79 -10.82 -38.34
CA ASN A 248 -45.77 -11.58 -37.57
C ASN A 248 -46.92 -10.66 -37.19
N GLY A 249 -48.14 -11.09 -37.49
CA GLY A 249 -49.31 -10.30 -37.14
C GLY A 249 -49.50 -9.10 -38.06
N TYR A 250 -50.40 -8.22 -37.63
CA TYR A 250 -50.72 -7.00 -38.36
C TYR A 250 -51.01 -5.88 -37.38
N VAL A 251 -50.89 -4.66 -37.87
CA VAL A 251 -51.22 -3.45 -37.11
C VAL A 251 -52.33 -2.72 -37.84
N ILE A 252 -53.42 -2.44 -37.13
CA ILE A 252 -54.61 -1.83 -37.71
C ILE A 252 -54.76 -0.43 -37.13
N VAL A 253 -55.02 0.54 -38.01
CA VAL A 253 -55.21 1.94 -37.62
C VAL A 253 -56.65 2.31 -37.93
N ILE A 254 -57.35 2.85 -36.93
CA ILE A 254 -58.74 3.24 -37.04
C ILE A 254 -58.85 4.72 -36.72
N PRO A 255 -59.34 5.55 -37.63
CA PRO A 255 -59.49 6.98 -37.34
C PRO A 255 -60.88 7.31 -36.80
N ASP A 256 -60.91 8.33 -35.95
CA ASP A 256 -62.16 8.85 -35.38
C ASP A 256 -62.57 10.07 -36.19
N ILE A 257 -63.58 9.89 -37.05
CA ILE A 257 -63.98 10.94 -37.97
C ILE A 257 -64.76 12.01 -37.21
N ALA A 258 -64.34 13.27 -37.38
CA ALA A 258 -65.04 14.39 -36.79
C ALA A 258 -66.05 15.00 -37.76
N ASN A 259 -65.57 15.41 -38.93
CA ASN A 259 -66.42 15.99 -39.99
C ASN A 259 -66.60 14.94 -41.07
N LEU A 260 -67.80 14.36 -41.14
CA LEU A 260 -68.09 13.37 -42.17
C LEU A 260 -68.01 13.96 -43.57
N GLU A 261 -68.51 15.19 -43.74
CA GLU A 261 -68.52 15.81 -45.06
C GLU A 261 -67.12 16.05 -45.58
N ASP A 262 -66.21 16.51 -44.72
CA ASP A 262 -64.85 16.78 -45.15
C ASP A 262 -64.01 15.51 -45.29
N PHE A 263 -64.29 14.50 -44.47
CA PHE A 263 -63.44 13.31 -44.44
C PHE A 263 -63.51 12.54 -45.76
N CYS A 264 -64.69 12.45 -46.36
CA CYS A 264 -64.86 11.63 -47.56
C CYS A 264 -64.17 12.22 -48.78
N ASP A 265 -63.69 13.45 -48.71
CA ASP A 265 -63.08 14.12 -49.85
C ASP A 265 -61.57 13.94 -49.93
N ILE A 266 -60.87 13.95 -48.80
CA ILE A 266 -59.41 13.89 -48.82
C ILE A 266 -58.92 12.49 -49.16
N LEU A 267 -59.60 11.46 -48.63
CA LEU A 267 -59.14 10.09 -48.79
C LEU A 267 -58.92 9.64 -50.23
N PRO A 268 -59.76 10.00 -51.21
CA PRO A 268 -59.51 9.52 -52.59
C PRO A 268 -58.10 9.81 -53.10
N ASP A 269 -57.51 10.94 -52.73
CA ASP A 269 -56.14 11.24 -53.12
C ASP A 269 -55.10 10.71 -52.14
N VAL A 270 -55.46 10.53 -50.87
CA VAL A 270 -54.50 10.03 -49.89
C VAL A 270 -54.09 8.60 -50.25
N LEU A 271 -55.07 7.75 -50.55
CA LEU A 271 -54.77 6.36 -50.90
C LEU A 271 -54.20 6.23 -52.30
N SER A 272 -54.34 7.24 -53.14
CA SER A 272 -53.85 7.20 -54.52
C SER A 272 -52.45 7.75 -54.66
N ASN A 273 -51.84 8.23 -53.58
CA ASN A 273 -50.48 8.79 -53.63
C ASN A 273 -49.53 8.03 -52.72
N ARG A 274 -49.82 6.76 -52.46
CA ARG A 274 -48.95 5.93 -51.64
C ARG A 274 -47.62 5.69 -52.34
N ASN A 275 -46.56 5.52 -51.55
CA ASN A 275 -45.26 5.19 -52.10
C ASN A 275 -45.29 3.81 -52.75
N SER A 276 -44.71 3.71 -53.94
CA SER A 276 -44.69 2.48 -54.72
C SER A 276 -43.42 1.67 -54.52
N LYS A 277 -42.54 2.09 -53.61
CA LYS A 277 -41.31 1.35 -53.36
C LYS A 277 -41.64 -0.04 -52.83
N ALA A 278 -40.98 -1.05 -53.40
CA ALA A 278 -41.22 -2.44 -53.05
C ALA A 278 -39.94 -3.07 -52.51
N PHE A 279 -40.10 -3.87 -51.46
CA PHE A 279 -38.99 -4.61 -50.84
C PHE A 279 -39.46 -6.05 -50.66
N GLY A 280 -39.03 -6.92 -51.56
CA GLY A 280 -39.50 -8.30 -51.53
C GLY A 280 -40.98 -8.41 -51.80
N PHE A 281 -41.72 -9.04 -50.89
CA PHE A 281 -43.16 -9.19 -51.02
C PHE A 281 -43.94 -8.07 -50.33
N ARG A 282 -43.26 -7.07 -49.79
CA ARG A 282 -43.92 -6.01 -49.05
C ARG A 282 -43.41 -4.64 -49.49
N PRO A 283 -44.26 -3.63 -49.43
CA PRO A 283 -43.80 -2.25 -49.65
C PRO A 283 -42.87 -1.80 -48.53
N GLN A 284 -42.03 -0.82 -48.85
CA GLN A 284 -41.07 -0.29 -47.88
C GLN A 284 -41.79 0.31 -46.68
N GLU A 285 -42.86 1.09 -46.93
CA GLU A 285 -43.59 1.72 -45.83
C GLU A 285 -44.36 0.73 -44.99
N SER A 286 -44.62 -0.47 -45.52
CA SER A 286 -45.42 -1.47 -44.79
C SER A 286 -44.67 -2.08 -43.62
N VAL A 287 -43.37 -1.82 -43.48
CA VAL A 287 -42.55 -2.42 -42.45
C VAL A 287 -42.34 -1.41 -41.33
N ILE A 288 -42.84 -1.73 -40.14
CA ILE A 288 -42.70 -0.87 -38.96
C ILE A 288 -42.31 -1.74 -37.78
N ASP A 289 -41.71 -1.08 -36.77
CA ASP A 289 -41.25 -1.78 -35.57
C ASP A 289 -42.29 -1.76 -34.46
N VAL A 290 -42.70 -0.57 -34.02
CA VAL A 290 -43.63 -0.42 -32.91
C VAL A 290 -45.01 -0.08 -33.46
N PRO A 291 -46.09 -0.40 -32.74
CA PRO A 291 -47.43 -0.05 -33.24
C PRO A 291 -47.64 1.44 -33.45
N GLU A 292 -47.01 2.29 -32.63
CA GLU A 292 -47.19 3.72 -32.75
C GLU A 292 -46.64 4.27 -34.07
N GLN A 293 -45.73 3.54 -34.72
CA GLN A 293 -45.17 4.01 -35.98
C GLN A 293 -46.24 4.13 -37.06
N GLY A 294 -47.11 3.13 -37.16
CA GLY A 294 -48.13 3.16 -38.20
C GLY A 294 -49.13 4.28 -38.03
N ALA A 295 -49.60 4.50 -36.80
CA ALA A 295 -50.56 5.56 -36.55
C ALA A 295 -49.95 6.94 -36.82
N LEU A 296 -48.72 7.16 -36.34
CA LEU A 296 -48.08 8.46 -36.56
C LEU A 296 -47.77 8.68 -38.03
N GLU A 297 -47.41 7.62 -38.75
CA GLU A 297 -47.13 7.76 -40.18
C GLU A 297 -48.38 8.18 -40.96
N LEU A 298 -49.55 7.73 -40.53
CA LEU A 298 -50.79 8.14 -41.19
C LEU A 298 -51.01 9.64 -41.05
N LEU A 299 -50.70 10.20 -39.89
CA LEU A 299 -50.84 11.64 -39.69
C LEU A 299 -49.91 12.41 -40.63
N ASN A 300 -48.70 11.90 -40.85
CA ASN A 300 -47.77 12.54 -41.77
C ASN A 300 -48.33 12.54 -43.20
N LEU A 301 -48.92 11.42 -43.62
CA LEU A 301 -49.46 11.33 -44.97
C LEU A 301 -50.63 12.28 -45.17
N ILE A 302 -51.52 12.37 -44.18
CA ILE A 302 -52.72 13.19 -44.33
C ILE A 302 -52.37 14.66 -44.45
N LYS A 303 -51.47 15.14 -43.59
CA LYS A 303 -51.11 16.56 -43.62
C LYS A 303 -50.44 16.95 -44.92
N GLN A 304 -49.63 16.07 -45.49
CA GLN A 304 -49.05 16.33 -46.80
C GLN A 304 -50.14 16.45 -47.87
N ARG A 305 -51.14 15.58 -47.80
CA ARG A 305 -52.27 15.68 -48.72
C ARG A 305 -53.14 16.89 -48.40
N ILE A 306 -53.20 17.27 -47.12
CA ILE A 306 -53.89 18.50 -46.74
C ILE A 306 -53.21 19.70 -47.39
N ALA A 307 -51.88 19.74 -47.38
CA ALA A 307 -51.16 20.80 -48.07
C ALA A 307 -51.40 20.75 -49.57
N LYS A 308 -51.74 19.58 -50.10
CA LYS A 308 -52.03 19.44 -51.53
C LYS A 308 -53.50 19.64 -51.85
N LYS A 309 -54.40 19.11 -51.03
CA LYS A 309 -55.84 19.24 -51.23
C LYS A 309 -56.33 20.46 -50.44
N ALA A 310 -56.75 21.49 -51.16
CA ALA A 310 -57.19 22.72 -50.51
C ALA A 310 -58.53 22.52 -49.80
N GLY A 311 -58.90 23.49 -48.99
CA GLY A 311 -60.13 23.45 -48.23
C GLY A 311 -60.04 22.76 -46.89
N SER A 312 -58.88 22.24 -46.52
CA SER A 312 -58.67 21.56 -45.25
C SER A 312 -57.55 22.24 -44.48
N GLY A 313 -57.77 22.41 -43.17
CA GLY A 313 -56.81 23.10 -42.33
C GLY A 313 -55.98 22.19 -41.44
N LEU A 314 -56.34 22.13 -40.16
CA LEU A 314 -55.59 21.37 -39.18
C LEU A 314 -56.04 19.91 -39.16
N LEU A 315 -55.17 19.06 -38.62
CA LEU A 315 -55.48 17.63 -38.51
C LEU A 315 -56.64 17.40 -37.56
N SER A 316 -56.69 18.14 -36.45
CA SER A 316 -57.75 17.95 -35.46
C SER A 316 -59.13 18.22 -36.04
N ASP A 317 -59.21 19.09 -37.05
CA ASP A 317 -60.49 19.39 -37.68
C ASP A 317 -61.03 18.22 -38.48
N LEU A 318 -60.19 17.25 -38.82
CA LEU A 318 -60.60 16.06 -39.55
C LEU A 318 -60.57 14.80 -38.72
N ILE A 319 -59.60 14.64 -37.82
CA ILE A 319 -59.46 13.44 -37.00
C ILE A 319 -59.42 13.87 -35.53
N VAL A 320 -60.24 13.21 -34.72
CA VAL A 320 -60.25 13.47 -33.28
C VAL A 320 -59.34 12.50 -32.54
N GLY A 321 -59.44 11.21 -32.87
CA GLY A 321 -58.61 10.21 -32.23
C GLY A 321 -58.22 9.11 -33.20
N VAL A 322 -57.19 8.36 -32.82
CA VAL A 322 -56.65 7.28 -33.63
C VAL A 322 -56.58 6.02 -32.79
N GLU A 323 -57.09 4.91 -33.32
CA GLU A 323 -57.07 3.62 -32.64
C GLU A 323 -55.99 2.74 -33.24
N VAL A 324 -55.21 2.10 -32.39
CA VAL A 324 -54.13 1.20 -32.81
C VAL A 324 -54.42 -0.18 -32.23
N ILE A 325 -54.44 -1.18 -33.10
CA ILE A 325 -54.75 -2.56 -32.71
C ILE A 325 -53.65 -3.47 -33.24
N HIS A 326 -53.15 -4.35 -32.37
CA HIS A 326 -52.19 -5.37 -32.74
C HIS A 326 -52.85 -6.73 -32.59
N ALA A 327 -52.85 -7.52 -33.66
CA ALA A 327 -53.55 -8.80 -33.67
C ALA A 327 -52.66 -9.86 -34.30
N GLU A 328 -52.92 -11.12 -33.93
CA GLU A 328 -52.20 -12.25 -34.46
C GLU A 328 -53.08 -13.49 -34.32
N LYS A 329 -53.05 -14.34 -35.35
CA LYS A 329 -53.84 -15.57 -35.37
C LYS A 329 -52.91 -16.76 -35.21
N GLN A 330 -53.26 -17.65 -34.28
CA GLN A 330 -52.48 -18.87 -34.03
C GLN A 330 -53.44 -20.02 -33.86
N GLY A 331 -53.34 -21.01 -34.76
CA GLY A 331 -54.23 -22.15 -34.73
C GLY A 331 -55.66 -21.68 -34.94
N ASN A 332 -56.57 -22.13 -34.08
CA ASN A 332 -57.97 -21.75 -34.18
C ASN A 332 -58.36 -20.51 -33.37
N SER A 333 -57.39 -19.92 -32.67
CA SER A 333 -57.67 -18.76 -31.84
C SER A 333 -56.86 -17.53 -32.26
N ILE A 334 -57.41 -16.35 -31.97
CA ILE A 334 -56.76 -15.09 -32.30
C ILE A 334 -56.34 -14.43 -30.99
N LYS A 335 -55.07 -14.05 -30.92
CA LYS A 335 -54.48 -13.47 -29.71
C LYS A 335 -54.23 -11.98 -29.92
N LEU A 336 -54.70 -11.17 -28.99
CA LEU A 336 -54.47 -9.74 -29.00
C LEU A 336 -53.29 -9.40 -28.10
N HIS A 337 -52.56 -8.35 -28.47
CA HIS A 337 -51.38 -7.94 -27.73
C HIS A 337 -51.50 -6.55 -27.11
N SER A 338 -52.03 -5.57 -27.83
CA SER A 338 -52.10 -4.22 -27.32
C SER A 338 -53.25 -3.47 -27.99
N VAL A 339 -54.03 -2.74 -27.20
CA VAL A 339 -55.08 -1.87 -27.70
C VAL A 339 -54.82 -0.48 -27.14
N SER A 340 -54.64 0.49 -28.03
CA SER A 340 -54.28 1.84 -27.62
C SER A 340 -55.08 2.86 -28.42
N TYR A 341 -55.30 4.02 -27.80
CA TYR A 341 -56.03 5.12 -28.43
C TYR A 341 -55.64 6.39 -27.70
N LEU A 342 -54.84 7.25 -28.34
CA LEU A 342 -54.27 8.39 -27.62
C LEU A 342 -53.95 9.54 -28.58
N GLN A 343 -54.67 10.65 -28.40
CA GLN A 343 -54.26 12.02 -28.67
C GLN A 343 -53.42 12.22 -29.93
N PRO A 344 -53.99 12.11 -31.13
CA PRO A 344 -53.24 12.53 -32.32
C PRO A 344 -52.88 14.01 -32.23
N ASN A 345 -51.66 14.33 -32.67
CA ASN A 345 -51.13 15.69 -32.55
C ASN A 345 -50.37 16.05 -33.81
N GLU A 346 -49.84 17.27 -33.84
CA GLU A 346 -49.16 17.80 -35.01
C GLU A 346 -47.72 18.22 -34.75
N GLU A 347 -47.19 17.98 -33.55
CA GLU A 347 -45.83 18.36 -33.23
C GLU A 347 -44.82 17.27 -33.51
N SER A 348 -45.25 16.14 -34.06
CA SER A 348 -44.37 15.01 -34.35
C SER A 348 -43.96 14.95 -35.82
N VAL A 349 -44.22 16.02 -36.59
CA VAL A 349 -43.87 16.01 -38.01
C VAL A 349 -42.37 15.86 -38.20
N ASP A 350 -41.59 16.60 -37.42
CA ASP A 350 -40.14 16.52 -37.53
C ASP A 350 -39.59 15.17 -37.12
N ASP A 351 -40.34 14.40 -36.34
CA ASP A 351 -39.86 13.09 -35.89
C ASP A 351 -39.69 12.13 -37.06
N TYR A 352 -40.61 12.16 -38.02
CA TYR A 352 -40.52 11.27 -39.17
C TYR A 352 -39.25 11.56 -39.99
N ASN A 353 -38.96 12.85 -40.21
CA ASN A 353 -37.71 13.19 -40.89
C ASN A 353 -36.50 12.89 -40.02
N ALA A 354 -36.65 12.97 -38.69
CA ALA A 354 -35.53 12.71 -37.80
C ALA A 354 -35.11 11.24 -37.84
N ILE A 355 -36.04 10.34 -38.15
CA ILE A 355 -35.71 8.92 -38.16
C ILE A 355 -35.37 8.41 -39.56
N LYS A 356 -35.85 9.08 -40.61
CA LYS A 356 -35.54 8.63 -41.96
C LYS A 356 -34.06 8.75 -42.27
N ASN A 357 -33.43 9.83 -41.84
CA ASN A 357 -32.00 10.05 -42.06
C ASN A 357 -31.13 9.42 -40.97
N SER A 358 -31.73 8.82 -39.96
CA SER A 358 -30.99 8.25 -38.83
C SER A 358 -31.13 6.75 -38.71
N TYR A 359 -32.33 6.20 -38.89
CA TYR A 359 -32.56 4.77 -38.72
C TYR A 359 -32.17 3.97 -39.96
N TYR A 360 -31.81 4.62 -41.06
CA TYR A 360 -31.53 3.88 -42.29
C TYR A 360 -30.29 3.00 -42.14
N CYS A 361 -29.24 3.50 -41.51
CA CYS A 361 -27.99 2.75 -41.40
C CYS A 361 -28.09 1.65 -40.33
N PRO A 362 -28.38 1.98 -39.05
CA PRO A 362 -28.44 0.91 -38.04
C PRO A 362 -29.82 0.30 -37.94
N TRP A 363 -29.99 -0.66 -37.03
CA TRP A 363 -31.27 -1.29 -36.78
C TRP A 363 -31.77 -1.09 -35.36
N PHE A 364 -30.95 -0.54 -34.46
CA PHE A 364 -31.32 -0.39 -33.05
C PHE A 364 -31.61 1.06 -32.68
N ARG A 365 -31.63 1.97 -33.66
CA ARG A 365 -31.97 3.36 -33.38
C ARG A 365 -33.46 3.56 -33.13
N ARG A 366 -34.28 2.53 -33.33
CA ARG A 366 -35.70 2.63 -33.05
C ARG A 366 -36.00 2.91 -31.59
N GLN A 367 -35.06 2.60 -30.69
CA GLN A 367 -35.32 2.78 -29.26
C GLN A 367 -35.55 4.24 -28.92
N LEU A 368 -34.75 5.15 -29.46
CA LEU A 368 -34.97 6.57 -29.20
C LEU A 368 -36.24 7.06 -29.87
N LEU A 369 -36.64 6.43 -30.99
CA LEU A 369 -37.92 6.75 -31.60
C LEU A 369 -39.07 6.41 -30.65
N LEU A 370 -38.96 5.29 -29.93
CA LEU A 370 -39.96 4.94 -28.93
C LEU A 370 -39.87 5.84 -27.70
N ASN A 371 -38.69 6.42 -27.44
CA ASN A 371 -38.54 7.27 -26.27
C ASN A 371 -39.40 8.52 -26.36
N LEU A 372 -39.44 9.14 -27.54
CA LEU A 372 -40.21 10.38 -27.69
C LEU A 372 -41.72 10.12 -27.63
N VAL A 373 -42.17 8.97 -28.12
CA VAL A 373 -43.59 8.63 -28.10
C VAL A 373 -43.92 7.87 -26.82
N LEU A 379 -46.12 14.85 -17.81
CA LEU A 379 -45.66 15.95 -16.96
C LEU A 379 -44.13 16.00 -16.95
N ALA A 380 -43.50 14.84 -17.15
CA ALA A 380 -42.05 14.74 -17.20
C ALA A 380 -41.56 14.07 -18.49
N SER A 381 -42.39 14.05 -19.52
CA SER A 381 -42.03 13.44 -20.80
C SER A 381 -42.04 14.43 -21.94
N GLN A 382 -41.93 15.73 -21.65
CA GLN A 382 -41.92 16.75 -22.70
C GLN A 382 -40.60 16.76 -23.45
N SER A 383 -39.50 17.01 -22.73
CA SER A 383 -38.17 17.08 -23.33
C SER A 383 -37.28 15.96 -22.80
N TRP A 384 -37.87 14.77 -22.60
CA TRP A 384 -37.10 13.63 -22.12
C TRP A 384 -36.13 13.10 -23.17
N LEU A 385 -36.29 13.48 -24.44
CA LEU A 385 -35.38 13.03 -25.48
C LEU A 385 -33.99 13.64 -25.34
N LYS A 386 -33.84 14.70 -24.53
CA LYS A 386 -32.52 15.29 -24.32
C LYS A 386 -31.56 14.28 -23.72
N ARG A 387 -32.01 13.53 -22.71
CA ARG A 387 -31.20 12.45 -22.16
C ARG A 387 -31.15 11.25 -23.10
N HIS A 388 -32.31 10.85 -23.64
CA HIS A 388 -32.55 9.68 -24.49
C HIS A 388 -31.71 8.49 -24.03
N PRO A 389 -32.03 7.89 -22.89
CA PRO A 389 -31.24 6.74 -22.39
C PRO A 389 -31.66 5.42 -23.03
N TRP A 390 -31.17 5.20 -24.25
CA TRP A 390 -31.42 3.97 -24.99
C TRP A 390 -30.22 3.04 -25.00
N TYR A 391 -29.51 2.97 -23.88
CA TYR A 391 -28.31 2.15 -23.75
C TYR A 391 -28.54 0.84 -23.04
N GLY A 392 -29.50 0.78 -22.11
CA GLY A 392 -29.71 -0.41 -21.31
C GLY A 392 -30.15 -1.63 -22.10
N PHE A 393 -31.35 -1.58 -22.68
CA PHE A 393 -31.86 -2.74 -23.40
C PHE A 393 -31.16 -2.95 -24.74
N GLY A 394 -30.70 -1.87 -25.36
CA GLY A 394 -30.08 -2.00 -26.67
C GLY A 394 -28.77 -2.76 -26.62
N ASP A 395 -27.94 -2.50 -25.61
CA ASP A 395 -26.61 -3.09 -25.56
C ASP A 395 -26.64 -4.56 -25.13
N LEU A 396 -27.58 -4.95 -24.26
CA LEU A 396 -27.58 -6.31 -23.74
C LEU A 396 -27.91 -7.33 -24.83
N LEU A 397 -28.83 -6.99 -25.74
CA LEU A 397 -29.22 -7.95 -26.77
C LEU A 397 -28.13 -8.10 -27.82
N SER A 398 -27.54 -6.99 -28.26
CA SER A 398 -26.54 -7.00 -29.33
C SER A 398 -25.17 -7.45 -28.86
N ARG A 399 -25.07 -8.01 -27.65
CA ARG A 399 -23.77 -8.41 -27.13
C ARG A 399 -23.16 -9.54 -27.96
N ILE A 400 -23.74 -10.73 -27.91
CA ILE A 400 -23.19 -11.89 -28.60
C ILE A 400 -23.47 -11.85 -30.10
N PRO A 401 -24.74 -11.79 -30.56
CA PRO A 401 -25.00 -12.02 -31.99
C PRO A 401 -24.49 -10.92 -32.90
N GLN A 402 -24.85 -9.68 -32.59
CA GLN A 402 -24.62 -8.54 -33.48
C GLN A 402 -23.26 -7.88 -33.25
N ARG A 403 -22.39 -8.47 -32.43
CA ARG A 403 -21.05 -7.93 -32.26
C ARG A 403 -20.27 -7.97 -33.58
N TRP A 404 -20.45 -9.04 -34.35
CA TRP A 404 -19.80 -9.18 -35.65
C TRP A 404 -20.16 -8.03 -36.58
N SER A 410 -17.76 -1.36 -33.91
CA SER A 410 -16.73 -0.60 -34.61
C SER A 410 -16.87 0.88 -34.25
N TYR A 411 -16.17 1.75 -34.98
CA TYR A 411 -16.22 3.17 -34.72
C TYR A 411 -17.54 3.81 -35.14
N PHE A 412 -18.40 3.08 -35.85
CA PHE A 412 -19.75 3.57 -36.11
C PHE A 412 -20.52 3.80 -34.81
N SER A 413 -20.39 2.88 -33.86
CA SER A 413 -21.08 2.97 -32.58
C SER A 413 -20.16 3.33 -31.43
N HIS A 414 -18.92 3.75 -31.72
CA HIS A 414 -17.98 4.10 -30.67
C HIS A 414 -18.45 5.30 -29.87
N ASP A 415 -18.86 6.37 -30.57
CA ASP A 415 -19.31 7.59 -29.90
C ASP A 415 -20.71 7.45 -29.32
N ALA A 416 -21.46 6.41 -29.70
CA ALA A 416 -22.82 6.26 -29.19
C ALA A 416 -22.83 6.07 -27.69
N ARG A 417 -21.95 5.22 -27.17
CA ARG A 417 -21.90 4.96 -25.73
C ARG A 417 -21.24 6.07 -24.94
N GLN A 418 -20.61 7.04 -25.62
CA GLN A 418 -19.90 8.11 -24.90
C GLN A 418 -20.85 8.94 -24.06
N LEU A 419 -22.01 9.31 -24.61
CA LEU A 419 -22.96 10.11 -23.85
C LEU A 419 -23.57 9.31 -22.70
N PHE A 420 -23.73 8.01 -22.88
CA PHE A 420 -24.29 7.18 -21.81
C PHE A 420 -23.30 6.99 -20.67
N THR A 421 -22.00 7.03 -20.97
CA THR A 421 -20.99 6.85 -19.93
C THR A 421 -21.04 7.97 -18.90
N GLN A 422 -21.22 9.21 -19.35
CA GLN A 422 -21.25 10.34 -18.43
C GLN A 422 -22.43 10.25 -17.48
N LYS A 423 -23.60 9.85 -17.99
CA LYS A 423 -24.78 9.71 -17.16
C LYS A 423 -24.70 8.46 -16.27
N TYR A 438 -15.56 19.10 -23.72
CA TYR A 438 -15.25 17.88 -22.98
C TYR A 438 -14.96 16.72 -23.93
N ALA A 439 -15.59 16.76 -25.11
CA ALA A 439 -15.42 15.73 -26.12
C ALA A 439 -14.36 16.07 -27.16
N GLU A 440 -14.34 17.31 -27.64
CA GLU A 440 -13.37 17.70 -28.66
C GLU A 440 -11.97 17.87 -28.06
N ILE A 441 -11.88 18.20 -26.77
CA ILE A 441 -10.59 18.37 -26.13
C ILE A 441 -9.81 17.06 -26.10
N VAL A 442 -10.49 15.96 -25.78
CA VAL A 442 -9.82 14.67 -25.74
C VAL A 442 -9.37 14.25 -27.13
N TYR A 443 -10.14 14.60 -28.17
CA TYR A 443 -9.75 14.25 -29.53
C TYR A 443 -8.41 14.88 -29.90
N LYS A 444 -8.21 16.16 -29.54
CA LYS A 444 -6.95 16.82 -29.82
C LYS A 444 -5.81 16.21 -29.02
N ILE A 445 -6.08 15.82 -27.77
CA ILE A 445 -5.05 15.23 -26.91
C ILE A 445 -4.55 13.93 -27.51
N ALA A 446 -5.48 13.07 -27.96
CA ALA A 446 -5.09 11.79 -28.54
C ALA A 446 -4.31 11.99 -29.84
N GLN A 447 -4.73 12.96 -30.67
CA GLN A 447 -4.06 13.18 -31.94
C GLN A 447 -2.61 13.62 -31.74
N GLY A 448 -2.37 14.48 -30.76
CA GLY A 448 -1.02 14.96 -30.54
C GLY A 448 -0.07 13.87 -30.08
N PHE A 449 -0.57 12.94 -29.26
CA PHE A 449 0.28 11.88 -28.75
C PHE A 449 0.80 10.99 -29.86
N VAL A 450 -0.08 10.56 -30.76
CA VAL A 450 0.33 9.71 -31.87
C VAL A 450 1.26 10.47 -32.81
N LEU A 451 0.93 11.73 -33.10
CA LEU A 451 1.79 12.53 -33.98
C LEU A 451 3.17 12.71 -33.39
N SER A 452 3.25 12.94 -32.07
CA SER A 452 4.55 13.04 -31.41
C SER A 452 5.31 11.72 -31.47
N LYS A 453 4.61 10.60 -31.31
CA LYS A 453 5.27 9.30 -31.34
C LYS A 453 5.90 9.02 -32.69
N LEU A 454 5.16 9.29 -33.77
CA LEU A 454 5.70 9.05 -35.11
C LEU A 454 6.78 10.06 -35.48
N SER A 455 6.66 11.30 -34.97
CA SER A 455 7.67 12.31 -35.27
C SER A 455 9.02 11.92 -34.69
N SER A 456 9.04 11.37 -33.48
CA SER A 456 10.29 10.94 -32.88
C SER A 456 10.92 9.80 -33.66
N LYS A 457 10.10 8.86 -34.14
CA LYS A 457 10.61 7.73 -34.91
C LYS A 457 11.08 8.15 -36.31
N HIS A 458 10.60 9.27 -36.82
CA HIS A 458 11.03 9.75 -38.13
C HIS A 458 12.50 10.15 -38.11
N PRO A 469 -2.31 -0.10 -46.07
CA PRO A 469 -3.70 0.10 -46.47
C PRO A 469 -4.69 -0.77 -45.69
N LYS A 470 -4.15 -1.63 -44.82
CA LYS A 470 -4.97 -2.52 -44.01
C LYS A 470 -5.08 -2.05 -42.57
N LEU A 471 -4.70 -0.80 -42.28
CA LEU A 471 -4.79 -0.28 -40.92
C LEU A 471 -6.23 -0.19 -40.43
N GLU A 472 -7.20 -0.08 -41.34
CA GLU A 472 -8.59 0.02 -40.94
C GLU A 472 -9.05 -1.25 -40.23
N ARG A 473 -8.67 -2.42 -40.75
CA ARG A 473 -9.02 -3.68 -40.09
C ARG A 473 -8.36 -3.80 -38.72
N GLU A 474 -7.10 -3.40 -38.62
CA GLU A 474 -6.43 -3.39 -37.32
C GLU A 474 -7.07 -2.37 -36.39
N TYR A 475 -7.49 -1.22 -36.92
CA TYR A 475 -8.16 -0.22 -36.10
C TYR A 475 -9.45 -0.77 -35.50
N ASN A 476 -10.22 -1.50 -36.30
CA ASN A 476 -11.49 -2.04 -35.81
C ASN A 476 -11.26 -3.06 -34.71
N ASP A 477 -10.24 -3.91 -34.85
CA ASP A 477 -10.01 -4.95 -33.87
C ASP A 477 -9.45 -4.38 -32.56
N LYS A 478 -8.55 -3.41 -32.64
CA LYS A 478 -7.91 -2.88 -31.44
C LYS A 478 -8.93 -2.24 -30.51
N LYS A 479 -9.81 -1.40 -31.06
CA LYS A 479 -10.82 -0.77 -30.22
C LYS A 479 -11.82 -1.78 -29.66
N GLU A 480 -12.17 -2.79 -30.44
CA GLU A 480 -13.13 -3.79 -29.99
C GLU A 480 -12.62 -4.52 -28.75
N LYS A 481 -11.31 -4.73 -28.66
CA LYS A 481 -10.74 -5.41 -27.50
C LYS A 481 -10.95 -4.63 -26.22
N VAL A 482 -10.97 -3.30 -26.30
CA VAL A 482 -11.13 -2.46 -25.11
C VAL A 482 -12.54 -1.88 -24.99
N VAL A 483 -13.28 -1.75 -26.09
CA VAL A 483 -14.68 -1.35 -25.99
C VAL A 483 -15.49 -2.42 -25.28
N ASN A 484 -15.23 -3.69 -25.61
CA ASN A 484 -15.94 -4.79 -24.94
C ASN A 484 -15.65 -4.81 -23.44
N GLU A 485 -14.39 -4.62 -23.06
CA GLU A 485 -14.04 -4.60 -21.65
C GLU A 485 -14.60 -3.36 -20.96
N ALA A 486 -14.79 -2.27 -21.70
CA ALA A 486 -15.42 -1.08 -21.12
C ALA A 486 -16.90 -1.33 -20.85
N PHE A 487 -17.55 -2.16 -21.68
CA PHE A 487 -18.93 -2.52 -21.44
C PHE A 487 -19.08 -3.29 -20.13
N LEU A 488 -18.15 -4.21 -19.86
CA LEU A 488 -18.24 -5.05 -18.66
C LEU A 488 -17.97 -4.27 -17.39
N ALA A 489 -17.28 -3.13 -17.47
CA ALA A 489 -16.95 -2.34 -16.30
C ALA A 489 -18.17 -1.67 -15.67
N ILE A 490 -19.32 -1.70 -16.34
CA ILE A 490 -20.55 -1.10 -15.83
C ILE A 490 -20.95 -1.70 -14.49
N GLU A 495 -5.74 1.75 -13.62
CA GLU A 495 -5.25 1.66 -15.00
C GLU A 495 -5.92 2.71 -15.87
N LYS A 496 -7.18 3.03 -15.55
CA LYS A 496 -7.93 4.02 -16.33
C LYS A 496 -7.34 5.43 -16.21
N GLN A 497 -6.50 5.68 -15.23
CA GLN A 497 -5.83 6.97 -15.06
C GLN A 497 -4.38 6.92 -15.52
N ALA A 498 -3.96 5.84 -16.17
CA ALA A 498 -2.56 5.67 -16.56
C ALA A 498 -2.29 6.20 -17.98
N PHE A 499 -3.06 5.75 -18.96
CA PHE A 499 -2.82 6.18 -20.33
C PHE A 499 -3.09 7.68 -20.49
N ILE A 500 -4.15 8.18 -19.86
CA ILE A 500 -4.42 9.61 -19.90
C ILE A 500 -3.30 10.39 -19.22
N ASP A 501 -2.65 9.79 -18.22
CA ASP A 501 -1.54 10.45 -17.55
C ASP A 501 -0.39 10.73 -18.52
N TYR A 502 -0.08 9.78 -19.39
CA TYR A 502 0.93 10.03 -20.42
C TYR A 502 0.44 11.06 -21.44
N PHE A 503 -0.83 10.96 -21.85
CA PHE A 503 -1.35 11.85 -22.88
C PHE A 503 -1.37 13.30 -22.41
N VAL A 504 -1.78 13.53 -21.16
CA VAL A 504 -1.72 14.88 -20.60
C VAL A 504 -0.27 15.33 -20.52
N SER A 505 0.62 14.45 -20.08
CA SER A 505 2.05 14.77 -20.04
C SER A 505 2.58 15.14 -21.42
N THR A 506 2.02 14.53 -22.47
CA THR A 506 2.40 14.92 -23.82
C THR A 506 1.98 16.35 -24.14
N LEU A 507 0.82 16.77 -23.64
CA LEU A 507 0.34 18.13 -23.83
C LEU A 507 1.31 19.14 -23.21
N GLN A 513 -6.12 28.85 -18.84
CA GLN A 513 -6.21 27.43 -18.52
C GLN A 513 -7.49 27.11 -17.75
N ASP A 514 -8.55 27.86 -18.04
CA ASP A 514 -9.83 27.64 -17.36
C ASP A 514 -10.38 26.25 -17.66
N GLU A 515 -10.30 25.82 -18.92
CA GLU A 515 -10.74 24.48 -19.27
C GLU A 515 -9.83 23.42 -18.65
N PHE A 516 -8.57 23.77 -18.39
CA PHE A 516 -7.68 22.85 -17.67
C PHE A 516 -8.10 22.71 -16.22
N VAL A 517 -8.66 23.77 -15.62
CA VAL A 517 -9.18 23.67 -14.27
C VAL A 517 -10.40 22.76 -14.23
N ASP A 518 -11.24 22.84 -15.27
CA ASP A 518 -12.45 22.02 -15.31
C ASP A 518 -12.16 20.53 -15.42
N PHE A 519 -10.94 20.15 -15.81
CA PHE A 519 -10.59 18.74 -15.87
C PHE A 519 -10.66 18.10 -14.48
N ALA A 520 -10.18 18.82 -13.46
CA ALA A 520 -10.19 18.28 -12.11
C ALA A 520 -11.61 17.99 -11.62
N GLN A 521 -12.54 18.91 -11.89
CA GLN A 521 -13.91 18.74 -11.44
C GLN A 521 -14.71 17.76 -12.29
N LYS A 522 -14.26 17.49 -13.52
CA LYS A 522 -14.94 16.56 -14.41
C LYS A 522 -14.33 15.16 -14.41
N LEU A 523 -13.25 14.94 -13.65
CA LEU A 523 -12.58 13.64 -13.63
C LEU A 523 -12.63 12.95 -12.29
N PHE A 524 -12.79 13.69 -11.18
CA PHE A 524 -12.73 13.08 -9.86
C PHE A 524 -13.97 12.26 -9.53
N GLN A 525 -15.06 12.45 -10.26
CA GLN A 525 -16.25 11.65 -10.01
C GLN A 525 -15.97 10.18 -10.28
N ASP A 526 -16.47 9.32 -9.39
CA ASP A 526 -16.22 7.89 -9.53
C ASP A 526 -16.82 7.34 -10.82
N THR A 527 -18.05 7.76 -11.14
CA THR A 527 -18.69 7.31 -12.37
C THR A 527 -17.90 7.77 -13.59
N ASP A 528 -17.40 9.01 -13.56
CA ASP A 528 -16.54 9.48 -14.65
C ASP A 528 -15.23 8.69 -14.69
N GLU A 529 -14.68 8.37 -13.52
CA GLU A 529 -13.46 7.56 -13.48
C GLU A 529 -13.72 6.15 -13.98
N ILE A 530 -14.88 5.58 -13.66
CA ILE A 530 -15.15 4.18 -14.00
C ILE A 530 -15.26 4.00 -15.50
N ARG A 531 -16.04 4.86 -16.17
CA ARG A 531 -16.41 4.57 -17.56
C ARG A 531 -16.35 5.74 -18.52
N SER A 532 -16.07 6.97 -18.08
CA SER A 532 -16.17 8.11 -18.98
C SER A 532 -14.88 8.38 -19.75
N LEU A 533 -13.77 8.56 -19.03
CA LEU A 533 -12.54 9.05 -19.63
C LEU A 533 -11.86 8.05 -20.54
N THR A 534 -12.30 6.79 -20.58
CA THR A 534 -11.60 5.74 -21.29
C THR A 534 -12.24 5.38 -22.62
N LEU A 535 -12.85 6.35 -23.30
CA LEU A 535 -13.51 6.09 -24.57
C LEU A 535 -12.91 6.86 -25.74
N LEU A 536 -12.78 8.18 -25.62
CA LEU A 536 -12.38 8.98 -26.77
C LEU A 536 -10.92 8.73 -27.16
N ALA A 537 -10.05 8.50 -26.17
CA ALA A 537 -8.64 8.30 -26.44
C ALA A 537 -8.36 7.03 -27.24
N LEU A 538 -9.30 6.08 -27.22
CA LEU A 538 -9.09 4.81 -27.93
C LEU A 538 -9.03 4.99 -29.44
N SER A 539 -9.57 6.09 -29.98
CA SER A 539 -9.59 6.31 -31.41
C SER A 539 -8.21 6.55 -31.99
N SER A 540 -7.19 6.78 -31.16
CA SER A 540 -5.86 7.08 -31.67
C SER A 540 -5.11 5.82 -32.08
N GLN A 541 -4.88 4.91 -31.12
CA GLN A 541 -4.18 3.65 -31.39
C GLN A 541 -4.33 2.71 -30.20
N THR B 12 -71.54 21.15 -2.03
CA THR B 12 -71.19 21.94 -0.86
C THR B 12 -69.73 21.78 -0.49
N ARG B 13 -69.39 20.64 0.11
CA ARG B 13 -68.04 20.32 0.51
C ARG B 13 -67.57 19.06 -0.20
N TYR B 14 -66.26 18.99 -0.45
CA TYR B 14 -65.68 17.89 -1.21
C TYR B 14 -64.44 17.38 -0.48
N LEU B 15 -63.80 16.37 -1.05
CA LEU B 15 -62.76 15.66 -0.31
C LEU B 15 -61.74 15.04 -1.25
N ARG B 16 -60.59 14.68 -0.68
CA ARG B 16 -59.46 14.14 -1.41
C ARG B 16 -59.24 12.68 -1.04
N LEU B 17 -58.59 11.94 -1.93
CA LEU B 17 -58.23 10.56 -1.66
C LEU B 17 -57.01 10.18 -2.49
N LYS B 18 -56.34 9.11 -2.08
CA LYS B 18 -55.17 8.61 -2.79
C LYS B 18 -55.03 7.12 -2.53
N ALA B 19 -54.29 6.45 -3.42
CA ALA B 19 -54.08 5.01 -3.35
C ALA B 19 -52.89 4.66 -4.22
N PRO B 20 -52.09 3.67 -3.83
CA PRO B 20 -50.89 3.34 -4.60
C PRO B 20 -51.18 2.58 -5.88
N PHE B 21 -52.17 1.70 -5.86
CA PHE B 21 -52.52 0.90 -7.03
C PHE B 21 -54.02 0.98 -7.27
N ALA B 22 -54.42 0.81 -8.53
CA ALA B 22 -55.83 0.84 -8.89
C ALA B 22 -56.03 0.15 -10.23
N ALA B 23 -57.28 -0.18 -10.51
CA ALA B 23 -57.65 -0.82 -11.77
C ALA B 23 -59.13 -0.58 -12.02
N PHE B 24 -59.46 -0.05 -13.20
CA PHE B 24 -60.84 0.24 -13.60
C PHE B 24 -61.06 -0.37 -14.97
N ARG B 25 -61.49 -1.62 -15.00
CA ARG B 25 -61.67 -2.34 -16.26
C ARG B 25 -62.93 -1.88 -16.97
N PRO B 26 -62.85 -1.38 -18.20
CA PRO B 26 -64.06 -1.13 -18.97
C PRO B 26 -64.80 -2.41 -19.26
N PHE B 27 -66.13 -2.33 -19.26
CA PHE B 27 -66.96 -3.49 -19.45
C PHE B 27 -66.93 -3.96 -20.90
N GLN B 28 -67.28 -5.23 -21.10
CA GLN B 28 -67.25 -5.85 -22.43
C GLN B 28 -65.89 -5.71 -23.09
N SER B 29 -64.84 -5.84 -22.28
CA SER B 29 -63.48 -5.76 -22.81
C SER B 29 -63.14 -6.95 -23.69
N GLY B 30 -63.68 -8.12 -23.37
CA GLY B 30 -63.40 -9.31 -24.16
C GLY B 30 -62.25 -10.13 -23.59
N SER B 31 -61.40 -10.65 -24.47
CA SER B 31 -60.24 -11.41 -24.02
C SER B 31 -59.23 -10.51 -23.33
N PHE B 32 -58.71 -9.52 -24.04
CA PHE B 32 -57.69 -8.62 -23.51
C PHE B 32 -58.34 -7.50 -22.71
N ARG B 33 -57.87 -7.30 -21.49
CA ARG B 33 -58.42 -6.29 -20.60
C ARG B 33 -57.68 -4.97 -20.77
N SER B 34 -58.36 -3.89 -20.41
CA SER B 34 -57.80 -2.55 -20.50
C SER B 34 -58.21 -1.76 -19.27
N THR B 35 -57.92 -0.46 -19.28
CA THR B 35 -58.25 0.41 -18.16
C THR B 35 -58.30 1.85 -18.66
N THR B 36 -58.86 2.72 -17.83
CA THR B 36 -58.97 4.14 -18.12
C THR B 36 -58.21 4.95 -17.09
N PRO B 37 -57.64 6.10 -17.48
CA PRO B 37 -56.90 6.92 -16.51
C PRO B 37 -57.76 7.45 -15.38
N VAL B 38 -59.08 7.52 -15.55
CA VAL B 38 -59.97 8.06 -14.52
C VAL B 38 -61.07 7.05 -14.25
N PRO B 39 -61.41 6.78 -12.98
CA PRO B 39 -62.49 5.83 -12.70
C PRO B 39 -63.83 6.31 -13.22
N SER B 40 -64.67 5.36 -13.59
CA SER B 40 -65.98 5.68 -14.14
C SER B 40 -66.89 6.25 -13.06
N PHE B 41 -67.96 6.91 -13.51
CA PHE B 41 -68.91 7.51 -12.59
C PHE B 41 -69.62 6.46 -11.75
N SER B 42 -69.97 5.32 -12.36
CA SER B 42 -70.66 4.27 -11.63
C SER B 42 -69.78 3.70 -10.52
N ALA B 43 -68.49 3.51 -10.78
CA ALA B 43 -67.58 3.03 -9.75
C ALA B 43 -67.47 4.05 -8.62
N VAL B 44 -67.43 5.34 -8.97
CA VAL B 44 -67.39 6.39 -7.95
C VAL B 44 -68.64 6.32 -7.07
N TYR B 45 -69.80 6.16 -7.69
CA TYR B 45 -71.04 6.06 -6.92
C TYR B 45 -71.05 4.84 -6.03
N GLY B 46 -70.55 3.71 -6.53
CA GLY B 46 -70.46 2.52 -5.72
C GLY B 46 -69.54 2.71 -4.52
N LEU B 47 -68.40 3.35 -4.73
CA LEU B 47 -67.49 3.65 -3.62
C LEU B 47 -68.17 4.55 -2.60
N LEU B 48 -68.86 5.60 -3.06
CA LEU B 48 -69.52 6.51 -2.13
C LEU B 48 -70.61 5.80 -1.33
N LEU B 49 -71.37 4.92 -1.98
CA LEU B 49 -72.39 4.15 -1.27
C LEU B 49 -71.76 3.21 -0.26
N ASN B 50 -70.64 2.57 -0.62
CA ASN B 50 -69.98 1.65 0.30
C ASN B 50 -69.46 2.38 1.53
N LEU B 51 -68.82 3.54 1.33
CA LEU B 51 -68.33 4.31 2.47
C LEU B 51 -69.47 4.82 3.35
N ALA B 52 -70.65 5.01 2.76
CA ALA B 52 -71.79 5.49 3.54
C ALA B 52 -72.29 4.45 4.54
N GLY B 53 -71.89 3.19 4.39
CA GLY B 53 -72.38 2.13 5.23
C GLY B 53 -73.75 1.59 4.86
N ILE B 54 -74.35 2.09 3.79
CA ILE B 54 -75.65 1.63 3.33
C ILE B 54 -75.44 0.52 2.29
N GLU B 55 -76.13 -0.59 2.47
CA GLU B 55 -76.01 -1.71 1.56
C GLU B 55 -76.79 -1.43 0.28
N GLN B 56 -76.53 -2.24 -0.74
CA GLN B 56 -77.22 -2.09 -2.01
C GLN B 56 -78.69 -2.48 -1.87
N ARG B 57 -79.53 -1.87 -2.70
CA ARG B 57 -80.97 -2.10 -2.59
C ARG B 57 -81.34 -3.53 -2.94
N GLN B 58 -80.50 -4.23 -3.69
CA GLN B 58 -80.81 -5.56 -4.18
C GLN B 58 -80.19 -6.62 -3.29
N GLU B 59 -81.00 -7.59 -2.87
CA GLU B 59 -80.54 -8.78 -2.16
C GLU B 59 -81.15 -9.97 -2.90
N VAL B 60 -80.50 -10.39 -3.99
CA VAL B 60 -80.95 -11.49 -4.82
C VAL B 60 -79.73 -12.18 -5.39
N GLU B 61 -79.87 -13.48 -5.66
CA GLU B 61 -78.78 -14.29 -6.20
C GLU B 61 -79.28 -15.06 -7.41
N GLY B 62 -78.41 -15.17 -8.42
CA GLY B 62 -78.79 -15.86 -9.64
C GLY B 62 -77.79 -15.57 -10.75
N LYS B 63 -78.28 -15.67 -11.99
CA LYS B 63 -77.42 -15.38 -13.13
C LYS B 63 -76.95 -13.94 -13.14
N VAL B 64 -77.84 -13.01 -12.79
CA VAL B 64 -77.52 -11.58 -12.73
C VAL B 64 -77.77 -11.09 -11.32
N THR B 65 -76.88 -10.21 -10.83
CA THR B 65 -76.97 -9.67 -9.49
C THR B 65 -76.76 -8.16 -9.50
N LEU B 66 -77.38 -7.46 -10.46
CA LEU B 66 -77.35 -6.01 -10.50
C LEU B 66 -78.75 -5.48 -10.83
N ILE B 67 -79.76 -6.10 -10.23
CA ILE B 67 -81.14 -5.66 -10.42
C ILE B 67 -81.40 -4.48 -9.49
N LYS B 68 -81.24 -3.27 -10.03
CA LYS B 68 -81.30 -2.05 -9.23
C LYS B 68 -82.29 -1.08 -9.84
N PRO B 69 -83.57 -1.18 -9.47
CA PRO B 69 -84.54 -0.15 -9.88
C PRO B 69 -84.18 1.20 -9.28
N LYS B 70 -84.48 2.25 -10.04
CA LYS B 70 -84.14 3.62 -9.64
C LYS B 70 -85.29 4.31 -8.92
N ALA B 71 -86.15 3.55 -8.24
CA ALA B 71 -87.33 4.13 -7.61
C ALA B 71 -86.95 5.07 -6.46
N GLU B 72 -86.11 4.59 -5.54
CA GLU B 72 -85.67 5.39 -4.40
C GLU B 72 -84.16 5.32 -4.29
N LEU B 73 -83.51 6.48 -4.25
CA LEU B 73 -82.06 6.56 -4.10
C LEU B 73 -81.66 7.99 -3.81
N PRO B 74 -80.74 8.24 -2.88
CA PRO B 74 -80.37 9.63 -2.57
C PRO B 74 -79.77 10.35 -3.77
N LYS B 75 -80.13 11.62 -3.92
CA LYS B 75 -79.67 12.44 -5.03
C LYS B 75 -78.39 13.17 -4.65
N LEU B 76 -77.57 13.46 -5.66
CA LEU B 76 -76.25 14.03 -5.45
C LEU B 76 -75.67 14.44 -6.80
N ALA B 77 -74.73 15.38 -6.74
CA ALA B 77 -73.98 15.83 -7.91
C ALA B 77 -72.50 15.49 -7.69
N ILE B 78 -71.86 14.94 -8.72
CA ILE B 78 -70.51 14.42 -8.61
C ILE B 78 -69.61 15.10 -9.64
N ALA B 79 -68.45 15.53 -9.19
CA ALA B 79 -67.37 16.01 -10.05
C ALA B 79 -66.11 15.20 -9.76
N ILE B 80 -65.18 15.20 -10.72
CA ILE B 80 -63.96 14.41 -10.62
C ILE B 80 -62.77 15.31 -10.92
N GLY B 81 -61.74 15.22 -10.09
CA GLY B 81 -60.51 15.95 -10.31
C GLY B 81 -59.33 15.02 -10.59
N GLN B 82 -58.21 15.61 -11.00
CA GLN B 82 -57.01 14.82 -11.28
C GLN B 82 -55.81 15.74 -11.15
N VAL B 83 -54.88 15.40 -10.26
CA VAL B 83 -53.79 16.28 -9.90
C VAL B 83 -52.51 15.98 -10.67
N LYS B 84 -52.22 14.69 -10.91
CA LYS B 84 -50.99 14.32 -11.58
C LYS B 84 -51.24 13.16 -12.53
N PRO B 85 -50.78 13.22 -13.77
CA PRO B 85 -50.94 12.10 -14.69
C PRO B 85 -50.20 10.87 -14.17
N SER B 86 -50.79 9.69 -14.43
CA SER B 86 -50.23 8.43 -13.98
C SER B 86 -50.07 7.49 -15.16
N SER B 87 -48.94 6.79 -15.20
CA SER B 87 -48.69 5.80 -16.23
C SER B 87 -49.41 4.50 -15.88
N THR B 88 -49.10 3.43 -16.62
CA THR B 88 -49.73 2.14 -16.39
C THR B 88 -48.75 1.04 -16.77
N SER B 89 -48.98 -0.15 -16.21
CA SER B 89 -48.18 -1.33 -16.51
C SER B 89 -49.12 -2.47 -16.81
N LEU B 90 -48.57 -3.57 -17.32
CA LEU B 90 -49.37 -4.74 -17.67
C LEU B 90 -48.77 -5.99 -17.06
N ILE B 91 -49.64 -6.90 -16.63
CA ILE B 91 -49.25 -8.19 -16.07
C ILE B 91 -50.03 -9.28 -16.80
N ASN B 92 -49.38 -10.41 -17.02
CA ASN B 92 -49.94 -11.48 -17.85
C ASN B 92 -49.76 -12.79 -17.10
N GLN B 93 -50.72 -13.12 -16.23
CA GLN B 93 -50.57 -14.28 -15.37
C GLN B 93 -51.58 -15.39 -15.66
N GLN B 94 -52.85 -15.12 -15.35
CA GLN B 94 -53.93 -16.06 -15.58
C GLN B 94 -55.28 -15.35 -15.57
N LEU B 95 -56.30 -15.99 -16.15
CA LEU B 95 -57.65 -15.43 -16.17
C LEU B 95 -58.68 -16.54 -15.99
N HIS B 96 -59.83 -16.22 -15.42
CA HIS B 96 -60.86 -17.24 -15.24
C HIS B 96 -61.83 -17.27 -16.42
N ASN B 97 -61.51 -18.12 -17.40
CA ASN B 97 -62.28 -18.24 -18.62
C ASN B 97 -63.72 -18.70 -18.46
N TYR B 98 -64.57 -18.17 -19.34
CA TYR B 98 -65.97 -18.57 -19.39
C TYR B 98 -66.05 -19.33 -20.70
N PRO B 99 -66.57 -20.55 -20.68
CA PRO B 99 -66.61 -21.35 -21.92
C PRO B 99 -67.45 -20.70 -23.00
N VAL B 100 -66.87 -20.62 -24.21
CA VAL B 100 -67.55 -20.04 -25.35
C VAL B 100 -67.73 -21.06 -26.48
N GLY B 101 -67.31 -22.30 -26.24
CA GLY B 101 -67.41 -23.33 -27.26
C GLY B 101 -68.16 -24.53 -26.72
N ASN B 102 -68.77 -25.32 -27.60
CA ASN B 102 -69.50 -26.50 -27.16
C ASN B 102 -68.75 -27.29 -26.09
N SER B 103 -67.43 -27.34 -26.24
CA SER B 103 -66.53 -28.05 -25.32
C SER B 103 -67.05 -29.43 -24.97
N GLY B 104 -66.97 -29.79 -23.69
CA GLY B 104 -67.41 -31.10 -23.24
C GLY B 104 -66.48 -31.70 -22.20
N LYS B 105 -66.49 -33.04 -22.13
CA LYS B 105 -65.63 -33.82 -21.23
C LYS B 105 -65.79 -33.57 -19.72
N GLU B 106 -64.69 -33.24 -19.06
CA GLU B 106 -64.65 -33.03 -17.61
C GLU B 106 -65.55 -31.92 -17.09
N PHE B 107 -65.68 -30.83 -17.84
CA PHE B 107 -66.52 -29.72 -17.40
C PHE B 107 -67.96 -30.17 -17.20
N ALA B 108 -68.44 -31.03 -18.10
CA ALA B 108 -69.80 -31.55 -18.02
C ALA B 108 -69.93 -32.70 -17.03
N SER B 109 -68.85 -33.07 -16.34
CA SER B 109 -68.89 -34.21 -15.42
C SER B 109 -69.15 -33.76 -13.98
N ARG B 110 -68.29 -32.89 -13.44
CA ARG B 110 -68.45 -32.45 -12.07
C ARG B 110 -69.56 -31.42 -11.93
N THR B 111 -69.40 -30.26 -12.58
CA THR B 111 -70.40 -29.19 -12.62
C THR B 111 -70.80 -28.75 -11.21
N PHE B 112 -69.82 -28.22 -10.48
CA PHE B 112 -70.05 -27.58 -9.18
C PHE B 112 -69.40 -26.21 -9.24
N GLY B 113 -70.12 -25.24 -9.82
CA GLY B 113 -69.56 -23.93 -10.04
C GLY B 113 -68.28 -24.04 -10.86
N SER B 114 -68.35 -24.83 -11.93
CA SER B 114 -67.16 -25.37 -12.58
C SER B 114 -66.17 -24.31 -13.04
N LYS B 115 -66.52 -23.53 -14.06
CA LYS B 115 -65.60 -22.57 -14.68
C LYS B 115 -64.27 -23.24 -14.99
N TYR B 116 -64.34 -24.47 -15.51
CA TYR B 116 -63.18 -25.36 -15.47
C TYR B 116 -62.10 -24.96 -16.47
N TRP B 117 -62.49 -24.60 -17.69
CA TRP B 117 -61.50 -24.24 -18.71
C TRP B 117 -60.75 -22.99 -18.28
N ILE B 118 -59.42 -23.03 -18.37
CA ILE B 118 -58.56 -21.94 -17.95
C ILE B 118 -57.58 -21.64 -19.08
N ALA B 119 -57.43 -20.36 -19.41
CA ALA B 119 -56.50 -19.91 -20.44
C ALA B 119 -56.08 -18.48 -20.16
N PRO B 120 -54.79 -18.20 -20.02
CA PRO B 120 -54.35 -16.84 -19.69
C PRO B 120 -54.13 -15.99 -20.94
N VAL B 121 -54.50 -14.71 -20.85
CA VAL B 121 -54.21 -13.82 -21.96
C VAL B 121 -53.38 -12.61 -21.54
N ARG B 122 -53.93 -11.71 -20.73
CA ARG B 122 -53.33 -10.42 -20.43
C ARG B 122 -54.22 -9.69 -19.42
N ARG B 123 -53.65 -8.66 -18.80
CA ARG B 123 -54.41 -7.54 -18.23
C ARG B 123 -53.41 -6.47 -17.81
N GLU B 124 -53.94 -5.33 -17.37
CA GLU B 124 -53.09 -4.20 -17.01
C GLU B 124 -53.66 -3.47 -15.79
N VAL B 125 -52.76 -2.74 -15.11
CA VAL B 125 -53.11 -1.98 -13.92
C VAL B 125 -52.40 -0.62 -13.97
N LEU B 126 -52.77 0.24 -13.03
CA LEU B 126 -52.21 1.58 -12.89
C LEU B 126 -50.98 1.56 -12.01
N VAL B 127 -50.28 2.69 -11.97
CA VAL B 127 -49.06 2.81 -11.17
C VAL B 127 -49.29 3.61 -9.89
N ASN B 128 -50.20 4.59 -9.92
CA ASN B 128 -50.48 5.42 -8.75
C ASN B 128 -51.78 6.16 -9.00
N LEU B 129 -52.48 6.51 -7.92
CA LEU B 129 -53.73 7.24 -8.02
C LEU B 129 -53.83 8.27 -6.91
N ASP B 130 -54.30 9.46 -7.27
CA ASP B 130 -54.52 10.52 -6.29
C ASP B 130 -55.53 11.49 -6.88
N LEU B 131 -56.73 11.55 -6.30
CA LEU B 131 -57.83 12.33 -6.86
C LEU B 131 -58.39 13.27 -5.81
N ILE B 132 -59.04 14.33 -6.29
CA ILE B 132 -59.75 15.29 -5.46
C ILE B 132 -61.19 15.28 -5.93
N ILE B 133 -62.01 14.47 -5.28
CA ILE B 133 -63.39 14.26 -5.71
C ILE B 133 -64.28 15.34 -5.12
N GLY B 134 -65.20 15.83 -5.96
CA GLY B 134 -66.14 16.85 -5.58
C GLY B 134 -67.56 16.32 -5.47
N LEU B 135 -68.24 16.68 -4.38
CA LEU B 135 -69.59 16.17 -4.11
C LEU B 135 -70.49 17.32 -3.66
N GLN B 136 -71.71 17.34 -4.20
CA GLN B 136 -72.77 18.22 -3.74
C GLN B 136 -73.94 17.33 -3.33
N SER B 137 -74.15 17.20 -2.03
CA SER B 137 -75.10 16.23 -1.48
C SER B 137 -75.88 16.88 -0.34
N PRO B 138 -77.08 16.39 -0.05
CA PRO B 138 -77.82 16.88 1.12
C PRO B 138 -77.07 16.62 2.41
N VAL B 139 -77.49 17.33 3.47
CA VAL B 139 -76.77 17.31 4.73
C VAL B 139 -76.85 15.95 5.38
N GLU B 140 -77.99 15.26 5.25
CA GLU B 140 -78.15 13.97 5.90
C GLU B 140 -77.16 12.95 5.38
N PHE B 141 -76.94 12.93 4.06
CA PHE B 141 -75.98 11.98 3.49
C PHE B 141 -74.57 12.29 3.95
N TRP B 142 -74.20 13.58 4.01
CA TRP B 142 -72.88 13.94 4.51
C TRP B 142 -72.70 13.52 5.96
N GLN B 143 -73.73 13.71 6.78
CA GLN B 143 -73.66 13.28 8.18
C GLN B 143 -73.53 11.77 8.29
N LYS B 144 -74.24 11.03 7.43
CA LYS B 144 -74.11 9.58 7.42
C LYS B 144 -72.69 9.16 7.03
N LEU B 145 -72.10 9.85 6.05
CA LEU B 145 -70.70 9.57 5.69
C LEU B 145 -69.76 9.85 6.85
N ASP B 146 -69.99 10.95 7.57
CA ASP B 146 -69.16 11.26 8.73
C ASP B 146 -69.28 10.19 9.80
N GLN B 147 -70.51 9.72 10.05
CA GLN B 147 -70.72 8.65 11.02
C GLN B 147 -70.03 7.37 10.59
N GLY B 148 -70.11 7.04 9.29
CA GLY B 148 -69.47 5.83 8.80
C GLY B 148 -67.96 5.89 8.90
N LEU B 149 -67.36 7.01 8.49
CA LEU B 149 -65.92 7.15 8.59
C LEU B 149 -65.46 7.35 10.03
N LYS B 150 -66.27 8.02 10.85
CA LYS B 150 -65.94 8.27 12.26
C LYS B 150 -67.20 8.00 13.08
N GLY B 151 -67.31 6.79 13.61
CA GLY B 151 -68.44 6.41 14.41
C GLY B 151 -68.55 4.91 14.51
N GLU B 152 -69.70 4.47 15.02
CA GLU B 152 -69.98 3.05 15.17
C GLU B 152 -71.14 2.62 14.28
N ASN B 167 -58.84 -5.43 -2.21
CA ASN B 167 -58.71 -5.30 -3.66
C ASN B 167 -57.88 -4.10 -4.04
N PHE B 168 -57.03 -3.66 -3.10
CA PHE B 168 -56.06 -2.57 -3.28
C PHE B 168 -56.65 -1.39 -4.04
N LEU B 169 -57.78 -0.89 -3.53
CA LEU B 169 -58.49 0.20 -4.20
C LEU B 169 -58.39 1.52 -3.46
N PHE B 170 -58.50 1.52 -2.13
CA PHE B 170 -58.41 2.75 -1.35
C PHE B 170 -57.37 2.60 -0.25
N ASP B 171 -56.59 3.65 -0.05
CA ASP B 171 -55.54 3.66 0.97
C ASP B 171 -55.91 4.53 2.16
N GLU B 172 -56.25 5.79 1.94
CA GLU B 172 -56.64 6.68 3.03
C GLU B 172 -57.47 7.83 2.46
N ILE B 173 -58.27 8.44 3.33
CA ILE B 173 -59.19 9.49 2.95
C ILE B 173 -59.16 10.59 4.01
N TYR B 174 -59.11 11.85 3.55
CA TYR B 174 -59.19 12.99 4.46
C TYR B 174 -59.62 14.24 3.70
N PRO B 175 -60.58 15.00 4.22
CA PRO B 175 -61.14 16.15 3.48
C PRO B 175 -60.26 17.38 3.60
N ILE B 176 -59.63 17.77 2.49
CA ILE B 176 -58.78 18.95 2.41
C ILE B 176 -59.31 19.86 1.30
N GLU B 177 -60.64 19.93 1.19
CA GLU B 177 -61.32 20.53 0.04
C GLU B 177 -60.72 21.86 -0.42
N LYS B 178 -60.69 22.87 0.47
CA LYS B 178 -60.37 24.22 0.02
C LYS B 178 -58.97 24.34 -0.59
N PRO B 179 -57.89 23.85 0.03
CA PRO B 179 -56.59 23.89 -0.66
C PRO B 179 -56.39 22.70 -1.59
N ASP B 180 -55.18 22.59 -2.16
CA ASP B 180 -54.82 21.51 -3.08
C ASP B 180 -55.70 21.52 -4.32
N LEU B 181 -55.56 22.60 -5.10
CA LEU B 181 -56.24 22.71 -6.38
C LEU B 181 -55.61 21.79 -7.42
N ALA B 182 -56.41 21.45 -8.43
CA ALA B 182 -55.97 20.56 -9.50
C ALA B 182 -56.89 20.73 -10.70
N SER B 183 -56.63 19.95 -11.74
CA SER B 183 -57.44 20.00 -12.95
C SER B 183 -58.78 19.30 -12.74
N TRP B 184 -59.66 19.45 -13.72
CA TRP B 184 -61.00 18.88 -13.68
C TRP B 184 -61.36 18.35 -15.06
N TYR B 185 -62.54 17.72 -15.14
CA TYR B 185 -63.05 17.15 -16.38
C TYR B 185 -64.41 17.77 -16.70
N CYS B 186 -64.75 17.76 -17.99
CA CYS B 186 -66.00 18.34 -18.45
C CYS B 186 -66.35 17.74 -19.80
N PRO B 187 -67.63 17.45 -20.06
CA PRO B 187 -68.03 16.99 -21.39
C PRO B 187 -67.75 18.06 -22.44
N LEU B 188 -67.42 17.61 -23.64
CA LEU B 188 -67.11 18.49 -24.75
C LEU B 188 -68.14 18.35 -25.85
N GLU B 189 -68.57 19.47 -26.40
CA GLU B 189 -69.47 19.57 -27.54
C GLU B 189 -68.68 19.52 -28.84
N PRO B 190 -69.34 19.26 -29.98
CA PRO B 190 -68.60 19.14 -31.24
C PRO B 190 -68.01 20.46 -31.72
N ASP B 191 -66.92 20.89 -31.08
CA ASP B 191 -66.16 22.05 -31.52
C ASP B 191 -64.72 21.90 -31.07
N THR B 192 -63.82 22.64 -31.74
CA THR B 192 -62.40 22.64 -31.42
C THR B 192 -61.83 21.23 -31.38
N ARG B 193 -61.02 20.93 -30.38
CA ARG B 193 -60.42 19.60 -30.23
C ARG B 193 -60.01 19.43 -28.78
N PRO B 194 -60.07 18.19 -28.25
CA PRO B 194 -59.66 17.97 -26.86
C PRO B 194 -58.18 17.65 -26.73
N ASN B 195 -57.73 17.40 -25.50
CA ASN B 195 -56.36 16.96 -25.25
C ASN B 195 -56.31 16.12 -23.99
N GLN B 196 -55.60 14.99 -24.07
CA GLN B 196 -55.45 14.05 -22.94
C GLN B 196 -56.80 13.62 -22.38
N GLY B 197 -57.75 13.37 -23.28
CA GLY B 197 -59.10 13.02 -22.86
C GLY B 197 -59.31 11.53 -22.68
N ALA B 198 -60.21 11.17 -21.77
CA ALA B 198 -60.54 9.79 -21.53
C ALA B 198 -61.36 9.22 -22.69
N CYS B 199 -61.28 7.90 -22.85
CA CYS B 199 -61.94 7.25 -23.98
C CYS B 199 -63.45 7.18 -23.78
N ARG B 200 -63.88 6.39 -22.79
CA ARG B 200 -65.29 6.09 -22.54
C ARG B 200 -65.60 6.36 -21.08
N LEU B 201 -66.86 6.69 -20.80
CA LEU B 201 -67.34 6.85 -19.43
C LEU B 201 -68.80 6.47 -19.36
N THR B 202 -69.21 5.97 -18.19
CA THR B 202 -70.56 5.45 -17.98
C THR B 202 -71.21 6.15 -16.80
N LEU B 203 -72.46 6.56 -16.98
CA LEU B 203 -73.21 7.23 -15.92
C LEU B 203 -73.99 6.23 -15.07
N TRP B 204 -74.91 5.48 -15.70
CA TRP B 204 -75.72 4.50 -15.00
C TRP B 204 -75.87 3.28 -15.90
N ILE B 205 -75.80 2.10 -15.31
CA ILE B 205 -75.84 0.86 -16.08
C ILE B 205 -76.28 -0.28 -15.17
N ASP B 206 -77.10 -1.17 -15.73
CA ASP B 206 -77.41 -2.47 -15.13
C ASP B 206 -77.05 -3.56 -16.14
N ARG B 207 -76.50 -4.66 -15.64
CA ARG B 207 -75.98 -5.69 -16.54
C ARG B 207 -77.11 -6.53 -17.13
N GLU B 208 -78.08 -5.88 -17.77
CA GLU B 208 -79.12 -6.54 -18.53
C GLU B 208 -79.46 -5.64 -19.73
N ASN B 209 -80.41 -6.08 -20.54
CA ASN B 209 -80.74 -5.35 -21.77
C ASN B 209 -81.29 -3.97 -21.43
N ASN B 210 -80.56 -2.93 -21.82
CA ASN B 210 -80.97 -1.56 -21.61
C ASN B 210 -80.26 -0.68 -22.64
N THR B 211 -80.32 0.63 -22.43
CA THR B 211 -79.74 1.59 -23.36
C THR B 211 -78.35 2.07 -22.96
N GLN B 212 -77.83 1.61 -21.83
CA GLN B 212 -76.50 2.01 -21.33
C GLN B 212 -76.51 3.54 -21.16
N THR B 213 -75.50 4.25 -21.64
CA THR B 213 -75.44 5.70 -21.51
C THR B 213 -75.08 6.34 -22.84
N THR B 214 -75.54 7.57 -23.04
CA THR B 214 -75.34 8.25 -24.31
C THR B 214 -74.01 8.99 -24.34
N ILE B 215 -73.78 9.90 -23.40
CA ILE B 215 -72.57 10.70 -23.41
C ILE B 215 -71.37 9.83 -23.06
N LYS B 216 -70.38 9.83 -23.95
CA LYS B 216 -69.19 8.98 -23.83
C LYS B 216 -67.91 9.79 -23.73
N VAL B 217 -67.75 10.81 -24.57
CA VAL B 217 -66.49 11.55 -24.65
C VAL B 217 -66.41 12.55 -23.51
N PHE B 218 -65.27 12.57 -22.83
CA PHE B 218 -64.98 13.55 -21.80
C PHE B 218 -63.55 14.03 -21.96
N SER B 219 -63.30 15.29 -21.61
CA SER B 219 -61.96 15.85 -21.74
C SER B 219 -61.61 16.66 -20.49
N PRO B 220 -60.33 16.72 -20.15
CA PRO B 220 -59.90 17.52 -19.00
C PRO B 220 -59.49 18.94 -19.41
N SER B 221 -59.54 19.83 -18.43
CA SER B 221 -59.08 21.20 -18.58
C SER B 221 -58.15 21.54 -17.44
N ASP B 222 -57.02 22.15 -17.76
CA ASP B 222 -55.96 22.44 -16.79
C ASP B 222 -56.05 23.90 -16.37
N PHE B 223 -56.67 24.15 -15.22
CA PHE B 223 -56.72 25.49 -14.66
C PHE B 223 -56.85 25.39 -13.15
N ARG B 224 -56.37 26.42 -12.46
CA ARG B 224 -56.14 26.33 -11.02
C ARG B 224 -57.42 26.49 -10.20
N LEU B 225 -58.27 27.44 -10.57
CA LEU B 225 -59.41 27.77 -9.71
C LEU B 225 -60.49 26.69 -9.82
N GLU B 226 -61.61 26.95 -9.15
CA GLU B 226 -62.65 25.94 -8.99
C GLU B 226 -63.24 25.55 -10.34
N PRO B 227 -63.71 24.31 -10.48
CA PRO B 227 -64.25 23.88 -11.77
C PRO B 227 -65.49 24.66 -12.14
N PRO B 228 -65.77 24.82 -13.43
CA PRO B 228 -66.96 25.58 -13.85
C PRO B 228 -68.23 24.82 -13.53
N ALA B 229 -69.35 25.53 -13.68
CA ALA B 229 -70.66 24.93 -13.42
C ALA B 229 -70.92 23.74 -14.35
N LYS B 230 -70.39 23.79 -15.57
CA LYS B 230 -70.55 22.67 -16.50
C LYS B 230 -69.81 21.43 -16.04
N ALA B 231 -68.76 21.58 -15.23
CA ALA B 231 -67.99 20.42 -14.78
C ALA B 231 -68.82 19.50 -13.90
N TRP B 232 -69.60 20.06 -12.98
CA TRP B 232 -70.46 19.24 -12.14
C TRP B 232 -71.50 18.52 -12.97
N GLN B 233 -71.68 17.23 -12.70
CA GLN B 233 -72.64 16.39 -13.40
C GLN B 233 -73.60 15.79 -12.37
N GLN B 234 -74.90 15.88 -12.66
CA GLN B 234 -75.93 15.36 -11.77
C GLN B 234 -76.25 13.92 -12.17
N LEU B 235 -76.02 12.98 -11.27
CA LEU B 235 -76.31 11.59 -11.53
C LEU B 235 -77.82 11.34 -11.42
N PRO B 236 -78.41 10.61 -12.37
CA PRO B 236 -79.83 10.27 -12.23
C PRO B 236 -80.12 9.47 -10.97
N GLY B 237 -79.18 8.62 -10.54
CA GLY B 237 -79.32 7.92 -9.29
C GLY B 237 -78.86 8.77 -8.12
N ASN C 3 -64.80 -5.40 17.66
CA ASN C 3 -65.40 -4.44 16.75
C ASN C 3 -64.33 -3.67 15.98
N LEU C 4 -63.15 -4.28 15.84
CA LEU C 4 -62.04 -3.69 15.11
C LEU C 4 -61.52 -4.70 14.09
N ASN C 5 -60.85 -4.18 13.07
CA ASN C 5 -60.31 -4.99 11.98
C ASN C 5 -58.83 -4.63 11.83
N LEU C 6 -57.98 -5.31 12.58
CA LEU C 6 -56.56 -5.04 12.54
C LEU C 6 -55.93 -5.60 11.29
N PHE C 7 -54.97 -4.87 10.73
CA PHE C 7 -54.23 -5.29 9.55
C PHE C 7 -52.76 -4.98 9.75
N ALA C 8 -51.91 -5.75 9.10
CA ALA C 8 -50.48 -5.78 9.40
C ALA C 8 -49.65 -5.47 8.15
N THR C 9 -48.34 -5.65 8.28
CA THR C 9 -47.40 -5.46 7.19
C THR C 9 -46.15 -6.27 7.49
N ILE C 10 -45.73 -7.10 6.54
CA ILE C 10 -44.66 -8.06 6.77
C ILE C 10 -43.42 -7.62 6.00
N LEU C 11 -42.30 -8.29 6.29
CA LEU C 11 -41.05 -8.07 5.59
C LEU C 11 -40.31 -9.41 5.49
N THR C 12 -39.37 -9.48 4.54
CA THR C 12 -38.68 -10.72 4.25
C THR C 12 -37.17 -10.48 4.20
N TYR C 13 -36.40 -11.50 4.60
CA TYR C 13 -34.96 -11.40 4.57
C TYR C 13 -34.45 -11.37 3.13
N PRO C 14 -33.36 -10.65 2.88
CA PRO C 14 -32.81 -10.60 1.51
C PRO C 14 -32.28 -11.96 1.07
N ALA C 15 -32.46 -12.24 -0.22
CA ALA C 15 -32.01 -13.47 -0.84
C ALA C 15 -32.23 -13.36 -2.34
N PRO C 16 -31.49 -14.13 -3.15
CA PRO C 16 -31.68 -14.06 -4.61
C PRO C 16 -33.10 -14.42 -5.01
N ALA C 17 -33.61 -13.73 -6.02
CA ALA C 17 -34.98 -13.92 -6.49
C ALA C 17 -35.09 -15.17 -7.35
N SER C 18 -36.25 -15.82 -7.29
CA SER C 18 -36.51 -17.06 -8.02
C SER C 18 -37.69 -16.98 -8.97
N ASN C 19 -38.73 -16.25 -8.62
CA ASN C 19 -39.94 -16.22 -9.42
C ASN C 19 -39.66 -15.73 -10.84
N TYR C 20 -40.19 -16.45 -11.81
CA TYR C 20 -40.14 -16.06 -13.21
C TYR C 20 -41.57 -15.90 -13.72
N ARG C 21 -41.81 -14.82 -14.46
CA ARG C 21 -43.15 -14.41 -14.82
C ARG C 21 -43.54 -14.80 -16.24
N GLY C 22 -42.78 -15.69 -16.88
CA GLY C 22 -43.17 -16.16 -18.19
C GLY C 22 -43.12 -15.08 -19.25
N GLU C 23 -43.90 -15.30 -20.31
CA GLU C 23 -43.92 -14.41 -21.47
C GLU C 23 -42.50 -14.19 -22.00
N SER C 24 -41.73 -15.27 -22.06
CA SER C 24 -40.32 -15.19 -22.39
C SER C 24 -40.13 -14.60 -23.78
N GLU C 25 -39.22 -13.64 -23.89
CA GLU C 25 -38.87 -12.99 -25.14
C GLU C 25 -37.48 -13.46 -25.57
N GLU C 26 -37.39 -13.91 -26.83
CA GLU C 26 -36.13 -14.41 -27.41
C GLU C 26 -35.67 -15.60 -26.57
N ASN C 27 -34.55 -15.52 -25.86
CA ASN C 27 -34.00 -16.66 -25.12
C ASN C 27 -33.89 -16.37 -23.63
N ARG C 28 -34.72 -15.47 -23.11
CA ARG C 28 -34.67 -15.11 -21.71
C ARG C 28 -36.08 -15.04 -21.14
N SER C 29 -36.22 -15.48 -19.89
CA SER C 29 -37.49 -15.41 -19.17
C SER C 29 -37.44 -14.19 -18.25
N VAL C 30 -38.46 -13.35 -18.34
CA VAL C 30 -38.43 -12.03 -17.72
C VAL C 30 -39.45 -11.98 -16.59
N ILE C 31 -39.44 -10.85 -15.87
CA ILE C 31 -40.33 -10.59 -14.75
C ILE C 31 -41.00 -9.24 -15.01
N GLN C 32 -42.30 -9.15 -14.72
CA GLN C 32 -43.00 -7.88 -14.92
C GLN C 32 -42.40 -6.81 -14.02
N LYS C 33 -42.37 -5.59 -14.55
CA LYS C 33 -41.85 -4.43 -13.83
C LYS C 33 -42.88 -3.32 -13.86
N ILE C 34 -42.75 -2.40 -12.90
CA ILE C 34 -43.62 -1.24 -12.77
C ILE C 34 -42.77 0.01 -12.75
N LEU C 35 -43.28 1.08 -13.39
CA LEU C 35 -42.56 2.36 -13.45
C LEU C 35 -42.96 3.21 -12.24
N LYS C 36 -42.49 2.78 -11.07
CA LYS C 36 -42.82 3.49 -9.84
C LYS C 36 -42.25 4.90 -9.85
N ASP C 37 -40.95 5.02 -10.13
CA ASP C 37 -40.28 6.31 -10.27
C ASP C 37 -39.30 6.27 -11.44
N GLY C 38 -39.70 5.62 -12.53
CA GLY C 38 -38.82 5.44 -13.66
C GLY C 38 -37.84 4.29 -13.51
N GLN C 39 -37.97 3.49 -12.47
CA GLN C 39 -37.08 2.37 -12.21
C GLN C 39 -37.80 1.05 -12.46
N LYS C 40 -37.10 -0.04 -12.18
CA LYS C 40 -37.61 -1.39 -12.33
C LYS C 40 -37.78 -2.04 -10.98
N TYR C 41 -38.83 -2.86 -10.85
CA TYR C 41 -39.11 -3.53 -9.58
C TYR C 41 -39.73 -4.89 -9.85
N ALA C 42 -39.71 -5.74 -8.82
CA ALA C 42 -40.24 -7.09 -8.90
C ALA C 42 -41.63 -7.14 -8.29
N ILE C 43 -42.51 -7.91 -8.92
CA ILE C 43 -43.92 -7.98 -8.53
C ILE C 43 -44.34 -9.44 -8.44
N ILE C 44 -45.05 -9.78 -7.38
CA ILE C 44 -45.65 -11.09 -7.19
C ILE C 44 -47.15 -10.90 -7.05
N SER C 45 -47.91 -11.51 -7.96
CA SER C 45 -49.35 -11.30 -7.97
C SER C 45 -50.01 -11.94 -6.73
N PRO C 46 -51.13 -11.37 -6.26
CA PRO C 46 -51.77 -11.92 -5.07
C PRO C 46 -52.29 -13.34 -5.25
N GLU C 47 -52.56 -13.76 -6.49
CA GLU C 47 -53.12 -15.10 -6.70
C GLU C 47 -52.19 -16.19 -6.20
N SER C 48 -50.90 -16.10 -6.53
CA SER C 48 -49.97 -17.16 -6.12
C SER C 48 -49.92 -17.26 -4.60
N MET C 49 -49.95 -16.11 -3.93
CA MET C 49 -49.98 -16.07 -2.47
C MET C 49 -51.26 -16.69 -1.92
N ARG C 50 -52.39 -16.41 -2.55
CA ARG C 50 -53.64 -17.06 -2.14
C ARG C 50 -53.54 -18.57 -2.28
N ASN C 51 -52.95 -19.03 -3.39
CA ASN C 51 -52.78 -20.46 -3.62
C ASN C 51 -51.88 -21.07 -2.55
N ALA C 52 -50.80 -20.38 -2.20
CA ALA C 52 -49.91 -20.86 -1.16
C ALA C 52 -50.62 -20.95 0.19
N LEU C 53 -51.44 -19.95 0.50
CA LEU C 53 -52.21 -19.99 1.73
C LEU C 53 -53.18 -21.17 1.75
N ARG C 54 -53.88 -21.41 0.64
CA ARG C 54 -54.79 -22.55 0.59
C ARG C 54 -54.02 -23.86 0.71
N GLU C 55 -52.84 -23.93 0.11
CA GLU C 55 -52.00 -25.12 0.23
C GLU C 55 -51.58 -25.35 1.68
N MET C 56 -51.26 -24.27 2.40
CA MET C 56 -50.89 -24.43 3.80
C MET C 56 -52.09 -24.87 4.65
N LEU C 57 -53.27 -24.31 4.37
CA LEU C 57 -54.46 -24.73 5.11
C LEU C 57 -54.77 -26.21 4.86
N ILE C 58 -54.62 -26.67 3.61
CA ILE C 58 -54.81 -28.10 3.36
C ILE C 58 -53.67 -28.93 3.94
N GLU C 59 -52.51 -28.32 4.15
CA GLU C 59 -51.38 -29.04 4.73
C GLU C 59 -51.52 -29.24 6.23
N LEU C 60 -52.16 -28.29 6.93
CA LEU C 60 -52.28 -28.37 8.38
C LEU C 60 -53.43 -29.24 8.84
N GLY C 61 -54.19 -29.85 7.93
CA GLY C 61 -55.27 -30.73 8.29
C GLY C 61 -56.66 -30.13 8.22
N GLN C 62 -56.78 -28.88 7.83
CA GLN C 62 -58.10 -28.26 7.71
C GLN C 62 -58.80 -28.80 6.47
N PRO C 63 -59.99 -29.37 6.60
CA PRO C 63 -60.67 -29.93 5.42
C PRO C 63 -61.03 -28.87 4.40
N ASN C 64 -61.03 -29.27 3.14
CA ASN C 64 -61.41 -28.38 2.04
C ASN C 64 -61.86 -29.24 0.86
N ASN C 65 -62.37 -28.57 -0.17
CA ASN C 65 -62.95 -29.23 -1.34
C ASN C 65 -62.43 -28.60 -2.62
N ARG C 66 -61.11 -28.47 -2.73
CA ARG C 66 -60.50 -27.95 -3.96
C ARG C 66 -59.05 -28.37 -4.02
N THR C 67 -58.67 -29.09 -5.06
CA THR C 67 -57.27 -29.49 -5.26
C THR C 67 -56.89 -29.34 -6.73
N ARG C 68 -55.69 -28.83 -6.97
CA ARG C 68 -55.13 -28.76 -8.31
C ARG C 68 -54.01 -29.79 -8.40
N LEU C 69 -54.25 -30.86 -9.14
CA LEU C 69 -53.30 -31.96 -9.28
C LEU C 69 -52.52 -31.83 -10.59
N HIS C 70 -51.48 -32.64 -10.71
CA HIS C 70 -50.60 -32.63 -11.88
C HIS C 70 -51.24 -33.49 -12.98
N SER C 71 -52.19 -32.89 -13.69
CA SER C 71 -52.83 -33.56 -14.80
C SER C 71 -51.84 -33.78 -15.94
N GLU C 72 -52.04 -34.88 -16.67
CA GLU C 72 -51.11 -35.24 -17.74
C GLU C 72 -51.21 -34.27 -18.92
N ASP C 73 -52.41 -33.78 -19.21
CA ASP C 73 -52.61 -32.90 -20.36
C ASP C 73 -52.26 -31.46 -20.02
N GLN C 74 -52.98 -30.86 -19.08
CA GLN C 74 -52.73 -29.49 -18.66
C GLN C 74 -53.38 -29.29 -17.30
N LEU C 75 -52.81 -28.37 -16.52
CA LEU C 75 -53.19 -28.23 -15.11
C LEU C 75 -54.65 -27.79 -14.98
N ALA C 76 -55.32 -28.35 -13.97
CA ALA C 76 -56.73 -28.05 -13.74
C ALA C 76 -57.05 -28.23 -12.27
N VAL C 77 -58.17 -27.65 -11.84
CA VAL C 77 -58.63 -27.69 -10.47
C VAL C 77 -59.87 -28.57 -10.41
N GLU C 78 -59.87 -29.53 -9.49
CA GLU C 78 -60.98 -30.47 -9.37
C GLU C 78 -61.10 -30.89 -7.91
N PHE C 79 -61.80 -32.00 -7.67
CA PHE C 79 -62.14 -32.48 -6.33
C PHE C 79 -62.92 -31.41 -5.57
N LYS C 80 -64.11 -31.11 -6.09
CA LYS C 80 -65.03 -30.19 -5.45
C LYS C 80 -66.44 -30.75 -5.56
N GLU C 81 -67.32 -30.25 -4.68
CA GLU C 81 -68.72 -30.64 -4.67
C GLU C 81 -69.55 -29.38 -4.44
N TYR C 82 -70.82 -29.55 -4.16
CA TYR C 82 -71.66 -28.42 -3.78
C TYR C 82 -71.20 -27.87 -2.44
N PRO C 83 -70.80 -26.59 -2.36
CA PRO C 83 -70.41 -25.98 -1.09
C PRO C 83 -71.59 -25.42 -0.32
N ASN C 84 -72.64 -26.23 -0.15
CA ASN C 84 -73.81 -25.78 0.60
C ASN C 84 -73.44 -25.35 2.03
N PRO C 85 -72.66 -26.11 2.80
CA PRO C 85 -72.18 -25.57 4.07
C PRO C 85 -70.85 -24.84 3.91
N ASP C 86 -70.78 -23.61 4.40
CA ASP C 86 -69.51 -22.90 4.43
C ASP C 86 -68.52 -23.57 5.38
N LYS C 87 -69.01 -24.38 6.31
CA LYS C 87 -68.14 -25.21 7.13
C LYS C 87 -67.58 -26.36 6.31
N PHE C 88 -66.32 -26.71 6.60
CA PHE C 88 -65.62 -27.82 5.95
C PHE C 88 -65.46 -27.61 4.44
N ALA C 89 -65.72 -26.38 4.00
CA ALA C 89 -65.58 -26.05 2.58
C ALA C 89 -65.19 -24.59 2.33
N ASP C 90 -64.13 -24.36 1.57
CA ASP C 90 -63.75 -22.99 1.19
C ASP C 90 -63.14 -22.10 2.30
N ASP C 91 -62.78 -22.71 3.42
CA ASP C 91 -62.16 -21.97 4.52
C ASP C 91 -62.79 -20.59 4.74
N PHE C 92 -64.12 -20.50 4.67
CA PHE C 92 -64.79 -19.20 4.84
C PHE C 92 -64.23 -18.14 3.90
N LEU C 93 -64.00 -18.52 2.64
CA LEU C 93 -63.51 -17.56 1.66
C LEU C 93 -63.78 -18.03 0.25
N PHE C 94 -64.43 -17.18 -0.54
CA PHE C 94 -64.45 -17.27 -2.00
C PHE C 94 -65.05 -18.59 -2.48
N GLY C 95 -66.33 -18.77 -2.18
CA GLY C 95 -67.09 -19.88 -2.72
C GLY C 95 -67.68 -19.56 -4.07
N TYR C 96 -66.82 -19.18 -5.02
CA TYR C 96 -67.28 -18.63 -6.29
C TYR C 96 -68.11 -19.64 -7.06
N MET C 97 -69.09 -19.12 -7.80
CA MET C 97 -69.99 -19.93 -8.61
C MET C 97 -70.64 -19.04 -9.65
N VAL C 98 -70.79 -19.56 -10.87
CA VAL C 98 -71.39 -18.79 -11.95
C VAL C 98 -72.46 -19.62 -12.67
N ALA C 99 -72.55 -20.89 -12.34
CA ALA C 99 -73.46 -21.80 -13.04
C ALA C 99 -74.92 -21.41 -12.78
N GLN C 100 -75.77 -21.67 -13.77
CA GLN C 100 -77.19 -21.40 -13.66
C GLN C 100 -77.98 -22.58 -13.10
N THR C 101 -77.62 -23.81 -13.47
CA THR C 101 -78.22 -25.00 -12.88
C THR C 101 -77.49 -25.32 -11.59
N ASN C 102 -77.71 -24.47 -10.59
CA ASN C 102 -77.01 -24.55 -9.31
C ASN C 102 -77.99 -24.87 -8.19
N ASP C 103 -77.64 -25.87 -7.37
CA ASP C 103 -78.40 -26.22 -6.18
C ASP C 103 -79.86 -26.49 -6.50
N ALA C 104 -80.10 -27.11 -7.66
CA ALA C 104 -81.45 -27.42 -8.13
C ALA C 104 -82.32 -26.17 -8.14
N LYS C 105 -81.73 -25.04 -8.54
CA LYS C 105 -82.37 -23.72 -8.56
C LYS C 105 -82.60 -23.15 -7.15
N GLU C 106 -81.74 -23.55 -6.21
CA GLU C 106 -81.48 -22.89 -4.92
C GLU C 106 -82.52 -23.08 -3.82
N MET C 107 -83.67 -23.73 -4.04
CA MET C 107 -84.57 -23.89 -2.91
C MET C 107 -84.11 -25.00 -1.97
N LYS C 108 -83.43 -26.03 -2.49
CA LYS C 108 -82.96 -27.10 -1.62
C LYS C 108 -81.75 -26.67 -0.80
N LYS C 109 -80.96 -25.72 -1.31
CA LYS C 109 -79.80 -25.23 -0.56
C LYS C 109 -80.24 -24.50 0.69
N LEU C 110 -81.18 -23.57 0.56
CA LEU C 110 -81.66 -22.71 1.65
C LEU C 110 -80.53 -21.88 2.25
N ASN C 111 -79.43 -21.70 1.53
CA ASN C 111 -78.30 -20.91 2.00
C ASN C 111 -77.85 -19.97 0.90
N ARG C 112 -77.09 -18.96 1.30
CA ARG C 112 -76.51 -18.04 0.33
C ARG C 112 -75.54 -18.79 -0.58
N PRO C 113 -75.58 -18.57 -1.89
CA PRO C 113 -74.70 -19.31 -2.81
C PRO C 113 -73.23 -19.01 -2.64
N ALA C 114 -72.85 -18.15 -1.69
CA ALA C 114 -71.46 -17.76 -1.46
C ALA C 114 -70.82 -17.19 -2.73
N LYS C 115 -71.63 -16.47 -3.52
CA LYS C 115 -71.16 -16.01 -4.82
C LYS C 115 -70.01 -15.02 -4.69
N ARG C 116 -70.09 -14.09 -3.74
CA ARG C 116 -69.07 -13.05 -3.63
C ARG C 116 -68.64 -12.79 -2.20
N ASP C 117 -68.86 -13.72 -1.27
CA ASP C 117 -68.42 -13.52 0.10
C ASP C 117 -66.89 -13.56 0.13
N SER C 118 -66.27 -12.41 0.37
CA SER C 118 -64.82 -12.27 0.33
C SER C 118 -64.30 -11.98 1.72
N ILE C 119 -63.38 -12.81 2.20
CA ILE C 119 -62.73 -12.62 3.48
C ILE C 119 -61.22 -12.65 3.23
N PHE C 120 -60.47 -11.98 4.10
CA PHE C 120 -59.02 -11.88 4.00
C PHE C 120 -58.61 -11.29 2.65
N ARG C 121 -59.01 -10.04 2.44
CA ARG C 121 -58.54 -9.30 1.27
C ARG C 121 -57.06 -8.98 1.43
N CYS C 122 -56.33 -9.07 0.33
CA CYS C 122 -54.88 -8.92 0.38
C CYS C 122 -54.40 -8.15 -0.84
N ASN C 123 -53.28 -7.47 -0.65
CA ASN C 123 -52.65 -6.69 -1.70
C ASN C 123 -51.54 -7.52 -2.35
N MET C 124 -50.76 -6.87 -3.21
CA MET C 124 -49.73 -7.53 -4.01
C MET C 124 -48.35 -6.98 -3.64
N ALA C 125 -47.39 -7.88 -3.48
CA ALA C 125 -46.09 -7.51 -2.92
C ALA C 125 -45.24 -6.76 -3.94
N VAL C 126 -44.37 -5.89 -3.42
CA VAL C 126 -43.46 -5.07 -4.22
C VAL C 126 -42.06 -5.21 -3.65
N ALA C 127 -41.06 -5.06 -4.52
CA ALA C 127 -39.66 -5.14 -4.09
C ALA C 127 -39.21 -3.83 -3.47
N VAL C 128 -37.98 -3.85 -2.94
CA VAL C 128 -37.39 -2.66 -2.33
C VAL C 128 -36.18 -2.14 -3.10
N ASN C 129 -35.67 -2.88 -4.08
CA ASN C 129 -34.47 -2.47 -4.80
C ASN C 129 -34.72 -2.52 -6.30
N PRO C 130 -34.02 -1.69 -7.07
CA PRO C 130 -34.18 -1.71 -8.53
C PRO C 130 -33.58 -2.94 -9.18
N TYR C 131 -33.64 -2.99 -10.51
CA TYR C 131 -33.14 -4.12 -11.29
C TYR C 131 -32.00 -3.62 -12.17
N LYS C 132 -30.89 -4.38 -12.19
CA LYS C 132 -29.66 -3.92 -12.82
C LYS C 132 -29.18 -4.88 -13.92
N TYR C 133 -30.11 -5.63 -14.52
CA TYR C 133 -29.83 -6.44 -15.71
C TYR C 133 -28.72 -7.47 -15.47
N ASP C 134 -29.01 -8.40 -14.56
CA ASP C 134 -28.09 -9.51 -14.32
C ASP C 134 -28.35 -10.63 -15.34
N THR C 135 -27.48 -11.64 -15.32
CA THR C 135 -27.59 -12.74 -16.27
C THR C 135 -26.85 -13.96 -15.73
N VAL C 136 -27.46 -15.13 -15.88
CA VAL C 136 -26.85 -16.41 -15.54
C VAL C 136 -27.10 -17.35 -16.71
N PHE C 137 -26.06 -18.07 -17.13
CA PHE C 137 -26.17 -18.89 -18.33
C PHE C 137 -26.98 -20.16 -18.08
N TYR C 138 -27.36 -20.79 -19.20
CA TYR C 138 -28.29 -21.90 -19.23
C TYR C 138 -27.87 -22.80 -20.38
N GLN C 139 -27.89 -24.12 -20.15
CA GLN C 139 -27.26 -25.05 -21.08
C GLN C 139 -28.27 -25.92 -21.82
N SER C 140 -29.07 -26.70 -21.09
CA SER C 140 -30.11 -27.55 -21.66
C SER C 140 -29.58 -28.41 -22.81
N PRO C 141 -28.74 -29.40 -22.53
CA PRO C 141 -28.29 -30.30 -23.61
C PRO C 141 -29.42 -31.20 -24.07
N LEU C 142 -29.26 -31.73 -25.29
CA LEU C 142 -30.26 -32.63 -25.83
C LEU C 142 -30.36 -33.88 -24.97
N ASN C 143 -31.58 -34.42 -24.84
CA ASN C 143 -31.84 -35.46 -23.87
C ASN C 143 -31.04 -36.72 -24.17
N ALA C 144 -30.87 -37.04 -25.45
CA ALA C 144 -30.07 -38.19 -25.86
C ALA C 144 -29.84 -38.10 -27.36
N GLY C 145 -28.88 -38.88 -27.84
CA GLY C 145 -28.63 -38.99 -29.26
C GLY C 145 -29.14 -40.28 -29.85
N ASP C 146 -29.62 -41.18 -28.99
CA ASP C 146 -30.10 -42.49 -29.41
C ASP C 146 -31.42 -42.90 -28.79
N SER C 147 -31.96 -42.14 -27.85
CA SER C 147 -33.16 -42.57 -27.13
C SER C 147 -34.38 -42.60 -28.04
N ALA C 148 -35.34 -43.46 -27.69
CA ALA C 148 -36.65 -43.41 -28.33
C ALA C 148 -37.34 -42.10 -28.02
N TRP C 149 -37.18 -41.59 -26.80
CA TRP C 149 -37.74 -40.30 -26.43
C TRP C 149 -37.03 -39.19 -27.20
N LYS C 150 -37.81 -38.20 -27.64
CA LYS C 150 -37.29 -37.18 -28.54
C LYS C 150 -36.27 -36.30 -27.83
N ASN C 151 -35.46 -35.61 -28.64
CA ASN C 151 -34.33 -34.83 -28.13
C ASN C 151 -34.42 -33.35 -28.46
N SER C 152 -35.59 -32.86 -28.88
CA SER C 152 -35.80 -31.47 -29.29
C SER C 152 -34.94 -31.07 -30.48
N THR C 153 -34.26 -32.03 -31.11
CA THR C 153 -33.60 -31.89 -32.40
C THR C 153 -32.32 -31.05 -32.28
N SER C 154 -32.08 -30.46 -31.11
CA SER C 154 -30.90 -29.62 -30.92
C SER C 154 -30.74 -29.32 -29.43
N SER C 155 -29.60 -28.72 -29.10
CA SER C 155 -29.31 -28.24 -27.76
C SER C 155 -28.94 -26.76 -27.85
N ALA C 156 -29.57 -25.93 -27.04
CA ALA C 156 -29.41 -24.48 -27.13
C ALA C 156 -29.15 -23.91 -25.74
N LEU C 157 -28.28 -22.91 -25.68
CA LEU C 157 -27.93 -22.23 -24.44
C LEU C 157 -28.69 -20.91 -24.35
N LEU C 158 -29.13 -20.58 -23.13
CA LEU C 158 -29.97 -19.41 -22.91
C LEU C 158 -29.50 -18.60 -21.71
N HIS C 159 -30.25 -17.56 -21.35
CA HIS C 159 -29.88 -16.66 -20.27
C HIS C 159 -31.02 -16.53 -19.27
N ARG C 160 -30.65 -16.11 -18.05
CA ARG C 160 -31.59 -15.78 -17.00
C ARG C 160 -31.14 -14.49 -16.33
N GLU C 161 -32.00 -13.95 -15.47
CA GLU C 161 -31.64 -12.82 -14.63
C GLU C 161 -32.20 -13.03 -13.24
N VAL C 162 -31.41 -12.65 -12.22
CA VAL C 162 -31.80 -12.79 -10.83
C VAL C 162 -31.36 -11.53 -10.09
N THR C 163 -31.93 -11.36 -8.89
CA THR C 163 -31.56 -10.26 -8.02
C THR C 163 -31.87 -10.64 -6.58
N HIS C 164 -31.20 -9.95 -5.66
CA HIS C 164 -31.43 -10.14 -4.23
C HIS C 164 -32.22 -8.95 -3.73
N THR C 165 -33.41 -9.20 -3.18
CA THR C 165 -34.28 -8.10 -2.77
C THR C 165 -35.28 -8.63 -1.75
N ALA C 166 -35.65 -7.76 -0.82
CA ALA C 166 -36.73 -8.06 0.13
C ALA C 166 -38.08 -7.75 -0.53
N PHE C 167 -39.16 -7.94 0.22
CA PHE C 167 -40.50 -7.72 -0.30
C PHE C 167 -41.39 -7.26 0.85
N GLN C 168 -41.68 -5.95 0.90
CA GLN C 168 -42.65 -5.46 1.86
C GLN C 168 -44.05 -5.84 1.41
N TYR C 169 -44.96 -5.90 2.37
CA TYR C 169 -46.29 -6.44 2.09
C TYR C 169 -47.36 -5.99 3.08
N PRO C 170 -48.38 -5.26 2.61
CA PRO C 170 -49.54 -4.98 3.45
C PRO C 170 -50.44 -6.20 3.58
N PHE C 171 -51.18 -6.25 4.68
CA PHE C 171 -51.97 -7.41 5.05
C PHE C 171 -53.45 -7.23 4.77
N ALA C 172 -54.03 -6.14 5.27
CA ALA C 172 -55.42 -5.74 4.97
C ALA C 172 -56.42 -6.80 5.42
N LEU C 173 -56.27 -7.28 6.65
CA LEU C 173 -57.26 -8.17 7.24
C LEU C 173 -58.43 -7.35 7.77
N ALA C 174 -59.64 -7.74 7.39
CA ALA C 174 -60.83 -6.99 7.77
C ALA C 174 -61.99 -7.95 7.99
N GLY C 175 -63.01 -7.46 8.68
CA GLY C 175 -64.21 -8.24 8.93
C GLY C 175 -64.40 -8.58 10.39
N LYS C 176 -65.43 -8.01 11.00
CA LYS C 176 -65.78 -8.33 12.39
C LYS C 176 -66.70 -9.54 12.50
N ASP C 177 -67.09 -10.13 11.38
CA ASP C 177 -68.00 -11.27 11.36
C ASP C 177 -67.28 -12.62 11.39
N CYS C 178 -65.95 -12.62 11.37
CA CYS C 178 -65.20 -13.87 11.39
C CYS C 178 -65.04 -14.39 12.81
N ALA C 179 -66.14 -14.51 13.53
CA ALA C 179 -66.13 -15.02 14.90
C ALA C 179 -66.80 -16.39 15.02
N ALA C 180 -67.36 -16.91 13.93
CA ALA C 180 -68.01 -18.22 13.98
C ALA C 180 -67.01 -19.33 14.29
N LYS C 181 -65.82 -19.28 13.69
CA LYS C 181 -64.79 -20.30 13.85
C LYS C 181 -63.49 -19.63 14.27
N PRO C 182 -63.34 -19.29 15.54
CA PRO C 182 -62.07 -18.71 16.01
C PRO C 182 -60.89 -19.65 15.79
N GLU C 183 -61.10 -20.96 15.88
CA GLU C 183 -60.02 -21.92 15.64
C GLU C 183 -59.50 -21.79 14.22
N TRP C 184 -60.41 -21.63 13.25
CA TRP C 184 -59.98 -21.47 11.86
C TRP C 184 -59.16 -20.22 11.68
N VAL C 185 -59.58 -19.12 12.31
CA VAL C 185 -58.84 -17.86 12.21
C VAL C 185 -57.44 -18.01 12.83
N LYS C 186 -57.37 -18.66 13.99
CA LYS C 186 -56.07 -18.86 14.64
C LYS C 186 -55.15 -19.73 13.78
N ALA C 187 -55.70 -20.79 13.20
CA ALA C 187 -54.90 -21.66 12.33
C ALA C 187 -54.42 -20.89 11.10
N LEU C 188 -55.29 -20.07 10.52
CA LEU C 188 -54.90 -19.26 9.36
C LEU C 188 -53.78 -18.29 9.73
N LEU C 189 -53.89 -17.63 10.88
CA LEU C 189 -52.85 -16.71 11.30
C LEU C 189 -51.53 -17.44 11.54
N GLN C 190 -51.60 -18.62 12.15
CA GLN C 190 -50.39 -19.42 12.36
C GLN C 190 -49.76 -19.82 11.03
N ALA C 191 -50.59 -20.22 10.06
CA ALA C 191 -50.07 -20.58 8.74
C ALA C 191 -49.39 -19.39 8.08
N ILE C 192 -49.99 -18.20 8.20
CA ILE C 192 -49.36 -16.99 7.67
C ILE C 192 -48.01 -16.76 8.35
N ALA C 193 -47.97 -16.93 9.68
CA ALA C 193 -46.70 -16.84 10.39
C ALA C 193 -45.69 -17.87 9.92
N GLU C 194 -46.16 -18.99 9.37
CA GLU C 194 -45.31 -20.08 8.89
C GLU C 194 -45.27 -20.11 7.37
N LEU C 195 -45.19 -18.94 6.74
CA LEU C 195 -45.19 -18.86 5.29
C LEU C 195 -43.85 -19.33 4.73
N ASN C 196 -43.91 -20.08 3.62
CA ASN C 196 -42.74 -20.68 3.01
C ASN C 196 -43.13 -21.23 1.65
N GLY C 197 -42.26 -21.03 0.67
CA GLY C 197 -42.55 -21.50 -0.69
C GLY C 197 -43.81 -20.87 -1.27
N VAL C 198 -43.99 -19.57 -1.05
CA VAL C 198 -45.23 -18.91 -1.46
C VAL C 198 -45.32 -18.85 -2.98
N ALA C 199 -44.23 -18.49 -3.65
CA ALA C 199 -44.22 -18.43 -5.10
C ALA C 199 -43.80 -19.77 -5.66
N GLY C 200 -44.64 -20.35 -6.53
CA GLY C 200 -44.33 -21.62 -7.14
C GLY C 200 -43.32 -21.48 -8.26
N GLY C 201 -42.20 -20.82 -7.98
CA GLY C 201 -41.20 -20.57 -9.00
C GLY C 201 -40.55 -21.85 -9.50
N HIS C 202 -39.76 -22.49 -8.63
CA HIS C 202 -39.08 -23.73 -8.97
C HIS C 202 -38.34 -24.22 -7.72
N ALA C 203 -37.90 -25.47 -7.76
CA ALA C 203 -37.27 -26.09 -6.60
C ALA C 203 -35.87 -25.52 -6.35
N ARG C 204 -35.02 -25.54 -7.37
CA ARG C 204 -33.68 -25.00 -7.22
C ARG C 204 -33.73 -23.48 -7.08
N ALA C 205 -32.72 -22.92 -6.44
CA ALA C 205 -32.64 -21.48 -6.18
C ALA C 205 -33.91 -20.99 -5.49
N TYR C 206 -34.39 -21.76 -4.52
CA TYR C 206 -35.67 -21.48 -3.92
C TYR C 206 -35.62 -20.24 -3.03
N TYR C 207 -36.74 -19.54 -2.97
CA TYR C 207 -36.91 -18.37 -2.12
C TYR C 207 -38.08 -18.62 -1.18
N GLU C 208 -37.96 -18.14 0.05
CA GLU C 208 -39.00 -18.32 1.05
C GLU C 208 -39.30 -16.99 1.73
N PHE C 209 -40.57 -16.80 2.08
CA PHE C 209 -41.01 -15.59 2.78
C PHE C 209 -40.91 -15.84 4.28
N ALA C 210 -39.79 -15.45 4.88
CA ALA C 210 -39.63 -15.52 6.32
C ALA C 210 -40.12 -14.21 6.91
N PRO C 211 -41.21 -14.21 7.67
CA PRO C 211 -41.67 -12.95 8.29
C PRO C 211 -40.64 -12.40 9.24
N ARG C 212 -40.47 -11.08 9.22
CA ARG C 212 -39.54 -10.41 10.12
C ARG C 212 -39.99 -8.97 10.26
N SER C 213 -40.01 -8.47 11.50
CA SER C 213 -40.48 -7.12 11.79
C SER C 213 -41.88 -6.89 11.23
N VAL C 214 -42.74 -7.89 11.38
CA VAL C 214 -44.14 -7.79 10.97
C VAL C 214 -44.87 -6.95 12.01
N VAL C 215 -45.20 -5.71 11.66
CA VAL C 215 -45.70 -4.73 12.62
C VAL C 215 -46.70 -3.80 11.94
N ALA C 216 -47.94 -3.81 12.41
CA ALA C 216 -48.92 -2.77 12.09
C ALA C 216 -50.17 -3.00 12.92
N ARG C 217 -50.76 -1.91 13.39
CA ARG C 217 -52.02 -1.93 14.13
C ARG C 217 -52.76 -0.64 13.86
N LEU C 218 -54.06 -0.64 14.14
CA LEU C 218 -54.85 0.57 13.96
C LEU C 218 -56.13 0.49 14.78
N THR C 219 -56.76 1.65 14.96
CA THR C 219 -58.00 1.77 15.68
C THR C 219 -59.14 1.12 14.90
N PRO C 220 -60.30 0.89 15.57
CA PRO C 220 -61.42 0.27 14.84
C PRO C 220 -62.01 1.16 13.77
N LYS C 221 -61.18 1.63 12.85
CA LYS C 221 -61.57 2.46 11.72
C LYS C 221 -61.09 1.80 10.44
N LEU C 222 -61.19 2.53 9.33
CA LEU C 222 -60.70 2.04 8.06
C LEU C 222 -59.21 2.35 7.90
N VAL C 223 -58.62 1.76 6.86
CA VAL C 223 -57.18 1.88 6.64
C VAL C 223 -56.80 3.33 6.38
N ALA C 224 -55.71 3.77 7.01
CA ALA C 224 -55.15 5.09 6.83
C ALA C 224 -53.78 5.13 7.52
N GLY C 225 -53.23 6.33 7.66
CA GLY C 225 -52.05 6.55 8.48
C GLY C 225 -50.70 6.44 7.80
N TYR C 226 -50.26 5.22 7.51
CA TYR C 226 -48.86 4.99 7.11
C TYR C 226 -48.70 4.49 5.68
N GLN C 227 -49.78 4.33 4.93
CA GLN C 227 -49.78 3.97 3.51
C GLN C 227 -49.24 2.57 3.25
N THR C 228 -48.77 1.86 4.27
CA THR C 228 -48.27 0.49 4.17
C THR C 228 -47.11 0.36 3.19
N TYR C 229 -46.37 1.44 2.95
CA TYR C 229 -45.24 1.41 2.03
C TYR C 229 -44.26 2.51 2.44
N GLY C 230 -43.30 2.79 1.57
CA GLY C 230 -42.30 3.81 1.82
C GLY C 230 -41.21 3.37 2.77
N PHE C 231 -40.46 2.34 2.38
CA PHE C 231 -39.42 1.76 3.21
C PHE C 231 -38.10 1.72 2.45
N ASP C 232 -37.00 1.81 3.18
CA ASP C 232 -35.69 1.91 2.56
C ASP C 232 -35.19 0.52 2.16
N ALA C 233 -33.92 0.44 1.79
CA ALA C 233 -33.31 -0.82 1.34
C ALA C 233 -32.76 -1.61 2.54
N GLU C 234 -33.68 -2.02 3.41
CA GLU C 234 -33.45 -2.92 4.54
C GLU C 234 -32.60 -2.28 5.64
N GLY C 235 -32.10 -1.07 5.44
CA GLY C 235 -31.29 -0.42 6.45
C GLY C 235 -32.09 -0.09 7.69
N ASN C 236 -33.03 0.85 7.54
CA ASN C 236 -33.88 1.26 8.66
C ASN C 236 -35.17 1.81 8.03
N TRP C 237 -36.23 1.02 8.07
CA TRP C 237 -37.38 1.24 7.19
C TRP C 237 -38.60 1.84 7.89
N LEU C 238 -39.00 1.28 9.04
CA LEU C 238 -40.21 1.78 9.69
C LEU C 238 -39.99 3.17 10.29
N GLU C 239 -38.77 3.48 10.70
CA GLU C 239 -38.49 4.71 11.43
C GLU C 239 -38.87 5.95 10.62
N LEU C 240 -38.17 6.21 9.53
CA LEU C 240 -38.49 7.39 8.73
C LEU C 240 -39.89 7.32 8.14
N SER C 241 -40.48 6.13 8.08
CA SER C 241 -41.84 5.99 7.59
C SER C 241 -42.85 6.58 8.58
N ARG C 242 -42.90 6.03 9.79
CA ARG C 242 -43.94 6.45 10.74
C ARG C 242 -43.47 6.70 12.16
N LEU C 243 -42.24 6.34 12.55
CA LEU C 243 -41.86 6.47 13.95
C LEU C 243 -41.74 7.93 14.37
N THR C 244 -41.27 8.79 13.45
CA THR C 244 -41.22 10.22 13.74
C THR C 244 -42.63 10.77 13.94
N ALA C 245 -43.59 10.34 13.13
CA ALA C 245 -44.96 10.78 13.30
C ALA C 245 -45.53 10.28 14.63
N THR C 246 -45.22 9.04 15.01
CA THR C 246 -45.68 8.53 16.29
C THR C 246 -45.10 9.32 17.46
N ASP C 247 -43.81 9.68 17.36
CA ASP C 247 -43.21 10.51 18.40
C ASP C 247 -43.87 11.87 18.47
N SER C 248 -44.12 12.50 17.31
CA SER C 248 -44.76 13.80 17.29
C SER C 248 -46.24 13.72 17.65
N ASP C 249 -46.84 12.53 17.57
CA ASP C 249 -48.25 12.31 17.87
C ASP C 249 -48.41 11.20 18.90
N ASN C 250 -47.60 11.24 19.95
CA ASN C 250 -47.72 10.24 21.01
C ASN C 250 -49.06 10.34 21.73
N LEU C 251 -49.68 11.52 21.70
CA LEU C 251 -51.01 11.70 22.25
C LEU C 251 -52.07 11.94 21.19
N ASP C 252 -51.67 12.21 19.94
CA ASP C 252 -52.63 12.38 18.85
C ASP C 252 -52.92 11.05 18.17
N LEU C 253 -51.89 10.41 17.61
CA LEU C 253 -52.24 9.06 17.17
C LEU C 253 -52.13 8.08 18.32
N PRO C 254 -53.06 7.14 18.46
CA PRO C 254 -53.06 6.26 19.63
C PRO C 254 -51.93 5.25 19.59
N ALA C 255 -50.90 5.47 20.41
CA ALA C 255 -49.81 4.52 20.53
C ALA C 255 -50.12 3.39 21.51
N ASN C 256 -51.19 3.52 22.29
CA ASN C 256 -51.56 2.45 23.21
C ASN C 256 -51.99 1.20 22.45
N GLU C 257 -52.75 1.36 21.36
CA GLU C 257 -53.18 0.23 20.55
C GLU C 257 -52.24 -0.03 19.37
N PHE C 258 -51.60 1.01 18.84
CA PHE C 258 -50.62 0.85 17.79
C PHE C 258 -49.27 0.63 18.46
N TRP C 259 -48.88 -0.63 18.60
CA TRP C 259 -47.67 -0.97 19.33
C TRP C 259 -46.45 -0.74 18.45
N LEU C 260 -45.27 -1.01 19.01
CA LEU C 260 -44.02 -0.64 18.36
C LEU C 260 -43.82 -1.40 17.05
N GLY C 261 -42.76 -1.03 16.34
CA GLY C 261 -42.48 -1.61 15.04
C GLY C 261 -41.04 -2.03 14.84
N GLY C 262 -40.84 -3.16 14.17
CA GLY C 262 -39.51 -3.62 13.85
C GLY C 262 -38.91 -4.53 14.89
N GLU C 263 -38.60 -5.77 14.51
CA GLU C 263 -37.86 -6.65 15.41
C GLU C 263 -36.45 -6.14 15.66
N LEU C 264 -35.96 -5.23 14.81
CA LEU C 264 -34.64 -4.65 15.00
C LEU C 264 -34.49 -3.93 16.33
N VAL C 265 -35.60 -3.53 16.95
CA VAL C 265 -35.54 -2.92 18.27
C VAL C 265 -34.90 -3.86 19.29
N ARG C 266 -34.87 -5.16 19.00
CA ARG C 266 -34.14 -6.10 19.84
C ARG C 266 -32.63 -5.88 19.77
N LYS C 267 -32.14 -5.10 18.81
CA LYS C 267 -30.71 -4.96 18.57
C LYS C 267 -30.17 -3.57 18.93
N MET C 268 -30.79 -2.49 18.46
CA MET C 268 -30.37 -1.15 18.83
C MET C 268 -31.53 -0.37 19.43
N ASP C 269 -31.20 0.48 20.40
CA ASP C 269 -32.16 1.37 21.05
C ASP C 269 -33.36 0.61 21.61
N GLN C 270 -33.07 -0.49 22.30
CA GLN C 270 -34.15 -1.29 22.88
C GLN C 270 -34.87 -0.55 24.00
N GLU C 271 -34.10 -0.02 24.96
CA GLU C 271 -34.72 0.58 26.14
C GLU C 271 -35.46 1.88 25.79
N GLN C 272 -34.80 2.78 25.07
CA GLN C 272 -35.42 4.05 24.74
C GLN C 272 -36.77 3.84 24.07
N LYS C 273 -36.83 2.92 23.10
CA LYS C 273 -38.12 2.54 22.55
C LYS C 273 -39.00 1.84 23.57
N ALA C 274 -38.40 1.22 24.60
CA ALA C 274 -39.21 0.48 25.58
C ALA C 274 -40.06 1.42 26.43
N GLN C 275 -39.45 2.46 27.02
CA GLN C 275 -40.27 3.32 27.87
C GLN C 275 -40.77 4.60 27.19
N LEU C 276 -39.92 5.38 26.54
CA LEU C 276 -40.35 6.71 26.12
C LEU C 276 -41.25 6.69 24.88
N GLU C 277 -41.64 5.51 24.40
CA GLU C 277 -42.57 5.44 23.28
C GLU C 277 -44.02 5.33 23.75
N ALA C 278 -44.35 4.27 24.48
CA ALA C 278 -45.70 4.04 24.95
C ALA C 278 -45.68 2.87 25.94
N MET C 279 -46.80 2.67 26.61
CA MET C 279 -46.96 1.61 27.59
C MET C 279 -47.72 0.41 27.05
N GLY C 280 -47.95 0.36 25.73
CA GLY C 280 -48.69 -0.74 25.13
C GLY C 280 -47.85 -2.00 25.02
N ALA C 281 -48.52 -3.07 24.58
CA ALA C 281 -47.89 -4.39 24.48
C ALA C 281 -46.96 -4.39 23.27
N HIS C 282 -45.76 -3.85 23.48
CA HIS C 282 -44.75 -3.75 22.43
C HIS C 282 -43.83 -4.97 22.40
N LEU C 283 -44.31 -6.12 22.85
CA LEU C 283 -43.49 -7.33 22.87
C LEU C 283 -43.09 -7.74 21.46
N TYR C 284 -41.80 -8.07 21.29
CA TYR C 284 -41.30 -8.59 20.02
C TYR C 284 -40.15 -9.55 20.35
N ALA C 285 -40.49 -10.84 20.46
CA ALA C 285 -39.50 -11.90 20.62
C ALA C 285 -39.57 -12.90 19.49
N ASN C 286 -40.76 -13.45 19.21
CA ASN C 286 -41.01 -14.26 18.05
C ASN C 286 -42.33 -13.80 17.43
N PRO C 287 -42.40 -13.71 16.11
CA PRO C 287 -43.67 -13.33 15.47
C PRO C 287 -44.79 -14.31 15.73
N GLU C 288 -44.47 -15.56 16.08
CA GLU C 288 -45.51 -16.55 16.35
C GLU C 288 -46.36 -16.14 17.55
N LYS C 289 -45.72 -15.84 18.68
CA LYS C 289 -46.46 -15.45 19.87
C LYS C 289 -47.09 -14.08 19.71
N LEU C 290 -46.46 -13.20 18.93
CA LEU C 290 -47.08 -11.92 18.59
C LEU C 290 -48.41 -12.13 17.88
N PHE C 291 -48.41 -12.96 16.84
CA PHE C 291 -49.67 -13.25 16.15
C PHE C 291 -50.65 -13.96 17.08
N ALA C 292 -50.15 -14.84 17.94
CA ALA C 292 -51.03 -15.56 18.85
C ALA C 292 -51.79 -14.61 19.78
N ASP C 293 -51.07 -13.72 20.47
CA ASP C 293 -51.77 -12.86 21.42
C ASP C 293 -52.51 -11.73 20.72
N LEU C 294 -52.07 -11.31 19.54
CA LEU C 294 -52.89 -10.38 18.76
C LEU C 294 -54.21 -11.01 18.35
N ALA C 295 -54.17 -12.29 17.94
CA ALA C 295 -55.41 -12.99 17.62
C ALA C 295 -56.30 -13.15 18.85
N ASP C 296 -55.69 -13.43 20.01
CA ASP C 296 -56.47 -13.53 21.23
C ASP C 296 -57.17 -12.21 21.55
N SER C 297 -56.45 -11.09 21.43
CA SER C 297 -57.05 -9.79 21.69
C SER C 297 -58.14 -9.46 20.67
N PHE C 298 -57.89 -9.78 19.40
CA PHE C 298 -58.87 -9.50 18.36
C PHE C 298 -60.15 -10.30 18.56
N LEU C 299 -60.01 -11.58 18.92
CA LEU C 299 -61.18 -12.42 19.16
C LEU C 299 -61.85 -12.10 20.50
N GLY C 300 -61.14 -11.42 21.41
CA GLY C 300 -61.76 -11.01 22.65
C GLY C 300 -62.88 -10.03 22.44
N VAL C 301 -62.70 -9.07 21.53
CA VAL C 301 -63.72 -8.07 21.25
C VAL C 301 -63.63 -7.59 19.81
N ASN D 3 -42.51 -35.18 8.22
CA ASN D 3 -42.79 -35.06 9.64
C ASN D 3 -41.68 -34.30 10.36
N LEU D 4 -40.48 -34.34 9.78
CA LEU D 4 -39.30 -33.66 10.33
C LEU D 4 -38.50 -33.08 9.17
N ASN D 5 -38.79 -31.83 8.83
CA ASN D 5 -38.04 -31.16 7.78
C ASN D 5 -36.68 -30.72 8.31
N LEU D 6 -35.74 -30.52 7.40
CA LEU D 6 -34.40 -30.11 7.80
C LEU D 6 -33.78 -29.26 6.70
N PHE D 7 -32.76 -28.50 7.08
CA PHE D 7 -32.04 -27.64 6.15
C PHE D 7 -30.80 -27.09 6.84
N ALA D 8 -29.81 -26.72 6.04
CA ALA D 8 -28.51 -26.34 6.56
C ALA D 8 -27.87 -25.30 5.65
N THR D 9 -26.78 -24.72 6.13
CA THR D 9 -25.92 -23.84 5.35
C THR D 9 -24.47 -24.24 5.61
N ILE D 10 -23.68 -24.31 4.53
CA ILE D 10 -22.29 -24.76 4.67
C ILE D 10 -21.37 -23.78 3.94
N LEU D 11 -20.11 -23.77 4.36
CA LEU D 11 -19.07 -22.96 3.74
C LEU D 11 -17.82 -23.81 3.54
N THR D 12 -16.74 -23.19 3.08
CA THR D 12 -15.51 -23.90 2.77
C THR D 12 -14.32 -22.99 3.07
N TYR D 13 -13.11 -23.55 2.91
CA TYR D 13 -11.87 -22.87 3.19
C TYR D 13 -11.49 -21.92 2.06
N PRO D 14 -10.78 -20.84 2.37
CA PRO D 14 -10.35 -19.90 1.31
C PRO D 14 -9.34 -20.53 0.37
N ALA D 15 -9.43 -20.13 -0.90
CA ALA D 15 -8.56 -20.61 -1.96
C ALA D 15 -8.87 -19.80 -3.22
N PRO D 16 -7.98 -19.85 -4.22
CA PRO D 16 -8.29 -19.18 -5.49
C PRO D 16 -9.51 -19.78 -6.16
N ALA D 17 -10.22 -18.95 -6.92
CA ALA D 17 -11.47 -19.35 -7.54
C ALA D 17 -11.24 -20.41 -8.61
N SER D 18 -12.31 -21.13 -8.95
CA SER D 18 -12.24 -22.22 -9.92
C SER D 18 -13.25 -22.11 -11.05
N ASN D 19 -14.46 -21.61 -10.76
CA ASN D 19 -15.56 -21.62 -11.73
C ASN D 19 -15.31 -20.55 -12.78
N TYR D 20 -14.51 -20.92 -13.79
CA TYR D 20 -14.11 -20.00 -14.84
C TYR D 20 -15.00 -20.23 -16.06
N ARG D 21 -16.02 -19.38 -16.21
CA ARG D 21 -16.92 -19.51 -17.36
C ARG D 21 -16.20 -19.19 -18.66
N GLY D 22 -15.51 -18.06 -18.72
CA GLY D 22 -14.66 -17.74 -19.86
C GLY D 22 -15.35 -17.64 -21.21
N GLU D 23 -16.48 -16.92 -21.28
CA GLU D 23 -17.21 -16.75 -22.52
C GLU D 23 -17.22 -15.31 -23.02
N SER D 24 -16.52 -14.40 -22.33
CA SER D 24 -16.63 -12.98 -22.64
C SER D 24 -16.17 -12.68 -24.08
N GLU D 25 -14.89 -12.92 -24.35
CA GLU D 25 -14.36 -12.72 -25.69
C GLU D 25 -13.07 -13.54 -25.82
N GLU D 26 -12.36 -13.32 -26.93
CA GLU D 26 -11.15 -14.09 -27.21
C GLU D 26 -10.03 -13.76 -26.23
N ASN D 27 -9.96 -12.50 -25.79
CA ASN D 27 -8.82 -12.04 -25.00
C ASN D 27 -9.07 -12.06 -23.50
N ARG D 28 -10.22 -12.55 -23.05
CA ARG D 28 -10.53 -12.54 -21.63
C ARG D 28 -11.32 -13.79 -21.26
N SER D 29 -11.29 -14.12 -19.97
CA SER D 29 -12.03 -15.22 -19.39
C SER D 29 -12.76 -14.67 -18.17
N VAL D 30 -14.00 -14.23 -18.36
CA VAL D 30 -14.77 -13.55 -17.33
C VAL D 30 -15.72 -14.53 -16.67
N ILE D 31 -15.70 -14.58 -15.34
CA ILE D 31 -16.58 -15.45 -14.58
C ILE D 31 -17.85 -14.68 -14.24
N GLN D 32 -18.89 -15.42 -13.84
CA GLN D 32 -20.18 -14.81 -13.55
C GLN D 32 -20.11 -13.95 -12.30
N LYS D 33 -20.84 -12.84 -12.30
CA LYS D 33 -20.83 -11.88 -11.21
C LYS D 33 -22.25 -11.50 -10.82
N ILE D 34 -22.41 -11.09 -9.57
CA ILE D 34 -23.68 -10.59 -9.05
C ILE D 34 -23.42 -9.25 -8.39
N LEU D 35 -24.44 -8.38 -8.43
CA LEU D 35 -24.38 -7.05 -7.83
C LEU D 35 -25.00 -7.11 -6.44
N LYS D 36 -24.17 -6.97 -5.41
CA LYS D 36 -24.61 -7.00 -4.02
C LYS D 36 -24.14 -5.71 -3.34
N ASP D 37 -25.08 -4.86 -2.98
CA ASP D 37 -24.82 -3.63 -2.22
C ASP D 37 -23.79 -2.75 -2.92
N GLY D 38 -23.81 -2.71 -4.25
CA GLY D 38 -22.88 -1.90 -5.01
C GLY D 38 -21.56 -2.56 -5.33
N GLN D 39 -21.32 -3.78 -4.85
CA GLN D 39 -20.10 -4.52 -5.14
C GLN D 39 -20.42 -5.73 -6.01
N LYS D 40 -19.36 -6.38 -6.49
CA LYS D 40 -19.50 -7.55 -7.35
C LYS D 40 -19.03 -8.78 -6.59
N TYR D 41 -19.79 -9.87 -6.71
CA TYR D 41 -19.51 -11.11 -6.00
C TYR D 41 -19.60 -12.29 -6.95
N ALA D 42 -18.86 -13.34 -6.64
CA ALA D 42 -18.82 -14.52 -7.49
C ALA D 42 -20.07 -15.37 -7.32
N ILE D 43 -20.42 -16.11 -8.38
CA ILE D 43 -21.62 -16.94 -8.44
C ILE D 43 -21.26 -18.32 -8.98
N ILE D 44 -21.84 -19.35 -8.38
CA ILE D 44 -21.80 -20.72 -8.90
C ILE D 44 -23.23 -21.23 -8.96
N SER D 45 -23.67 -21.58 -10.16
CA SER D 45 -25.07 -21.96 -10.37
C SER D 45 -25.36 -23.33 -9.74
N PRO D 46 -26.61 -23.56 -9.33
CA PRO D 46 -26.95 -24.85 -8.71
C PRO D 46 -26.82 -26.05 -9.64
N GLU D 47 -26.83 -25.83 -10.96
CA GLU D 47 -26.71 -26.95 -11.90
C GLU D 47 -25.39 -27.68 -11.72
N SER D 48 -24.31 -26.94 -11.44
CA SER D 48 -23.02 -27.58 -11.20
C SER D 48 -23.08 -28.51 -10.00
N MET D 49 -23.70 -28.06 -8.91
CA MET D 49 -23.83 -28.93 -7.74
C MET D 49 -24.72 -30.13 -8.02
N ARG D 50 -25.80 -29.94 -8.78
CA ARG D 50 -26.64 -31.08 -9.14
C ARG D 50 -25.84 -32.10 -9.95
N ASN D 51 -25.04 -31.64 -10.90
CA ASN D 51 -24.21 -32.55 -11.69
C ASN D 51 -23.18 -33.26 -10.82
N ALA D 52 -22.57 -32.54 -9.88
CA ALA D 52 -21.59 -33.15 -9.00
C ALA D 52 -22.21 -34.21 -8.10
N LEU D 53 -23.40 -33.93 -7.57
CA LEU D 53 -24.10 -34.93 -6.77
C LEU D 53 -24.45 -36.16 -7.61
N ARG D 54 -24.87 -35.95 -8.86
CA ARG D 54 -25.13 -37.09 -9.73
C ARG D 54 -23.87 -37.91 -9.94
N GLU D 55 -22.74 -37.24 -10.17
CA GLU D 55 -21.47 -37.94 -10.39
C GLU D 55 -21.07 -38.75 -9.17
N MET D 56 -21.24 -38.17 -7.97
CA MET D 56 -20.88 -38.91 -6.77
C MET D 56 -21.83 -40.07 -6.50
N LEU D 57 -23.12 -39.90 -6.80
CA LEU D 57 -24.03 -41.04 -6.73
C LEU D 57 -23.60 -42.13 -7.71
N ILE D 58 -23.03 -41.75 -8.85
CA ILE D 58 -22.42 -42.74 -9.74
C ILE D 58 -21.26 -43.43 -9.03
N GLU D 59 -20.44 -42.64 -8.33
CA GLU D 59 -19.20 -43.18 -7.75
C GLU D 59 -19.47 -44.24 -6.69
N LEU D 60 -20.48 -44.02 -5.83
CA LEU D 60 -20.70 -44.90 -4.69
C LEU D 60 -21.40 -46.21 -5.05
N GLY D 61 -21.47 -46.57 -6.32
CA GLY D 61 -22.08 -47.84 -6.70
C GLY D 61 -23.56 -47.90 -6.41
N GLN D 62 -24.28 -46.84 -6.70
CA GLN D 62 -25.71 -46.65 -6.56
C GLN D 62 -26.36 -46.78 -7.93
N PRO D 63 -27.48 -47.50 -8.05
CA PRO D 63 -28.15 -47.61 -9.36
C PRO D 63 -28.48 -46.26 -9.94
N ASN D 64 -28.29 -46.13 -11.24
CA ASN D 64 -28.33 -44.85 -11.93
C ASN D 64 -29.14 -44.95 -13.20
N ASN D 65 -29.52 -43.79 -13.74
CA ASN D 65 -30.25 -43.73 -14.98
C ASN D 65 -29.82 -42.55 -15.85
N ARG D 66 -28.55 -42.14 -15.74
CA ARG D 66 -28.03 -41.03 -16.53
C ARG D 66 -26.51 -40.94 -16.46
N THR D 67 -25.85 -40.74 -17.61
CA THR D 67 -24.42 -40.49 -17.65
C THR D 67 -24.08 -39.85 -18.98
N ARG D 68 -22.90 -39.22 -19.03
CA ARG D 68 -22.43 -38.55 -20.22
C ARG D 68 -21.60 -39.49 -21.08
N LEU D 69 -21.17 -39.02 -22.25
CA LEU D 69 -20.40 -39.85 -23.16
C LEU D 69 -19.10 -39.17 -23.56
N HIS D 70 -19.13 -37.84 -23.70
CA HIS D 70 -17.95 -37.05 -24.08
C HIS D 70 -17.37 -37.49 -25.42
N SER D 71 -18.23 -37.92 -26.35
CA SER D 71 -17.77 -38.39 -27.66
C SER D 71 -18.67 -37.83 -28.76
N GLU D 72 -19.01 -36.54 -28.66
CA GLU D 72 -19.87 -35.91 -29.64
C GLU D 72 -19.37 -34.50 -29.91
N ASP D 73 -19.84 -33.91 -31.01
CA ASP D 73 -19.40 -32.58 -31.40
C ASP D 73 -19.74 -31.54 -30.34
N GLN D 74 -20.96 -31.60 -29.80
CA GLN D 74 -21.40 -30.67 -28.78
C GLN D 74 -21.77 -31.44 -27.51
N LEU D 75 -22.27 -30.71 -26.51
CA LEU D 75 -22.66 -31.33 -25.25
C LEU D 75 -23.80 -32.31 -25.47
N ALA D 76 -23.70 -33.49 -24.86
CA ALA D 76 -24.73 -34.51 -25.01
C ALA D 76 -24.72 -35.42 -23.80
N VAL D 77 -25.91 -35.94 -23.47
CA VAL D 77 -26.09 -36.93 -22.42
C VAL D 77 -26.92 -38.07 -23.00
N GLU D 78 -26.49 -39.31 -22.77
CA GLU D 78 -27.09 -40.47 -23.41
C GLU D 78 -27.90 -41.33 -22.46
N PHE D 79 -27.32 -41.74 -21.32
CA PHE D 79 -27.99 -42.68 -20.43
C PHE D 79 -29.23 -42.10 -19.78
N LYS D 80 -29.43 -40.78 -19.86
CA LYS D 80 -30.59 -40.17 -19.21
C LYS D 80 -31.90 -40.70 -19.78
N GLU D 81 -31.97 -40.84 -21.10
CA GLU D 81 -33.22 -41.17 -21.77
C GLU D 81 -33.17 -42.41 -22.62
N TYR D 82 -31.99 -42.92 -22.97
CA TYR D 82 -31.86 -44.04 -23.90
C TYR D 82 -32.23 -45.37 -23.25
N PRO D 83 -31.58 -45.80 -22.16
CA PRO D 83 -31.86 -47.15 -21.62
C PRO D 83 -32.87 -47.18 -20.48
N ASN D 84 -33.55 -46.07 -20.20
CA ASN D 84 -34.33 -45.97 -18.97
C ASN D 84 -35.81 -45.82 -19.29
N PRO D 85 -36.68 -46.60 -18.65
CA PRO D 85 -38.12 -46.29 -18.65
C PRO D 85 -38.54 -45.33 -17.56
N ASP D 86 -37.58 -44.67 -16.90
CA ASP D 86 -37.86 -43.76 -15.78
C ASP D 86 -38.58 -44.48 -14.65
N LYS D 87 -38.20 -45.75 -14.41
CA LYS D 87 -38.84 -46.52 -13.35
C LYS D 87 -38.43 -46.04 -11.98
N PHE D 88 -37.16 -45.63 -11.81
CA PHE D 88 -36.66 -45.14 -10.52
C PHE D 88 -35.42 -44.31 -10.80
N ALA D 89 -35.51 -43.00 -10.55
CA ALA D 89 -34.43 -42.08 -10.84
C ALA D 89 -33.38 -42.14 -9.74
N ASP D 90 -32.44 -41.19 -9.76
CA ASP D 90 -31.37 -41.16 -8.77
C ASP D 90 -31.89 -40.77 -7.40
N ASP D 91 -32.44 -39.57 -7.29
CA ASP D 91 -33.08 -39.09 -6.06
C ASP D 91 -34.59 -39.05 -6.22
N PHE D 92 -35.14 -40.02 -6.94
CA PHE D 92 -36.58 -40.08 -7.25
C PHE D 92 -37.04 -38.87 -8.03
N LEU D 93 -36.15 -38.30 -8.84
CA LEU D 93 -36.53 -37.13 -9.65
C LEU D 93 -37.62 -37.49 -10.65
N PHE D 94 -37.50 -38.66 -11.29
CA PHE D 94 -38.48 -39.15 -12.26
C PHE D 94 -38.67 -38.14 -13.39
N GLY D 95 -37.58 -37.95 -14.14
CA GLY D 95 -37.49 -36.95 -15.17
C GLY D 95 -38.61 -36.95 -16.19
N TYR D 96 -38.77 -35.84 -16.90
CA TYR D 96 -39.88 -35.67 -17.84
C TYR D 96 -39.38 -35.00 -19.11
N MET D 97 -40.17 -35.15 -20.16
CA MET D 97 -40.03 -34.31 -21.35
C MET D 97 -41.36 -34.35 -22.10
N VAL D 98 -41.67 -33.23 -22.75
CA VAL D 98 -42.98 -33.04 -23.39
C VAL D 98 -42.84 -33.29 -24.88
N ALA D 99 -43.79 -34.02 -25.44
CA ALA D 99 -43.85 -34.29 -26.87
C ALA D 99 -45.26 -34.75 -27.21
N GLN D 100 -45.50 -35.02 -28.50
CA GLN D 100 -46.79 -35.57 -28.90
C GLN D 100 -47.02 -36.94 -28.30
N THR D 101 -45.99 -37.78 -28.24
CA THR D 101 -46.05 -39.05 -27.53
C THR D 101 -44.69 -39.34 -26.94
N ASN D 102 -44.69 -40.10 -25.84
CA ASN D 102 -43.46 -40.47 -25.15
C ASN D 102 -43.68 -41.85 -24.55
N ASP D 103 -43.22 -42.88 -25.24
CA ASP D 103 -43.48 -44.27 -24.84
C ASP D 103 -44.98 -44.49 -24.64
N ALA D 104 -45.74 -44.13 -25.68
CA ALA D 104 -47.20 -44.10 -25.62
C ALA D 104 -47.68 -43.21 -24.47
N LYS D 105 -47.09 -42.02 -24.38
CA LYS D 105 -47.35 -41.04 -23.33
C LYS D 105 -47.05 -41.59 -21.94
N GLU D 106 -46.20 -42.62 -21.87
CA GLU D 106 -45.84 -43.34 -20.65
C GLU D 106 -47.05 -43.58 -19.74
N MET D 107 -48.18 -43.94 -20.33
CA MET D 107 -49.38 -44.32 -19.57
C MET D 107 -49.54 -45.82 -19.47
N LYS D 108 -49.63 -46.51 -20.61
CA LYS D 108 -50.00 -47.92 -20.61
C LYS D 108 -48.89 -48.78 -20.01
N LYS D 109 -47.65 -48.59 -20.46
CA LYS D 109 -46.56 -49.48 -20.05
C LYS D 109 -46.16 -49.24 -18.61
N LEU D 110 -46.03 -47.97 -18.21
CA LEU D 110 -45.55 -47.62 -16.86
C LEU D 110 -46.40 -46.46 -16.37
N ASN D 111 -47.35 -46.75 -15.48
CA ASN D 111 -48.29 -45.75 -15.02
C ASN D 111 -47.62 -44.77 -14.06
N ARG D 112 -47.02 -43.72 -14.62
CA ARG D 112 -46.37 -42.67 -13.85
C ARG D 112 -46.84 -41.31 -14.34
N PRO D 113 -46.82 -40.30 -13.48
CA PRO D 113 -47.17 -38.94 -13.92
C PRO D 113 -46.22 -38.46 -15.00
N ALA D 114 -46.75 -37.66 -15.92
CA ALA D 114 -45.93 -37.13 -17.00
C ALA D 114 -44.82 -36.23 -16.46
N LYS D 115 -45.14 -35.40 -15.47
CA LYS D 115 -44.16 -34.48 -14.89
C LYS D 115 -43.27 -35.23 -13.90
N ARG D 116 -42.50 -34.49 -13.12
CA ARG D 116 -41.50 -35.05 -12.21
C ARG D 116 -41.82 -34.64 -10.78
N ASP D 117 -40.91 -34.99 -9.87
CA ASP D 117 -41.12 -34.85 -8.43
C ASP D 117 -40.32 -33.71 -7.81
N SER D 118 -39.00 -33.69 -8.04
CA SER D 118 -38.10 -32.66 -7.52
C SER D 118 -38.14 -32.59 -6.00
N ILE D 119 -37.71 -33.69 -5.36
CA ILE D 119 -37.68 -33.73 -3.89
C ILE D 119 -36.62 -32.79 -3.35
N PHE D 120 -35.41 -32.86 -3.90
CA PHE D 120 -34.29 -32.08 -3.38
C PHE D 120 -34.45 -30.61 -3.71
N ARG D 121 -33.91 -29.76 -2.84
CA ARG D 121 -33.91 -28.31 -3.03
C ARG D 121 -32.53 -27.76 -2.77
N CYS D 122 -32.20 -26.69 -3.49
CA CYS D 122 -30.88 -26.05 -3.36
C CYS D 122 -31.00 -24.62 -3.85
N ASN D 123 -29.96 -23.84 -3.58
CA ASN D 123 -29.96 -22.43 -3.94
C ASN D 123 -28.57 -22.02 -4.42
N MET D 124 -28.46 -20.75 -4.81
CA MET D 124 -27.24 -20.22 -5.38
C MET D 124 -26.15 -20.07 -4.32
N ALA D 125 -24.90 -20.26 -4.74
CA ALA D 125 -23.74 -20.07 -3.88
C ALA D 125 -23.14 -18.69 -4.16
N VAL D 126 -22.99 -17.89 -3.10
CA VAL D 126 -22.52 -16.52 -3.23
C VAL D 126 -21.26 -16.35 -2.40
N ALA D 127 -20.39 -15.46 -2.85
CA ALA D 127 -19.12 -15.22 -2.18
C ALA D 127 -19.34 -14.43 -0.89
N VAL D 128 -18.23 -14.15 -0.18
CA VAL D 128 -18.29 -13.37 1.06
C VAL D 128 -17.55 -12.05 0.95
N ASN D 129 -16.58 -11.90 0.05
CA ASN D 129 -15.87 -10.65 -0.14
C ASN D 129 -15.65 -10.42 -1.63
N PRO D 130 -15.60 -9.16 -2.07
CA PRO D 130 -15.54 -8.86 -3.50
C PRO D 130 -14.15 -9.13 -4.07
N TYR D 131 -13.99 -8.80 -5.35
CA TYR D 131 -12.74 -8.97 -6.07
C TYR D 131 -12.31 -7.62 -6.65
N LYS D 132 -11.09 -7.57 -7.18
CA LYS D 132 -10.54 -6.35 -7.76
C LYS D 132 -9.98 -6.66 -9.16
N TYR D 133 -10.86 -6.67 -10.16
CA TYR D 133 -10.50 -6.70 -11.58
C TYR D 133 -9.54 -7.82 -11.96
N ASP D 134 -8.91 -7.68 -13.12
CA ASP D 134 -8.01 -8.71 -13.64
C ASP D 134 -6.80 -8.89 -12.74
N THR D 135 -6.36 -10.13 -12.60
CA THR D 135 -5.22 -10.39 -11.73
C THR D 135 -4.10 -11.18 -12.39
N VAL D 136 -4.43 -12.18 -13.22
CA VAL D 136 -3.45 -13.15 -13.68
C VAL D 136 -3.24 -13.00 -15.19
N PHE D 137 -2.08 -13.45 -15.64
CA PHE D 137 -1.68 -13.39 -17.04
C PHE D 137 -1.64 -14.80 -17.60
N TYR D 138 -1.41 -14.90 -18.92
CA TYR D 138 -1.45 -16.20 -19.59
C TYR D 138 -0.66 -16.10 -20.90
N GLN D 139 -0.54 -17.24 -21.58
CA GLN D 139 0.18 -17.33 -22.84
C GLN D 139 -0.22 -18.65 -23.52
N SER D 140 -0.20 -18.64 -24.85
CA SER D 140 -0.54 -19.81 -25.65
C SER D 140 0.57 -20.12 -26.63
N PRO D 141 0.79 -21.39 -26.95
CA PRO D 141 1.81 -21.76 -27.93
C PRO D 141 1.40 -21.35 -29.34
N LEU D 142 2.38 -21.36 -30.24
CA LEU D 142 2.14 -20.94 -31.61
C LEU D 142 1.27 -21.93 -32.37
N ASN D 143 1.76 -23.15 -32.53
CA ASN D 143 1.08 -24.17 -33.33
C ASN D 143 1.75 -25.50 -33.05
N ALA D 144 1.39 -26.52 -33.82
CA ALA D 144 2.07 -27.82 -33.73
C ALA D 144 3.46 -27.79 -34.34
N GLY D 145 3.85 -26.69 -35.00
CA GLY D 145 5.19 -26.55 -35.53
C GLY D 145 5.49 -27.42 -36.73
N ASP D 146 6.43 -28.35 -36.57
CA ASP D 146 6.83 -29.20 -37.69
C ASP D 146 5.69 -30.12 -38.13
N SER D 147 5.04 -30.77 -37.17
CA SER D 147 3.92 -31.65 -37.50
C SER D 147 2.71 -30.81 -37.88
N ALA D 148 2.06 -31.19 -38.99
CA ALA D 148 0.90 -30.46 -39.49
C ALA D 148 -0.37 -31.22 -39.10
N TRP D 149 -0.73 -31.10 -37.83
CA TRP D 149 -2.00 -31.67 -37.38
C TRP D 149 -2.88 -30.66 -36.65
N LYS D 150 -2.27 -29.75 -35.88
CA LYS D 150 -3.06 -28.72 -35.21
C LYS D 150 -3.40 -27.59 -36.17
N ASN D 151 -2.39 -26.93 -36.72
CA ASN D 151 -2.56 -25.92 -37.76
C ASN D 151 -3.49 -24.79 -37.30
N SER D 152 -3.32 -24.36 -36.05
CA SER D 152 -4.12 -23.24 -35.55
C SER D 152 -3.66 -21.92 -36.14
N THR D 153 -2.35 -21.77 -36.36
CA THR D 153 -1.75 -20.54 -36.91
C THR D 153 -2.18 -19.32 -36.09
N SER D 154 -2.16 -19.46 -34.78
CA SER D 154 -2.65 -18.42 -33.88
C SER D 154 -1.54 -17.48 -33.42
N SER D 155 -0.52 -18.04 -32.77
CA SER D 155 0.53 -17.24 -32.11
C SER D 155 -0.08 -16.28 -31.10
N ALA D 156 -1.14 -16.70 -30.43
CA ALA D 156 -1.93 -15.81 -29.61
C ALA D 156 -1.25 -15.55 -28.26
N LEU D 157 -1.80 -14.58 -27.53
CA LEU D 157 -1.30 -14.22 -26.22
C LEU D 157 -2.44 -13.56 -25.46
N LEU D 158 -2.98 -14.26 -24.47
CA LEU D 158 -4.16 -13.79 -23.75
C LEU D 158 -3.97 -13.86 -22.24
N HIS D 159 -5.04 -13.60 -21.48
CA HIS D 159 -4.99 -13.69 -20.03
C HIS D 159 -6.39 -13.94 -19.50
N ARG D 160 -6.46 -14.55 -18.33
CA ARG D 160 -7.72 -14.92 -17.70
C ARG D 160 -7.85 -14.20 -16.35
N GLU D 161 -8.89 -14.56 -15.60
CA GLU D 161 -9.22 -13.88 -14.34
C GLU D 161 -9.32 -14.90 -13.22
N VAL D 162 -8.67 -14.59 -12.10
CA VAL D 162 -8.74 -15.42 -10.89
C VAL D 162 -8.95 -14.50 -9.69
N THR D 163 -9.43 -15.10 -8.61
CA THR D 163 -9.65 -14.37 -7.36
C THR D 163 -9.61 -15.34 -6.20
N HIS D 164 -9.35 -14.80 -5.01
CA HIS D 164 -9.23 -15.58 -3.78
C HIS D 164 -10.42 -15.29 -2.88
N THR D 165 -11.23 -16.31 -2.60
CA THR D 165 -12.47 -16.13 -1.85
C THR D 165 -12.97 -17.47 -1.38
N ALA D 166 -13.48 -17.52 -0.15
CA ALA D 166 -14.27 -18.63 0.35
C ALA D 166 -15.74 -18.23 0.35
N PHE D 167 -16.61 -19.18 0.03
CA PHE D 167 -18.03 -18.87 -0.14
C PHE D 167 -18.89 -19.98 0.44
N GLN D 168 -20.14 -19.63 0.73
CA GLN D 168 -21.07 -20.49 1.43
C GLN D 168 -22.39 -20.56 0.67
N TYR D 169 -23.16 -21.61 0.93
CA TYR D 169 -24.46 -21.78 0.30
C TYR D 169 -25.36 -22.60 1.22
N PRO D 170 -26.68 -22.37 1.18
CA PRO D 170 -27.61 -23.22 1.94
C PRO D 170 -28.23 -24.33 1.09
N PHE D 171 -28.97 -25.21 1.76
CA PHE D 171 -29.75 -26.25 1.10
C PHE D 171 -30.81 -26.74 2.08
N ALA D 172 -31.82 -27.43 1.55
CA ALA D 172 -32.95 -27.87 2.33
C ALA D 172 -33.34 -29.30 1.94
N LEU D 173 -34.24 -29.88 2.74
CA LEU D 173 -34.73 -31.23 2.50
C LEU D 173 -35.99 -31.45 3.32
N ALA D 174 -37.06 -31.86 2.66
CA ALA D 174 -38.32 -32.15 3.34
C ALA D 174 -38.21 -33.46 4.11
N GLY D 175 -39.13 -33.63 5.07
CA GLY D 175 -39.11 -34.80 5.92
C GLY D 175 -40.25 -35.76 5.69
N LYS D 176 -41.35 -35.27 5.12
CA LYS D 176 -42.52 -36.11 4.90
C LYS D 176 -42.30 -37.15 3.81
N ASP D 177 -41.28 -36.97 2.97
CA ASP D 177 -40.98 -37.91 1.90
C ASP D 177 -40.17 -39.07 2.49
N CYS D 178 -40.84 -40.20 2.71
CA CYS D 178 -40.23 -41.34 3.40
C CYS D 178 -40.47 -42.64 2.64
N ALA D 179 -40.58 -42.58 1.32
CA ALA D 179 -40.77 -43.76 0.48
C ALA D 179 -39.42 -44.21 -0.04
N ALA D 180 -39.06 -45.46 0.25
CA ALA D 180 -37.76 -46.02 -0.12
C ALA D 180 -36.61 -45.15 0.41
N LYS D 181 -36.81 -44.59 1.59
CA LYS D 181 -35.87 -43.67 2.22
C LYS D 181 -34.66 -44.33 2.87
N PRO D 182 -34.78 -45.49 3.54
CA PRO D 182 -33.74 -45.87 4.52
C PRO D 182 -32.33 -45.95 3.96
N GLU D 183 -32.15 -46.38 2.71
CA GLU D 183 -30.82 -46.51 2.15
C GLU D 183 -30.55 -45.59 0.97
N TRP D 184 -31.57 -44.91 0.43
CA TRP D 184 -31.34 -44.03 -0.71
C TRP D 184 -30.85 -42.66 -0.26
N VAL D 185 -31.66 -41.95 0.54
CA VAL D 185 -31.37 -40.56 0.85
C VAL D 185 -30.16 -40.43 1.78
N LYS D 186 -29.93 -41.41 2.66
CA LYS D 186 -28.79 -41.33 3.56
C LYS D 186 -27.48 -41.36 2.80
N ALA D 187 -27.42 -42.09 1.68
CA ALA D 187 -26.23 -42.06 0.84
C ALA D 187 -25.98 -40.67 0.28
N LEU D 188 -27.05 -40.00 -0.16
CA LEU D 188 -26.91 -38.62 -0.64
C LEU D 188 -26.43 -37.71 0.48
N LEU D 189 -26.99 -37.85 1.67
CA LEU D 189 -26.58 -37.01 2.79
C LEU D 189 -25.12 -37.24 3.14
N GLN D 190 -24.67 -38.49 3.09
CA GLN D 190 -23.26 -38.78 3.31
C GLN D 190 -22.39 -38.14 2.23
N ALA D 191 -22.84 -38.21 0.97
CA ALA D 191 -22.08 -37.62 -0.13
C ALA D 191 -22.06 -36.10 -0.09
N ILE D 192 -23.00 -35.48 0.65
CA ILE D 192 -22.96 -34.03 0.81
C ILE D 192 -21.65 -33.59 1.45
N ALA D 193 -21.02 -34.47 2.22
CA ALA D 193 -19.79 -34.10 2.92
C ALA D 193 -18.58 -33.95 2.00
N GLU D 194 -18.62 -34.46 0.77
CA GLU D 194 -17.41 -34.50 -0.06
C GLU D 194 -17.31 -33.31 -1.01
N LEU D 195 -18.20 -33.24 -1.99
CA LEU D 195 -18.25 -32.16 -2.99
C LEU D 195 -16.86 -31.73 -3.45
N ASN D 196 -16.13 -32.69 -4.05
CA ASN D 196 -14.79 -32.39 -4.53
C ASN D 196 -14.80 -31.80 -5.93
N GLY D 197 -15.37 -32.51 -6.90
CA GLY D 197 -15.34 -32.08 -8.28
C GLY D 197 -16.54 -31.31 -8.76
N VAL D 198 -16.83 -30.16 -8.13
CA VAL D 198 -17.91 -29.28 -8.56
C VAL D 198 -17.29 -27.94 -8.95
N ALA D 199 -16.99 -27.80 -10.23
CA ALA D 199 -16.38 -26.59 -10.77
C ALA D 199 -16.44 -26.68 -12.29
N GLY D 200 -15.81 -25.72 -12.96
CA GLY D 200 -15.72 -25.71 -14.39
C GLY D 200 -14.28 -25.83 -14.87
N GLY D 201 -13.50 -26.67 -14.20
CA GLY D 201 -12.11 -26.84 -14.52
C GLY D 201 -11.26 -27.10 -13.30
N HIS D 202 -10.41 -28.13 -13.35
CA HIS D 202 -9.64 -28.53 -12.18
C HIS D 202 -8.16 -28.75 -12.46
N ALA D 203 -7.73 -28.76 -13.73
CA ALA D 203 -6.33 -29.00 -14.04
C ALA D 203 -5.42 -27.89 -13.54
N ARG D 204 -5.98 -26.73 -13.19
CA ARG D 204 -5.18 -25.61 -12.70
C ARG D 204 -5.75 -24.94 -11.45
N ALA D 205 -7.04 -25.09 -11.17
CA ALA D 205 -7.66 -24.44 -10.01
C ALA D 205 -7.71 -25.37 -8.80
N TYR D 206 -8.38 -26.52 -8.93
CA TYR D 206 -8.47 -27.53 -7.88
C TYR D 206 -9.07 -26.95 -6.60
N TYR D 207 -10.34 -26.57 -6.70
CA TYR D 207 -11.11 -26.15 -5.54
C TYR D 207 -11.91 -27.31 -4.98
N GLU D 208 -12.00 -27.36 -3.66
CA GLU D 208 -12.72 -28.42 -2.97
C GLU D 208 -13.76 -27.79 -2.05
N PHE D 209 -14.97 -28.34 -2.05
CA PHE D 209 -16.06 -27.82 -1.23
C PHE D 209 -16.13 -28.54 0.11
N ALA D 210 -15.02 -28.59 0.82
CA ALA D 210 -14.99 -29.26 2.11
C ALA D 210 -15.73 -28.42 3.14
N PRO D 211 -16.75 -28.97 3.80
CA PRO D 211 -17.49 -28.18 4.80
C PRO D 211 -16.60 -27.79 5.97
N ARG D 212 -16.84 -26.61 6.52
CA ARG D 212 -16.12 -26.11 7.67
C ARG D 212 -17.00 -25.88 8.89
N SER D 213 -18.27 -25.52 8.70
CA SER D 213 -19.21 -25.34 9.79
C SER D 213 -20.62 -25.61 9.27
N VAL D 214 -21.46 -26.16 10.12
CA VAL D 214 -22.82 -26.54 9.73
C VAL D 214 -23.80 -26.17 10.84
N VAL D 215 -24.98 -25.71 10.45
CA VAL D 215 -26.12 -25.54 11.34
C VAL D 215 -27.33 -26.13 10.62
N ALA D 216 -27.81 -27.27 11.09
CA ALA D 216 -28.65 -28.14 10.27
C ALA D 216 -29.87 -28.67 11.04
N ARG D 217 -30.59 -27.80 11.75
CA ARG D 217 -31.76 -28.30 12.46
C ARG D 217 -32.69 -27.17 12.87
N LEU D 218 -33.99 -27.46 12.79
CA LEU D 218 -35.02 -26.72 13.50
C LEU D 218 -36.16 -27.66 13.85
N THR D 219 -37.25 -27.08 14.37
CA THR D 219 -38.37 -27.85 14.86
C THR D 219 -39.15 -28.48 13.70
N PRO D 220 -39.98 -29.49 13.98
CA PRO D 220 -40.78 -30.10 12.91
C PRO D 220 -41.87 -29.18 12.38
N LYS D 221 -41.46 -28.14 11.67
CA LYS D 221 -42.38 -27.22 11.01
C LYS D 221 -41.70 -26.69 9.76
N LEU D 222 -42.25 -25.63 9.18
CA LEU D 222 -41.67 -25.04 8.00
C LEU D 222 -40.45 -24.20 8.38
N VAL D 223 -39.73 -23.71 7.37
CA VAL D 223 -38.48 -22.99 7.60
C VAL D 223 -38.77 -21.67 8.29
N ALA D 224 -38.02 -21.39 9.35
CA ALA D 224 -38.14 -20.12 10.06
C ALA D 224 -37.37 -18.99 9.39
N GLY D 225 -36.48 -19.30 8.45
CA GLY D 225 -35.75 -18.29 7.72
C GLY D 225 -34.88 -17.39 8.56
N TYR D 226 -34.12 -17.98 9.49
CA TYR D 226 -33.23 -17.22 10.35
C TYR D 226 -31.96 -16.82 9.61
N GLN D 227 -32.15 -15.98 8.58
CA GLN D 227 -31.05 -15.51 7.74
C GLN D 227 -30.28 -16.68 7.13
N THR D 228 -30.97 -17.41 6.25
CA THR D 228 -30.41 -18.63 5.68
C THR D 228 -29.10 -18.39 4.95
N TYR D 229 -28.83 -17.15 4.53
CA TYR D 229 -27.55 -16.80 3.90
C TYR D 229 -26.61 -16.14 4.90
N GLY D 230 -26.61 -16.61 6.14
CA GLY D 230 -25.74 -16.10 7.20
C GLY D 230 -24.32 -15.85 6.76
N PHE D 231 -23.85 -14.61 6.91
CA PHE D 231 -22.56 -14.22 6.36
C PHE D 231 -21.41 -14.94 7.05
N ASP D 232 -21.61 -15.37 8.29
CA ASP D 232 -20.63 -16.06 9.14
C ASP D 232 -19.42 -15.18 9.46
N ALA D 233 -19.39 -13.92 9.02
CA ALA D 233 -18.35 -12.96 9.39
C ALA D 233 -16.95 -13.54 9.21
N GLU D 234 -16.76 -14.28 8.12
CA GLU D 234 -15.49 -14.95 7.82
C GLU D 234 -15.05 -15.84 8.98
N GLY D 235 -15.99 -16.59 9.55
CA GLY D 235 -15.65 -17.53 10.60
C GLY D 235 -16.59 -17.50 11.79
N ASN D 236 -17.14 -16.33 12.10
CA ASN D 236 -18.01 -16.17 13.25
C ASN D 236 -19.43 -16.64 12.91
N TRP D 237 -20.39 -16.29 13.77
CA TRP D 237 -21.79 -16.55 13.51
C TRP D 237 -22.59 -15.44 14.18
N LEU D 238 -23.56 -14.89 13.46
CA LEU D 238 -24.24 -13.68 13.89
C LEU D 238 -25.46 -13.96 14.77
N GLU D 239 -25.75 -15.21 15.09
CA GLU D 239 -26.96 -15.56 15.82
C GLU D 239 -26.66 -16.26 17.14
N LEU D 240 -25.48 -15.99 17.72
CA LEU D 240 -25.19 -16.52 19.06
C LEU D 240 -26.16 -15.95 20.09
N SER D 241 -26.49 -14.66 19.99
CA SER D 241 -27.49 -14.09 20.89
C SER D 241 -28.84 -14.73 20.69
N ARG D 242 -29.18 -15.08 19.45
CA ARG D 242 -30.46 -15.68 19.12
C ARG D 242 -30.49 -17.18 19.36
N LEU D 243 -29.53 -17.73 20.10
CA LEU D 243 -29.52 -19.15 20.44
C LEU D 243 -29.23 -19.40 21.91
N THR D 244 -28.96 -18.37 22.72
CA THR D 244 -28.56 -18.58 24.10
C THR D 244 -29.73 -19.07 24.96
N ALA D 245 -30.89 -18.44 24.81
CA ALA D 245 -32.02 -18.68 25.72
C ALA D 245 -32.66 -20.02 25.41
N THR D 246 -31.98 -21.09 25.87
CA THR D 246 -32.44 -22.44 25.57
C THR D 246 -33.82 -22.71 26.16
N ASP D 247 -34.06 -22.27 27.39
CA ASP D 247 -35.37 -22.43 28.02
C ASP D 247 -35.45 -21.44 29.17
N SER D 248 -36.33 -20.46 29.06
CA SER D 248 -36.47 -19.43 30.09
C SER D 248 -37.86 -18.81 29.94
N ASP D 249 -38.05 -17.67 30.60
CA ASP D 249 -39.35 -16.99 30.55
C ASP D 249 -39.70 -16.55 29.12
N ASN D 250 -38.73 -15.98 28.41
CA ASN D 250 -39.00 -15.49 27.06
C ASN D 250 -39.24 -16.63 26.09
N LEU D 251 -38.36 -17.65 26.11
CA LEU D 251 -38.42 -18.78 25.19
C LEU D 251 -38.51 -18.32 23.74
N ASP D 252 -37.68 -17.34 23.40
CA ASP D 252 -37.68 -16.75 22.07
C ASP D 252 -36.86 -17.55 21.07
N LEU D 253 -36.42 -18.75 21.41
CA LEU D 253 -35.60 -19.55 20.51
C LEU D 253 -35.61 -21.01 20.94
N PRO D 254 -35.84 -21.94 20.02
CA PRO D 254 -35.68 -23.37 20.34
C PRO D 254 -34.22 -23.78 20.19
N ALA D 255 -33.56 -24.02 21.31
CA ALA D 255 -32.17 -24.47 21.31
C ALA D 255 -32.04 -25.97 21.52
N ASN D 256 -33.15 -26.68 21.65
CA ASN D 256 -33.11 -28.14 21.82
C ASN D 256 -32.89 -28.87 20.51
N GLU D 257 -33.03 -28.19 19.38
CA GLU D 257 -32.88 -28.81 18.06
C GLU D 257 -31.86 -28.00 17.27
N PHE D 258 -30.57 -28.34 17.43
CA PHE D 258 -29.50 -27.67 16.71
C PHE D 258 -28.27 -28.57 16.72
N TRP D 259 -27.42 -28.37 15.72
CA TRP D 259 -26.14 -29.07 15.63
C TRP D 259 -25.12 -28.10 15.06
N LEU D 260 -23.91 -28.11 15.62
CA LEU D 260 -22.89 -27.12 15.31
C LEU D 260 -21.67 -27.78 14.67
N GLY D 261 -21.06 -27.06 13.74
CA GLY D 261 -19.96 -27.59 12.97
C GLY D 261 -18.64 -27.54 13.71
N GLY D 262 -17.55 -27.72 12.95
CA GLY D 262 -16.23 -27.82 13.52
C GLY D 262 -15.66 -26.53 14.09
N GLU D 263 -15.40 -25.55 13.23
CA GLU D 263 -14.71 -24.34 13.64
C GLU D 263 -15.54 -23.50 14.62
N LEU D 264 -16.86 -23.68 14.64
CA LEU D 264 -17.69 -22.98 15.60
C LEU D 264 -17.55 -23.55 17.01
N VAL D 265 -16.89 -24.70 17.16
CA VAL D 265 -16.70 -25.32 18.46
C VAL D 265 -15.21 -25.33 18.79
N ARG D 266 -14.37 -25.28 17.76
CA ARG D 266 -12.93 -25.27 17.99
C ARG D 266 -12.49 -24.02 18.74
N LYS D 267 -13.17 -22.89 18.53
CA LYS D 267 -12.86 -21.66 19.26
C LYS D 267 -13.52 -21.74 20.63
N MET D 268 -12.83 -22.43 21.55
CA MET D 268 -13.39 -22.71 22.86
C MET D 268 -13.63 -21.43 23.64
N ASP D 269 -14.75 -21.40 24.36
CA ASP D 269 -15.13 -20.26 25.18
C ASP D 269 -16.04 -20.74 26.30
N GLN D 270 -16.23 -19.87 27.29
CA GLN D 270 -17.15 -20.19 28.38
C GLN D 270 -18.58 -20.30 27.87
N GLU D 271 -18.97 -19.43 26.93
CA GLU D 271 -20.30 -19.55 26.35
C GLU D 271 -20.47 -20.86 25.60
N GLN D 272 -19.38 -21.44 25.09
CA GLN D 272 -19.46 -22.78 24.51
C GLN D 272 -19.90 -23.79 25.55
N LYS D 273 -19.34 -23.71 26.76
CA LYS D 273 -19.82 -24.55 27.85
C LYS D 273 -21.26 -24.23 28.22
N ALA D 274 -21.65 -22.96 28.11
CA ALA D 274 -23.03 -22.58 28.38
C ALA D 274 -23.99 -23.26 27.42
N GLN D 275 -23.64 -23.31 26.13
CA GLN D 275 -24.47 -24.06 25.19
C GLN D 275 -24.37 -25.56 25.44
N LEU D 276 -23.21 -26.04 25.85
CA LEU D 276 -23.05 -27.47 26.12
C LEU D 276 -23.98 -27.93 27.23
N GLU D 277 -24.06 -27.18 28.32
CA GLU D 277 -25.00 -27.53 29.37
C GLU D 277 -26.44 -27.29 28.92
N ALA D 278 -26.65 -26.36 28.00
CA ALA D 278 -27.97 -26.20 27.41
C ALA D 278 -28.34 -27.42 26.58
N MET D 279 -29.58 -27.87 26.72
CA MET D 279 -30.01 -29.10 26.07
C MET D 279 -30.11 -28.92 24.56
N GLY D 280 -29.79 -30.00 23.83
CA GLY D 280 -29.98 -30.06 22.40
C GLY D 280 -28.90 -29.41 21.56
N ALA D 281 -27.87 -28.83 22.19
CA ALA D 281 -26.82 -28.16 21.41
C ALA D 281 -26.04 -29.16 20.57
N HIS D 282 -25.56 -30.24 21.20
CA HIS D 282 -24.80 -31.28 20.53
C HIS D 282 -23.60 -30.70 19.77
N LEU D 283 -22.69 -30.10 20.53
CA LEU D 283 -21.49 -29.52 19.95
C LEU D 283 -20.57 -30.62 19.45
N TYR D 284 -20.25 -30.59 18.17
CA TYR D 284 -19.44 -31.61 17.52
C TYR D 284 -18.15 -30.99 16.99
N ALA D 285 -17.26 -31.85 16.50
CA ALA D 285 -15.98 -31.42 15.95
C ALA D 285 -15.72 -31.89 14.53
N ASN D 286 -16.20 -33.08 14.16
CA ASN D 286 -16.01 -33.60 12.81
C ASN D 286 -17.32 -33.53 12.05
N PRO D 287 -17.41 -32.75 10.97
CA PRO D 287 -18.70 -32.62 10.26
C PRO D 287 -19.23 -33.92 9.69
N GLU D 288 -18.37 -34.84 9.26
CA GLU D 288 -18.84 -36.06 8.61
C GLU D 288 -19.59 -36.96 9.61
N LYS D 289 -19.05 -37.13 10.81
CA LYS D 289 -19.76 -37.93 11.81
C LYS D 289 -21.01 -37.21 12.30
N LEU D 290 -21.00 -35.87 12.28
CA LEU D 290 -22.22 -35.12 12.54
C LEU D 290 -23.30 -35.46 11.51
N PHE D 291 -22.92 -35.48 10.23
CA PHE D 291 -23.89 -35.82 9.18
C PHE D 291 -24.39 -37.25 9.33
N ALA D 292 -23.49 -38.17 9.69
CA ALA D 292 -23.91 -39.55 9.91
C ALA D 292 -24.90 -39.63 11.06
N ASP D 293 -24.64 -38.93 12.16
CA ASP D 293 -25.55 -38.94 13.30
C ASP D 293 -26.90 -38.32 12.93
N LEU D 294 -26.88 -37.23 12.16
CA LEU D 294 -28.14 -36.62 11.72
C LEU D 294 -28.93 -37.57 10.85
N ALA D 295 -28.26 -38.29 9.94
CA ALA D 295 -28.96 -39.25 9.10
C ALA D 295 -29.56 -40.37 9.94
N ASP D 296 -28.81 -40.85 10.94
CA ASP D 296 -29.34 -41.90 11.80
C ASP D 296 -30.53 -41.42 12.62
N SER D 297 -30.48 -40.19 13.12
CA SER D 297 -31.52 -39.67 14.01
C SER D 297 -32.70 -39.06 13.25
N PHE D 298 -32.60 -38.89 11.94
CA PHE D 298 -33.66 -38.29 11.14
C PHE D 298 -34.47 -39.33 10.37
N LEU D 299 -33.83 -40.37 9.84
CA LEU D 299 -34.53 -41.41 9.12
C LEU D 299 -34.97 -42.55 10.04
N GLY D 300 -34.01 -43.18 10.72
CA GLY D 300 -34.35 -44.24 11.66
C GLY D 300 -35.12 -43.75 12.85
N VAL D 301 -34.72 -42.61 13.41
CA VAL D 301 -35.38 -42.06 14.58
C VAL D 301 -36.35 -40.95 14.17
N ASN E 3 -9.54 -48.17 -4.45
CA ASN E 3 -8.46 -47.26 -4.83
C ASN E 3 -8.11 -46.32 -3.68
N LEU E 4 -6.92 -45.71 -3.77
CA LEU E 4 -6.43 -44.78 -2.77
C LEU E 4 -6.08 -43.46 -3.43
N ASN E 5 -6.34 -42.37 -2.72
CA ASN E 5 -6.10 -41.03 -3.23
C ASN E 5 -5.24 -40.24 -2.26
N LEU E 6 -4.14 -39.69 -2.74
CA LEU E 6 -3.21 -38.94 -1.92
C LEU E 6 -3.06 -37.52 -2.45
N PHE E 7 -2.67 -36.62 -1.56
CA PHE E 7 -2.43 -35.23 -1.90
C PHE E 7 -1.56 -34.59 -0.83
N ALA E 8 -0.69 -33.68 -1.25
CA ALA E 8 0.38 -33.20 -0.38
C ALA E 8 0.64 -31.72 -0.63
N THR E 9 1.46 -31.15 0.26
CA THR E 9 1.83 -29.74 0.19
C THR E 9 3.29 -29.58 0.60
N ILE E 10 3.96 -28.61 -0.02
CA ILE E 10 5.39 -28.37 0.15
C ILE E 10 5.61 -26.88 0.35
N LEU E 11 6.82 -26.54 0.82
CA LEU E 11 7.32 -25.18 0.74
C LEU E 11 8.80 -25.23 0.42
N THR E 12 9.34 -24.12 -0.08
CA THR E 12 10.72 -24.03 -0.52
C THR E 12 11.52 -23.12 0.41
N TYR E 13 12.84 -23.14 0.25
CA TYR E 13 13.74 -22.35 1.08
C TYR E 13 13.64 -20.87 0.73
N PRO E 14 13.91 -19.99 1.69
CA PRO E 14 13.85 -18.55 1.43
C PRO E 14 15.08 -18.08 0.66
N ALA E 15 14.86 -17.23 -0.35
CA ALA E 15 15.91 -16.66 -1.16
C ALA E 15 15.33 -15.54 -2.03
N PRO E 16 16.13 -14.58 -2.48
CA PRO E 16 15.61 -13.59 -3.42
C PRO E 16 15.15 -14.25 -4.71
N ALA E 17 14.08 -13.71 -5.27
CA ALA E 17 13.47 -14.32 -6.45
C ALA E 17 12.84 -13.24 -7.32
N SER E 18 12.66 -13.58 -8.60
CA SER E 18 12.04 -12.67 -9.54
C SER E 18 11.47 -13.47 -10.70
N ASN E 19 10.26 -13.09 -11.13
CA ASN E 19 9.59 -13.71 -12.28
C ASN E 19 8.86 -12.59 -13.03
N TYR E 20 9.54 -12.00 -14.01
CA TYR E 20 8.95 -10.92 -14.78
C TYR E 20 7.87 -11.47 -15.70
N ARG E 21 6.63 -11.06 -15.46
CA ARG E 21 5.48 -11.58 -16.19
C ARG E 21 4.53 -10.50 -16.70
N GLY E 22 4.50 -9.32 -16.10
CA GLY E 22 3.50 -8.33 -16.47
C GLY E 22 3.72 -7.75 -17.85
N GLU E 23 4.97 -7.41 -18.19
CA GLU E 23 5.29 -6.66 -19.39
C GLU E 23 4.45 -5.38 -19.48
N SER E 24 4.35 -4.68 -18.34
CA SER E 24 3.53 -3.48 -18.27
C SER E 24 4.06 -2.39 -19.20
N GLU E 25 5.37 -2.20 -19.23
CA GLU E 25 5.98 -1.16 -20.05
C GLU E 25 7.41 -1.56 -20.35
N GLU E 26 8.16 -0.64 -20.96
CA GLU E 26 9.56 -0.87 -21.28
C GLU E 26 10.50 -0.50 -20.14
N ASN E 27 10.17 0.53 -19.36
CA ASN E 27 11.07 1.04 -18.33
C ASN E 27 10.96 0.28 -17.02
N ARG E 28 10.09 -0.72 -16.94
CA ARG E 28 9.89 -1.44 -15.69
C ARG E 28 9.34 -2.83 -15.99
N SER E 29 9.54 -3.73 -15.02
CA SER E 29 8.97 -5.08 -15.07
C SER E 29 8.32 -5.36 -13.72
N VAL E 30 7.12 -5.91 -13.76
CA VAL E 30 6.36 -6.17 -12.55
C VAL E 30 6.20 -7.66 -12.36
N ILE E 31 5.96 -8.06 -11.10
CA ILE E 31 5.93 -9.47 -10.74
C ILE E 31 4.55 -9.83 -10.18
N GLN E 32 3.86 -8.84 -9.62
CA GLN E 32 2.66 -9.11 -8.84
C GLN E 32 1.57 -9.76 -9.70
N LYS E 33 0.97 -10.81 -9.14
CA LYS E 33 -0.15 -11.49 -9.78
C LYS E 33 -1.45 -11.30 -9.01
N ILE E 34 -1.51 -11.72 -7.74
CA ILE E 34 -2.78 -11.64 -7.01
C ILE E 34 -2.50 -11.23 -5.57
N LEU E 35 -3.51 -10.61 -4.95
CA LEU E 35 -3.43 -10.07 -3.61
C LEU E 35 -4.55 -10.62 -2.74
N LYS E 36 -4.32 -10.58 -1.42
CA LYS E 36 -5.34 -10.90 -0.44
C LYS E 36 -5.40 -9.79 0.59
N ASP E 37 -6.59 -9.60 1.17
CA ASP E 37 -6.89 -8.70 2.29
C ASP E 37 -6.05 -7.42 2.28
N GLY E 38 -5.97 -6.77 1.13
CA GLY E 38 -5.20 -5.55 1.01
C GLY E 38 -3.71 -5.74 1.07
N GLN E 39 -3.21 -6.92 0.70
CA GLN E 39 -1.79 -7.21 0.70
C GLN E 39 -1.44 -8.01 -0.54
N LYS E 40 -0.52 -7.50 -1.34
CA LYS E 40 -0.11 -8.18 -2.57
C LYS E 40 0.83 -9.33 -2.22
N TYR E 41 0.38 -10.57 -2.46
CA TYR E 41 1.15 -11.73 -2.04
C TYR E 41 1.66 -12.58 -3.19
N ALA E 42 0.79 -13.10 -4.06
CA ALA E 42 1.09 -14.33 -4.78
C ALA E 42 1.46 -14.08 -6.23
N ILE E 43 2.48 -14.79 -6.71
CA ILE E 43 2.92 -14.64 -8.10
C ILE E 43 3.32 -15.97 -8.75
N ILE E 44 2.56 -17.04 -8.49
CA ILE E 44 2.84 -18.36 -9.05
C ILE E 44 1.77 -18.70 -10.11
N SER E 45 2.20 -19.13 -11.29
CA SER E 45 1.30 -19.51 -12.39
C SER E 45 1.23 -21.04 -12.30
N PRO E 46 0.03 -21.61 -12.22
CA PRO E 46 -0.01 -23.04 -11.93
C PRO E 46 0.30 -23.94 -13.12
N GLU E 47 0.73 -23.38 -14.26
CA GLU E 47 1.03 -24.19 -15.43
C GLU E 47 2.51 -24.24 -15.78
N SER E 48 3.33 -23.32 -15.25
CA SER E 48 4.76 -23.37 -15.50
C SER E 48 5.38 -24.63 -14.89
N MET E 49 4.91 -25.03 -13.72
CA MET E 49 5.39 -26.27 -13.11
C MET E 49 5.11 -27.47 -14.01
N ARG E 50 4.00 -27.46 -14.75
CA ARG E 50 3.75 -28.52 -15.71
C ARG E 50 4.84 -28.54 -16.78
N ASN E 51 5.26 -27.37 -17.25
CA ASN E 51 6.35 -27.32 -18.22
C ASN E 51 7.65 -27.85 -17.62
N ALA E 52 7.92 -27.51 -16.36
CA ALA E 52 9.13 -28.02 -15.71
C ALA E 52 9.10 -29.54 -15.59
N LEU E 53 7.95 -30.10 -15.21
CA LEU E 53 7.82 -31.56 -15.13
C LEU E 53 7.99 -32.19 -16.51
N ARG E 54 7.43 -31.58 -17.55
CA ARG E 54 7.65 -32.07 -18.90
C ARG E 54 9.14 -32.06 -19.25
N GLU E 55 9.84 -31.03 -18.80
CA GLU E 55 11.27 -30.92 -19.12
C GLU E 55 12.08 -32.00 -18.41
N MET E 56 11.78 -32.27 -17.15
CA MET E 56 12.58 -33.24 -16.39
C MET E 56 12.07 -34.68 -16.50
N LEU E 57 11.07 -34.94 -17.32
CA LEU E 57 10.79 -36.34 -17.67
C LEU E 57 11.71 -36.85 -18.77
N ILE E 58 12.57 -35.99 -19.31
CA ILE E 58 13.47 -36.38 -20.39
C ILE E 58 14.78 -36.94 -19.84
N GLU E 59 15.35 -36.29 -18.82
CA GLU E 59 16.61 -36.74 -18.27
C GLU E 59 16.50 -38.10 -17.59
N LEU E 60 15.29 -38.53 -17.25
CA LEU E 60 15.08 -39.83 -16.61
C LEU E 60 14.79 -40.94 -17.62
N GLY E 61 14.76 -40.62 -18.91
CA GLY E 61 14.58 -41.64 -19.93
C GLY E 61 13.13 -41.99 -20.22
N GLN E 62 12.34 -40.99 -20.63
CA GLN E 62 10.96 -41.22 -21.00
C GLN E 62 10.67 -40.59 -22.35
N PRO E 63 9.75 -41.18 -23.12
CA PRO E 63 9.42 -40.61 -24.42
C PRO E 63 8.71 -39.26 -24.29
N ASN E 64 8.82 -38.47 -25.35
CA ASN E 64 8.27 -37.12 -25.35
C ASN E 64 7.71 -36.77 -26.72
N ASN E 65 6.77 -35.83 -26.74
CA ASN E 65 6.26 -35.26 -27.98
C ASN E 65 6.52 -33.76 -28.07
N ARG E 66 6.13 -33.00 -27.05
CA ARG E 66 6.21 -31.54 -27.09
C ARG E 66 7.64 -31.10 -26.73
N THR E 67 8.54 -31.31 -27.69
CA THR E 67 9.93 -30.88 -27.55
C THR E 67 10.01 -29.44 -28.06
N ARG E 68 10.07 -28.50 -27.12
CA ARG E 68 10.08 -27.08 -27.47
C ARG E 68 11.35 -26.72 -28.25
N LEU E 69 11.18 -25.93 -29.30
CA LEU E 69 12.28 -25.47 -30.12
C LEU E 69 12.20 -23.96 -30.26
N HIS E 70 13.35 -23.34 -30.50
CA HIS E 70 13.46 -21.89 -30.68
C HIS E 70 14.24 -21.63 -31.96
N SER E 71 13.52 -21.60 -33.08
CA SER E 71 14.10 -21.28 -34.39
C SER E 71 13.40 -20.11 -35.05
N GLU E 72 12.07 -20.12 -35.10
CA GLU E 72 11.31 -19.04 -35.71
C GLU E 72 11.26 -17.84 -34.76
N ASP E 73 10.94 -16.68 -35.33
CA ASP E 73 10.89 -15.45 -34.53
C ASP E 73 9.89 -15.56 -33.39
N GLN E 74 8.67 -15.98 -33.70
CA GLN E 74 7.67 -16.21 -32.66
C GLN E 74 7.90 -17.56 -32.01
N LEU E 75 7.77 -17.59 -30.68
CA LEU E 75 7.98 -18.82 -29.93
C LEU E 75 6.99 -19.90 -30.36
N ALA E 76 7.49 -21.13 -30.50
CA ALA E 76 6.69 -22.21 -31.04
C ALA E 76 7.20 -23.54 -30.51
N VAL E 77 6.37 -24.57 -30.64
CA VAL E 77 6.70 -25.93 -30.24
C VAL E 77 6.34 -26.88 -31.37
N GLU E 78 6.95 -28.06 -31.35
CA GLU E 78 6.71 -29.10 -32.34
C GLU E 78 6.03 -30.29 -31.67
N PHE E 79 5.68 -31.28 -32.49
CA PHE E 79 4.98 -32.47 -32.02
C PHE E 79 5.41 -33.68 -32.83
N LYS E 80 5.18 -34.84 -32.24
CA LYS E 80 5.42 -36.12 -32.91
C LYS E 80 4.24 -36.43 -33.83
N GLU E 81 4.17 -37.68 -34.29
CA GLU E 81 3.15 -38.07 -35.27
C GLU E 81 1.74 -37.76 -34.77
N TYR E 82 1.42 -38.23 -33.56
CA TYR E 82 0.08 -38.03 -33.02
C TYR E 82 0.07 -38.37 -31.54
N PRO E 83 -0.72 -37.66 -30.73
CA PRO E 83 -0.80 -37.99 -29.29
C PRO E 83 -1.43 -39.35 -29.10
N ASN E 84 -0.69 -40.24 -28.44
CA ASN E 84 -1.11 -41.63 -28.26
C ASN E 84 -0.88 -42.04 -26.82
N PRO E 85 -1.92 -42.16 -26.00
CA PRO E 85 -1.72 -42.46 -24.57
C PRO E 85 -1.13 -43.82 -24.29
N ASP E 86 -1.22 -44.77 -25.23
CA ASP E 86 -0.80 -46.15 -24.96
C ASP E 86 0.53 -46.52 -25.62
N LYS E 87 0.90 -45.87 -26.73
CA LYS E 87 2.14 -46.23 -27.40
C LYS E 87 3.36 -45.94 -26.55
N PHE E 88 3.33 -44.86 -25.77
CA PHE E 88 4.47 -44.46 -24.95
C PHE E 88 3.95 -43.58 -23.82
N ALA E 89 4.88 -42.89 -23.14
CA ALA E 89 4.53 -42.14 -21.95
C ALA E 89 3.49 -41.05 -22.24
N ASP E 90 3.42 -40.58 -23.48
CA ASP E 90 2.41 -39.60 -23.90
C ASP E 90 2.46 -38.35 -23.02
N ASP E 91 3.68 -37.96 -22.64
CA ASP E 91 3.88 -36.85 -21.70
C ASP E 91 3.04 -37.07 -20.44
N PHE E 92 3.17 -38.27 -19.87
CA PHE E 92 2.37 -38.70 -18.72
C PHE E 92 0.89 -38.70 -19.08
N LEU E 93 0.55 -39.54 -20.06
CA LEU E 93 -0.83 -39.80 -20.46
C LEU E 93 -1.58 -38.51 -20.80
N PHE E 94 -0.95 -37.65 -21.60
CA PHE E 94 -1.52 -36.35 -21.92
C PHE E 94 -1.85 -36.22 -23.40
N GLY E 95 -2.45 -37.25 -23.99
CA GLY E 95 -3.05 -37.10 -25.30
C GLY E 95 -4.22 -36.15 -25.23
N TYR E 96 -4.06 -34.95 -25.80
CA TYR E 96 -5.00 -33.87 -25.56
C TYR E 96 -5.91 -33.67 -26.78
N MET E 97 -6.72 -32.60 -26.70
CA MET E 97 -7.76 -32.34 -27.66
C MET E 97 -7.20 -31.68 -28.92
N VAL E 98 -7.95 -31.81 -30.02
CA VAL E 98 -7.62 -31.22 -31.30
C VAL E 98 -8.77 -30.30 -31.68
N ALA E 99 -8.54 -29.00 -31.63
CA ALA E 99 -9.57 -28.00 -31.93
C ALA E 99 -9.55 -27.66 -33.41
N GLN E 100 -9.92 -28.64 -34.22
CA GLN E 100 -9.97 -28.45 -35.66
C GLN E 100 -10.94 -29.47 -36.26
N THR E 101 -11.60 -29.06 -37.34
CA THR E 101 -12.53 -29.92 -38.06
C THR E 101 -11.88 -30.59 -39.27
N ASN E 102 -10.56 -30.79 -39.23
CA ASN E 102 -9.85 -31.45 -40.31
C ASN E 102 -10.23 -32.93 -40.44
N ASP E 103 -10.92 -33.49 -39.45
CA ASP E 103 -11.28 -34.90 -39.42
C ASP E 103 -9.99 -35.72 -39.44
N ALA E 104 -10.03 -36.92 -40.02
CA ALA E 104 -8.89 -37.84 -40.06
C ALA E 104 -8.37 -38.18 -38.66
N LYS E 105 -9.16 -37.89 -37.63
CA LYS E 105 -8.77 -38.22 -36.27
C LYS E 105 -8.71 -39.72 -36.08
N GLU E 106 -7.89 -40.16 -35.13
CA GLU E 106 -7.75 -41.59 -34.86
C GLU E 106 -9.05 -42.20 -34.36
N MET E 107 -10.01 -41.39 -33.91
CA MET E 107 -11.32 -41.91 -33.56
C MET E 107 -11.96 -42.62 -34.74
N LYS E 108 -11.62 -42.21 -35.96
CA LYS E 108 -12.09 -42.91 -37.15
C LYS E 108 -11.34 -44.21 -37.39
N LYS E 109 -10.06 -44.27 -37.02
CA LYS E 109 -9.23 -45.44 -37.29
C LYS E 109 -8.78 -46.15 -36.01
N LEU E 110 -8.13 -45.44 -35.09
CA LEU E 110 -7.62 -46.05 -33.87
C LEU E 110 -8.55 -45.87 -32.68
N ASN E 111 -9.72 -45.25 -32.89
CA ASN E 111 -10.73 -45.07 -31.84
C ASN E 111 -10.20 -44.24 -30.67
N ARG E 112 -9.23 -43.37 -30.93
CA ARG E 112 -8.76 -42.46 -29.90
C ARG E 112 -9.79 -41.35 -29.70
N PRO E 113 -10.32 -41.17 -28.49
CA PRO E 113 -11.48 -40.29 -28.31
C PRO E 113 -11.16 -38.80 -28.26
N ALA E 114 -9.95 -38.39 -28.62
CA ALA E 114 -9.52 -37.00 -28.48
C ALA E 114 -9.70 -36.52 -27.04
N LYS E 115 -9.41 -37.42 -26.11
CA LYS E 115 -9.57 -37.15 -24.68
C LYS E 115 -8.30 -37.59 -23.95
N ARG E 116 -8.15 -37.10 -22.73
CA ARG E 116 -6.92 -37.21 -21.97
C ARG E 116 -7.01 -38.28 -20.90
N ASP E 117 -5.90 -38.46 -20.19
CA ASP E 117 -5.83 -39.14 -18.89
C ASP E 117 -5.07 -38.18 -17.98
N SER E 118 -5.79 -37.23 -17.39
CA SER E 118 -5.14 -36.14 -16.66
C SER E 118 -4.54 -36.65 -15.35
N ILE E 119 -5.38 -37.14 -14.44
CA ILE E 119 -5.00 -37.71 -13.15
C ILE E 119 -3.91 -36.90 -12.45
N PHE E 120 -3.88 -35.60 -12.67
CA PHE E 120 -2.93 -34.72 -12.01
C PHE E 120 -3.53 -33.34 -11.86
N ARG E 121 -3.53 -32.83 -10.64
CA ARG E 121 -4.09 -31.52 -10.34
C ARG E 121 -3.13 -30.74 -9.47
N CYS E 122 -3.15 -29.41 -9.62
CA CYS E 122 -2.28 -28.53 -8.87
C CYS E 122 -2.91 -27.14 -8.83
N ASN E 123 -2.19 -26.18 -8.27
CA ASN E 123 -2.68 -24.82 -8.15
C ASN E 123 -1.49 -23.87 -8.05
N MET E 124 -1.77 -22.58 -8.24
CA MET E 124 -0.71 -21.58 -8.23
C MET E 124 -0.12 -21.43 -6.84
N ALA E 125 1.16 -21.06 -6.80
CA ALA E 125 1.86 -20.85 -5.54
C ALA E 125 1.54 -19.47 -4.98
N VAL E 126 1.70 -19.34 -3.66
CA VAL E 126 1.36 -18.12 -2.94
C VAL E 126 2.50 -17.77 -1.99
N ALA E 127 2.97 -16.53 -2.04
CA ALA E 127 4.05 -16.09 -1.17
C ALA E 127 3.53 -15.86 0.25
N VAL E 128 4.44 -15.46 1.13
CA VAL E 128 4.10 -15.23 2.54
C VAL E 128 4.60 -13.86 2.99
N ASN E 129 5.00 -13.02 2.04
CA ASN E 129 5.49 -11.69 2.36
C ASN E 129 4.92 -10.67 1.38
N PRO E 130 4.36 -9.57 1.87
CA PRO E 130 3.64 -8.64 0.98
C PRO E 130 4.54 -7.71 0.17
N TYR E 131 5.63 -7.23 0.75
CA TYR E 131 6.36 -6.11 0.17
C TYR E 131 7.06 -6.54 -1.12
N LYS E 132 6.95 -5.69 -2.15
CA LYS E 132 7.53 -5.98 -3.45
C LYS E 132 8.08 -4.73 -4.13
N TYR E 133 8.51 -3.74 -3.36
CA TYR E 133 8.74 -2.39 -3.89
C TYR E 133 10.21 -1.99 -3.87
N ASP E 134 11.08 -2.89 -4.33
CA ASP E 134 12.50 -2.62 -4.43
C ASP E 134 12.97 -2.77 -5.87
N THR E 135 14.01 -2.04 -6.23
CA THR E 135 14.56 -2.03 -7.58
C THR E 135 16.08 -2.17 -7.51
N VAL E 136 16.72 -2.25 -8.68
CA VAL E 136 18.17 -2.40 -8.75
C VAL E 136 18.81 -1.30 -9.59
N PHE E 137 18.04 -0.74 -10.52
CA PHE E 137 18.45 0.43 -11.30
C PHE E 137 19.76 0.20 -12.04
N TYR E 138 19.71 -0.72 -13.01
CA TYR E 138 20.84 -0.99 -13.87
C TYR E 138 20.69 -0.23 -15.19
N GLN E 139 21.60 -0.46 -16.13
CA GLN E 139 21.52 0.21 -17.42
C GLN E 139 21.92 -0.75 -18.54
N SER E 140 21.44 -0.44 -19.74
CA SER E 140 21.79 -1.14 -20.97
C SER E 140 22.58 -0.20 -21.86
N PRO E 141 23.82 -0.53 -22.20
CA PRO E 141 24.65 0.37 -23.01
C PRO E 141 24.47 0.16 -24.50
N LEU E 142 25.02 1.08 -25.27
CA LEU E 142 25.00 1.03 -26.73
C LEU E 142 26.40 0.75 -27.24
N ASN E 143 26.51 -0.22 -28.15
CA ASN E 143 27.82 -0.63 -28.66
C ASN E 143 28.53 0.52 -29.38
N ALA E 144 27.97 0.97 -30.51
CA ALA E 144 28.49 2.11 -31.26
C ALA E 144 30.01 2.04 -31.45
N GLY E 145 30.52 0.82 -31.64
CA GLY E 145 31.95 0.62 -31.71
C GLY E 145 32.43 0.06 -33.04
N ASP E 146 31.89 0.58 -34.13
CA ASP E 146 32.19 0.10 -35.48
C ASP E 146 31.82 -1.36 -35.64
N SER E 147 30.84 -1.82 -34.88
CA SER E 147 30.38 -3.20 -34.96
C SER E 147 29.52 -3.39 -36.21
N ALA E 148 29.29 -4.65 -36.55
CA ALA E 148 28.50 -5.01 -37.72
C ALA E 148 27.01 -5.00 -37.47
N TRP E 149 26.58 -4.72 -36.23
CA TRP E 149 25.15 -4.71 -35.93
C TRP E 149 24.91 -3.83 -34.71
N LYS E 150 23.83 -3.06 -34.76
CA LYS E 150 23.41 -2.21 -33.65
C LYS E 150 22.11 -2.74 -33.08
N ASN E 151 21.98 -2.68 -31.75
CA ASN E 151 20.80 -3.24 -31.09
C ASN E 151 19.66 -2.24 -31.03
N SER E 152 19.87 -1.09 -30.40
CA SER E 152 18.83 -0.10 -30.22
C SER E 152 19.26 1.33 -30.53
N THR E 153 20.54 1.57 -30.81
CA THR E 153 21.06 2.90 -31.12
C THR E 153 20.74 3.90 -29.99
N SER E 154 20.91 3.44 -28.75
CA SER E 154 20.66 4.26 -27.58
C SER E 154 21.15 3.52 -26.35
N SER E 155 21.44 4.28 -25.30
CA SER E 155 21.80 3.75 -23.99
C SER E 155 20.70 4.13 -23.01
N ALA E 156 20.22 3.16 -22.24
CA ALA E 156 19.04 3.36 -21.42
C ALA E 156 19.30 2.95 -19.98
N LEU E 157 18.51 3.52 -19.07
CA LEU E 157 18.52 3.19 -17.65
C LEU E 157 17.19 2.55 -17.28
N LEU E 158 17.25 1.40 -16.63
CA LEU E 158 16.02 0.69 -16.26
C LEU E 158 16.27 -0.15 -15.02
N HIS E 159 15.21 -0.37 -14.25
CA HIS E 159 15.29 -1.05 -12.96
C HIS E 159 14.37 -2.25 -12.93
N ARG E 160 14.84 -3.32 -12.29
CA ARG E 160 14.08 -4.55 -12.13
C ARG E 160 13.30 -4.49 -10.81
N GLU E 161 12.75 -5.62 -10.40
CA GLU E 161 11.99 -5.71 -9.16
C GLU E 161 12.28 -7.07 -8.52
N VAL E 162 12.58 -7.05 -7.21
CA VAL E 162 13.00 -8.25 -6.50
C VAL E 162 12.22 -8.39 -5.22
N THR E 163 12.21 -9.62 -4.70
CA THR E 163 11.53 -9.94 -3.45
C THR E 163 12.23 -11.13 -2.81
N HIS E 164 12.30 -11.12 -1.47
CA HIS E 164 12.94 -12.17 -0.69
C HIS E 164 11.85 -12.89 0.09
N THR E 165 11.34 -14.00 -0.45
CA THR E 165 10.22 -14.70 0.15
C THR E 165 10.33 -16.18 -0.16
N ALA E 166 9.87 -17.00 0.79
CA ALA E 166 9.70 -18.44 0.59
C ALA E 166 8.21 -18.74 0.50
N PHE E 167 7.81 -19.45 -0.55
CA PHE E 167 6.40 -19.65 -0.85
C PHE E 167 6.08 -21.13 -1.07
N GLN E 168 4.84 -21.48 -0.73
CA GLN E 168 4.40 -22.86 -0.66
C GLN E 168 3.70 -23.30 -1.96
N TYR E 169 3.38 -24.59 -2.01
CA TYR E 169 2.83 -25.20 -3.21
C TYR E 169 2.01 -26.44 -2.85
N PRO E 170 0.70 -26.44 -3.12
CA PRO E 170 -0.11 -27.65 -2.94
C PRO E 170 -0.25 -28.43 -4.22
N PHE E 171 -0.52 -29.73 -4.07
CA PHE E 171 -0.81 -30.56 -5.23
C PHE E 171 -1.58 -31.80 -4.80
N ALA E 172 -2.23 -32.42 -5.78
CA ALA E 172 -3.03 -33.62 -5.56
C ALA E 172 -2.94 -34.51 -6.78
N LEU E 173 -3.00 -35.82 -6.56
CA LEU E 173 -2.98 -36.78 -7.65
C LEU E 173 -4.30 -37.55 -7.74
N ALA E 174 -4.69 -38.25 -6.68
CA ALA E 174 -6.00 -38.90 -6.57
C ALA E 174 -6.33 -39.74 -7.81
N GLY E 175 -5.34 -40.48 -8.30
CA GLY E 175 -5.46 -41.21 -9.54
C GLY E 175 -5.39 -42.71 -9.35
N LYS E 176 -5.13 -43.41 -10.45
CA LYS E 176 -5.04 -44.86 -10.46
C LYS E 176 -4.12 -45.29 -11.60
N ASP E 177 -3.55 -46.48 -11.46
CA ASP E 177 -2.58 -46.97 -12.42
C ASP E 177 -3.24 -47.90 -13.45
N CYS E 178 -2.51 -48.11 -14.54
CA CYS E 178 -2.90 -49.04 -15.60
C CYS E 178 -1.64 -49.74 -16.08
N ALA E 179 -1.72 -50.38 -17.25
CA ALA E 179 -0.56 -51.07 -17.79
C ALA E 179 0.59 -50.10 -18.05
N ALA E 180 1.79 -50.47 -17.60
CA ALA E 180 3.02 -49.71 -17.81
C ALA E 180 2.98 -48.33 -17.17
N LYS E 181 1.91 -48.03 -16.44
CA LYS E 181 1.73 -46.76 -15.74
C LYS E 181 2.49 -46.67 -14.41
N PRO E 182 2.53 -47.73 -13.59
CA PRO E 182 3.20 -47.58 -12.28
C PRO E 182 4.64 -47.10 -12.36
N GLU E 183 5.41 -47.56 -13.34
CA GLU E 183 6.78 -47.08 -13.47
C GLU E 183 6.80 -45.58 -13.78
N TRP E 184 5.89 -45.12 -14.65
CA TRP E 184 5.85 -43.71 -14.99
C TRP E 184 5.43 -42.85 -13.81
N VAL E 185 4.46 -43.32 -13.01
CA VAL E 185 4.05 -42.54 -11.86
C VAL E 185 5.15 -42.55 -10.79
N LYS E 186 5.90 -43.65 -10.66
CA LYS E 186 7.04 -43.66 -9.77
C LYS E 186 8.10 -42.66 -10.24
N ALA E 187 8.34 -42.58 -11.54
CA ALA E 187 9.29 -41.61 -12.07
C ALA E 187 8.81 -40.19 -11.80
N LEU E 188 7.51 -39.94 -11.93
CA LEU E 188 6.96 -38.62 -11.64
C LEU E 188 7.14 -38.26 -10.16
N LEU E 189 6.88 -39.22 -9.26
CA LEU E 189 7.10 -38.97 -7.84
C LEU E 189 8.58 -38.73 -7.54
N GLN E 190 9.48 -39.43 -8.23
CA GLN E 190 10.90 -39.17 -8.06
C GLN E 190 11.26 -37.77 -8.55
N ALA E 191 10.70 -37.35 -9.68
CA ALA E 191 11.08 -36.09 -10.30
C ALA E 191 10.51 -34.88 -9.57
N ILE E 192 9.35 -35.03 -8.92
CA ILE E 192 8.74 -33.89 -8.24
C ILE E 192 9.63 -33.39 -7.10
N ALA E 193 10.57 -34.22 -6.64
CA ALA E 193 11.44 -33.81 -5.55
C ALA E 193 12.37 -32.67 -5.96
N GLU E 194 12.89 -32.71 -7.19
CA GLU E 194 13.92 -31.75 -7.58
C GLU E 194 13.30 -30.41 -7.99
N LEU E 195 12.53 -30.41 -9.07
CA LEU E 195 11.78 -29.25 -9.55
C LEU E 195 12.66 -28.00 -9.62
N ASN E 196 13.66 -28.07 -10.48
CA ASN E 196 14.56 -26.96 -10.72
C ASN E 196 14.17 -26.22 -12.01
N GLY E 197 14.71 -25.02 -12.16
CA GLY E 197 14.46 -24.24 -13.36
C GLY E 197 13.01 -23.88 -13.59
N VAL E 198 12.32 -23.45 -12.54
CA VAL E 198 10.91 -23.08 -12.64
C VAL E 198 10.81 -21.66 -13.17
N ALA E 199 9.69 -21.37 -13.86
CA ALA E 199 9.42 -20.06 -14.44
C ALA E 199 10.51 -19.67 -15.44
N GLY E 200 10.94 -20.63 -16.25
CA GLY E 200 11.92 -20.37 -17.29
C GLY E 200 13.32 -20.23 -16.73
N GLY E 201 14.26 -20.05 -17.66
CA GLY E 201 15.65 -19.88 -17.27
C GLY E 201 15.89 -18.56 -16.59
N HIS E 202 16.97 -18.52 -15.81
CA HIS E 202 17.32 -17.33 -15.03
C HIS E 202 18.82 -17.32 -14.81
N ALA E 203 19.53 -16.52 -15.62
CA ALA E 203 20.97 -16.41 -15.50
C ALA E 203 21.40 -15.33 -14.50
N ARG E 204 20.46 -14.56 -13.96
CA ARG E 204 20.77 -13.51 -13.00
C ARG E 204 20.10 -13.70 -11.65
N ALA E 205 19.01 -14.47 -11.57
CA ALA E 205 18.30 -14.70 -10.32
C ALA E 205 18.15 -16.19 -10.13
N TYR E 206 19.16 -16.82 -9.55
CA TYR E 206 19.11 -18.25 -9.30
C TYR E 206 18.09 -18.57 -8.22
N TYR E 207 17.31 -19.63 -8.45
CA TYR E 207 16.29 -20.04 -7.50
C TYR E 207 16.00 -21.52 -7.70
N GLU E 208 15.64 -22.17 -6.60
CA GLU E 208 15.36 -23.60 -6.60
C GLU E 208 14.08 -23.88 -5.83
N PHE E 209 13.43 -24.99 -6.17
CA PHE E 209 12.21 -25.43 -5.50
C PHE E 209 12.46 -26.68 -4.67
N ALA E 210 13.62 -26.74 -4.02
CA ALA E 210 13.93 -27.87 -3.16
C ALA E 210 12.94 -27.90 -2.00
N PRO E 211 12.23 -29.01 -1.77
CA PRO E 211 11.18 -29.02 -0.77
C PRO E 211 11.69 -29.29 0.63
N ARG E 212 11.15 -28.55 1.58
CA ARG E 212 11.36 -28.80 3.00
C ARG E 212 10.02 -28.76 3.71
N SER E 213 9.86 -29.61 4.72
CA SER E 213 8.62 -29.72 5.48
C SER E 213 7.43 -30.04 4.58
N VAL E 214 7.59 -31.10 3.80
CA VAL E 214 6.51 -31.63 2.97
C VAL E 214 5.57 -32.46 3.84
N VAL E 215 4.27 -32.33 3.61
CA VAL E 215 3.28 -33.11 4.34
C VAL E 215 2.27 -33.70 3.36
N ALA E 216 2.00 -35.00 3.49
CA ALA E 216 1.03 -35.69 2.66
C ALA E 216 -0.10 -36.19 3.53
N ARG E 217 -1.34 -36.14 3.01
CA ARG E 217 -2.51 -36.34 3.84
C ARG E 217 -3.44 -37.39 3.25
N LEU E 218 -3.95 -38.26 4.11
CA LEU E 218 -5.13 -39.09 3.84
C LEU E 218 -4.99 -39.91 2.55
N THR E 219 -3.87 -40.61 2.43
CA THR E 219 -3.65 -41.43 1.24
C THR E 219 -4.69 -42.54 1.05
N PRO E 220 -5.10 -43.33 2.07
CA PRO E 220 -5.93 -44.50 1.76
C PRO E 220 -7.35 -44.18 1.33
N LYS E 221 -8.02 -43.28 2.04
CA LYS E 221 -9.45 -43.07 1.84
C LYS E 221 -9.70 -41.93 0.86
N LEU E 222 -10.97 -41.55 0.70
CA LEU E 222 -11.36 -40.52 -0.23
C LEU E 222 -10.95 -39.14 0.27
N VAL E 223 -11.35 -38.10 -0.46
CA VAL E 223 -10.93 -36.74 -0.16
C VAL E 223 -11.59 -36.27 1.13
N ALA E 224 -10.77 -35.98 2.13
CA ALA E 224 -11.26 -35.44 3.40
C ALA E 224 -10.36 -34.34 3.94
N GLY E 225 -9.35 -33.90 3.19
CA GLY E 225 -8.42 -32.92 3.70
C GLY E 225 -9.05 -31.55 3.89
N TYR E 226 -8.28 -30.68 4.54
CA TYR E 226 -8.75 -29.34 4.83
C TYR E 226 -7.55 -28.40 4.92
N GLN E 227 -7.73 -27.18 4.41
CA GLN E 227 -6.74 -26.11 4.52
C GLN E 227 -5.40 -26.55 3.92
N THR E 228 -5.43 -26.77 2.59
CA THR E 228 -4.22 -27.15 1.88
C THR E 228 -3.13 -26.09 2.01
N TYR E 229 -3.51 -24.83 2.15
CA TYR E 229 -2.56 -23.74 2.32
C TYR E 229 -2.22 -23.48 3.79
N GLY E 230 -2.36 -24.49 4.64
CA GLY E 230 -2.25 -24.32 6.07
C GLY E 230 -0.92 -23.80 6.58
N PHE E 231 0.14 -24.58 6.44
CA PHE E 231 1.41 -24.21 7.06
C PHE E 231 2.03 -23.04 6.31
N ASP E 232 2.29 -21.96 7.03
CA ASP E 232 2.85 -20.74 6.48
C ASP E 232 3.45 -19.94 7.64
N ALA E 233 3.76 -18.67 7.38
CA ALA E 233 4.34 -17.78 8.38
C ALA E 233 5.62 -18.36 8.98
N GLU E 234 6.47 -18.91 8.10
CA GLU E 234 7.75 -19.52 8.44
C GLU E 234 7.71 -20.35 9.72
N GLY E 235 6.60 -21.06 9.93
CA GLY E 235 6.45 -21.88 11.11
C GLY E 235 5.55 -23.06 10.84
N ASN E 236 5.72 -24.12 11.63
CA ASN E 236 4.89 -25.30 11.50
C ASN E 236 3.44 -25.00 11.86
N TRP E 237 2.52 -25.66 11.16
CA TRP E 237 1.09 -25.49 11.41
C TRP E 237 0.31 -26.80 11.44
N LEU E 238 0.81 -27.86 10.83
CA LEU E 238 0.04 -29.10 10.72
C LEU E 238 0.06 -29.96 11.98
N GLU E 239 0.91 -29.64 12.96
CA GLU E 239 0.85 -30.38 14.22
C GLU E 239 -0.41 -29.99 15.01
N LEU E 240 -0.67 -28.69 15.13
CA LEU E 240 -1.88 -28.24 15.80
C LEU E 240 -3.12 -28.64 15.00
N SER E 241 -3.05 -28.59 13.67
CA SER E 241 -4.15 -29.07 12.86
C SER E 241 -4.35 -30.57 13.05
N ARG E 242 -3.26 -31.32 13.18
CA ARG E 242 -3.33 -32.75 13.43
C ARG E 242 -4.04 -33.05 14.74
N LEU E 243 -3.69 -32.31 15.79
CA LEU E 243 -4.29 -32.55 17.10
C LEU E 243 -5.70 -31.97 17.24
N THR E 244 -6.07 -31.00 16.39
CA THR E 244 -7.39 -30.38 16.52
C THR E 244 -8.44 -31.02 15.62
N ALA E 245 -8.03 -31.62 14.50
CA ALA E 245 -8.93 -32.32 13.60
C ALA E 245 -8.32 -33.66 13.25
N THR E 246 -9.09 -34.72 13.39
CA THR E 246 -8.58 -36.09 13.28
C THR E 246 -7.37 -36.29 14.19
N ASP E 247 -7.61 -36.14 15.48
CA ASP E 247 -6.53 -36.23 16.45
C ASP E 247 -6.00 -37.65 16.57
N SER E 248 -4.73 -37.76 16.98
CA SER E 248 -4.06 -39.06 17.02
C SER E 248 -4.76 -40.00 18.00
N ASP E 249 -5.43 -39.46 19.01
CA ASP E 249 -6.22 -40.29 19.91
C ASP E 249 -7.36 -40.96 19.15
N ASN E 250 -7.61 -42.22 19.48
CA ASN E 250 -8.70 -42.98 18.87
C ASN E 250 -9.91 -43.09 19.77
N LEU E 251 -10.00 -42.25 20.81
CA LEU E 251 -11.13 -42.33 21.74
C LEU E 251 -12.32 -41.52 21.25
N ASP E 252 -12.09 -40.27 20.86
CA ASP E 252 -13.16 -39.37 20.48
C ASP E 252 -13.05 -38.86 19.05
N LEU E 253 -11.85 -38.54 18.58
CA LEU E 253 -11.65 -37.96 17.25
C LEU E 253 -10.78 -38.90 16.41
N PRO E 254 -11.39 -39.76 15.59
CA PRO E 254 -10.58 -40.72 14.81
C PRO E 254 -9.69 -40.01 13.79
N ALA E 255 -8.57 -40.65 13.50
CA ALA E 255 -7.57 -40.09 12.60
C ALA E 255 -7.22 -41.06 11.48
N ASN E 256 -6.19 -40.71 10.70
CA ASN E 256 -5.72 -41.55 9.61
C ASN E 256 -4.22 -41.41 9.49
N GLU E 257 -3.61 -42.33 8.75
CA GLU E 257 -2.15 -42.33 8.60
C GLU E 257 -1.68 -41.09 7.85
N PHE E 258 -0.62 -40.48 8.35
CA PHE E 258 -0.04 -39.26 7.80
C PHE E 258 1.41 -39.52 7.40
N TRP E 259 1.96 -38.58 6.63
CA TRP E 259 3.36 -38.61 6.26
C TRP E 259 3.92 -37.20 6.37
N LEU E 260 5.00 -37.05 7.13
CA LEU E 260 5.56 -35.75 7.47
C LEU E 260 6.97 -35.63 6.91
N GLY E 261 7.38 -34.38 6.65
CA GLY E 261 8.67 -34.11 6.06
C GLY E 261 9.79 -34.09 7.09
N GLY E 262 10.93 -33.58 6.65
CA GLY E 262 12.13 -33.58 7.47
C GLY E 262 12.39 -32.29 8.23
N GLU E 263 12.02 -31.15 7.64
CA GLU E 263 12.29 -29.87 8.29
C GLU E 263 11.51 -29.73 9.59
N LEU E 264 10.26 -30.19 9.61
CA LEU E 264 9.46 -30.09 10.82
C LEU E 264 10.07 -30.88 11.97
N VAL E 265 10.56 -32.10 11.67
CA VAL E 265 11.14 -32.93 12.71
C VAL E 265 12.60 -32.62 12.98
N ARG E 266 13.25 -31.83 12.11
CA ARG E 266 14.64 -31.46 12.34
C ARG E 266 14.78 -30.66 13.63
N LYS E 267 13.90 -29.68 13.84
CA LYS E 267 13.86 -28.89 15.06
C LYS E 267 12.45 -28.96 15.61
N MET E 268 12.29 -29.67 16.73
CA MET E 268 11.01 -29.87 17.41
C MET E 268 11.30 -30.73 18.63
N ASP E 269 10.37 -30.69 19.60
CA ASP E 269 10.63 -31.25 20.92
C ASP E 269 10.93 -32.74 20.85
N GLN E 270 12.02 -33.15 21.51
CA GLN E 270 12.43 -34.55 21.48
C GLN E 270 11.36 -35.45 22.11
N GLU E 271 10.79 -35.01 23.25
CA GLU E 271 9.73 -35.79 23.87
C GLU E 271 8.48 -35.84 23.01
N GLN E 272 8.28 -34.84 22.15
CA GLN E 272 7.09 -34.81 21.31
C GLN E 272 7.09 -35.93 20.29
N LYS E 273 8.27 -36.31 19.77
CA LYS E 273 8.34 -37.43 18.84
C LYS E 273 7.84 -38.70 19.49
N ALA E 274 8.28 -38.97 20.72
CA ALA E 274 7.80 -40.14 21.45
C ALA E 274 6.32 -40.01 21.76
N GLN E 275 5.87 -38.80 22.13
CA GLN E 275 4.46 -38.59 22.40
C GLN E 275 3.62 -38.82 21.15
N LEU E 276 4.09 -38.36 19.99
CA LEU E 276 3.36 -38.53 18.74
C LEU E 276 3.70 -39.90 18.16
N GLU E 277 3.25 -40.94 18.88
CA GLU E 277 3.48 -42.31 18.45
C GLU E 277 2.27 -43.20 18.71
N ALA E 278 1.07 -42.63 18.80
CA ALA E 278 -0.11 -43.43 19.12
C ALA E 278 -0.37 -44.48 18.05
N MET E 279 -0.44 -44.06 16.79
CA MET E 279 -0.50 -45.00 15.68
C MET E 279 0.86 -45.29 15.08
N GLY E 280 1.92 -44.64 15.60
CA GLY E 280 3.24 -44.69 15.02
C GLY E 280 3.52 -43.57 14.04
N ALA E 281 2.51 -43.17 13.28
CA ALA E 281 2.61 -42.10 12.27
C ALA E 281 3.74 -42.46 11.30
N HIS E 282 4.33 -41.46 10.66
CA HIS E 282 5.43 -41.69 9.73
C HIS E 282 6.31 -40.45 9.73
N LEU E 283 7.55 -40.60 10.21
CA LEU E 283 8.49 -39.49 10.33
C LEU E 283 9.76 -39.80 9.56
N TYR E 284 10.30 -38.78 8.91
CA TYR E 284 11.53 -38.92 8.14
C TYR E 284 12.32 -37.62 8.23
N ALA E 285 13.63 -37.73 7.97
CA ALA E 285 14.52 -36.59 8.07
C ALA E 285 14.76 -35.91 6.72
N ASN E 286 14.66 -36.65 5.62
CA ASN E 286 14.87 -36.08 4.30
C ASN E 286 13.66 -36.36 3.43
N PRO E 287 13.22 -35.38 2.64
CA PRO E 287 12.02 -35.59 1.81
C PRO E 287 12.15 -36.72 0.79
N GLU E 288 13.35 -36.95 0.25
CA GLU E 288 13.49 -37.93 -0.82
C GLU E 288 13.09 -39.33 -0.36
N LYS E 289 13.57 -39.74 0.81
CA LYS E 289 13.20 -41.04 1.35
C LYS E 289 11.70 -41.11 1.61
N LEU E 290 11.11 -40.01 2.08
CA LEU E 290 9.68 -39.98 2.33
C LEU E 290 8.89 -40.20 1.05
N PHE E 291 9.28 -39.52 -0.03
CA PHE E 291 8.58 -39.72 -1.30
C PHE E 291 8.79 -41.14 -1.82
N ALA E 292 9.99 -41.69 -1.66
CA ALA E 292 10.22 -43.07 -2.10
C ALA E 292 9.27 -44.03 -1.37
N ASP E 293 9.22 -43.92 -0.04
CA ASP E 293 8.37 -44.82 0.73
C ASP E 293 6.89 -44.59 0.43
N LEU E 294 6.49 -43.32 0.27
CA LEU E 294 5.09 -43.03 -0.01
C LEU E 294 4.67 -43.57 -1.37
N ALA E 295 5.54 -43.44 -2.37
CA ALA E 295 5.24 -44.00 -3.68
C ALA E 295 5.15 -45.52 -3.60
N ASP E 296 6.07 -46.15 -2.87
CA ASP E 296 6.01 -47.61 -2.72
C ASP E 296 4.70 -48.04 -2.07
N SER E 297 4.26 -47.34 -1.04
CA SER E 297 3.05 -47.72 -0.33
C SER E 297 1.81 -47.46 -1.18
N PHE E 298 1.70 -46.26 -1.77
CA PHE E 298 0.52 -45.90 -2.53
C PHE E 298 0.37 -46.75 -3.79
N LEU E 299 1.48 -47.00 -4.50
CA LEU E 299 1.42 -47.77 -5.73
C LEU E 299 1.05 -49.23 -5.48
N GLY E 300 1.17 -49.69 -4.24
CA GLY E 300 0.88 -51.08 -3.92
C GLY E 300 2.00 -52.05 -4.25
N VAL E 301 3.15 -51.56 -4.70
CA VAL E 301 4.27 -52.43 -5.04
C VAL E 301 5.58 -51.69 -4.80
N ASN F 3 67.04 23.09 4.03
CA ASN F 3 66.48 23.56 5.29
C ASN F 3 66.56 22.48 6.37
N LEU F 4 66.41 22.88 7.62
CA LEU F 4 66.49 21.97 8.76
C LEU F 4 65.23 22.09 9.61
N ASN F 5 64.83 20.97 10.21
CA ASN F 5 63.65 20.90 11.05
C ASN F 5 64.02 20.25 12.38
N LEU F 6 63.62 20.89 13.48
CA LEU F 6 63.94 20.40 14.81
C LEU F 6 62.67 20.21 15.62
N PHE F 7 62.74 19.33 16.61
CA PHE F 7 61.62 19.01 17.48
C PHE F 7 62.14 18.29 18.71
N ALA F 8 61.56 18.61 19.87
CA ALA F 8 62.13 18.19 21.13
C ALA F 8 61.03 17.80 22.12
N THR F 9 61.45 17.20 23.22
CA THR F 9 60.57 16.79 24.32
C THR F 9 61.28 17.04 25.65
N ILE F 10 60.49 17.46 26.65
CA ILE F 10 61.00 17.81 27.97
C ILE F 10 60.11 17.16 29.03
N LEU F 11 60.60 17.15 30.26
CA LEU F 11 59.78 16.84 31.43
C LEU F 11 60.12 17.82 32.54
N THR F 12 59.27 17.87 33.56
CA THR F 12 59.41 18.82 34.66
C THR F 12 59.64 18.08 35.97
N TYR F 13 60.09 18.83 36.96
CA TYR F 13 60.37 18.26 38.27
C TYR F 13 59.07 17.85 38.97
N PRO F 14 59.11 16.81 39.80
CA PRO F 14 57.88 16.37 40.49
C PRO F 14 57.55 17.29 41.66
N ALA F 15 56.29 17.67 41.75
CA ALA F 15 55.80 18.53 42.82
C ALA F 15 54.28 18.47 42.83
N PRO F 16 53.65 18.62 44.00
CA PRO F 16 52.18 18.65 44.04
C PRO F 16 51.64 19.81 43.24
N ALA F 17 50.52 19.57 42.55
CA ALA F 17 49.92 20.58 41.69
C ALA F 17 48.41 20.43 41.70
N SER F 18 47.74 21.52 41.34
CA SER F 18 46.27 21.54 41.26
C SER F 18 45.88 22.58 40.23
N ASN F 19 45.31 22.13 39.11
CA ASN F 19 44.88 23.00 38.02
C ASN F 19 43.44 22.65 37.66
N TYR F 20 42.50 23.35 38.28
CA TYR F 20 41.09 23.15 37.95
C TYR F 20 40.82 23.59 36.51
N ARG F 21 40.27 22.67 35.71
CA ARG F 21 40.05 22.92 34.28
C ARG F 21 38.65 22.61 33.80
N GLY F 22 37.90 21.73 34.46
CA GLY F 22 36.60 21.32 33.97
C GLY F 22 35.45 22.13 34.53
N GLU F 23 35.40 22.26 35.85
CA GLU F 23 34.33 22.99 36.54
C GLU F 23 32.96 22.47 36.16
N SER F 24 32.82 21.14 36.18
CA SER F 24 31.53 20.52 35.87
C SER F 24 30.47 20.94 36.87
N GLU F 25 30.81 20.96 38.15
CA GLU F 25 29.92 21.43 39.19
C GLU F 25 30.65 22.46 40.05
N GLU F 26 29.86 23.34 40.67
CA GLU F 26 30.45 24.38 41.51
C GLU F 26 30.95 23.83 42.84
N ASN F 27 30.31 22.78 43.35
CA ASN F 27 30.66 22.27 44.68
C ASN F 27 32.09 21.72 44.71
N ARG F 28 32.49 21.01 43.66
CA ARG F 28 33.78 20.35 43.63
C ARG F 28 34.51 20.70 42.34
N SER F 29 35.84 20.80 42.42
CA SER F 29 36.67 21.12 41.28
C SER F 29 37.29 19.84 40.73
N VAL F 30 37.21 19.66 39.41
CA VAL F 30 37.71 18.47 38.75
C VAL F 30 38.99 18.81 38.02
N ILE F 31 39.85 17.79 37.85
CA ILE F 31 41.17 17.97 37.26
C ILE F 31 41.33 17.13 36.00
N GLN F 32 40.86 15.89 36.02
CA GLN F 32 41.18 14.94 34.95
C GLN F 32 40.57 15.37 33.62
N LYS F 33 41.32 15.12 32.54
CA LYS F 33 40.89 15.44 31.19
C LYS F 33 40.65 14.19 30.35
N ILE F 34 41.65 13.32 30.21
CA ILE F 34 41.57 12.16 29.33
C ILE F 34 42.07 10.93 30.07
N LEU F 35 41.58 9.77 29.65
CA LEU F 35 42.04 8.50 30.21
C LEU F 35 42.47 7.57 29.07
N LYS F 36 43.47 6.74 29.37
CA LYS F 36 43.94 5.74 28.43
C LYS F 36 44.22 4.44 29.20
N ASP F 37 44.11 3.32 28.48
CA ASP F 37 44.27 1.98 29.02
C ASP F 37 43.63 1.81 30.39
N GLY F 38 42.45 2.41 30.59
CA GLY F 38 41.75 2.31 31.85
C GLY F 38 42.29 3.17 32.96
N GLN F 39 43.26 4.04 32.68
CA GLN F 39 43.87 4.90 33.69
C GLN F 39 43.73 6.36 33.26
N LYS F 40 43.52 7.23 34.24
CA LYS F 40 43.32 8.65 34.01
C LYS F 40 44.62 9.39 34.29
N TYR F 41 45.19 10.01 33.25
CA TYR F 41 46.53 10.59 33.37
C TYR F 41 46.57 12.10 33.18
N ALA F 42 46.10 12.63 32.05
CA ALA F 42 46.61 13.88 31.53
C ALA F 42 45.84 15.11 32.01
N ILE F 43 46.52 16.25 32.00
CA ILE F 43 45.98 17.56 32.36
C ILE F 43 46.60 18.57 31.40
N ILE F 44 46.01 19.77 31.36
CA ILE F 44 46.59 20.97 30.75
C ILE F 44 46.46 20.94 29.23
N SER F 45 45.91 22.03 28.68
CA SER F 45 45.71 22.21 27.25
C SER F 45 46.87 23.01 26.63
N PRO F 46 47.21 22.74 25.37
CA PRO F 46 48.34 23.45 24.76
C PRO F 46 48.14 24.95 24.62
N GLU F 47 46.92 25.40 24.32
CA GLU F 47 46.69 26.83 24.13
C GLU F 47 46.91 27.63 25.39
N SER F 48 46.76 27.01 26.57
CA SER F 48 47.18 27.68 27.80
C SER F 48 48.67 27.98 27.77
N MET F 49 49.48 27.02 27.33
CA MET F 49 50.90 27.26 27.17
C MET F 49 51.19 28.28 26.08
N ARG F 50 50.37 28.32 25.04
CA ARG F 50 50.52 29.38 24.03
C ARG F 50 50.33 30.75 24.65
N ASN F 51 49.30 30.90 25.49
CA ASN F 51 49.10 32.17 26.19
C ASN F 51 50.26 32.45 27.13
N ALA F 52 50.80 31.42 27.77
CA ALA F 52 51.96 31.61 28.64
C ALA F 52 53.16 32.14 27.86
N LEU F 53 53.42 31.59 26.67
CA LEU F 53 54.48 32.12 25.82
C LEU F 53 54.20 33.57 25.42
N ARG F 54 52.94 33.87 25.08
CA ARG F 54 52.59 35.24 24.72
C ARG F 54 52.89 36.21 25.85
N GLU F 55 52.55 35.82 27.08
CA GLU F 55 52.83 36.66 28.24
C GLU F 55 54.35 36.78 28.47
N MET F 56 55.07 35.68 28.33
CA MET F 56 56.50 35.68 28.63
C MET F 56 57.29 36.49 27.62
N LEU F 57 56.82 36.54 26.36
CA LEU F 57 57.56 37.27 25.33
C LEU F 57 57.64 38.76 25.60
N ILE F 58 56.76 39.29 26.45
CA ILE F 58 56.76 40.73 26.72
C ILE F 58 58.00 41.13 27.51
N GLU F 59 58.44 40.29 28.45
CA GLU F 59 59.56 40.63 29.30
C GLU F 59 60.88 40.71 28.54
N LEU F 60 60.95 40.16 27.33
CA LEU F 60 62.16 40.20 26.54
C LEU F 60 62.23 41.39 25.60
N GLY F 61 61.23 42.27 25.64
CA GLY F 61 61.26 43.48 24.83
C GLY F 61 60.90 43.26 23.38
N GLN F 62 59.67 42.83 23.13
CA GLN F 62 59.15 42.69 21.77
C GLN F 62 57.78 43.33 21.66
N PRO F 63 57.44 43.87 20.49
CA PRO F 63 56.11 44.48 20.33
C PRO F 63 55.00 43.47 20.44
N ASN F 64 53.84 43.93 20.89
CA ASN F 64 52.67 43.08 21.09
C ASN F 64 51.41 43.82 20.65
N ASN F 65 50.39 43.04 20.31
CA ASN F 65 49.08 43.60 19.99
C ASN F 65 47.98 43.08 20.91
N ARG F 66 47.89 41.77 21.10
CA ARG F 66 46.82 41.18 21.91
C ARG F 66 47.26 41.18 23.37
N THR F 67 46.88 42.23 24.08
CA THR F 67 47.19 42.37 25.49
C THR F 67 45.91 42.23 26.31
N ARG F 68 45.92 41.31 27.27
CA ARG F 68 44.73 41.05 28.08
C ARG F 68 44.49 42.17 29.07
N LEU F 69 43.23 42.57 29.21
CA LEU F 69 42.84 43.57 30.19
C LEU F 69 41.74 42.99 31.07
N HIS F 70 41.74 43.37 32.35
CA HIS F 70 40.76 42.89 33.31
C HIS F 70 40.10 44.10 33.98
N SER F 71 39.08 44.63 33.32
CA SER F 71 38.21 45.67 33.88
C SER F 71 36.75 45.26 33.87
N GLU F 72 36.26 44.76 32.75
CA GLU F 72 34.88 44.32 32.63
C GLU F 72 34.75 42.90 33.20
N ASP F 73 33.50 42.52 33.49
CA ASP F 73 33.25 41.24 34.16
C ASP F 73 33.74 40.07 33.31
N GLN F 74 33.47 40.09 32.02
CA GLN F 74 33.94 39.04 31.12
C GLN F 74 35.39 39.30 30.73
N LEU F 75 36.09 38.21 30.40
CA LEU F 75 37.49 38.33 29.98
C LEU F 75 37.57 39.07 28.65
N ALA F 76 38.63 39.87 28.51
CA ALA F 76 38.79 40.68 27.31
C ALA F 76 40.27 40.91 27.02
N VAL F 77 40.60 40.91 25.73
CA VAL F 77 41.95 41.20 25.27
C VAL F 77 41.87 42.30 24.21
N GLU F 78 42.61 43.37 24.41
CA GLU F 78 42.60 44.45 23.44
C GLU F 78 43.67 44.23 22.38
N PHE F 79 43.38 44.71 21.17
CA PHE F 79 44.28 44.59 20.03
C PHE F 79 44.79 45.97 19.64
N LYS F 80 45.86 45.98 18.85
CA LYS F 80 46.36 47.22 18.27
C LYS F 80 45.53 47.56 17.03
N GLU F 81 46.03 48.51 16.24
CA GLU F 81 45.26 49.01 15.10
C GLU F 81 44.95 47.90 14.10
N TYR F 82 45.96 47.10 13.74
CA TYR F 82 45.79 46.04 12.77
C TYR F 82 46.97 45.09 12.81
N PRO F 83 46.76 43.78 12.73
CA PRO F 83 47.89 42.84 12.74
C PRO F 83 48.75 43.00 11.49
N ASN F 84 50.07 43.10 11.71
CA ASN F 84 51.03 43.26 10.62
C ASN F 84 52.24 42.39 10.89
N PRO F 85 52.39 41.26 10.18
CA PRO F 85 53.50 40.34 10.48
C PRO F 85 54.88 40.98 10.29
N ASP F 86 55.04 41.88 9.33
CA ASP F 86 56.36 42.43 9.02
C ASP F 86 56.65 43.74 9.74
N LYS F 87 55.63 44.50 10.12
CA LYS F 87 55.86 45.78 10.78
C LYS F 87 56.51 45.60 12.14
N PHE F 88 56.17 44.53 12.86
CA PHE F 88 56.72 44.25 14.18
C PHE F 88 56.61 42.76 14.44
N ALA F 89 56.80 42.36 15.70
CA ALA F 89 56.72 40.95 16.06
C ALA F 89 55.35 40.37 15.74
N ASP F 90 54.29 41.18 15.82
CA ASP F 90 52.92 40.75 15.52
C ASP F 90 52.55 39.51 16.33
N ASP F 91 52.90 39.53 17.62
CA ASP F 91 52.71 38.39 18.51
C ASP F 91 53.36 37.13 17.91
N PHE F 92 54.61 37.29 17.48
CA PHE F 92 55.37 36.23 16.82
C PHE F 92 54.67 35.79 15.53
N LEU F 93 54.56 36.76 14.61
CA LEU F 93 54.03 36.52 13.27
C LEU F 93 52.67 35.83 13.31
N PHE F 94 51.79 36.30 14.21
CA PHE F 94 50.51 35.66 14.44
C PHE F 94 49.35 36.59 14.09
N GLY F 95 49.46 37.28 12.96
CA GLY F 95 48.33 38.04 12.46
C GLY F 95 47.22 37.11 12.00
N TYR F 96 46.13 37.08 12.75
CA TYR F 96 45.10 36.06 12.56
C TYR F 96 44.00 36.57 11.63
N MET F 97 42.91 35.81 11.54
CA MET F 97 41.87 36.10 10.58
C MET F 97 41.02 37.28 11.03
N VAL F 98 40.32 37.87 10.06
CA VAL F 98 39.27 38.84 10.33
C VAL F 98 37.95 38.20 9.94
N ALA F 99 37.28 37.56 10.90
CA ALA F 99 36.08 36.78 10.62
C ALA F 99 34.86 37.71 10.59
N GLN F 100 34.84 38.57 9.58
CA GLN F 100 33.73 39.48 9.36
C GLN F 100 33.79 39.97 7.92
N THR F 101 32.63 40.43 7.42
CA THR F 101 32.53 41.00 6.09
C THR F 101 32.35 42.52 6.13
N ASN F 102 32.96 43.17 7.12
CA ASN F 102 32.90 44.62 7.28
C ASN F 102 33.74 45.38 6.27
N ASP F 103 34.35 44.68 5.32
CA ASP F 103 35.28 45.28 4.36
C ASP F 103 36.43 45.92 5.15
N ALA F 104 37.06 46.95 4.58
CA ALA F 104 38.23 47.62 5.15
C ALA F 104 39.40 46.67 5.37
N LYS F 105 39.36 45.47 4.78
CA LYS F 105 40.47 44.55 4.90
C LYS F 105 41.70 45.11 4.19
N GLU F 106 42.87 44.88 4.79
CA GLU F 106 44.10 45.36 4.18
C GLU F 106 44.42 44.65 2.87
N MET F 107 43.77 43.53 2.57
CA MET F 107 43.95 42.89 1.27
C MET F 107 43.54 43.83 0.15
N LYS F 108 42.63 44.77 0.43
CA LYS F 108 42.33 45.83 -0.54
C LYS F 108 43.47 46.83 -0.64
N LYS F 109 44.14 47.12 0.48
CA LYS F 109 45.14 48.17 0.53
C LYS F 109 46.55 47.64 0.78
N LEU F 110 46.77 46.91 1.87
CA LEU F 110 48.09 46.40 2.20
C LEU F 110 48.31 44.97 1.73
N ASN F 111 47.34 44.38 1.03
CA ASN F 111 47.45 43.03 0.48
C ASN F 111 47.69 41.99 1.58
N ARG F 112 47.15 42.22 2.77
CA ARG F 112 47.26 41.25 3.84
C ARG F 112 46.20 40.16 3.65
N PRO F 113 46.58 38.89 3.58
CA PRO F 113 45.62 37.86 3.19
C PRO F 113 44.77 37.32 4.33
N ALA F 114 44.77 38.01 5.46
CA ALA F 114 44.05 37.56 6.67
C ALA F 114 44.49 36.16 7.06
N LYS F 115 45.80 35.93 7.03
CA LYS F 115 46.38 34.64 7.33
C LYS F 115 47.62 34.84 8.20
N ARG F 116 47.98 33.81 8.95
CA ARG F 116 49.05 33.88 9.92
C ARG F 116 50.36 33.35 9.34
N ASP F 117 51.39 33.35 10.19
CA ASP F 117 52.63 32.61 9.98
C ASP F 117 52.78 31.74 11.23
N SER F 118 52.14 30.59 11.29
CA SER F 118 52.24 29.92 12.57
C SER F 118 53.68 29.58 12.94
N ILE F 119 54.42 28.94 12.04
CA ILE F 119 55.84 28.60 12.26
C ILE F 119 56.13 27.87 13.59
N PHE F 120 55.23 26.99 14.02
CA PHE F 120 55.32 26.31 15.30
C PHE F 120 54.31 25.18 15.39
N ARG F 121 54.35 24.47 16.51
CA ARG F 121 53.44 23.38 16.78
C ARG F 121 53.74 22.81 18.16
N CYS F 122 52.72 22.24 18.79
CA CYS F 122 52.86 21.65 20.12
C CYS F 122 51.64 20.77 20.38
N ASN F 123 51.59 20.18 21.57
CA ASN F 123 50.51 19.29 21.94
C ASN F 123 50.33 19.30 23.46
N MET F 124 49.21 18.73 23.91
CA MET F 124 48.88 18.76 25.32
C MET F 124 49.82 17.88 26.13
N ALA F 125 50.08 18.32 27.37
CA ALA F 125 50.92 17.56 28.29
C ALA F 125 50.15 16.38 28.87
N VAL F 126 50.90 15.36 29.29
CA VAL F 126 50.33 14.14 29.85
C VAL F 126 51.13 13.77 31.09
N ALA F 127 50.43 13.43 32.17
CA ALA F 127 51.08 13.04 33.42
C ALA F 127 51.58 11.60 33.34
N VAL F 128 52.20 11.14 34.43
CA VAL F 128 52.74 9.79 34.52
C VAL F 128 52.13 8.99 35.66
N ASN F 129 51.25 9.58 36.45
CA ASN F 129 50.63 8.88 37.57
C ASN F 129 49.12 8.96 37.47
N PRO F 130 48.41 7.86 37.75
CA PRO F 130 46.96 7.84 37.51
C PRO F 130 46.12 8.41 38.65
N TYR F 131 46.61 8.29 39.88
CA TYR F 131 45.77 8.57 41.04
C TYR F 131 45.40 10.04 41.10
N LYS F 132 44.11 10.32 41.32
CA LYS F 132 43.62 11.69 41.45
C LYS F 132 42.55 11.83 42.54
N TYR F 133 42.52 10.94 43.53
CA TYR F 133 41.42 10.87 44.49
C TYR F 133 41.79 11.44 45.85
N ASP F 134 42.55 12.54 45.89
CA ASP F 134 42.92 13.19 47.14
C ASP F 134 42.34 14.60 47.18
N THR F 135 41.94 15.03 48.37
CA THR F 135 41.32 16.33 48.58
C THR F 135 42.07 17.07 49.68
N VAL F 136 41.67 18.32 49.92
CA VAL F 136 42.27 19.13 50.97
C VAL F 136 41.24 19.46 52.04
N PHE F 137 39.97 19.59 51.63
CA PHE F 137 38.84 19.69 52.55
C PHE F 137 39.01 20.86 53.52
N TYR F 138 38.96 22.08 52.97
CA TYR F 138 39.02 23.30 53.76
C TYR F 138 37.66 24.00 53.72
N GLN F 139 37.60 25.20 54.29
CA GLN F 139 36.33 25.91 54.44
C GLN F 139 36.47 27.37 54.06
N SER F 140 35.34 27.97 53.70
CA SER F 140 35.26 29.38 53.34
C SER F 140 34.34 30.09 54.32
N PRO F 141 34.79 31.16 54.96
CA PRO F 141 33.97 31.85 55.95
C PRO F 141 33.16 33.00 55.37
N LEU F 142 32.31 33.58 56.21
CA LEU F 142 31.50 34.74 55.86
C LEU F 142 31.89 35.92 56.74
N ASN F 143 31.92 37.11 56.15
CA ASN F 143 32.32 38.30 56.90
C ASN F 143 31.35 38.58 58.05
N ALA F 144 30.09 38.87 57.73
CA ALA F 144 29.03 39.07 58.73
C ALA F 144 29.44 40.10 59.77
N GLY F 145 30.11 41.16 59.33
CA GLY F 145 30.60 42.18 60.23
C GLY F 145 29.99 43.54 59.98
N ASP F 146 28.68 43.59 59.74
CA ASP F 146 27.99 44.80 59.29
C ASP F 146 28.60 45.30 57.98
N SER F 147 28.73 44.37 57.04
CA SER F 147 29.40 44.65 55.78
C SER F 147 28.46 45.34 54.81
N ALA F 148 29.00 46.33 54.09
CA ALA F 148 28.22 47.00 53.04
C ALA F 148 28.04 46.12 51.82
N TRP F 149 28.91 45.12 51.62
CA TRP F 149 28.81 44.20 50.49
C TRP F 149 28.84 42.77 51.00
N LYS F 150 28.00 41.93 50.41
CA LYS F 150 27.90 40.52 50.77
C LYS F 150 28.39 39.66 49.62
N ASN F 151 29.17 38.63 49.94
CA ASN F 151 29.67 37.72 48.92
C ASN F 151 28.67 36.60 48.64
N SER F 152 28.38 35.76 49.64
CA SER F 152 27.38 34.72 49.49
C SER F 152 26.50 34.55 50.71
N THR F 153 26.66 35.37 51.76
CA THR F 153 25.85 35.30 52.97
C THR F 153 25.87 33.91 53.60
N SER F 154 27.02 33.22 53.53
CA SER F 154 27.12 31.89 54.08
C SER F 154 28.59 31.51 54.24
N SER F 155 28.84 30.60 55.19
CA SER F 155 30.13 29.96 55.37
C SER F 155 29.96 28.48 55.12
N ALA F 156 30.84 27.90 54.30
CA ALA F 156 30.63 26.54 53.84
C ALA F 156 31.95 25.79 53.80
N LEU F 157 31.88 24.52 53.38
CA LEU F 157 33.03 23.63 53.28
C LEU F 157 33.21 23.20 51.83
N LEU F 158 34.46 23.18 51.38
CA LEU F 158 34.77 22.75 50.02
C LEU F 158 36.03 21.90 50.05
N HIS F 159 36.17 21.06 49.03
CA HIS F 159 37.33 20.19 48.89
C HIS F 159 37.88 20.32 47.48
N ARG F 160 39.18 20.59 47.37
CA ARG F 160 39.84 20.69 46.09
C ARG F 160 40.40 19.32 45.69
N GLU F 161 41.23 19.28 44.65
CA GLU F 161 41.82 18.03 44.17
C GLU F 161 43.29 18.26 43.93
N VAL F 162 44.13 17.33 44.39
CA VAL F 162 45.57 17.45 44.31
C VAL F 162 46.16 16.19 43.70
N THR F 163 47.38 16.32 43.19
CA THR F 163 48.10 15.20 42.60
C THR F 163 49.59 15.48 42.67
N HIS F 164 50.37 14.45 43.00
CA HIS F 164 51.83 14.55 43.09
C HIS F 164 52.42 13.81 41.89
N THR F 165 52.63 14.54 40.80
CA THR F 165 53.06 13.93 39.54
C THR F 165 53.88 14.93 38.74
N ALA F 166 54.84 14.40 37.99
CA ALA F 166 55.62 15.16 37.03
C ALA F 166 55.20 14.75 35.63
N PHE F 167 54.90 15.73 34.78
CA PHE F 167 54.35 15.48 33.47
C PHE F 167 55.23 16.08 32.37
N GLN F 168 55.21 15.42 31.21
CA GLN F 168 56.11 15.74 30.11
C GLN F 168 55.45 16.67 29.10
N TYR F 169 56.24 17.09 28.11
CA TYR F 169 55.81 18.09 27.13
C TYR F 169 56.56 17.92 25.82
N PRO F 170 55.88 17.54 24.74
CA PRO F 170 56.53 17.52 23.42
C PRO F 170 56.27 18.80 22.63
N PHE F 171 57.16 19.15 21.71
CA PHE F 171 56.88 20.25 20.80
C PHE F 171 57.73 20.08 19.55
N ALA F 172 57.28 20.73 18.47
CA ALA F 172 57.96 20.69 17.18
C ALA F 172 57.86 22.07 16.54
N LEU F 173 58.95 22.51 15.92
CA LEU F 173 58.99 23.81 15.28
C LEU F 173 59.10 23.70 13.77
N ALA F 174 60.16 23.06 13.26
CA ALA F 174 60.31 22.74 11.84
C ALA F 174 60.07 23.96 10.95
N GLY F 175 60.62 25.11 11.37
CA GLY F 175 60.36 26.37 10.72
C GLY F 175 61.48 26.81 9.80
N LYS F 176 61.34 28.05 9.32
CA LYS F 176 62.32 28.66 8.44
C LYS F 176 62.45 30.14 8.80
N ASP F 177 63.61 30.70 8.53
CA ASP F 177 63.93 32.07 8.91
C ASP F 177 63.84 33.00 7.70
N CYS F 178 63.55 34.27 7.99
CA CYS F 178 63.48 35.32 6.98
C CYS F 178 64.07 36.59 7.58
N ALA F 179 63.78 37.74 6.96
CA ALA F 179 64.29 39.00 7.45
C ALA F 179 63.73 39.32 8.84
N ALA F 180 64.61 39.75 9.74
CA ALA F 180 64.30 40.14 11.10
C ALA F 180 63.69 39.01 11.93
N LYS F 181 63.63 37.81 11.38
CA LYS F 181 63.12 36.63 12.07
C LYS F 181 64.12 35.99 13.04
N PRO F 182 65.41 35.81 12.65
CA PRO F 182 66.30 35.02 13.51
C PRO F 182 66.41 35.50 14.95
N GLU F 183 66.46 36.81 15.17
CA GLU F 183 66.55 37.29 16.56
C GLU F 183 65.26 36.97 17.31
N TRP F 184 64.11 37.08 16.64
CA TRP F 184 62.85 36.73 17.29
C TRP F 184 62.79 35.25 17.65
N VAL F 185 63.22 34.38 16.74
CA VAL F 185 63.18 32.95 17.04
C VAL F 185 64.20 32.60 18.12
N LYS F 186 65.35 33.28 18.13
CA LYS F 186 66.32 33.07 19.21
C LYS F 186 65.74 33.50 20.55
N ALA F 187 65.01 34.63 20.57
CA ALA F 187 64.36 35.06 21.79
C ALA F 187 63.31 34.06 22.24
N LEU F 188 62.56 33.49 21.29
CA LEU F 188 61.57 32.47 21.63
C LEU F 188 62.24 31.24 22.23
N LEU F 189 63.34 30.79 21.64
CA LEU F 189 64.06 29.65 22.19
C LEU F 189 64.63 29.96 23.57
N GLN F 190 65.10 31.18 23.79
CA GLN F 190 65.56 31.56 25.11
C GLN F 190 64.41 31.55 26.12
N ALA F 191 63.24 32.05 25.71
CA ALA F 191 62.12 32.18 26.64
C ALA F 191 61.49 30.83 26.97
N ILE F 192 61.49 29.89 26.02
CA ILE F 192 60.87 28.59 26.28
C ILE F 192 61.62 27.83 27.36
N ALA F 193 62.86 28.21 27.66
CA ALA F 193 63.64 27.50 28.68
C ALA F 193 63.01 27.65 30.06
N GLU F 194 62.58 28.87 30.41
CA GLU F 194 62.07 29.10 31.77
C GLU F 194 60.60 28.67 31.88
N LEU F 195 59.73 29.35 31.14
CA LEU F 195 58.31 28.98 31.01
C LEU F 195 57.66 28.80 32.38
N ASN F 196 57.58 29.91 33.11
CA ASN F 196 56.94 29.92 34.41
C ASN F 196 55.68 30.78 34.38
N GLY F 197 54.86 30.62 35.41
CA GLY F 197 53.55 31.25 35.42
C GLY F 197 52.62 30.67 34.38
N VAL F 198 52.60 29.36 34.25
CA VAL F 198 51.82 28.66 33.22
C VAL F 198 50.49 28.23 33.81
N ALA F 199 49.49 28.05 32.94
CA ALA F 199 48.19 27.51 33.32
C ALA F 199 47.48 28.41 34.32
N GLY F 200 47.50 29.71 34.08
CA GLY F 200 46.80 30.66 34.91
C GLY F 200 47.51 30.92 36.23
N GLY F 201 46.93 31.83 36.99
CA GLY F 201 47.52 32.19 38.27
C GLY F 201 47.36 31.07 39.29
N HIS F 202 48.37 30.93 40.15
CA HIS F 202 48.37 29.92 41.21
C HIS F 202 49.17 30.48 42.39
N ALA F 203 48.46 31.07 43.35
CA ALA F 203 49.10 31.61 44.54
C ALA F 203 49.04 30.65 45.72
N ARG F 204 48.30 29.54 45.61
CA ARG F 204 48.23 28.55 46.67
C ARG F 204 48.82 27.20 46.29
N ALA F 205 48.99 26.92 45.00
CA ALA F 205 49.64 25.70 44.52
C ALA F 205 50.78 26.14 43.61
N TYR F 206 51.94 26.39 44.20
CA TYR F 206 53.08 26.87 43.42
C TYR F 206 53.63 25.75 42.54
N TYR F 207 53.89 26.08 41.28
CA TYR F 207 54.40 25.11 40.33
C TYR F 207 55.13 25.85 39.23
N GLU F 208 55.94 25.11 38.48
CA GLU F 208 56.72 25.68 37.39
C GLU F 208 57.02 24.61 36.37
N PHE F 209 57.45 25.04 35.19
CA PHE F 209 57.77 24.16 34.08
C PHE F 209 59.27 24.11 33.82
N ALA F 210 60.06 24.12 34.90
CA ALA F 210 61.51 24.04 34.76
C ALA F 210 61.88 22.72 34.10
N PRO F 211 62.62 22.74 32.98
CA PRO F 211 62.87 21.51 32.25
C PRO F 211 64.12 20.78 32.72
N ARG F 212 63.99 19.45 32.83
CA ARG F 212 65.12 18.57 33.06
C ARG F 212 65.00 17.38 32.11
N SER F 213 66.15 16.92 31.64
CA SER F 213 66.23 15.81 30.69
C SER F 213 65.47 16.14 29.40
N VAL F 214 65.90 17.20 28.74
CA VAL F 214 65.34 17.62 27.46
C VAL F 214 66.10 16.92 26.34
N VAL F 215 65.38 16.40 25.35
CA VAL F 215 66.01 15.74 24.21
C VAL F 215 65.44 16.31 22.92
N ALA F 216 66.32 16.70 22.01
CA ALA F 216 65.95 17.22 20.69
C ALA F 216 66.42 16.23 19.63
N ARG F 217 65.61 16.05 18.59
CA ARG F 217 65.79 14.94 17.66
C ARG F 217 65.88 15.42 16.22
N LEU F 218 66.84 14.86 15.49
CA LEU F 218 66.89 14.93 14.03
C LEU F 218 66.81 16.37 13.52
N THR F 219 67.58 17.25 14.14
CA THR F 219 67.57 18.66 13.74
C THR F 219 67.94 18.89 12.27
N PRO F 220 68.99 18.27 11.69
CA PRO F 220 69.34 18.62 10.30
C PRO F 220 68.40 18.02 9.26
N LYS F 221 68.03 16.75 9.44
CA LYS F 221 67.27 16.05 8.41
C LYS F 221 65.82 16.51 8.42
N LEU F 222 65.04 15.98 7.47
CA LEU F 222 63.64 16.34 7.34
C LEU F 222 62.83 15.67 8.44
N VAL F 223 61.49 15.79 8.37
CA VAL F 223 60.63 15.34 9.46
C VAL F 223 60.63 13.82 9.53
N ALA F 224 61.13 13.28 10.64
CA ALA F 224 61.12 11.85 10.91
C ALA F 224 60.78 11.54 12.35
N GLY F 225 59.97 12.38 12.99
CA GLY F 225 59.67 12.19 14.40
C GLY F 225 58.91 10.90 14.66
N TYR F 226 59.11 10.36 15.86
CA TYR F 226 58.51 9.10 16.25
C TYR F 226 58.59 8.94 17.76
N GLN F 227 57.48 8.50 18.37
CA GLN F 227 57.40 8.24 19.80
C GLN F 227 57.86 9.46 20.61
N THR F 228 57.08 10.54 20.48
CA THR F 228 57.40 11.76 21.20
C THR F 228 57.18 11.62 22.70
N TYR F 229 56.28 10.72 23.11
CA TYR F 229 55.97 10.52 24.53
C TYR F 229 56.77 9.37 25.14
N GLY F 230 57.98 9.12 24.66
CA GLY F 230 58.74 7.95 25.06
C GLY F 230 59.19 7.91 26.50
N PHE F 231 60.11 8.81 26.88
CA PHE F 231 60.70 8.73 28.21
C PHE F 231 59.68 9.08 29.28
N ASP F 232 59.47 8.15 30.21
CA ASP F 232 58.50 8.30 31.28
C ASP F 232 58.90 7.37 32.42
N ALA F 233 58.01 7.19 33.39
CA ALA F 233 58.22 6.31 34.54
C ALA F 233 59.51 6.68 35.29
N GLU F 234 59.72 7.99 35.46
CA GLU F 234 60.85 8.56 36.22
C GLU F 234 62.18 7.91 35.87
N GLY F 235 62.30 7.40 34.66
CA GLY F 235 63.52 6.76 34.21
C GLY F 235 63.81 7.09 32.77
N ASN F 236 65.10 7.12 32.44
CA ASN F 236 65.52 7.41 31.08
C ASN F 236 65.07 6.32 30.11
N TRP F 237 64.65 6.74 28.92
CA TRP F 237 64.19 5.82 27.90
C TRP F 237 64.66 6.15 26.49
N LEU F 238 65.18 7.34 26.23
CA LEU F 238 65.66 7.67 24.89
C LEU F 238 67.06 7.17 24.59
N GLU F 239 67.85 6.75 25.59
CA GLU F 239 69.16 6.21 25.27
C GLU F 239 69.06 4.78 24.75
N LEU F 240 68.14 3.99 25.31
CA LEU F 240 67.90 2.65 24.77
C LEU F 240 67.30 2.73 23.37
N SER F 241 66.43 3.71 23.14
CA SER F 241 65.92 3.93 21.79
C SER F 241 67.01 4.39 20.85
N ARG F 242 67.92 5.24 21.34
CA ARG F 242 69.04 5.71 20.54
C ARG F 242 69.94 4.55 20.12
N LEU F 243 70.24 3.64 21.04
CA LEU F 243 71.08 2.50 20.69
C LEU F 243 70.33 1.49 19.84
N THR F 244 69.03 1.32 20.06
CA THR F 244 68.26 0.37 19.26
C THR F 244 67.87 0.97 17.91
N ALA F 245 67.08 2.05 17.94
CA ALA F 245 66.67 2.74 16.74
C ALA F 245 67.71 3.79 16.37
N THR F 246 68.15 3.77 15.11
CA THR F 246 69.26 4.61 14.65
C THR F 246 70.48 4.39 15.54
N ASP F 247 70.98 3.15 15.49
CA ASP F 247 72.03 2.68 16.37
C ASP F 247 73.24 3.62 16.34
N SER F 248 73.98 3.63 17.45
CA SER F 248 75.13 4.51 17.57
C SER F 248 76.18 4.20 16.50
N ASP F 249 76.44 2.91 16.27
CA ASP F 249 77.34 2.53 15.20
C ASP F 249 76.76 2.95 13.85
N ASN F 250 77.65 3.39 12.95
CA ASN F 250 77.26 3.83 11.61
C ASN F 250 77.52 2.76 10.55
N LEU F 251 77.53 1.49 10.95
CA LEU F 251 77.78 0.38 10.03
C LEU F 251 76.49 -0.31 9.61
N ASP F 252 75.67 -0.75 10.57
CA ASP F 252 74.43 -1.46 10.26
C ASP F 252 73.23 -0.51 10.25
N LEU F 253 73.01 0.20 11.36
CA LEU F 253 71.89 1.13 11.48
C LEU F 253 72.41 2.54 11.69
N PRO F 254 72.42 3.37 10.64
CA PRO F 254 72.95 4.74 10.79
C PRO F 254 72.07 5.59 11.69
N ALA F 255 72.69 6.60 12.28
CA ALA F 255 72.03 7.51 13.21
C ALA F 255 72.12 8.94 12.68
N ASN F 256 71.66 9.89 13.50
CA ASN F 256 71.66 11.30 13.15
C ASN F 256 72.02 12.11 14.39
N GLU F 257 72.42 13.36 14.16
CA GLU F 257 72.88 14.22 15.25
C GLU F 257 71.79 14.38 16.31
N PHE F 258 72.17 14.17 17.56
CA PHE F 258 71.27 14.24 18.69
C PHE F 258 71.81 15.22 19.73
N TRP F 259 70.91 15.68 20.59
CA TRP F 259 71.25 16.56 21.71
C TRP F 259 70.57 16.03 22.96
N LEU F 260 71.33 15.89 24.04
CA LEU F 260 70.82 15.29 25.27
C LEU F 260 70.84 16.30 26.41
N GLY F 261 69.87 16.15 27.32
CA GLY F 261 69.75 17.05 28.44
C GLY F 261 70.70 16.74 29.57
N GLY F 262 70.71 17.63 30.56
CA GLY F 262 71.61 17.48 31.68
C GLY F 262 71.17 16.44 32.70
N GLU F 263 69.86 16.26 32.88
CA GLU F 263 69.38 15.33 33.91
C GLU F 263 69.75 13.89 33.57
N LEU F 264 69.67 13.51 32.30
CA LEU F 264 70.00 12.15 31.91
C LEU F 264 71.46 11.82 32.21
N VAL F 265 72.37 12.73 31.88
CA VAL F 265 73.80 12.49 32.10
C VAL F 265 74.24 12.82 33.51
N ARG F 266 73.38 13.45 34.32
CA ARG F 266 73.75 13.78 35.69
C ARG F 266 74.04 12.53 36.51
N LYS F 267 73.21 11.49 36.36
CA LYS F 267 73.37 10.23 37.11
C LYS F 267 73.33 9.06 36.13
N MET F 268 74.49 8.71 35.59
CA MET F 268 74.66 7.57 34.70
C MET F 268 76.15 7.34 34.48
N ASP F 269 76.48 6.15 34.00
CA ASP F 269 77.86 5.68 33.98
C ASP F 269 78.73 6.57 33.09
N GLN F 270 79.88 6.98 33.63
CA GLN F 270 80.85 7.73 32.83
C GLN F 270 81.42 6.87 31.71
N GLU F 271 81.66 5.58 31.99
CA GLU F 271 82.08 4.67 30.94
C GLU F 271 81.02 4.55 29.85
N GLN F 272 79.75 4.72 30.21
CA GLN F 272 78.71 4.76 29.19
C GLN F 272 78.79 6.04 28.37
N LYS F 273 79.18 7.14 29.00
CA LYS F 273 79.43 8.36 28.24
C LYS F 273 80.56 8.16 27.24
N ALA F 274 81.65 7.52 27.67
CA ALA F 274 82.76 7.25 26.77
C ALA F 274 82.35 6.31 25.64
N GLN F 275 81.57 5.27 25.98
CA GLN F 275 81.09 4.34 24.96
C GLN F 275 80.18 5.04 23.96
N LEU F 276 79.30 5.91 24.45
CA LEU F 276 78.36 6.62 23.58
C LEU F 276 79.08 7.84 22.99
N GLU F 277 80.05 7.54 22.11
CA GLU F 277 80.83 8.57 21.43
C GLU F 277 81.11 8.18 19.98
N ALA F 278 80.23 7.38 19.37
CA ALA F 278 80.46 6.95 17.99
C ALA F 278 80.51 8.16 17.06
N MET F 279 79.49 9.01 17.12
CA MET F 279 79.54 10.33 16.51
C MET F 279 79.79 11.42 17.54
N GLY F 280 79.95 11.06 18.81
CA GLY F 280 80.11 12.01 19.88
C GLY F 280 78.81 12.50 20.48
N ALA F 281 77.76 12.57 19.68
CA ALA F 281 76.45 13.10 20.10
C ALA F 281 76.66 14.51 20.62
N HIS F 282 75.84 14.94 21.58
CA HIS F 282 75.98 16.26 22.19
C HIS F 282 75.48 16.17 23.61
N LEU F 283 76.39 16.26 24.58
CA LEU F 283 76.06 16.11 25.99
C LEU F 283 76.27 17.44 26.71
N TYR F 284 75.38 17.74 27.66
CA TYR F 284 75.44 18.98 28.40
C TYR F 284 74.94 18.74 29.81
N ALA F 285 75.25 19.69 30.69
CA ALA F 285 74.87 19.57 32.10
C ALA F 285 73.62 20.37 32.46
N ASN F 286 73.34 21.45 31.75
CA ASN F 286 72.16 22.27 32.02
C ASN F 286 71.42 22.57 30.73
N PRO F 287 70.08 22.60 30.77
CA PRO F 287 69.31 22.80 29.54
C PRO F 287 69.56 24.13 28.86
N GLU F 288 69.89 25.18 29.60
CA GLU F 288 70.04 26.50 28.98
C GLU F 288 71.20 26.51 27.98
N LYS F 289 72.32 25.90 28.34
CA LYS F 289 73.48 25.87 27.44
C LYS F 289 73.16 25.11 26.16
N LEU F 290 72.48 23.97 26.27
CA LEU F 290 72.16 23.21 25.07
C LEU F 290 71.12 23.92 24.23
N PHE F 291 70.18 24.63 24.85
CA PHE F 291 69.25 25.47 24.08
C PHE F 291 70.01 26.53 23.30
N ALA F 292 70.96 27.21 23.95
CA ALA F 292 71.72 28.24 23.26
C ALA F 292 72.50 27.66 22.09
N ASP F 293 73.20 26.54 22.32
CA ASP F 293 73.99 25.94 21.26
C ASP F 293 73.11 25.43 20.12
N LEU F 294 71.98 24.81 20.45
CA LEU F 294 71.08 24.31 19.42
C LEU F 294 70.50 25.45 18.59
N ALA F 295 70.12 26.55 19.26
CA ALA F 295 69.62 27.70 18.51
C ALA F 295 70.70 28.26 17.59
N ASP F 296 71.93 28.37 18.09
CA ASP F 296 73.02 28.87 17.25
C ASP F 296 73.25 27.96 16.05
N SER F 297 73.24 26.65 16.25
CA SER F 297 73.51 25.73 15.15
C SER F 297 72.37 25.70 14.14
N PHE F 298 71.13 25.58 14.61
CA PHE F 298 69.99 25.45 13.71
C PHE F 298 69.72 26.75 12.97
N LEU F 299 69.87 27.90 13.65
CA LEU F 299 69.62 29.18 13.01
C LEU F 299 70.61 29.47 11.89
N GLY F 300 71.76 28.78 11.87
CA GLY F 300 72.77 29.03 10.88
C GLY F 300 73.71 30.17 11.19
N VAL F 301 73.56 30.81 12.35
CA VAL F 301 74.41 31.92 12.74
C VAL F 301 74.63 31.90 14.25
N ASN G 3 65.96 37.76 36.39
CA ASN G 3 65.17 38.95 36.67
C ASN G 3 65.41 39.44 38.09
N LEU G 4 64.93 40.65 38.39
CA LEU G 4 65.05 41.20 39.74
C LEU G 4 63.99 40.58 40.67
N ASN G 5 64.07 39.26 40.78
CA ASN G 5 63.19 38.48 41.64
C ASN G 5 63.94 37.29 42.19
N LEU G 6 63.69 36.95 43.46
CA LEU G 6 64.36 35.84 44.12
C LEU G 6 63.49 34.59 44.04
N PHE G 7 64.13 33.45 43.81
CA PHE G 7 63.42 32.19 43.64
C PHE G 7 63.05 31.61 45.01
N ALA G 8 62.61 30.36 45.02
CA ALA G 8 62.13 29.73 46.23
C ALA G 8 63.25 29.59 47.26
N THR G 9 62.90 29.81 48.52
CA THR G 9 63.80 29.64 49.66
C THR G 9 63.17 28.61 50.58
N ILE G 10 63.43 27.33 50.32
CA ILE G 10 62.85 26.26 51.12
C ILE G 10 63.56 26.19 52.45
N LEU G 11 62.78 26.13 53.53
CA LEU G 11 63.32 26.01 54.88
C LEU G 11 62.69 24.80 55.56
N THR G 12 63.46 24.18 56.45
CA THR G 12 63.06 22.94 57.09
C THR G 12 63.24 23.03 58.59
N TYR G 13 62.63 22.09 59.30
CA TYR G 13 62.72 21.98 60.75
C TYR G 13 63.15 20.55 61.09
N PRO G 14 64.44 20.25 60.97
CA PRO G 14 64.90 18.88 61.24
C PRO G 14 64.62 18.41 62.65
N ALA G 15 64.64 19.31 63.64
CA ALA G 15 64.37 18.93 65.02
C ALA G 15 62.90 18.58 65.21
N GLN G 32 45.16 16.20 57.12
CA GLN G 32 46.18 15.22 57.46
C GLN G 32 46.10 13.97 56.59
N LYS G 33 46.24 14.17 55.27
CA LYS G 33 46.21 13.04 54.36
C LYS G 33 47.34 12.07 54.66
N ILE G 34 47.02 10.79 54.72
CA ILE G 34 47.97 9.75 55.09
C ILE G 34 48.31 8.93 53.85
N LEU G 35 49.57 9.03 53.41
CA LEU G 35 50.09 8.27 52.27
C LEU G 35 49.23 8.50 51.02
N LYS G 36 49.30 9.74 50.53
CA LYS G 36 48.62 10.08 49.27
C LYS G 36 49.11 9.19 48.15
N ASP G 37 50.43 9.08 48.01
CA ASP G 37 51.05 8.03 47.21
C ASP G 37 51.62 6.98 48.15
N GLY G 38 52.38 6.03 47.61
CA GLY G 38 52.90 4.97 48.44
C GLY G 38 54.05 5.33 49.35
N GLN G 39 54.57 6.55 49.24
CA GLN G 39 55.76 6.90 50.01
C GLN G 39 55.61 8.20 50.80
N LYS G 40 54.80 9.13 50.31
CA LYS G 40 54.72 10.46 50.92
C LYS G 40 53.25 10.86 51.03
N TYR G 41 53.03 12.10 51.47
CA TYR G 41 51.69 12.63 51.69
C TYR G 41 51.79 14.13 51.92
N ALA G 42 50.63 14.79 51.97
CA ALA G 42 50.53 16.20 52.27
C ALA G 42 49.75 16.39 53.57
N ILE G 43 50.17 17.35 54.38
CA ILE G 43 49.57 17.54 55.69
C ILE G 43 48.97 18.93 55.84
N ILE G 44 49.80 19.96 55.72
CA ILE G 44 49.38 21.33 56.00
C ILE G 44 48.90 21.98 54.70
N SER G 45 47.68 22.50 54.73
CA SER G 45 47.15 23.23 53.59
C SER G 45 47.85 24.58 53.45
N PRO G 46 47.95 25.10 52.22
CA PRO G 46 48.64 26.39 52.02
C PRO G 46 47.92 27.56 52.67
N GLU G 47 46.63 27.44 52.95
CA GLU G 47 45.87 28.58 53.47
C GLU G 47 46.18 28.87 54.95
N SER G 48 46.63 27.86 55.71
CA SER G 48 46.78 28.04 57.15
C SER G 48 47.84 29.07 57.48
N MET G 49 49.01 28.98 56.85
CA MET G 49 50.11 29.87 57.21
C MET G 49 49.81 31.32 56.86
N ARG G 50 49.03 31.56 55.81
CA ARG G 50 48.66 32.93 55.47
C ARG G 50 47.86 33.57 56.60
N ASN G 51 46.93 32.83 57.19
CA ASN G 51 46.19 33.35 58.35
C ASN G 51 47.12 33.57 59.54
N ALA G 52 48.07 32.65 59.75
CA ALA G 52 49.06 32.86 60.81
C ALA G 52 49.92 34.08 60.53
N LEU G 53 50.31 34.28 59.27
CA LEU G 53 51.09 35.46 58.92
C LEU G 53 50.26 36.74 59.05
N ARG G 54 48.94 36.62 59.00
CA ARG G 54 48.09 37.80 59.13
C ARG G 54 48.20 38.42 60.51
N GLU G 55 48.06 37.60 61.56
CA GLU G 55 48.13 38.13 62.92
C GLU G 55 49.56 38.54 63.28
N MET G 56 50.56 37.87 62.72
CA MET G 56 51.94 38.28 62.94
C MET G 56 52.21 39.66 62.38
N LEU G 57 51.53 40.01 61.28
CA LEU G 57 51.64 41.35 60.72
C LEU G 57 51.15 42.40 61.71
N ILE G 58 50.03 42.12 62.39
CA ILE G 58 49.49 43.06 63.36
C ILE G 58 50.46 43.22 64.53
N GLU G 59 51.11 42.14 64.94
CA GLU G 59 52.06 42.22 66.04
C GLU G 59 53.23 43.15 65.72
N LEU G 60 53.53 43.34 64.44
CA LEU G 60 54.60 44.23 64.01
C LEU G 60 54.13 45.67 63.78
N GLY G 61 53.02 46.06 64.40
CA GLY G 61 52.53 47.41 64.28
C GLY G 61 52.11 47.82 62.88
N GLN G 62 51.41 46.93 62.17
CA GLN G 62 50.92 47.20 60.82
C GLN G 62 49.44 46.87 60.76
N PRO G 63 48.57 47.75 61.29
CA PRO G 63 47.13 47.47 61.27
C PRO G 63 46.60 47.43 59.85
N ASN G 64 45.91 46.35 59.50
CA ASN G 64 45.41 46.13 58.16
C ASN G 64 43.92 46.48 58.10
N ASN G 65 43.32 46.27 56.92
CA ASN G 65 41.89 46.52 56.76
C ASN G 65 41.07 45.33 57.23
N ARG G 66 41.33 44.14 56.67
CA ARG G 66 40.58 42.95 57.01
C ARG G 66 41.10 42.33 58.30
N THR G 67 41.15 43.13 59.37
CA THR G 67 41.68 42.67 60.65
C THR G 67 40.60 41.96 61.46
N ARG G 68 40.04 40.91 60.84
CA ARG G 68 39.03 40.11 61.52
C ARG G 68 39.65 39.29 62.63
N LEU G 69 38.95 39.21 63.76
CA LEU G 69 39.41 38.43 64.90
C LEU G 69 39.27 36.95 64.53
N HIS G 70 40.39 36.33 64.18
CA HIS G 70 40.38 34.94 63.71
C HIS G 70 41.67 34.24 64.08
N LEU G 75 36.75 34.33 66.16
CA LEU G 75 35.41 34.34 66.74
C LEU G 75 34.51 35.32 66.00
N ALA G 76 34.94 36.57 65.90
CA ALA G 76 34.20 37.63 65.25
C ALA G 76 34.96 38.11 64.02
N VAL G 77 34.30 38.17 62.88
CA VAL G 77 34.89 38.65 61.64
C VAL G 77 34.31 40.03 61.36
N GLU G 78 35.18 41.04 61.30
CA GLU G 78 34.76 42.42 61.17
C GLU G 78 34.71 42.84 59.71
N PHE G 79 34.32 44.09 59.49
CA PHE G 79 34.25 44.68 58.16
C PHE G 79 34.75 46.12 58.24
N LYS G 80 35.86 46.40 57.57
CA LYS G 80 36.39 47.75 57.49
C LYS G 80 35.80 48.41 56.25
N GLU G 81 36.29 49.60 55.89
CA GLU G 81 35.78 50.28 54.71
C GLU G 81 36.18 49.52 53.45
N TYR G 82 35.75 50.03 52.30
CA TYR G 82 36.08 49.40 51.04
C TYR G 82 37.59 49.38 50.84
N PRO G 83 38.16 48.31 50.27
CA PRO G 83 39.60 48.22 50.07
C PRO G 83 40.08 49.00 48.85
N ASN G 84 39.60 50.24 48.70
CA ASN G 84 40.02 51.07 47.58
C ASN G 84 41.50 51.40 47.62
N PRO G 85 42.08 51.87 48.73
CA PRO G 85 43.53 52.08 48.76
C PRO G 85 44.27 50.77 48.98
N ASP G 86 45.28 50.53 48.15
CA ASP G 86 46.14 49.35 48.30
C ASP G 86 47.22 49.62 49.36
N LYS G 87 46.74 49.94 50.56
CA LYS G 87 47.59 50.29 51.68
C LYS G 87 47.67 49.12 52.66
N PHE G 88 48.80 49.05 53.38
CA PHE G 88 49.11 47.97 54.29
C PHE G 88 49.11 46.62 53.56
N ALA G 89 50.04 46.52 52.60
CA ALA G 89 50.27 45.30 51.82
C ALA G 89 49.03 44.87 51.04
N ASP G 90 48.23 45.85 50.61
CA ASP G 90 47.03 45.60 49.80
C ASP G 90 46.11 44.58 50.48
N ASP G 91 45.96 44.71 51.79
CA ASP G 91 45.18 43.78 52.60
C ASP G 91 45.66 42.34 52.37
N PHE G 92 46.97 42.17 52.31
CA PHE G 92 47.61 40.88 52.09
C PHE G 92 47.12 40.21 50.81
N LEU G 93 47.04 40.99 49.74
CA LEU G 93 46.97 40.49 48.37
C LEU G 93 45.62 39.86 48.03
N PHE G 94 44.56 40.20 48.75
CA PHE G 94 43.22 39.72 48.38
C PHE G 94 42.20 40.85 48.49
N GLY G 95 42.60 42.06 48.17
CA GLY G 95 41.68 43.18 48.17
C GLY G 95 40.78 43.20 46.95
N TYR G 96 39.82 42.28 46.90
CA TYR G 96 38.94 42.17 45.74
C TYR G 96 37.49 42.15 46.19
N MET G 97 36.59 42.43 45.25
CA MET G 97 35.17 42.28 45.47
C MET G 97 34.55 41.63 44.23
N VAL G 98 33.61 40.72 44.46
CA VAL G 98 33.02 39.92 43.40
C VAL G 98 31.51 40.04 43.35
N ALA G 99 30.89 40.67 44.36
CA ALA G 99 29.45 40.80 44.44
C ALA G 99 28.88 41.51 43.22
N GLN G 100 27.55 41.44 43.10
CA GLN G 100 26.86 41.91 41.90
C GLN G 100 27.12 43.39 41.66
N THR G 101 26.70 44.24 42.59
CA THR G 101 26.77 45.69 42.39
C THR G 101 28.07 46.27 42.92
N ASN G 102 28.32 46.14 44.22
CA ASN G 102 29.49 46.74 44.88
C ASN G 102 29.56 48.24 44.59
N ASP G 103 28.41 48.90 44.61
CA ASP G 103 28.29 50.33 44.31
C ASP G 103 28.92 50.63 42.95
N ALA G 104 28.33 50.03 41.91
CA ALA G 104 28.87 50.09 40.55
C ALA G 104 30.30 49.58 40.51
N LYS G 105 30.58 48.55 41.31
CA LYS G 105 31.89 47.89 41.37
C LYS G 105 32.99 48.87 41.77
N GLU G 106 32.63 49.95 42.45
CA GLU G 106 33.58 51.00 42.86
C GLU G 106 34.29 51.62 41.66
N MET G 107 33.61 51.66 40.51
CA MET G 107 34.13 52.27 39.31
C MET G 107 33.86 53.77 39.22
N LYS G 108 33.21 54.35 40.22
CA LYS G 108 32.91 55.78 40.20
C LYS G 108 34.19 56.61 40.18
N LYS G 109 34.96 56.55 41.26
CA LYS G 109 36.25 57.23 41.31
C LYS G 109 37.33 56.39 41.99
N LEU G 110 37.02 55.15 42.37
CA LEU G 110 37.94 54.31 43.12
C LEU G 110 38.73 53.35 42.24
N ASN G 111 38.09 52.79 41.21
CA ASN G 111 38.78 52.03 40.16
C ASN G 111 39.57 50.86 40.74
N ARG G 112 38.84 49.95 41.39
CA ARG G 112 39.42 48.72 41.94
C ARG G 112 38.54 47.56 41.50
N PRO G 113 38.70 47.10 40.25
CA PRO G 113 37.81 46.05 39.71
C PRO G 113 38.32 44.63 40.02
N ALA G 114 38.18 44.24 41.28
CA ALA G 114 38.55 42.90 41.75
C ALA G 114 40.01 42.57 41.40
N LYS G 115 40.88 43.58 41.50
CA LYS G 115 42.29 43.36 41.24
C LYS G 115 42.91 42.52 42.35
N ARG G 116 43.97 41.80 42.02
CA ARG G 116 44.63 40.93 42.97
C ARG G 116 46.12 40.92 42.70
N ASP G 117 46.89 41.47 43.64
CA ASP G 117 48.35 41.46 43.53
C ASP G 117 48.89 40.07 43.88
N SER G 118 49.94 39.66 43.18
CA SER G 118 50.60 38.38 43.38
C SER G 118 52.05 38.66 43.76
N ILE G 119 52.30 38.79 45.06
CA ILE G 119 53.62 39.07 45.59
C ILE G 119 54.17 37.88 46.37
N PHE G 120 53.37 37.32 47.26
CA PHE G 120 53.78 36.19 48.08
C PHE G 120 53.03 34.94 47.65
N ARG G 121 53.76 33.90 47.28
CA ARG G 121 53.18 32.63 46.88
C ARG G 121 53.87 31.50 47.61
N CYS G 122 53.08 30.50 48.04
CA CYS G 122 53.60 29.37 48.78
C CYS G 122 52.95 28.10 48.25
N ASN G 123 53.15 27.00 48.95
CA ASN G 123 52.58 25.71 48.57
C ASN G 123 52.44 24.85 49.81
N MET G 124 51.96 23.63 49.62
CA MET G 124 51.72 22.71 50.72
C MET G 124 53.03 22.29 51.37
N ALA G 125 52.99 22.07 52.67
CA ALA G 125 54.14 21.60 53.44
C ALA G 125 53.96 20.12 53.75
N VAL G 126 54.93 19.31 53.36
CA VAL G 126 54.86 17.87 53.52
C VAL G 126 55.87 17.43 54.56
N ALA G 127 55.64 16.24 55.12
CA ALA G 127 56.51 15.67 56.15
C ALA G 127 57.47 14.68 55.50
N VAL G 128 58.76 14.85 55.80
CA VAL G 128 59.77 13.96 55.23
C VAL G 128 59.64 12.57 55.84
N ASN G 129 59.32 12.48 57.12
CA ASN G 129 59.20 11.20 57.80
C ASN G 129 57.91 10.50 57.36
N PRO G 130 57.97 9.28 56.83
CA PRO G 130 56.74 8.57 56.48
C PRO G 130 55.88 8.31 57.71
N TYR G 131 54.57 8.28 57.48
CA TYR G 131 53.64 8.12 58.59
C TYR G 131 53.79 6.76 59.24
N LYS G 132 53.64 6.73 60.56
CA LYS G 132 53.75 5.51 61.34
C LYS G 132 52.38 5.13 61.88
N TYR G 133 51.95 3.90 61.61
CA TYR G 133 50.64 3.43 62.04
C TYR G 133 50.69 2.99 63.50
N THR G 165 59.11 14.77 61.40
CA THR G 165 58.53 15.93 62.06
C THR G 165 58.90 17.21 61.31
N ALA G 166 59.72 17.07 60.28
CA ALA G 166 60.17 18.21 59.50
C ALA G 166 59.16 18.54 58.39
N PHE G 167 59.24 19.78 57.91
CA PHE G 167 58.37 20.24 56.84
C PHE G 167 59.14 21.24 55.99
N GLN G 168 58.67 21.44 54.77
CA GLN G 168 59.29 22.38 53.83
C GLN G 168 58.26 23.41 53.37
N TYR G 169 58.70 24.67 53.31
CA TYR G 169 57.86 25.77 52.85
C TYR G 169 58.51 26.40 51.63
N PRO G 170 58.14 25.97 50.42
CA PRO G 170 58.59 26.70 49.22
C PRO G 170 58.02 28.10 49.20
N PHE G 171 58.82 29.04 48.71
CA PHE G 171 58.46 30.44 48.68
C PHE G 171 58.45 30.96 47.24
N ALA G 172 57.78 32.09 47.05
CA ALA G 172 57.84 32.81 45.78
C ALA G 172 57.54 34.28 46.09
N LEU G 173 58.60 35.08 46.18
CA LEU G 173 58.47 36.52 46.45
C LEU G 173 58.78 37.34 45.20
N ALA G 174 58.57 36.75 44.03
CA ALA G 174 58.84 37.42 42.77
C ALA G 174 57.90 38.61 42.62
N GLY G 175 58.44 39.82 42.74
CA GLY G 175 57.62 41.02 42.66
C GLY G 175 58.16 42.08 41.73
N LYS G 176 59.40 41.88 41.25
CA LYS G 176 60.13 42.82 40.41
C LYS G 176 59.82 44.27 40.77
N ASP G 177 59.45 45.08 39.76
CA ASP G 177 59.14 46.49 40.03
C ASP G 177 57.86 46.65 40.83
N CYS G 178 56.95 45.67 40.75
CA CYS G 178 55.70 45.78 41.50
C CYS G 178 55.95 45.81 43.01
N ALA G 179 56.85 44.95 43.49
CA ALA G 179 57.21 44.92 44.90
C ALA G 179 58.34 45.87 45.25
N ALA G 180 58.94 46.53 44.27
CA ALA G 180 60.04 47.45 44.50
C ALA G 180 59.59 48.87 44.78
N LYS G 181 58.28 49.15 44.69
CA LYS G 181 57.80 50.49 44.96
C LYS G 181 57.85 50.77 46.46
N PRO G 182 58.05 52.04 46.84
CA PRO G 182 58.25 52.35 48.28
C PRO G 182 57.09 51.94 49.16
N GLU G 183 55.84 52.00 48.67
CA GLU G 183 54.70 51.60 49.48
C GLU G 183 54.77 50.12 49.87
N TRP G 184 55.49 49.31 49.11
CA TRP G 184 55.73 47.92 49.48
C TRP G 184 57.13 47.70 50.05
N VAL G 185 58.09 48.57 49.74
CA VAL G 185 59.43 48.46 50.31
C VAL G 185 59.37 48.58 51.82
N LYS G 186 58.62 49.55 52.33
CA LYS G 186 58.50 49.76 53.77
C LYS G 186 57.88 48.57 54.48
N ALA G 187 57.18 47.69 53.75
CA ALA G 187 56.45 46.58 54.36
C ALA G 187 57.20 45.26 54.28
N LEU G 188 57.74 44.92 53.11
CA LEU G 188 58.30 43.58 52.91
C LEU G 188 59.51 43.34 53.80
N LEU G 189 60.37 44.35 53.96
CA LEU G 189 61.57 44.16 54.78
C LEU G 189 61.27 44.06 56.27
N GLN G 190 60.04 44.37 56.69
CA GLN G 190 59.66 44.26 58.09
C GLN G 190 58.57 43.24 58.35
N ALA G 191 57.78 42.85 57.34
CA ALA G 191 56.70 41.89 57.53
C ALA G 191 57.07 40.48 57.10
N ILE G 192 58.03 40.33 56.18
CA ILE G 192 58.41 39.02 55.68
C ILE G 192 59.83 38.64 56.07
N ALA G 193 60.71 39.61 56.32
CA ALA G 193 62.11 39.31 56.62
C ALA G 193 62.25 38.54 57.92
N GLU G 194 61.49 38.92 58.95
CA GLU G 194 61.68 38.29 60.25
C GLU G 194 61.25 36.82 60.23
N LEU G 195 60.10 36.52 59.62
CA LEU G 195 59.61 35.16 59.42
C LEU G 195 59.81 34.30 60.67
N ASN G 196 59.31 34.80 61.81
CA ASN G 196 59.43 34.10 63.09
C ASN G 196 58.12 34.28 63.85
N GLY G 197 57.23 33.31 63.71
CA GLY G 197 55.94 33.36 64.37
C GLY G 197 55.41 31.99 64.75
N VAL G 198 54.12 31.90 65.01
CA VAL G 198 53.47 30.65 65.39
C VAL G 198 52.29 30.40 64.47
N ALA G 199 52.17 29.16 63.99
CA ALA G 199 51.10 28.76 63.11
C ALA G 199 50.01 28.04 63.91
N GLY G 200 48.92 27.68 63.22
CA GLY G 200 47.81 27.01 63.87
C GLY G 200 47.12 27.89 64.90
N GLY G 201 47.29 27.55 66.17
CA GLY G 201 46.72 28.32 67.25
C GLY G 201 45.66 27.56 68.02
N HIS G 202 44.81 26.82 67.31
CA HIS G 202 43.84 25.96 67.97
C HIS G 202 44.51 24.69 68.52
N ALA G 203 45.61 24.27 67.92
CA ALA G 203 46.35 23.10 68.37
C ALA G 203 47.84 23.43 68.34
N ARG G 204 48.61 22.65 69.10
CA ARG G 204 50.05 22.87 69.21
C ARG G 204 50.71 22.40 67.92
N ALA G 205 50.78 23.32 66.95
CA ALA G 205 51.44 23.08 65.66
C ALA G 205 51.97 24.42 65.17
N TYR G 206 53.24 24.68 65.48
CA TYR G 206 53.89 25.92 65.07
C TYR G 206 55.38 25.66 64.94
N TYR G 207 55.90 25.78 63.72
CA TYR G 207 57.30 25.45 63.46
C TYR G 207 57.83 26.41 62.39
N GLU G 208 58.75 27.28 62.78
CA GLU G 208 59.45 28.18 61.87
C GLU G 208 60.92 28.12 62.25
N PHE G 209 61.72 27.43 61.44
CA PHE G 209 63.07 27.05 61.82
C PHE G 209 64.09 27.65 60.86
N ALA G 210 65.28 27.93 61.39
CA ALA G 210 66.28 28.69 60.63
C ALA G 210 66.80 27.96 59.40
N PRO G 211 67.19 26.66 59.46
CA PRO G 211 67.78 25.99 58.28
C PRO G 211 67.00 26.18 56.99
N ARG G 212 67.63 26.85 56.01
CA ARG G 212 67.04 27.09 54.71
C ARG G 212 68.13 27.04 53.65
N SER G 213 67.70 26.84 52.41
CA SER G 213 68.63 26.82 51.29
C SER G 213 69.25 28.19 51.08
N VAL G 214 70.56 28.22 50.86
CA VAL G 214 71.25 29.48 50.63
C VAL G 214 71.06 29.91 49.18
N VAL G 215 70.02 30.70 48.94
CA VAL G 215 69.70 31.21 47.62
C VAL G 215 69.45 32.71 47.72
N ALA G 216 69.95 33.45 46.75
CA ALA G 216 69.80 34.91 46.76
C ALA G 216 69.19 35.39 45.46
N ARG G 217 69.18 36.72 45.26
CA ARG G 217 68.62 37.30 44.05
C ARG G 217 69.36 36.77 42.82
N LEU G 218 68.60 36.34 41.83
CA LEU G 218 69.14 35.82 40.56
C LEU G 218 68.70 36.78 39.46
N THR G 219 69.52 37.81 39.22
CA THR G 219 69.14 38.83 38.25
C THR G 219 69.30 38.35 36.80
N PRO G 220 70.45 37.80 36.37
CA PRO G 220 70.58 37.46 34.94
C PRO G 220 69.57 36.45 34.45
N LYS G 221 69.16 35.50 35.30
CA LYS G 221 68.20 34.47 34.92
C LYS G 221 66.95 34.64 35.78
N LEU G 222 65.79 34.63 35.13
CA LEU G 222 64.53 34.81 35.85
C LEU G 222 64.21 33.52 36.60
N VAL G 223 63.01 33.46 37.18
CA VAL G 223 62.62 32.33 38.03
C VAL G 223 62.82 31.01 37.31
N ALA G 224 63.65 30.14 37.88
CA ALA G 224 63.97 28.86 37.29
C ALA G 224 64.29 27.87 38.40
N GLY G 225 63.99 26.61 38.15
CA GLY G 225 64.03 25.59 39.19
C GLY G 225 65.39 25.32 39.79
N TYR G 226 65.57 25.71 41.04
CA TYR G 226 66.72 25.29 41.85
C TYR G 226 66.39 24.02 42.63
N GLN G 227 65.91 23.01 41.91
CA GLN G 227 65.34 21.80 42.51
C GLN G 227 64.17 22.15 43.42
N THR G 228 63.58 21.15 44.07
CA THR G 228 62.47 21.40 44.97
C THR G 228 62.37 20.27 45.98
N TYR G 229 62.03 20.61 47.22
CA TYR G 229 61.75 19.65 48.29
C TYR G 229 62.95 18.75 48.56
N GLY G 230 64.12 19.37 48.71
CA GLY G 230 65.29 18.67 49.18
C GLY G 230 65.39 18.75 50.69
N PHE G 231 64.94 17.70 51.39
CA PHE G 231 64.87 17.74 52.84
C PHE G 231 66.26 17.86 53.46
N ASP G 232 67.18 16.98 53.08
CA ASP G 232 68.56 17.00 53.56
C ASP G 232 68.63 16.95 55.09
N ALA G 233 67.60 16.41 55.74
CA ALA G 233 67.65 16.23 57.19
C ALA G 233 68.75 15.27 57.58
N GLU G 234 68.92 14.20 56.81
CA GLU G 234 69.99 13.23 57.04
C GLU G 234 70.88 13.04 55.82
N GLY G 235 70.59 13.72 54.70
CA GLY G 235 71.38 13.54 53.50
C GLY G 235 72.36 14.65 53.22
N ASN G 236 71.93 15.90 53.40
CA ASN G 236 72.78 17.08 53.18
C ASN G 236 73.36 17.08 51.77
N TRP G 237 72.46 17.12 50.78
CA TRP G 237 72.87 17.06 49.38
C TRP G 237 72.10 18.02 48.49
N LEU G 238 71.45 19.04 49.06
CA LEU G 238 70.71 19.99 48.23
C LEU G 238 71.63 20.77 47.31
N GLU G 239 72.95 20.76 47.58
CA GLU G 239 73.90 21.36 46.65
C GLU G 239 73.90 20.62 45.31
N LEU G 240 73.67 19.31 45.34
CA LEU G 240 73.68 18.49 44.13
C LEU G 240 75.00 18.59 43.37
N SER G 241 76.10 18.75 44.12
CA SER G 241 77.43 18.91 43.54
C SER G 241 77.45 20.04 42.51
N ARG G 242 76.78 21.14 42.83
CA ARG G 242 76.69 22.31 41.96
C ARG G 242 77.59 23.39 42.54
N LEU G 243 78.81 23.46 42.02
CA LEU G 243 79.79 24.45 42.46
C LEU G 243 80.48 25.04 41.24
N THR G 244 80.66 26.36 41.26
CA THR G 244 81.36 27.07 40.18
C THR G 244 82.85 27.23 40.48
N ALA G 245 83.49 26.11 40.86
CA ALA G 245 84.93 26.14 41.08
C ALA G 245 85.68 26.42 39.79
N THR G 246 85.24 25.80 38.68
CA THR G 246 85.80 26.04 37.37
C THR G 246 84.69 26.47 36.42
N ASP G 247 84.97 27.50 35.61
CA ASP G 247 84.00 28.04 34.69
C ASP G 247 84.39 27.93 33.22
N SER G 248 85.68 27.77 32.92
CA SER G 248 86.11 27.71 31.52
C SER G 248 85.61 26.45 30.84
N ASP G 249 85.65 25.30 31.54
CA ASP G 249 85.31 24.02 30.93
C ASP G 249 83.83 23.71 31.03
N ASN G 250 83.29 23.61 32.25
CA ASN G 250 81.91 23.21 32.47
C ASN G 250 81.56 23.48 33.92
N LEU G 251 80.37 23.04 34.33
CA LEU G 251 79.89 23.13 35.70
C LEU G 251 79.84 24.58 36.20
N ASP G 252 79.53 25.50 35.30
CA ASP G 252 79.35 26.91 35.68
C ASP G 252 77.88 27.21 35.98
N LEU G 253 77.29 26.39 36.85
CA LEU G 253 75.88 26.50 37.21
C LEU G 253 75.60 27.58 38.25
N PRO G 254 76.25 27.59 39.40
CA PRO G 254 75.86 28.52 40.46
C PRO G 254 76.26 29.95 40.14
N ALA G 255 75.73 30.88 40.93
CA ALA G 255 75.99 32.31 40.77
C ALA G 255 76.24 32.96 42.13
N ASN G 256 77.02 32.29 42.98
CA ASN G 256 77.42 32.82 44.29
C ASN G 256 76.20 33.12 45.16
N GLU G 257 75.49 32.04 45.50
CA GLU G 257 74.32 32.11 46.36
C GLU G 257 74.64 31.76 47.82
N PHE G 258 75.92 31.64 48.17
CA PHE G 258 76.31 31.17 49.49
C PHE G 258 75.93 32.17 50.58
N TRP G 259 75.60 31.62 51.75
CA TRP G 259 75.46 32.39 52.98
C TRP G 259 75.53 31.40 54.14
N LEU G 260 75.39 31.91 55.36
CA LEU G 260 75.41 31.04 56.53
C LEU G 260 74.12 30.24 56.61
N GLY G 261 74.14 29.03 56.08
CA GLY G 261 72.96 28.20 55.99
C GLY G 261 72.65 27.48 57.30
N GLY G 262 71.81 26.47 57.18
CA GLY G 262 71.32 25.69 58.30
C GLY G 262 72.18 24.52 58.73
N GLU G 263 73.35 24.34 58.12
CA GLU G 263 74.16 23.17 58.46
C GLU G 263 75.65 23.49 58.58
N LEU G 264 76.02 24.76 58.78
CA LEU G 264 77.42 25.11 58.96
C LEU G 264 77.97 24.49 60.25
N VAL G 265 77.45 24.90 61.39
CA VAL G 265 77.81 24.26 62.66
C VAL G 265 76.89 23.09 62.98
N ARG G 266 75.71 23.02 62.36
CA ARG G 266 74.83 21.88 62.51
C ARG G 266 75.36 20.62 61.88
N LYS G 267 76.42 20.71 61.07
CA LYS G 267 77.02 19.53 60.45
C LYS G 267 78.50 19.80 60.21
N MET G 268 79.34 18.86 60.60
CA MET G 268 80.78 18.97 60.42
C MET G 268 81.20 18.30 59.13
N ASP G 269 81.91 19.03 58.28
CA ASP G 269 82.35 18.52 56.98
C ASP G 269 83.52 19.38 56.51
N GLN G 270 83.83 19.27 55.22
CA GLN G 270 84.88 20.06 54.59
C GLN G 270 84.30 21.28 53.86
N GLU G 271 83.25 21.87 54.43
CA GLU G 271 82.58 23.03 53.84
C GLU G 271 83.48 24.25 53.77
N GLN G 272 84.62 24.25 54.47
CA GLN G 272 85.50 25.42 54.47
C GLN G 272 85.91 25.82 53.06
N LYS G 273 86.02 24.86 52.14
CA LYS G 273 86.36 25.17 50.76
C LYS G 273 85.17 25.70 49.97
N ALA G 274 83.95 25.50 50.46
CA ALA G 274 82.78 25.96 49.72
C ALA G 274 82.72 27.48 49.65
N GLN G 275 82.87 28.15 50.80
CA GLN G 275 82.88 29.61 50.79
C GLN G 275 84.13 30.15 50.10
N LEU G 276 85.21 29.38 50.09
CA LEU G 276 86.38 29.74 49.29
C LEU G 276 86.15 29.57 47.80
N GLU G 277 85.03 28.98 47.40
CA GLU G 277 84.69 28.73 46.01
C GLU G 277 83.50 29.54 45.54
N ALA G 278 82.43 29.63 46.34
CA ALA G 278 81.24 30.34 45.90
C ALA G 278 81.35 31.84 46.12
N MET G 279 81.86 32.26 47.27
CA MET G 279 81.92 33.67 47.65
C MET G 279 80.56 34.34 47.55
N GLY G 280 79.53 33.63 47.99
CA GLY G 280 78.17 34.13 47.89
C GLY G 280 77.84 35.13 48.98
N ALA G 281 76.63 35.68 48.87
CA ALA G 281 76.14 36.64 49.85
C ALA G 281 74.70 36.32 50.25
N PRO G 287 73.52 32.22 62.59
CA PRO G 287 73.07 32.20 61.20
C PRO G 287 71.55 32.27 61.08
N GLU G 288 70.86 32.12 62.22
CA GLU G 288 69.40 32.13 62.21
C GLU G 288 68.86 33.51 61.82
N LYS G 289 69.35 34.56 62.49
CA LYS G 289 68.86 35.91 62.24
C LYS G 289 69.39 36.48 60.93
N LEU G 290 70.53 36.00 60.45
CA LEU G 290 71.17 36.57 59.27
C LEU G 290 70.35 36.41 58.00
N PHE G 291 69.33 35.54 58.01
CA PHE G 291 68.47 35.41 56.84
C PHE G 291 67.75 36.72 56.53
N ALA G 292 67.26 37.40 57.56
CA ALA G 292 66.60 38.68 57.34
C ALA G 292 67.57 39.73 56.83
N ASP G 293 68.85 39.60 57.16
CA ASP G 293 69.84 40.57 56.71
C ASP G 293 70.03 40.53 55.19
N LEU G 294 70.04 39.32 54.61
CA LEU G 294 70.29 39.20 53.17
C LEU G 294 69.21 39.91 52.36
N ALA G 295 67.94 39.76 52.74
CA ALA G 295 66.89 40.47 52.05
C ALA G 295 67.05 41.98 52.19
N ASP G 296 67.37 42.45 53.41
CA ASP G 296 67.58 43.87 53.62
C ASP G 296 68.87 44.36 52.97
N SER G 297 69.91 43.52 52.95
CA SER G 297 71.20 43.93 52.39
C SER G 297 71.07 44.24 50.90
N PHE G 298 70.35 43.40 50.16
CA PHE G 298 70.21 43.63 48.73
C PHE G 298 69.28 44.81 48.46
N LEU G 299 68.17 44.91 49.19
CA LEU G 299 67.26 46.03 49.04
C LEU G 299 67.89 47.32 49.55
N ASN L 3 26.96 -37.36 -16.09
CA ASN L 3 27.40 -36.01 -15.82
C ASN L 3 27.32 -35.67 -14.34
N LEU L 4 28.10 -34.68 -13.92
CA LEU L 4 28.13 -34.22 -12.53
C LEU L 4 27.84 -32.73 -12.49
N ASN L 5 27.18 -32.30 -11.42
CA ASN L 5 26.78 -30.90 -11.25
C ASN L 5 27.30 -30.39 -9.92
N LEU L 6 28.05 -29.30 -9.95
CA LEU L 6 28.63 -28.71 -8.76
C LEU L 6 28.08 -27.31 -8.55
N PHE L 7 28.07 -26.88 -7.28
CA PHE L 7 27.60 -25.56 -6.89
C PHE L 7 28.10 -25.25 -5.49
N ALA L 8 28.40 -23.97 -5.24
CA ALA L 8 29.15 -23.59 -4.06
C ALA L 8 28.72 -22.22 -3.56
N THR L 9 29.17 -21.90 -2.35
CA THR L 9 28.96 -20.60 -1.73
C THR L 9 30.23 -20.15 -1.04
N ILE L 10 30.45 -18.83 -1.04
CA ILE L 10 31.65 -18.21 -0.49
C ILE L 10 31.25 -16.99 0.33
N LEU L 11 32.22 -16.47 1.09
CA LEU L 11 32.11 -15.15 1.70
C LEU L 11 33.50 -14.53 1.74
N THR L 12 33.53 -13.22 1.98
CA THR L 12 34.76 -12.44 1.94
C THR L 12 35.08 -11.89 3.33
N TYR L 13 36.31 -11.38 3.46
CA TYR L 13 36.76 -10.82 4.72
C TYR L 13 36.02 -9.53 5.03
N PRO L 14 35.79 -9.23 6.31
CA PRO L 14 35.11 -7.97 6.65
C PRO L 14 36.02 -6.77 6.43
N ALA L 15 35.43 -5.69 5.92
CA ALA L 15 36.13 -4.45 5.65
C ALA L 15 35.13 -3.35 5.32
N PRO L 16 35.44 -2.09 5.64
CA PRO L 16 34.55 -0.99 5.22
C PRO L 16 34.43 -0.93 3.71
N ALA L 17 33.23 -0.60 3.24
CA ALA L 17 32.96 -0.56 1.81
C ALA L 17 31.84 0.42 1.53
N SER L 18 31.79 0.87 0.28
CA SER L 18 30.76 1.80 -0.18
C SER L 18 30.58 1.60 -1.68
N ASN L 19 29.37 1.22 -2.10
CA ASN L 19 29.06 0.97 -3.50
C ASN L 19 27.80 1.76 -3.86
N TYR L 20 27.98 2.96 -4.39
CA TYR L 20 26.84 3.76 -4.82
C TYR L 20 26.14 3.08 -5.98
N ARG L 21 24.88 2.70 -5.77
CA ARG L 21 24.11 1.95 -6.74
C ARG L 21 22.72 2.51 -7.01
N GLY L 22 22.18 3.36 -6.14
CA GLY L 22 20.83 3.85 -6.31
C GLY L 22 20.73 5.14 -7.10
N GLU L 23 21.51 6.15 -6.69
CA GLU L 23 21.53 7.45 -7.36
C GLU L 23 20.13 8.07 -7.41
N SER L 24 19.39 7.93 -6.31
CA SER L 24 18.06 8.51 -6.23
C SER L 24 18.11 10.03 -6.34
N GLU L 25 19.07 10.66 -5.67
CA GLU L 25 19.23 12.10 -5.70
C GLU L 25 20.70 12.44 -5.93
N GLU L 26 20.93 13.66 -6.40
CA GLU L 26 22.28 14.10 -6.72
C GLU L 26 23.10 14.46 -5.49
N ASN L 27 22.47 15.02 -4.46
CA ASN L 27 23.23 15.51 -3.31
C ASN L 27 23.81 14.37 -2.48
N ARG L 28 23.08 13.26 -2.37
CA ARG L 28 23.47 12.15 -1.52
C ARG L 28 23.41 10.85 -2.30
N SER L 29 24.33 9.95 -1.99
CA SER L 29 24.41 8.65 -2.66
C SER L 29 23.87 7.56 -1.74
N VAL L 30 22.98 6.74 -2.26
CA VAL L 30 22.33 5.68 -1.50
C VAL L 30 22.89 4.34 -1.94
N ILE L 31 22.91 3.39 -1.01
CA ILE L 31 23.50 2.07 -1.23
C ILE L 31 22.46 0.96 -1.17
N GLN L 32 21.46 1.09 -0.29
CA GLN L 32 20.55 0.00 0.01
C GLN L 32 19.80 -0.48 -1.23
N LYS L 33 19.67 -1.81 -1.34
CA LYS L 33 18.96 -2.44 -2.45
C LYS L 33 17.68 -3.13 -2.00
N ILE L 34 17.77 -4.06 -1.05
CA ILE L 34 16.60 -4.83 -0.61
C ILE L 34 16.63 -4.98 0.91
N LEU L 35 15.44 -4.99 1.50
CA LEU L 35 15.28 -5.19 2.92
C LEU L 35 14.43 -6.43 3.18
N LYS L 36 14.72 -7.12 4.27
CA LYS L 36 13.96 -8.29 4.67
C LYS L 36 13.75 -8.27 6.18
N ASP L 37 12.61 -8.83 6.62
CA ASP L 37 12.18 -8.89 8.01
C ASP L 37 12.48 -7.60 8.77
N GLY L 38 12.24 -6.46 8.15
CA GLY L 38 12.44 -5.18 8.80
C GLY L 38 13.87 -4.69 8.84
N GLN L 39 14.80 -5.39 8.21
CA GLN L 39 16.21 -5.01 8.21
C GLN L 39 16.69 -4.86 6.77
N LYS L 40 17.51 -3.83 6.54
CA LYS L 40 18.04 -3.53 5.21
C LYS L 40 19.45 -4.10 5.13
N TYR L 41 19.64 -5.09 4.26
CA TYR L 41 20.89 -5.84 4.23
C TYR L 41 21.68 -5.68 2.94
N ALA L 42 21.09 -6.01 1.79
CA ALA L 42 21.88 -6.47 0.65
C ALA L 42 22.29 -5.35 -0.30
N ILE L 43 23.39 -5.59 -1.00
CA ILE L 43 23.94 -4.70 -2.01
C ILE L 43 24.46 -5.59 -3.14
N ILE L 44 24.70 -4.98 -4.31
CA ILE L 44 25.43 -5.58 -5.43
C ILE L 44 24.54 -6.53 -6.21
N SER L 45 24.47 -6.33 -7.53
CA SER L 45 23.77 -7.00 -8.61
C SER L 45 24.67 -8.07 -9.24
N PRO L 46 24.08 -9.20 -9.64
CA PRO L 46 24.90 -10.28 -10.23
C PRO L 46 25.61 -9.90 -11.51
N GLU L 47 24.99 -9.06 -12.34
CA GLU L 47 25.58 -8.74 -13.64
C GLU L 47 26.81 -7.86 -13.52
N SER L 48 26.94 -7.10 -12.42
CA SER L 48 28.22 -6.44 -12.14
C SER L 48 29.33 -7.47 -11.94
N MET L 49 29.05 -8.55 -11.21
CA MET L 49 30.02 -9.62 -11.08
C MET L 49 30.28 -10.31 -12.42
N ARG L 50 29.25 -10.44 -13.26
CA ARG L 50 29.47 -10.99 -14.60
C ARG L 50 30.45 -10.13 -15.39
N ASN L 51 30.28 -8.80 -15.33
CA ASN L 51 31.23 -7.91 -15.98
C ASN L 51 32.63 -8.03 -15.39
N ALA L 52 32.72 -8.18 -14.06
CA ALA L 52 34.02 -8.35 -13.43
C ALA L 52 34.71 -9.61 -13.93
N LEU L 53 33.97 -10.71 -14.04
CA LEU L 53 34.54 -11.93 -14.61
C LEU L 53 34.97 -11.72 -16.05
N ARG L 54 34.15 -11.01 -16.83
CA ARG L 54 34.49 -10.75 -18.22
C ARG L 54 35.81 -10.00 -18.33
N GLU L 55 35.99 -8.97 -17.51
CA GLU L 55 37.23 -8.18 -17.59
C GLU L 55 38.41 -8.91 -16.99
N MET L 56 38.17 -9.79 -16.01
CA MET L 56 39.27 -10.55 -15.42
C MET L 56 39.76 -11.67 -16.33
N LEU L 57 38.88 -12.23 -17.16
CA LEU L 57 39.28 -13.30 -18.05
C LEU L 57 40.29 -12.83 -19.10
N ILE L 58 40.42 -11.51 -19.30
CA ILE L 58 41.34 -11.00 -20.31
C ILE L 58 42.79 -11.23 -19.90
N GLU L 59 43.09 -11.08 -18.60
CA GLU L 59 44.46 -11.21 -18.13
C GLU L 59 45.02 -12.62 -18.29
N LEU L 60 44.17 -13.61 -18.48
CA LEU L 60 44.61 -14.99 -18.63
C LEU L 60 44.86 -15.38 -20.08
N GLY L 61 44.69 -14.44 -21.02
CA GLY L 61 44.98 -14.71 -22.42
C GLY L 61 43.92 -15.52 -23.14
N GLN L 62 42.72 -14.95 -23.26
CA GLN L 62 41.65 -15.58 -24.01
C GLN L 62 41.00 -14.58 -24.95
N PRO L 63 40.48 -15.04 -26.09
CA PRO L 63 39.83 -14.12 -27.02
C PRO L 63 38.57 -13.51 -26.42
N ASN L 64 38.23 -12.32 -26.91
CA ASN L 64 37.09 -11.58 -26.39
C ASN L 64 36.46 -10.77 -27.52
N ASN L 65 35.19 -10.44 -27.33
CA ASN L 65 34.46 -9.58 -28.26
C ASN L 65 34.05 -8.26 -27.64
N ARG L 66 33.32 -8.31 -26.51
CA ARG L 66 32.77 -7.11 -25.89
C ARG L 66 33.86 -6.44 -25.06
N THR L 67 34.52 -5.47 -25.67
CA THR L 67 35.57 -4.71 -25.00
C THR L 67 35.08 -3.28 -24.78
N ARG L 68 35.09 -2.85 -23.52
CA ARG L 68 34.57 -1.53 -23.17
C ARG L 68 35.54 -0.44 -23.56
N LEU L 69 35.01 0.66 -24.11
CA LEU L 69 35.81 1.81 -24.44
C LEU L 69 35.16 3.06 -23.84
N HIS L 70 35.98 4.03 -23.49
CA HIS L 70 35.52 5.29 -22.91
C HIS L 70 36.12 6.44 -23.72
N SER L 71 35.46 6.78 -24.83
CA SER L 71 35.78 7.95 -25.63
C SER L 71 34.58 8.88 -25.78
N GLU L 72 33.43 8.33 -26.16
CA GLU L 72 32.21 9.12 -26.28
C GLU L 72 31.60 9.35 -24.89
N ASP L 73 30.71 10.34 -24.81
CA ASP L 73 30.15 10.73 -23.52
C ASP L 73 29.39 9.59 -22.87
N GLN L 74 28.57 8.87 -23.64
CA GLN L 74 27.86 7.72 -23.11
C GLN L 74 28.77 6.51 -23.06
N LEU L 75 28.51 5.63 -22.08
CA LEU L 75 29.29 4.40 -21.95
C LEU L 75 29.05 3.50 -23.16
N ALA L 76 30.12 2.88 -23.64
CA ALA L 76 30.05 2.08 -24.86
C ALA L 76 30.99 0.89 -24.77
N VAL L 77 30.55 -0.23 -25.33
CA VAL L 77 31.36 -1.43 -25.46
C VAL L 77 31.37 -1.85 -26.92
N GLU L 78 32.55 -1.91 -27.51
CA GLU L 78 32.64 -2.31 -28.91
C GLU L 78 32.74 -3.83 -29.02
N PHE L 79 32.35 -4.33 -30.19
CA PHE L 79 32.26 -5.76 -30.45
C PHE L 79 33.16 -6.12 -31.62
N LYS L 80 33.46 -7.41 -31.72
CA LYS L 80 34.11 -7.94 -32.92
C LYS L 80 33.03 -8.15 -33.98
N GLU L 81 33.37 -8.86 -35.06
CA GLU L 81 32.46 -8.94 -36.19
C GLU L 81 31.10 -9.53 -35.82
N TYR L 82 31.06 -10.80 -35.44
CA TYR L 82 29.85 -11.51 -35.02
C TYR L 82 30.18 -12.40 -33.84
N PRO L 83 29.19 -12.71 -32.99
CA PRO L 83 29.44 -13.70 -31.92
C PRO L 83 29.49 -15.11 -32.49
N ASN L 84 30.54 -15.83 -32.12
CA ASN L 84 30.77 -17.19 -32.62
C ASN L 84 31.16 -18.09 -31.45
N PRO L 85 30.25 -18.94 -30.96
CA PRO L 85 30.58 -19.76 -29.78
C PRO L 85 31.75 -20.71 -30.00
N ASP L 86 31.94 -21.23 -31.21
CA ASP L 86 32.95 -22.24 -31.45
C ASP L 86 34.27 -21.69 -31.97
N LYS L 87 34.26 -20.54 -32.65
CA LYS L 87 35.49 -20.01 -33.25
C LYS L 87 36.52 -19.65 -32.19
N PHE L 88 36.08 -19.17 -31.04
CA PHE L 88 36.97 -18.80 -29.95
C PHE L 88 36.18 -18.83 -28.65
N ALA L 89 36.75 -18.23 -27.60
CA ALA L 89 36.10 -18.27 -26.29
C ALA L 89 34.71 -17.67 -26.31
N ASP L 90 34.47 -16.71 -27.21
CA ASP L 90 33.15 -16.08 -27.35
C ASP L 90 32.66 -15.52 -26.02
N ASP L 91 33.59 -14.96 -25.24
CA ASP L 91 33.32 -14.52 -23.87
C ASP L 91 32.70 -15.67 -23.08
N PHE L 92 33.36 -16.83 -23.14
CA PHE L 92 32.89 -18.06 -22.49
C PHE L 92 31.52 -18.48 -23.06
N LEU L 93 31.51 -18.74 -24.36
CA LEU L 93 30.34 -19.27 -25.06
C LEU L 93 29.11 -18.40 -24.85
N PHE L 94 29.28 -17.09 -24.98
CA PHE L 94 28.21 -16.13 -24.69
C PHE L 94 27.77 -15.36 -25.93
N GLY L 95 27.62 -16.06 -27.06
CA GLY L 95 27.05 -15.45 -28.23
C GLY L 95 25.57 -15.20 -28.06
N TYR L 96 25.20 -13.93 -27.92
CA TYR L 96 23.86 -13.57 -27.51
C TYR L 96 23.00 -13.20 -28.72
N MET L 97 21.80 -12.69 -28.46
CA MET L 97 20.81 -12.49 -29.51
C MET L 97 21.17 -11.27 -30.36
N VAL L 98 20.54 -11.21 -31.52
CA VAL L 98 20.56 -10.01 -32.37
C VAL L 98 19.10 -9.62 -32.56
N ALA L 99 18.60 -8.74 -31.68
CA ALA L 99 17.19 -8.37 -31.67
C ALA L 99 16.93 -7.29 -32.72
N GLN L 100 17.00 -7.70 -33.97
CA GLN L 100 16.75 -6.79 -35.07
C GLN L 100 16.33 -7.60 -36.29
N THR L 101 15.49 -7.00 -37.14
CA THR L 101 15.00 -7.64 -38.35
C THR L 101 15.79 -7.20 -39.58
N ASN L 102 17.08 -6.93 -39.41
CA ASN L 102 17.93 -6.53 -40.53
C ASN L 102 18.38 -7.71 -41.37
N ASP L 103 17.99 -8.93 -41.01
CA ASP L 103 18.45 -10.16 -41.67
C ASP L 103 19.97 -10.21 -41.57
N ALA L 104 20.63 -10.76 -42.59
CA ALA L 104 22.07 -10.95 -42.63
C ALA L 104 22.58 -11.83 -41.49
N LYS L 105 21.68 -12.47 -40.74
CA LYS L 105 22.07 -13.34 -39.66
C LYS L 105 22.82 -14.55 -40.20
N GLU L 106 23.76 -15.05 -39.39
CA GLU L 106 24.50 -16.24 -39.80
C GLU L 106 23.63 -17.49 -39.88
N MET L 107 22.41 -17.45 -39.33
CA MET L 107 21.50 -18.57 -39.49
C MET L 107 21.23 -18.85 -40.97
N LYS L 108 21.32 -17.81 -41.82
CA LYS L 108 21.22 -18.04 -43.25
C LYS L 108 22.50 -18.62 -43.82
N LYS L 109 23.66 -18.28 -43.24
CA LYS L 109 24.95 -18.69 -43.79
C LYS L 109 25.70 -19.65 -42.88
N LEU L 110 25.97 -19.26 -41.62
CA LEU L 110 26.72 -20.10 -40.71
C LEU L 110 25.83 -20.87 -39.73
N ASN L 111 24.51 -20.78 -39.88
CA ASN L 111 23.56 -21.55 -39.09
C ASN L 111 23.64 -21.22 -37.60
N ARG L 112 24.02 -19.99 -37.27
CA ARG L 112 24.04 -19.56 -35.88
C ARG L 112 22.62 -19.25 -35.43
N PRO L 113 22.13 -19.87 -34.35
CA PRO L 113 20.70 -19.76 -34.03
C PRO L 113 20.33 -18.50 -33.25
N ALA L 114 21.24 -17.53 -33.18
CA ALA L 114 21.03 -16.32 -32.38
C ALA L 114 20.67 -16.67 -30.94
N LYS L 115 21.37 -17.67 -30.41
CA LYS L 115 21.13 -18.16 -29.06
C LYS L 115 22.46 -18.44 -28.40
N ARG L 116 22.45 -18.49 -27.07
CA ARG L 116 23.67 -18.58 -26.28
C ARG L 116 23.93 -20.01 -25.83
N ASP L 117 25.05 -20.18 -25.13
CA ASP L 117 25.34 -21.36 -24.31
C ASP L 117 25.58 -20.81 -22.92
N SER L 118 24.54 -20.57 -22.14
CA SER L 118 24.86 -19.90 -20.89
C SER L 118 25.81 -20.70 -20.03
N ILE L 119 25.49 -21.96 -19.75
CA ILE L 119 26.43 -22.81 -19.03
C ILE L 119 26.93 -22.17 -17.74
N PHE L 120 26.04 -21.44 -17.08
CA PHE L 120 26.36 -20.78 -15.80
C PHE L 120 25.13 -20.16 -15.13
N ARG L 121 25.28 -19.81 -13.86
CA ARG L 121 24.23 -19.21 -13.07
C ARG L 121 24.82 -18.60 -11.81
N CYS L 122 24.14 -17.59 -11.28
CA CYS L 122 24.58 -16.92 -10.06
C CYS L 122 23.41 -16.09 -9.53
N ASN L 123 23.67 -15.37 -8.44
CA ASN L 123 22.63 -14.56 -7.81
C ASN L 123 23.29 -13.41 -7.06
N MET L 124 22.47 -12.44 -6.67
CA MET L 124 22.97 -11.25 -6.00
C MET L 124 23.48 -11.57 -4.60
N ALA L 125 24.52 -10.86 -4.20
CA ALA L 125 25.09 -11.00 -2.87
C ALA L 125 24.20 -10.32 -1.83
N VAL L 126 24.31 -10.78 -0.58
CA VAL L 126 23.53 -10.26 0.53
C VAL L 126 24.45 -10.06 1.73
N ALA L 127 24.34 -8.91 2.37
CA ALA L 127 25.17 -8.59 3.52
C ALA L 127 24.65 -9.29 4.77
N VAL L 128 25.33 -9.04 5.90
CA VAL L 128 24.98 -9.64 7.18
C VAL L 128 24.75 -8.61 8.27
N ASN L 129 24.90 -7.32 7.97
CA ASN L 129 24.69 -6.28 8.97
C ASN L 129 23.72 -5.24 8.45
N PRO L 130 22.76 -4.80 9.28
CA PRO L 130 21.70 -3.92 8.79
C PRO L 130 22.08 -2.45 8.68
N TYR L 131 22.89 -1.95 9.61
CA TYR L 131 23.07 -0.51 9.76
C TYR L 131 23.74 0.09 8.52
N LYS L 132 23.18 1.19 8.02
CA LYS L 132 23.77 1.90 6.89
C LYS L 132 23.64 3.41 7.01
N TYR L 133 23.63 3.97 8.22
CA TYR L 133 23.32 5.38 8.45
C TYR L 133 24.55 6.21 8.77
N ASP L 134 25.67 5.98 8.11
CA ASP L 134 26.90 6.71 8.37
C ASP L 134 27.32 7.52 7.15
N THR L 135 27.94 8.67 7.40
CA THR L 135 28.37 9.60 6.36
C THR L 135 29.81 10.04 6.63
N VAL L 136 30.40 10.72 5.64
CA VAL L 136 31.78 11.18 5.76
C VAL L 136 31.86 12.70 5.72
N PHE L 137 30.92 13.34 5.03
CA PHE L 137 30.78 14.80 4.99
C PHE L 137 32.06 15.47 4.47
N TYR L 138 32.36 15.20 3.21
CA TYR L 138 33.47 15.86 2.53
C TYR L 138 32.95 17.01 1.67
N GLN L 139 33.82 17.62 0.87
CA GLN L 139 33.40 18.73 0.04
C GLN L 139 34.23 18.77 -1.23
N SER L 140 33.68 19.46 -2.24
CA SER L 140 34.32 19.70 -3.51
C SER L 140 34.56 21.18 -3.70
N PRO L 141 35.79 21.61 -4.00
CA PRO L 141 36.07 23.04 -4.11
C PRO L 141 35.86 23.59 -5.51
N LEU L 142 36.05 24.90 -5.66
CA LEU L 142 35.94 25.59 -6.94
C LEU L 142 37.32 26.03 -7.39
N ASN L 143 37.64 25.81 -8.67
CA ASN L 143 38.96 26.14 -9.19
C ASN L 143 39.22 27.64 -9.09
N ALA L 144 38.46 28.44 -9.85
CA ALA L 144 38.50 29.90 -9.77
C ALA L 144 39.92 30.45 -9.81
N GLY L 145 40.81 29.75 -10.50
CA GLY L 145 42.20 30.16 -10.56
C GLY L 145 42.63 30.64 -11.92
N ASP L 146 41.74 31.36 -12.62
CA ASP L 146 42.00 31.84 -13.98
C ASP L 146 42.36 30.69 -14.91
N SER L 147 41.74 29.54 -14.68
CA SER L 147 41.95 28.38 -15.53
C SER L 147 41.08 28.46 -16.77
N ALA L 148 41.53 27.81 -17.84
CA ALA L 148 40.81 27.85 -19.11
C ALA L 148 39.48 27.11 -19.07
N TRP L 149 39.24 26.29 -18.05
CA TRP L 149 38.04 25.46 -17.98
C TRP L 149 37.45 25.52 -16.58
N LYS L 150 36.12 25.62 -16.52
CA LYS L 150 35.38 25.63 -15.27
C LYS L 150 34.60 24.33 -15.12
N ASN L 151 34.49 23.84 -13.89
CA ASN L 151 33.81 22.57 -13.65
C ASN L 151 32.37 22.80 -13.16
N SER L 152 32.20 23.49 -12.03
CA SER L 152 30.89 23.67 -11.45
C SER L 152 30.58 25.09 -11.01
N THR L 153 31.53 26.02 -11.10
CA THR L 153 31.33 27.43 -10.77
C THR L 153 30.88 27.64 -9.32
N SER L 154 31.15 26.68 -8.44
CA SER L 154 30.77 26.81 -7.04
C SER L 154 31.50 25.73 -6.24
N SER L 155 31.48 25.89 -4.92
CA SER L 155 32.00 24.90 -3.99
C SER L 155 30.86 24.26 -3.23
N ALA L 156 30.89 22.94 -3.10
CA ALA L 156 29.75 22.21 -2.56
C ALA L 156 30.20 21.32 -1.40
N LEU L 157 29.25 21.03 -0.52
CA LEU L 157 29.44 20.13 0.61
C LEU L 157 28.54 18.92 0.42
N LEU L 158 29.11 17.72 0.52
CA LEU L 158 28.32 16.51 0.29
C LEU L 158 28.89 15.37 1.13
N HIS L 159 28.01 14.44 1.49
CA HIS L 159 28.38 13.33 2.36
C HIS L 159 28.02 12.02 1.68
N ARG L 160 28.93 11.05 1.76
CA ARG L 160 28.74 9.74 1.16
C ARG L 160 28.11 8.80 2.18
N GLU L 161 28.09 7.50 1.85
CA GLU L 161 27.51 6.49 2.73
C GLU L 161 28.43 5.28 2.74
N VAL L 162 28.73 4.76 3.93
CA VAL L 162 29.67 3.66 4.09
C VAL L 162 29.05 2.60 5.00
N THR L 163 29.55 1.37 4.86
CA THR L 163 29.08 0.26 5.68
C THR L 163 30.22 -0.70 5.93
N HIS L 164 30.30 -1.23 7.15
CA HIS L 164 31.34 -2.17 7.55
C HIS L 164 30.69 -3.55 7.68
N THR L 165 30.75 -4.34 6.60
CA THR L 165 30.08 -5.63 6.57
C THR L 165 30.86 -6.59 5.68
N ALA L 166 30.74 -7.88 6.00
CA ALA L 166 31.22 -8.96 5.15
C ALA L 166 30.02 -9.73 4.61
N PHE L 167 29.95 -9.87 3.29
CA PHE L 167 28.78 -10.42 2.63
C PHE L 167 29.14 -11.61 1.76
N GLN L 168 28.18 -12.55 1.66
CA GLN L 168 28.39 -13.84 1.03
C GLN L 168 27.92 -13.82 -0.43
N TYR L 169 28.18 -14.93 -1.12
CA TYR L 169 27.95 -15.05 -2.55
C TYR L 169 27.75 -16.51 -2.95
N PRO L 170 26.55 -16.86 -3.42
CA PRO L 170 26.33 -18.21 -3.96
C PRO L 170 26.48 -18.26 -5.47
N PHE L 171 26.82 -19.45 -5.98
CA PHE L 171 26.79 -19.66 -7.41
C PHE L 171 26.65 -21.15 -7.70
N ALA L 172 26.21 -21.43 -8.93
CA ALA L 172 25.99 -22.80 -9.40
C ALA L 172 26.38 -22.87 -10.86
N LEU L 173 26.99 -23.98 -11.26
CA LEU L 173 27.41 -24.17 -12.65
C LEU L 173 26.62 -25.30 -13.31
N ALA L 174 26.69 -26.52 -12.77
CA ALA L 174 25.84 -27.64 -13.19
C ALA L 174 25.85 -27.83 -14.70
N GLY L 175 27.03 -27.68 -15.30
CA GLY L 175 27.17 -27.69 -16.74
C GLY L 175 27.77 -28.97 -17.27
N LYS L 176 28.39 -28.86 -18.45
CA LYS L 176 29.02 -29.99 -19.12
C LYS L 176 30.10 -29.47 -20.04
N ASP L 177 31.00 -30.38 -20.43
CA ASP L 177 32.15 -30.02 -21.25
C ASP L 177 31.96 -30.49 -22.70
N CYS L 178 32.63 -29.80 -23.61
CA CYS L 178 32.65 -30.14 -25.03
C CYS L 178 34.06 -29.93 -25.53
N ALA L 179 34.22 -29.87 -26.86
CA ALA L 179 35.53 -29.67 -27.45
C ALA L 179 36.11 -28.32 -27.04
N ALA L 180 37.37 -28.34 -26.58
CA ALA L 180 38.13 -27.17 -26.16
C ALA L 180 37.51 -26.45 -24.98
N LYS L 181 36.43 -26.98 -24.41
CA LYS L 181 35.75 -26.39 -23.27
C LYS L 181 36.44 -26.67 -21.92
N PRO L 182 37.03 -27.85 -21.69
CA PRO L 182 37.67 -28.08 -20.37
C PRO L 182 38.70 -27.03 -20.00
N GLU L 183 39.54 -26.60 -20.95
CA GLU L 183 40.53 -25.58 -20.62
C GLU L 183 39.86 -24.27 -20.25
N TRP L 184 38.81 -23.88 -20.98
CA TRP L 184 38.12 -22.64 -20.67
C TRP L 184 37.45 -22.68 -19.30
N VAL L 185 36.80 -23.81 -18.98
CA VAL L 185 36.13 -23.90 -17.69
C VAL L 185 37.16 -23.95 -16.55
N LYS L 186 38.29 -24.61 -16.79
CA LYS L 186 39.36 -24.60 -15.79
C LYS L 186 39.90 -23.20 -15.57
N ALA L 187 40.05 -22.43 -16.66
CA ALA L 187 40.50 -21.05 -16.53
C ALA L 187 39.48 -20.22 -15.78
N LEU L 188 38.19 -20.46 -16.02
CA LEU L 188 37.16 -19.73 -15.27
C LEU L 188 37.20 -20.06 -13.79
N LEU L 189 37.38 -21.34 -13.46
CA LEU L 189 37.50 -21.74 -12.05
C LEU L 189 38.73 -21.11 -11.41
N GLN L 190 39.83 -21.03 -12.15
CA GLN L 190 41.02 -20.37 -11.64
C GLN L 190 40.76 -18.88 -11.41
N ALA L 191 40.07 -18.24 -12.35
CA ALA L 191 39.86 -16.79 -12.28
C ALA L 191 38.89 -16.40 -11.18
N ILE L 192 37.89 -17.24 -10.91
CA ILE L 192 36.91 -16.87 -9.88
C ILE L 192 37.56 -16.84 -8.49
N ALA L 193 38.75 -17.42 -8.34
CA ALA L 193 39.41 -17.43 -7.05
C ALA L 193 39.80 -16.01 -6.62
N GLU L 194 40.34 -15.21 -7.54
CA GLU L 194 40.81 -13.88 -7.16
C GLU L 194 39.66 -12.87 -7.10
N LEU L 195 39.02 -12.63 -8.24
CA LEU L 195 37.82 -11.79 -8.33
C LEU L 195 38.04 -10.42 -7.68
N ASN L 196 38.95 -9.66 -8.27
CA ASN L 196 39.20 -8.29 -7.86
C ASN L 196 38.57 -7.32 -8.87
N GLY L 197 38.55 -6.05 -8.50
CA GLY L 197 37.97 -5.03 -9.36
C GLY L 197 36.48 -5.20 -9.56
N VAL L 198 35.75 -5.48 -8.50
CA VAL L 198 34.31 -5.71 -8.57
C VAL L 198 33.58 -4.39 -8.30
N ALA L 199 32.37 -4.28 -8.86
CA ALA L 199 31.51 -3.11 -8.66
C ALA L 199 32.19 -1.83 -9.14
N GLY L 200 32.91 -1.92 -10.25
CA GLY L 200 33.59 -0.78 -10.81
C GLY L 200 34.86 -0.44 -10.06
N GLY L 201 35.62 0.49 -10.65
CA GLY L 201 36.84 0.93 -10.01
C GLY L 201 36.56 1.72 -8.74
N HIS L 202 37.53 1.70 -7.83
CA HIS L 202 37.39 2.40 -6.54
C HIS L 202 38.78 2.82 -6.09
N ALA L 203 39.13 4.07 -6.34
CA ALA L 203 40.40 4.62 -5.89
C ALA L 203 40.33 5.21 -4.50
N ARG L 204 39.15 5.21 -3.88
CA ARG L 204 38.97 5.73 -2.53
C ARG L 204 38.40 4.73 -1.54
N ALA L 205 37.68 3.72 -2.01
CA ALA L 205 37.12 2.67 -1.15
C ALA L 205 37.62 1.33 -1.68
N TYR L 206 38.82 0.95 -1.25
CA TYR L 206 39.41 -0.30 -1.73
C TYR L 206 38.68 -1.49 -1.13
N TYR L 207 38.37 -2.47 -1.98
CA TYR L 207 37.69 -3.68 -1.53
C TYR L 207 38.05 -4.81 -2.47
N GLU L 208 37.89 -6.04 -1.99
CA GLU L 208 38.25 -7.22 -2.76
C GLU L 208 37.29 -8.35 -2.40
N PHE L 209 37.26 -9.37 -3.25
CA PHE L 209 36.41 -10.53 -3.06
C PHE L 209 37.23 -11.78 -2.83
N ALA L 210 38.28 -11.67 -2.02
CA ALA L 210 39.08 -12.84 -1.65
C ALA L 210 38.20 -13.82 -0.89
N PRO L 211 38.09 -15.07 -1.32
CA PRO L 211 37.16 -16.00 -0.69
C PRO L 211 37.77 -16.72 0.51
N ARG L 212 36.98 -16.80 1.58
CA ARG L 212 37.33 -17.59 2.74
C ARG L 212 36.11 -18.42 3.15
N SER L 213 36.37 -19.61 3.67
CA SER L 213 35.33 -20.53 4.12
C SER L 213 34.37 -20.88 2.97
N VAL L 214 34.95 -21.20 1.82
CA VAL L 214 34.19 -21.66 0.67
C VAL L 214 33.65 -23.06 0.96
N VAL L 215 32.41 -23.33 0.54
CA VAL L 215 31.85 -24.67 0.66
C VAL L 215 31.23 -25.06 -0.68
N ALA L 216 31.60 -26.24 -1.17
CA ALA L 216 31.09 -26.78 -2.43
C ALA L 216 30.33 -28.08 -2.16
N ARG L 217 29.17 -28.21 -2.78
CA ARG L 217 28.18 -29.17 -2.34
C ARG L 217 27.79 -30.11 -3.48
N LEU L 218 27.70 -31.41 -3.16
CA LEU L 218 27.09 -32.44 -4.00
C LEU L 218 27.56 -32.34 -5.46
N THR L 219 28.87 -32.32 -5.65
CA THR L 219 29.41 -32.25 -7.01
C THR L 219 29.01 -33.42 -7.90
N PRO L 220 29.06 -34.70 -7.46
CA PRO L 220 28.77 -35.79 -8.41
C PRO L 220 27.29 -36.02 -8.66
N LYS L 221 26.46 -35.86 -7.63
CA LYS L 221 25.05 -36.22 -7.73
C LYS L 221 24.28 -35.15 -8.51
N LEU L 222 22.99 -35.41 -8.71
CA LEU L 222 22.11 -34.50 -9.44
C LEU L 222 21.75 -33.31 -8.54
N VAL L 223 20.90 -32.41 -9.04
CA VAL L 223 20.63 -31.16 -8.35
C VAL L 223 19.84 -31.43 -7.07
N ALA L 224 20.45 -31.11 -5.92
CA ALA L 224 19.79 -31.24 -4.63
C ALA L 224 20.14 -30.09 -3.69
N GLY L 225 20.39 -28.90 -4.21
CA GLY L 225 20.83 -27.80 -3.38
C GLY L 225 19.78 -27.38 -2.37
N TYR L 226 20.25 -26.78 -1.28
CA TYR L 226 19.35 -26.36 -0.20
C TYR L 226 20.06 -25.33 0.68
N GLN L 227 19.38 -24.22 0.96
CA GLN L 227 19.87 -23.19 1.86
C GLN L 227 21.26 -22.70 1.44
N THR L 228 21.31 -22.07 0.27
CA THR L 228 22.58 -21.56 -0.24
C THR L 228 23.11 -20.44 0.63
N TYR L 229 22.23 -19.60 1.18
CA TYR L 229 22.61 -18.45 1.98
C TYR L 229 22.79 -18.79 3.45
N GLY L 230 23.03 -20.05 3.77
CA GLY L 230 22.99 -20.52 5.14
C GLY L 230 24.00 -19.95 6.11
N PHE L 231 25.28 -20.23 5.90
CA PHE L 231 26.29 -19.88 6.89
C PHE L 231 26.49 -18.36 6.92
N ASP L 232 26.25 -17.76 8.09
CA ASP L 232 26.33 -16.33 8.26
C ASP L 232 26.67 -16.04 9.72
N ALA L 233 26.43 -14.80 10.15
CA ALA L 233 26.66 -14.37 11.53
C ALA L 233 28.11 -14.61 11.94
N GLU L 234 29.04 -14.28 11.03
CA GLU L 234 30.49 -14.39 11.25
C GLU L 234 30.90 -15.72 11.86
N GLY L 235 30.09 -16.76 11.64
CA GLY L 235 30.38 -18.06 12.22
C GLY L 235 30.03 -19.17 11.26
N ASN L 236 30.75 -20.27 11.39
CA ASN L 236 30.47 -21.45 10.57
C ASN L 236 29.09 -22.01 10.91
N TRP L 237 28.37 -22.44 9.88
CA TRP L 237 27.05 -23.03 10.07
C TRP L 237 26.82 -24.30 9.26
N LEU L 238 27.63 -24.57 8.24
CA LEU L 238 27.50 -25.79 7.46
C LEU L 238 27.93 -27.05 8.19
N GLU L 239 28.65 -26.94 9.30
CA GLU L 239 29.09 -28.16 9.99
C GLU L 239 27.93 -28.81 10.73
N LEU L 240 27.10 -28.00 11.42
CA LEU L 240 25.92 -28.55 12.09
C LEU L 240 24.89 -29.03 11.09
N SER L 241 24.69 -28.30 9.99
CA SER L 241 23.82 -28.78 8.94
C SER L 241 24.34 -30.09 8.36
N ARG L 242 25.67 -30.17 8.17
CA ARG L 242 26.26 -31.35 7.56
C ARG L 242 26.10 -32.57 8.47
N LEU L 243 26.31 -32.41 9.77
CA LEU L 243 26.10 -33.53 10.69
C LEU L 243 24.62 -33.83 10.91
N THR L 244 23.73 -32.87 10.66
CA THR L 244 22.30 -33.11 10.81
C THR L 244 21.68 -33.55 9.49
N ALA L 245 21.80 -32.73 8.45
CA ALA L 245 21.32 -33.09 7.12
C ALA L 245 22.44 -33.75 6.35
N THR L 246 22.18 -34.95 5.83
CA THR L 246 23.19 -35.77 5.16
C THR L 246 24.39 -36.01 6.07
N ASP L 247 24.10 -36.69 7.18
CA ASP L 247 25.10 -36.93 8.21
C ASP L 247 26.23 -37.81 7.67
N SER L 248 27.42 -37.64 8.26
CA SER L 248 28.59 -38.40 7.82
C SER L 248 28.35 -39.91 7.92
N ASP L 249 27.53 -40.33 8.88
CA ASP L 249 27.19 -41.75 8.99
C ASP L 249 26.47 -42.21 7.73
N ASN L 250 26.73 -43.45 7.33
CA ASN L 250 26.06 -44.07 6.19
C ASN L 250 25.10 -45.16 6.61
N LEU L 251 24.57 -45.08 7.83
CA LEU L 251 23.63 -46.07 8.36
C LEU L 251 22.20 -45.55 8.42
N ASP L 252 22.00 -44.34 8.94
CA ASP L 252 20.67 -43.76 9.06
C ASP L 252 20.42 -42.70 7.99
N LEU L 253 21.27 -41.68 7.92
CA LEU L 253 21.13 -40.60 6.94
C LEU L 253 22.36 -40.55 6.05
N PRO L 254 22.29 -41.08 4.84
CA PRO L 254 23.46 -41.07 3.95
C PRO L 254 23.84 -39.66 3.52
N ALA L 255 25.11 -39.52 3.12
CA ALA L 255 25.64 -38.24 2.68
C ALA L 255 26.32 -38.36 1.33
N ASN L 256 26.98 -37.29 0.90
CA ASN L 256 27.69 -37.25 -0.37
C ASN L 256 28.97 -36.44 -0.18
N GLU L 257 29.84 -36.49 -1.19
CA GLU L 257 31.11 -35.79 -1.12
C GLU L 257 30.89 -34.28 -1.04
N PHE L 258 31.53 -33.64 -0.06
CA PHE L 258 31.51 -32.20 0.11
C PHE L 258 32.93 -31.67 0.00
N TRP L 259 33.06 -30.35 -0.15
CA TRP L 259 34.38 -29.73 -0.14
C TRP L 259 34.30 -28.50 0.75
N LEU L 260 35.25 -28.41 1.69
CA LEU L 260 35.22 -27.39 2.74
C LEU L 260 36.39 -26.44 2.57
N GLY L 261 36.17 -25.17 2.92
CA GLY L 261 37.18 -24.15 2.77
C GLY L 261 38.21 -24.16 3.87
N GLY L 262 39.20 -23.29 3.71
CA GLY L 262 40.30 -23.25 4.67
C GLY L 262 39.95 -22.57 5.97
N GLU L 263 39.06 -21.56 5.91
CA GLU L 263 38.76 -20.79 7.11
C GLU L 263 38.02 -21.63 8.15
N LEU L 264 37.12 -22.51 7.69
CA LEU L 264 36.38 -23.35 8.63
C LEU L 264 37.30 -24.26 9.43
N VAL L 265 38.28 -24.86 8.77
CA VAL L 265 39.22 -25.75 9.46
C VAL L 265 40.36 -25.01 10.12
N ARG L 266 40.54 -23.72 9.81
CA ARG L 266 41.63 -22.96 10.43
C ARG L 266 41.43 -22.85 11.93
N LYS L 267 40.20 -22.57 12.38
CA LYS L 267 39.88 -22.41 13.80
C LYS L 267 38.71 -23.32 14.13
N MET L 268 39.03 -24.57 14.45
CA MET L 268 38.06 -25.60 14.81
C MET L 268 38.84 -26.83 15.26
N ASP L 269 38.26 -27.58 16.20
CA ASP L 269 39.02 -28.54 16.99
C ASP L 269 39.66 -29.63 16.14
N GLN L 270 40.91 -29.97 16.50
CA GLN L 270 41.60 -31.07 15.83
C GLN L 270 40.90 -32.40 16.08
N GLU L 271 40.43 -32.63 17.30
CA GLU L 271 39.67 -33.84 17.58
C GLU L 271 38.40 -33.88 16.74
N GLN L 272 37.80 -32.72 16.45
CA GLN L 272 36.67 -32.68 15.54
C GLN L 272 37.09 -33.03 14.12
N LYS L 273 38.29 -32.62 13.70
CA LYS L 273 38.80 -33.05 12.40
C LYS L 273 38.91 -34.56 12.34
N ALA L 274 39.48 -35.16 13.39
CA ALA L 274 39.61 -36.62 13.43
C ALA L 274 38.25 -37.29 13.43
N GLN L 275 37.30 -36.75 14.19
CA GLN L 275 35.95 -37.31 14.22
C GLN L 275 35.28 -37.20 12.86
N LEU L 276 35.43 -36.05 12.19
CA LEU L 276 34.79 -35.82 10.90
C LEU L 276 35.65 -36.45 9.79
N GLU L 277 35.85 -37.75 9.92
CA GLU L 277 36.56 -38.51 8.90
C GLU L 277 35.94 -39.89 8.66
N ALA L 278 34.76 -40.16 9.20
CA ALA L 278 34.10 -41.45 8.96
C ALA L 278 33.91 -41.68 7.47
N MET L 279 33.36 -40.70 6.76
CA MET L 279 33.28 -40.75 5.31
C MET L 279 34.45 -40.08 4.63
N GLY L 280 35.32 -39.43 5.38
CA GLY L 280 36.49 -38.76 4.83
C GLY L 280 36.26 -37.30 4.46
N ALA L 281 35.25 -37.05 3.64
CA ALA L 281 34.94 -35.71 3.12
C ALA L 281 36.18 -35.19 2.40
N HIS L 282 36.39 -33.87 2.42
CA HIS L 282 37.56 -33.27 1.79
C HIS L 282 37.87 -31.97 2.52
N LEU L 283 39.08 -31.89 3.10
CA LEU L 283 39.50 -30.74 3.87
C LEU L 283 40.73 -30.11 3.25
N TYR L 284 40.76 -28.78 3.22
CA TYR L 284 41.87 -28.05 2.63
C TYR L 284 42.13 -26.79 3.44
N ALA L 285 43.35 -26.26 3.30
CA ALA L 285 43.76 -25.08 4.05
C ALA L 285 43.57 -23.78 3.31
N ASN L 286 43.64 -23.78 1.98
CA ASN L 286 43.43 -22.57 1.21
C ASN L 286 42.46 -22.84 0.07
N PRO L 287 41.63 -21.85 -0.28
CA PRO L 287 40.63 -22.06 -1.34
C PRO L 287 41.22 -22.38 -2.70
N GLU L 288 42.42 -21.87 -3.01
CA GLU L 288 42.99 -22.07 -4.35
C GLU L 288 43.25 -23.55 -4.63
N LYS L 289 43.86 -24.24 -3.67
CA LYS L 289 44.17 -25.65 -3.88
C LYS L 289 42.91 -26.48 -4.03
N LEU L 290 41.88 -26.20 -3.22
CA LEU L 290 40.65 -26.97 -3.33
C LEU L 290 39.91 -26.66 -4.62
N PHE L 291 39.97 -25.41 -5.09
CA PHE L 291 39.44 -25.12 -6.43
C PHE L 291 40.16 -25.92 -7.50
N ALA L 292 41.49 -25.99 -7.42
CA ALA L 292 42.25 -26.74 -8.42
C ALA L 292 41.86 -28.22 -8.40
N ASP L 293 41.83 -28.82 -7.22
CA ASP L 293 41.49 -30.24 -7.10
C ASP L 293 40.05 -30.51 -7.52
N LEU L 294 39.12 -29.62 -7.14
CA LEU L 294 37.73 -29.82 -7.50
C LEU L 294 37.53 -29.69 -9.00
N ALA L 295 38.20 -28.73 -9.64
CA ALA L 295 38.13 -28.61 -11.09
C ALA L 295 38.69 -29.85 -11.77
N ASP L 296 39.83 -30.34 -11.28
CA ASP L 296 40.42 -31.55 -11.86
C ASP L 296 39.49 -32.74 -11.74
N SER L 297 38.86 -32.91 -10.57
CA SER L 297 38.01 -34.08 -10.35
C SER L 297 36.71 -33.98 -11.13
N PHE L 298 36.04 -32.82 -11.07
CA PHE L 298 34.76 -32.66 -11.74
C PHE L 298 34.91 -32.69 -13.26
N LEU L 299 35.98 -32.06 -13.77
CA LEU L 299 36.19 -32.03 -15.22
C LEU L 299 36.49 -33.40 -15.79
N GLY L 300 36.86 -34.36 -14.95
CA GLY L 300 37.19 -35.70 -15.40
C GLY L 300 38.61 -35.86 -15.90
N VAL L 301 39.42 -34.80 -15.86
CA VAL L 301 40.80 -34.87 -16.34
C VAL L 301 41.67 -33.91 -15.54
N ASN M 3 54.59 -9.16 -14.76
CA ASN M 3 54.43 -8.00 -13.89
C ASN M 3 54.17 -8.42 -12.45
N LEU M 4 54.46 -7.52 -11.51
CA LEU M 4 54.28 -7.78 -10.09
C LEU M 4 53.40 -6.69 -9.49
N ASN M 5 52.62 -7.09 -8.48
CA ASN M 5 51.69 -6.17 -7.82
C ASN M 5 51.93 -6.22 -6.32
N LEU M 6 52.18 -5.05 -5.73
CA LEU M 6 52.49 -4.96 -4.30
C LEU M 6 51.36 -4.25 -3.57
N PHE M 7 51.29 -4.51 -2.26
CA PHE M 7 50.28 -3.92 -1.39
C PHE M 7 50.69 -4.18 0.06
N ALA M 8 50.45 -3.19 0.92
CA ALA M 8 51.03 -3.20 2.25
C ALA M 8 50.07 -2.56 3.25
N THR M 9 50.40 -2.71 4.53
CA THR M 9 49.67 -2.09 5.62
C THR M 9 50.65 -1.56 6.65
N ILE M 10 50.28 -0.43 7.27
CA ILE M 10 51.12 0.27 8.24
C ILE M 10 50.27 0.64 9.45
N LEU M 11 50.94 1.03 10.53
CA LEU M 11 50.29 1.71 11.63
C LEU M 11 51.28 2.68 12.26
N THR M 12 50.76 3.58 13.08
CA THR M 12 51.53 4.67 13.66
C THR M 12 51.66 4.51 15.17
N TYR M 13 52.44 5.40 15.77
CA TYR M 13 52.67 5.38 17.20
C TYR M 13 51.44 5.91 17.94
N PRO M 14 51.22 5.47 19.18
CA PRO M 14 50.08 5.98 19.96
C PRO M 14 50.36 7.38 20.48
N ALA M 15 49.38 8.27 20.32
CA ALA M 15 49.48 9.64 20.77
C ALA M 15 48.09 10.26 20.76
N PRO M 16 47.79 11.16 21.69
CA PRO M 16 46.49 11.85 21.66
C PRO M 16 46.34 12.65 20.38
N ALA M 17 45.12 12.65 19.83
CA ALA M 17 44.86 13.31 18.57
C ALA M 17 43.41 13.77 18.52
N SER M 18 43.15 14.73 17.64
CA SER M 18 41.80 15.25 17.44
C SER M 18 41.69 15.72 16.00
N ASN M 19 40.72 15.17 15.28
CA ASN M 19 40.46 15.53 13.89
C ASN M 19 38.96 15.79 13.74
N TYR M 20 38.56 17.06 13.86
CA TYR M 20 37.16 17.41 13.67
C TYR M 20 36.76 17.22 12.22
N ARG M 21 35.74 16.40 11.99
CA ARG M 21 35.31 16.04 10.64
C ARG M 21 33.81 16.13 10.42
N GLY M 22 32.99 16.13 11.46
CA GLY M 22 31.55 16.12 11.29
C GLY M 22 30.92 17.50 11.26
N GLU M 23 31.20 18.30 12.29
CA GLU M 23 30.67 19.67 12.39
C GLU M 23 29.15 19.68 12.33
N SER M 24 28.53 18.76 13.07
CA SER M 24 27.07 18.71 13.13
C SER M 24 26.50 20.00 13.72
N GLU M 25 27.11 20.49 14.80
CA GLU M 25 26.69 21.74 15.40
C GLU M 25 27.91 22.60 15.69
N GLU M 26 27.65 23.89 15.90
CA GLU M 26 28.73 24.83 16.21
C GLU M 26 29.20 24.72 17.66
N ASN M 27 28.31 24.31 18.57
CA ASN M 27 28.67 24.29 19.99
C ASN M 27 29.78 23.29 20.28
N ARG M 28 29.72 22.11 19.67
CA ARG M 28 30.72 21.07 19.88
C ARG M 28 31.18 20.53 18.54
N SER M 29 32.44 20.13 18.48
CA SER M 29 33.03 19.53 17.28
C SER M 29 33.10 18.01 17.49
N VAL M 30 32.56 17.27 16.54
CA VAL M 30 32.47 15.82 16.65
C VAL M 30 33.56 15.18 15.80
N ILE M 31 33.96 13.97 16.18
CA ILE M 31 35.04 13.26 15.53
C ILE M 31 34.57 11.95 14.89
N GLN M 32 33.67 11.24 15.56
CA GLN M 32 33.33 9.87 15.16
C GLN M 32 32.71 9.84 13.77
N LYS M 33 33.09 8.81 13.00
CA LYS M 33 32.60 8.63 11.64
C LYS M 33 31.73 7.38 11.50
N ILE M 34 32.24 6.20 11.85
CA ILE M 34 31.54 4.95 11.63
C ILE M 34 31.65 4.08 12.87
N LEU M 35 30.68 3.19 13.04
CA LEU M 35 30.66 2.24 14.15
C LEU M 35 30.54 0.83 13.61
N LYS M 36 31.14 -0.12 14.33
CA LYS M 36 31.04 -1.53 14.00
C LYS M 36 30.92 -2.34 15.28
N ASP M 37 30.25 -3.49 15.17
CA ASP M 37 29.97 -4.41 16.28
C ASP M 37 29.60 -3.67 17.57
N GLY M 38 28.80 -2.63 17.46
CA GLY M 38 28.38 -1.87 18.62
C GLY M 38 29.40 -0.90 19.18
N GLN M 39 30.53 -0.72 18.51
CA GLN M 39 31.58 0.17 18.96
C GLN M 39 31.92 1.16 17.87
N LYS M 40 32.23 2.39 18.27
CA LYS M 40 32.56 3.46 17.33
C LYS M 40 34.07 3.63 17.28
N TYR M 41 34.66 3.32 16.13
CA TYR M 41 36.11 3.23 16.02
C TYR M 41 36.73 4.28 15.10
N ALA M 42 36.33 4.33 13.84
CA ALA M 42 37.18 4.86 12.78
C ALA M 42 37.05 6.37 12.60
N ILE M 43 38.14 6.97 12.11
CA ILE M 43 38.20 8.39 11.75
C ILE M 43 39.06 8.46 10.49
N ILE M 44 38.95 9.59 9.78
CA ILE M 44 39.83 9.97 8.67
C ILE M 44 39.47 9.23 7.40
N SER M 45 39.28 10.00 6.28
CA SER M 45 38.91 9.70 4.90
C SER M 45 40.15 9.62 4.00
N PRO M 46 40.12 8.76 2.99
CA PRO M 46 41.28 8.62 2.10
C PRO M 46 41.69 9.90 1.38
N GLU M 47 40.71 10.74 1.00
CA GLU M 47 41.03 11.96 0.26
C GLU M 47 41.94 12.89 1.05
N SER M 48 41.90 12.84 2.38
CA SER M 48 42.86 13.60 3.17
C SER M 48 44.29 13.15 2.90
N MET M 49 44.54 11.84 2.90
CA MET M 49 45.86 11.34 2.56
C MET M 49 46.22 11.64 1.11
N ARG M 50 45.24 11.61 0.21
CA ARG M 50 45.52 11.97 -1.19
C ARG M 50 46.05 13.40 -1.27
N ASN M 51 45.38 14.33 -0.58
CA ASN M 51 45.84 15.71 -0.59
C ASN M 51 47.19 15.84 0.09
N ALA M 52 47.43 15.08 1.16
CA ALA M 52 48.71 15.13 1.84
C ALA M 52 49.85 14.69 0.92
N LEU M 53 49.64 13.60 0.17
CA LEU M 53 50.63 13.17 -0.80
C LEU M 53 50.83 14.21 -1.90
N ARG M 54 49.73 14.82 -2.36
CA ARG M 54 49.85 15.88 -3.36
C ARG M 54 50.72 17.02 -2.84
N GLU M 55 50.51 17.43 -1.59
CA GLU M 55 51.28 18.53 -1.01
C GLU M 55 52.74 18.15 -0.84
N MET M 56 53.02 16.94 -0.36
CA MET M 56 54.39 16.55 -0.09
C MET M 56 55.19 16.20 -1.35
N LEU M 57 54.51 15.90 -2.46
CA LEU M 57 55.24 15.65 -3.70
C LEU M 57 55.94 16.90 -4.21
N ILE M 58 55.52 18.08 -3.76
CA ILE M 58 56.11 19.33 -4.24
C ILE M 58 57.52 19.49 -3.70
N GLU M 59 57.74 19.16 -2.42
CA GLU M 59 59.02 19.40 -1.78
C GLU M 59 60.14 18.54 -2.36
N LEU M 60 59.80 17.48 -3.09
CA LEU M 60 60.80 16.60 -3.68
C LEU M 60 61.21 17.02 -5.08
N GLY M 61 60.71 18.15 -5.57
CA GLY M 61 61.08 18.64 -6.88
C GLY M 61 60.37 17.94 -8.02
N GLN M 62 59.05 18.07 -8.07
CA GLN M 62 58.25 17.53 -9.16
C GLN M 62 57.28 18.57 -9.67
N PRO M 63 56.92 18.50 -10.95
CA PRO M 63 55.96 19.48 -11.50
C PRO M 63 54.58 19.27 -10.91
N ASN M 64 53.79 20.34 -10.94
CA ASN M 64 52.47 20.34 -10.35
C ASN M 64 51.54 21.28 -11.11
N ASN M 65 50.25 21.00 -11.05
CA ASN M 65 49.23 21.87 -11.62
C ASN M 65 48.27 22.41 -10.56
N ARG M 66 47.68 21.55 -9.75
CA ARG M 66 46.66 21.94 -8.79
C ARG M 66 47.34 22.45 -7.53
N THR M 67 47.44 23.77 -7.41
CA THR M 67 47.99 24.39 -6.22
C THR M 67 46.89 25.15 -5.49
N ARG M 68 46.70 24.84 -4.21
CA ARG M 68 45.66 25.47 -3.41
C ARG M 68 46.06 26.90 -3.06
N LEU M 69 45.11 27.82 -3.20
CA LEU M 69 45.33 29.21 -2.84
C LEU M 69 44.21 29.67 -1.92
N HIS M 70 44.55 30.49 -0.94
CA HIS M 70 43.58 31.02 0.03
C HIS M 70 43.58 32.54 -0.07
N SER M 71 42.80 33.05 -1.02
CA SER M 71 42.59 34.48 -1.19
C SER M 71 41.13 34.87 -1.11
N GLU M 72 40.26 34.15 -1.81
CA GLU M 72 38.84 34.40 -1.81
C GLU M 72 38.17 33.59 -0.70
N ASP M 73 36.95 34.00 -0.34
CA ASP M 73 36.26 33.38 0.80
C ASP M 73 36.05 31.89 0.58
N GLN M 74 35.59 31.50 -0.60
CA GLN M 74 35.41 30.08 -0.90
C GLN M 74 36.76 29.42 -1.16
N LEU M 75 36.81 28.12 -0.94
CA LEU M 75 38.03 27.36 -1.14
C LEU M 75 38.39 27.33 -2.63
N ALA M 76 39.66 27.53 -2.94
CA ALA M 76 40.08 27.66 -4.33
C ALA M 76 41.40 26.94 -4.55
N VAL M 77 41.48 26.20 -5.66
CA VAL M 77 42.71 25.58 -6.13
C VAL M 77 42.87 25.97 -7.60
N GLU M 78 44.05 26.48 -7.95
CA GLU M 78 44.29 26.90 -9.32
C GLU M 78 45.07 25.82 -10.08
N PHE M 79 44.85 25.80 -11.39
CA PHE M 79 45.43 24.81 -12.28
C PHE M 79 46.33 25.49 -13.31
N LYS M 80 47.10 24.67 -14.01
CA LYS M 80 47.85 25.12 -15.17
C LYS M 80 46.92 25.14 -16.38
N GLU M 81 47.49 25.28 -17.58
CA GLU M 81 46.69 25.44 -18.79
C GLU M 81 45.79 24.23 -19.02
N TYR M 82 46.33 23.02 -18.90
CA TYR M 82 45.56 21.81 -19.16
C TYR M 82 46.32 20.60 -18.65
N PRO M 83 45.65 19.63 -18.02
CA PRO M 83 46.35 18.43 -17.54
C PRO M 83 46.96 17.65 -18.69
N ASN M 84 48.18 17.16 -18.48
CA ASN M 84 48.91 16.37 -19.46
C ASN M 84 49.65 15.24 -18.77
N PRO M 85 49.17 14.00 -18.88
CA PRO M 85 49.81 12.90 -18.14
C PRO M 85 51.25 12.64 -18.54
N ASP M 86 51.62 12.89 -19.79
CA ASP M 86 52.96 12.57 -20.27
C ASP M 86 53.92 13.75 -20.24
N LYS M 87 53.42 14.99 -20.31
CA LYS M 87 54.31 16.14 -20.37
C LYS M 87 55.15 16.27 -19.11
N PHE M 88 54.55 16.01 -17.95
CA PHE M 88 55.26 16.09 -16.68
C PHE M 88 54.50 15.21 -15.67
N ALA M 89 54.81 15.38 -14.39
CA ALA M 89 54.22 14.53 -13.36
C ALA M 89 52.70 14.55 -13.41
N ASP M 90 52.11 15.67 -13.80
CA ASP M 90 50.66 15.80 -13.91
C ASP M 90 49.96 15.41 -12.61
N ASP M 91 50.53 15.85 -11.49
CA ASP M 91 50.09 15.45 -10.16
C ASP M 91 50.05 13.93 -10.04
N PHE M 92 51.14 13.30 -10.48
CA PHE M 92 51.27 11.84 -10.50
C PHE M 92 50.20 11.21 -11.40
N LEU M 93 50.27 11.56 -12.68
CA LEU M 93 49.43 10.96 -13.72
C LEU M 93 47.94 11.08 -13.39
N PHE M 94 47.53 12.24 -12.89
CA PHE M 94 46.18 12.45 -12.40
C PHE M 94 45.43 13.47 -13.23
N GLY M 95 45.55 13.41 -14.55
CA GLY M 95 44.74 14.25 -15.41
C GLY M 95 43.30 13.80 -15.40
N TYR M 96 42.44 14.58 -14.75
CA TYR M 96 41.08 14.17 -14.47
C TYR M 96 40.12 14.67 -15.55
N MET M 97 38.83 14.55 -15.29
CA MET M 97 37.82 14.79 -16.32
C MET M 97 37.65 16.28 -16.57
N VAL M 98 37.07 16.58 -17.73
CA VAL M 98 36.56 17.92 -18.02
C VAL M 98 35.05 17.80 -18.17
N ALA M 99 34.32 18.01 -17.07
CA ALA M 99 32.88 17.78 -17.04
C ALA M 99 32.15 19.05 -17.50
N GLN M 100 32.27 19.30 -18.81
CA GLN M 100 31.60 20.43 -19.42
C GLN M 100 31.47 20.18 -20.91
N THR M 101 30.50 20.84 -21.52
CA THR M 101 30.26 20.75 -22.96
C THR M 101 30.79 21.97 -23.71
N ASN M 102 31.77 22.66 -23.14
CA ASN M 102 32.37 23.85 -23.73
C ASN M 102 33.23 23.56 -24.95
N ASP M 103 33.32 22.30 -25.37
CA ASP M 103 34.20 21.87 -26.46
C ASP M 103 35.64 22.23 -26.07
N ALA M 104 36.48 22.55 -27.05
CA ALA M 104 37.89 22.88 -26.87
C ALA M 104 38.66 21.77 -26.18
N LYS M 105 38.10 20.58 -26.08
CA LYS M 105 38.81 19.46 -25.47
C LYS M 105 40.00 19.07 -26.32
N GLU M 106 41.07 18.64 -25.65
CA GLU M 106 42.28 18.25 -26.39
C GLU M 106 42.09 16.98 -27.18
N MET M 107 41.00 16.23 -26.95
CA MET M 107 40.74 15.06 -27.77
C MET M 107 40.52 15.44 -29.23
N LYS M 108 40.07 16.66 -29.49
CA LYS M 108 39.97 17.14 -30.86
C LYS M 108 41.35 17.35 -31.47
N LYS M 109 42.32 17.79 -30.67
CA LYS M 109 43.64 18.17 -31.18
C LYS M 109 44.75 17.25 -30.68
N LEU M 110 44.90 17.09 -29.37
CA LEU M 110 45.97 16.28 -28.81
C LEU M 110 45.51 14.89 -28.39
N ASN M 111 44.26 14.52 -28.72
CA ASN M 111 43.75 13.17 -28.49
C ASN M 111 43.77 12.78 -27.02
N ARG M 112 43.68 13.76 -26.13
CA ARG M 112 43.61 13.47 -24.71
C ARG M 112 42.21 12.99 -24.34
N PRO M 113 42.06 11.79 -23.77
CA PRO M 113 40.73 11.23 -23.53
C PRO M 113 40.01 11.79 -22.32
N ALA M 114 40.53 12.84 -21.69
CA ALA M 114 39.92 13.46 -20.50
C ALA M 114 39.82 12.47 -19.34
N LYS M 115 40.58 11.38 -19.40
CA LYS M 115 40.61 10.38 -18.35
C LYS M 115 42.01 10.34 -17.73
N ARG M 116 42.15 9.54 -16.68
CA ARG M 116 43.31 9.55 -15.81
C ARG M 116 44.17 8.32 -16.01
N ASP M 117 45.25 8.26 -15.22
CA ASP M 117 46.02 7.04 -14.98
C ASP M 117 46.08 6.93 -13.46
N SER M 118 45.05 6.39 -12.83
CA SER M 118 45.12 6.46 -11.38
C SER M 118 46.34 5.75 -10.83
N ILE M 119 46.57 4.50 -11.23
CA ILE M 119 47.78 3.81 -10.83
C ILE M 119 48.00 3.86 -9.32
N PHE M 120 46.90 3.77 -8.58
CA PHE M 120 46.94 3.76 -7.11
C PHE M 120 45.57 3.44 -6.49
N ARG M 121 45.60 3.12 -5.20
CA ARG M 121 44.39 2.79 -4.45
C ARG M 121 44.70 2.83 -2.96
N CYS M 122 43.68 3.10 -2.16
CA CYS M 122 43.83 3.16 -0.71
C CYS M 122 42.44 3.10 -0.08
N ASN M 123 42.40 3.19 1.25
CA ASN M 123 41.14 3.10 1.97
C ASN M 123 41.26 3.86 3.29
N MET M 124 40.12 4.11 3.91
CA MET M 124 40.07 4.92 5.11
C MET M 124 40.72 4.20 6.30
N ALA M 125 41.34 4.98 7.17
CA ALA M 125 41.96 4.45 8.37
C ALA M 125 40.91 4.11 9.43
N VAL M 126 41.26 3.18 10.31
CA VAL M 126 40.36 2.72 11.36
C VAL M 126 41.15 2.65 12.67
N ALA M 127 40.58 3.21 13.74
CA ALA M 127 41.22 3.21 15.04
C ALA M 127 41.07 1.84 15.72
N VAL M 128 41.56 1.76 16.95
CA VAL M 128 41.51 0.52 17.73
C VAL M 128 40.88 0.72 19.10
N ASN M 129 40.49 1.94 19.46
CA ASN M 129 39.90 2.21 20.77
C ASN M 129 38.60 2.97 20.58
N PRO M 130 37.52 2.59 21.27
CA PRO M 130 36.20 3.18 20.97
C PRO M 130 35.89 4.46 21.74
N TYR M 131 36.46 4.63 22.93
CA TYR M 131 36.00 5.68 23.84
C TYR M 131 36.23 7.06 23.25
N LYS M 132 35.20 7.91 23.34
CA LYS M 132 35.29 9.28 22.82
C LYS M 132 34.59 10.30 23.71
N TYR M 133 34.47 10.05 25.01
CA TYR M 133 33.59 10.85 25.88
C TYR M 133 34.36 11.81 26.78
N ASP M 134 35.41 12.46 26.27
CA ASP M 134 36.15 13.45 27.04
C ASP M 134 36.28 14.74 26.25
N THR M 135 36.31 15.86 26.98
CA THR M 135 36.36 17.20 26.41
C THR M 135 37.47 17.99 27.11
N VAL M 136 37.68 19.23 26.66
CA VAL M 136 38.73 20.07 27.22
C VAL M 136 38.14 21.32 27.87
N PHE M 137 36.98 21.78 27.37
CA PHE M 137 36.20 22.85 27.97
C PHE M 137 37.01 24.15 28.09
N TYR M 138 37.35 24.70 26.93
CA TYR M 138 38.05 25.98 26.87
C TYR M 138 37.05 27.10 26.55
N GLN M 139 37.55 28.31 26.38
CA GLN M 139 36.68 29.45 26.07
C GLN M 139 37.30 30.33 25.00
N SER M 140 36.44 31.08 24.33
CA SER M 140 36.82 32.07 23.33
C SER M 140 36.48 33.46 23.85
N PRO M 141 37.45 34.36 23.94
CA PRO M 141 37.21 35.68 24.52
C PRO M 141 36.70 36.68 23.50
N LEU M 142 36.33 37.85 24.00
CA LEU M 142 35.89 38.98 23.18
C LEU M 142 36.92 40.10 23.27
N ASN M 143 37.27 40.67 22.12
CA ASN M 143 38.29 41.71 22.08
C ASN M 143 37.87 42.92 22.92
N ALA M 144 36.81 43.61 22.50
CA ALA M 144 36.23 44.73 23.24
C ALA M 144 37.28 45.75 23.67
N GLY M 145 38.34 45.89 22.87
CA GLY M 145 39.43 46.77 23.23
C GLY M 145 39.56 47.96 22.30
N ASP M 146 38.42 48.55 21.91
CA ASP M 146 38.38 49.67 20.98
C ASP M 146 39.07 49.32 19.65
N SER M 147 38.96 48.06 19.26
CA SER M 147 39.51 47.61 17.99
C SER M 147 38.59 48.02 16.85
N ALA M 148 39.19 48.34 15.70
CA ALA M 148 38.41 48.76 14.54
C ALA M 148 37.54 47.65 13.98
N TRP M 149 37.81 46.40 14.34
CA TRP M 149 37.07 45.26 13.82
C TRP M 149 36.61 44.38 14.97
N LYS M 150 35.37 43.89 14.86
CA LYS M 150 34.78 43.02 15.87
C LYS M 150 34.63 41.61 15.31
N ASN M 151 34.86 40.61 16.16
CA ASN M 151 34.81 39.23 15.72
C ASN M 151 33.43 38.60 15.96
N SER M 152 33.01 38.52 17.22
CA SER M 152 31.73 37.91 17.55
C SER M 152 30.92 38.69 18.57
N THR M 153 31.44 39.79 19.11
CA THR M 153 30.72 40.65 20.05
C THR M 153 30.29 39.90 21.30
N SER M 154 31.01 38.85 21.67
CA SER M 154 30.69 38.05 22.84
C SER M 154 31.84 37.12 23.16
N SER M 155 31.83 36.58 24.38
CA SER M 155 32.76 35.56 24.82
C SER M 155 31.97 34.29 25.12
N ALA M 156 32.48 33.15 24.66
CA ALA M 156 31.74 31.90 24.72
C ALA M 156 32.58 30.80 25.36
N LEU M 157 31.90 29.75 25.79
CA LEU M 157 32.54 28.56 26.36
C LEU M 157 32.25 27.38 25.46
N LEU M 158 33.30 26.68 25.03
CA LEU M 158 33.14 25.55 24.12
C LEU M 158 34.20 24.49 24.43
N HIS M 159 33.83 23.24 24.20
CA HIS M 159 34.70 22.11 24.52
C HIS M 159 34.93 21.25 23.28
N ARG M 160 36.18 20.85 23.08
CA ARG M 160 36.57 20.04 21.95
C ARG M 160 36.40 18.55 22.30
N GLU M 161 36.95 17.67 21.46
CA GLU M 161 36.86 16.24 21.67
C GLU M 161 38.20 15.61 21.31
N VAL M 162 38.73 14.78 22.22
CA VAL M 162 40.05 14.19 22.04
C VAL M 162 39.97 12.69 22.28
N THR M 163 40.96 11.98 21.75
CA THR M 163 41.05 10.53 21.90
C THR M 163 42.52 10.14 21.85
N HIS M 164 42.89 9.12 22.64
CA HIS M 164 44.25 8.62 22.68
C HIS M 164 44.26 7.24 22.03
N THR M 165 44.54 7.20 20.73
CA THR M 165 44.49 5.96 19.98
C THR M 165 45.52 5.99 18.86
N ALA M 166 46.02 4.81 18.51
CA ALA M 166 46.85 4.62 17.33
C ALA M 166 46.07 3.81 16.31
N PHE M 167 46.04 4.28 15.07
CA PHE M 167 45.21 3.70 14.03
C PHE M 167 46.04 3.32 12.80
N GLN M 168 45.57 2.28 12.12
CA GLN M 168 46.31 1.64 11.03
C GLN M 168 45.86 2.19 9.68
N TYR M 169 46.53 1.73 8.63
CA TYR M 169 46.33 2.23 7.28
C TYR M 169 46.71 1.17 6.25
N PRO M 170 45.76 0.64 5.49
CA PRO M 170 46.09 -0.26 4.38
C PRO M 170 46.20 0.47 3.05
N PHE M 171 47.01 -0.01 2.12
CA PHE M 171 47.03 0.56 0.78
C PHE M 171 47.55 -0.48 -0.20
N ALA M 172 47.23 -0.25 -1.47
CA ALA M 172 47.62 -1.14 -2.56
C ALA M 172 47.95 -0.30 -3.78
N LEU M 173 48.97 -0.71 -4.54
CA LEU M 173 49.37 0.00 -5.74
C LEU M 173 49.11 -0.83 -6.99
N ALA M 174 49.70 -2.02 -7.09
CA ALA M 174 49.38 -3.00 -8.13
C ALA M 174 49.46 -2.38 -9.52
N GLY M 175 50.45 -1.51 -9.73
CA GLY M 175 50.59 -0.77 -10.96
C GLY M 175 51.70 -1.28 -11.85
N LYS M 176 52.01 -0.50 -12.88
CA LYS M 176 53.07 -0.80 -13.83
C LYS M 176 53.75 0.48 -14.25
N ASP M 177 55.02 0.39 -14.60
CA ASP M 177 55.82 1.56 -14.96
C ASP M 177 55.82 1.76 -16.47
N CYS M 178 56.08 3.02 -16.86
CA CYS M 178 56.19 3.40 -18.26
C CYS M 178 57.35 4.40 -18.36
N ALA M 179 57.41 5.12 -19.49
CA ALA M 179 58.47 6.09 -19.68
C ALA M 179 58.41 7.19 -18.62
N ALA M 180 59.56 7.49 -18.02
CA ALA M 180 59.74 8.52 -17.01
C ALA M 180 58.93 8.27 -15.74
N LYS M 181 58.23 7.14 -15.66
CA LYS M 181 57.41 6.78 -14.51
C LYS M 181 58.21 6.21 -13.33
N PRO M 182 59.23 5.35 -13.54
CA PRO M 182 59.91 4.76 -12.37
C PRO M 182 60.47 5.78 -11.40
N GLU M 183 61.03 6.89 -11.88
CA GLU M 183 61.52 7.91 -10.96
C GLU M 183 60.39 8.51 -10.14
N TRP M 184 59.24 8.77 -10.77
CA TRP M 184 58.12 9.34 -10.05
C TRP M 184 57.57 8.37 -9.02
N VAL M 185 57.47 7.08 -9.37
CA VAL M 185 56.96 6.12 -8.40
C VAL M 185 57.95 5.91 -7.27
N LYS M 186 59.26 5.97 -7.56
CA LYS M 186 60.25 5.90 -6.49
C LYS M 186 60.14 7.11 -5.56
N ALA M 187 59.89 8.28 -6.12
CA ALA M 187 59.67 9.48 -5.30
C ALA M 187 58.42 9.32 -4.45
N LEU M 188 57.36 8.72 -5.01
CA LEU M 188 56.14 8.48 -4.23
C LEU M 188 56.41 7.53 -3.08
N LEU M 189 57.16 6.45 -3.33
CA LEU M 189 57.50 5.52 -2.26
C LEU M 189 58.34 6.19 -1.19
N GLN M 190 59.27 7.06 -1.60
CA GLN M 190 60.06 7.80 -0.63
C GLN M 190 59.19 8.73 0.21
N ALA M 191 58.22 9.40 -0.43
CA ALA M 191 57.39 10.37 0.27
C ALA M 191 56.40 9.69 1.22
N ILE M 192 55.93 8.49 0.87
CA ILE M 192 54.94 7.83 1.71
C ILE M 192 55.52 7.43 3.06
N ALA M 193 56.85 7.41 3.18
CA ALA M 193 57.47 7.01 4.45
C ALA M 193 57.15 8.00 5.56
N GLU M 194 57.31 9.29 5.29
CA GLU M 194 57.08 10.31 6.32
C GLU M 194 55.59 10.60 6.46
N LEU M 195 54.99 11.13 5.40
CA LEU M 195 53.54 11.37 5.28
C LEU M 195 53.00 12.06 6.55
N ASN M 196 53.49 13.28 6.76
CA ASN M 196 53.06 14.11 7.87
C ASN M 196 52.12 15.21 7.38
N GLY M 197 51.61 15.99 8.32
CA GLY M 197 50.71 17.07 7.97
C GLY M 197 49.39 16.60 7.42
N VAL M 198 48.79 15.57 8.02
CA VAL M 198 47.54 15.01 7.54
C VAL M 198 46.37 15.75 8.19
N ALA M 199 45.24 15.77 7.47
CA ALA M 199 44.02 16.42 7.94
C ALA M 199 44.24 17.91 8.20
N GLY M 200 45.04 18.54 7.33
CA GLY M 200 45.30 19.95 7.44
C GLY M 200 46.26 20.29 8.56
N GLY M 201 46.53 21.59 8.69
CA GLY M 201 47.40 22.05 9.75
C GLY M 201 46.77 21.88 11.12
N HIS M 202 47.62 21.80 12.14
CA HIS M 202 47.16 21.63 13.51
C HIS M 202 48.21 22.22 14.44
N ALA M 203 47.96 23.44 14.90
CA ALA M 203 48.84 24.11 15.84
C ALA M 203 48.50 23.81 17.29
N ARG M 204 47.45 23.02 17.54
CA ARG M 204 47.06 22.66 18.89
C ARG M 204 46.98 21.16 19.13
N ALA M 205 46.91 20.34 18.08
CA ALA M 205 46.89 18.89 18.21
C ALA M 205 47.93 18.33 17.24
N TYR M 206 49.18 18.24 17.70
CA TYR M 206 50.25 17.74 16.85
C TYR M 206 50.14 16.24 16.68
N TYR M 207 50.28 15.78 15.44
CA TYR M 207 50.22 14.36 15.14
C TYR M 207 51.01 14.10 13.87
N GLU M 208 51.32 12.82 13.65
CA GLU M 208 52.12 12.43 12.49
C GLU M 208 51.80 10.97 12.18
N PHE M 209 52.24 10.54 10.99
CA PHE M 209 52.01 9.20 10.50
C PHE M 209 53.31 8.42 10.33
N ALA M 210 54.21 8.54 11.30
CA ALA M 210 55.44 7.77 11.26
C ALA M 210 55.11 6.30 11.33
N PRO M 211 55.55 5.48 10.37
CA PRO M 211 55.12 4.08 10.34
C PRO M 211 56.00 3.18 11.21
N ARG M 212 55.34 2.28 11.92
CA ARG M 212 56.01 1.23 12.65
C ARG M 212 55.28 -0.08 12.37
N SER M 213 56.05 -1.14 12.17
CA SER M 213 55.53 -2.47 11.85
C SER M 213 54.71 -2.44 10.56
N VAL M 214 55.37 -2.01 9.49
CA VAL M 214 54.80 -2.03 8.16
C VAL M 214 55.04 -3.40 7.55
N VAL M 215 54.01 -3.99 6.93
CA VAL M 215 54.13 -5.31 6.32
C VAL M 215 53.64 -5.23 4.88
N ALA M 216 54.44 -5.77 3.95
CA ALA M 216 54.11 -5.81 2.54
C ALA M 216 53.88 -7.25 2.12
N ARG M 217 52.91 -7.48 1.24
CA ARG M 217 52.41 -8.82 0.99
C ARG M 217 52.33 -9.11 -0.50
N LEU M 218 52.70 -10.35 -0.86
CA LEU M 218 52.40 -10.95 -2.16
C LEU M 218 52.76 -10.05 -3.33
N THR M 219 53.99 -9.54 -3.31
CA THR M 219 54.45 -8.69 -4.41
C THR M 219 54.48 -9.38 -5.77
N PRO M 220 55.01 -10.60 -5.93
CA PRO M 220 55.21 -11.09 -7.30
C PRO M 220 53.94 -11.55 -8.00
N LYS M 221 53.07 -12.28 -7.32
CA LYS M 221 51.95 -12.94 -7.98
C LYS M 221 50.76 -11.99 -8.10
N LEU M 222 49.65 -12.52 -8.63
CA LEU M 222 48.43 -11.76 -8.77
C LEU M 222 47.86 -11.40 -7.39
N VAL M 223 46.97 -10.40 -7.38
CA VAL M 223 46.44 -9.88 -6.13
C VAL M 223 45.69 -10.98 -5.38
N ALA M 224 46.13 -11.24 -4.14
CA ALA M 224 45.51 -12.23 -3.28
C ALA M 224 45.44 -11.75 -1.83
N GLY M 225 45.29 -10.44 -1.64
CA GLY M 225 45.29 -9.91 -0.29
C GLY M 225 44.14 -10.44 0.54
N TYR M 226 44.35 -10.46 1.86
CA TYR M 226 43.35 -10.99 2.77
C TYR M 226 43.58 -10.38 4.15
N GLN M 227 42.50 -9.88 4.75
CA GLN M 227 42.54 -9.26 6.08
C GLN M 227 43.56 -8.13 6.13
N THR M 228 43.29 -7.09 5.36
CA THR M 228 44.18 -5.93 5.30
C THR M 228 44.24 -5.20 6.63
N TYR M 229 43.12 -5.13 7.35
CA TYR M 229 43.05 -4.44 8.64
C TYR M 229 43.41 -5.34 9.81
N GLY M 230 44.20 -6.38 9.57
CA GLY M 230 44.35 -7.47 10.51
C GLY M 230 45.03 -7.18 11.83
N PHE M 231 46.32 -6.88 11.81
CA PHE M 231 47.10 -6.84 13.05
C PHE M 231 46.71 -5.62 13.87
N ASP M 232 46.10 -5.88 15.02
CA ASP M 232 45.53 -4.84 15.88
C ASP M 232 45.85 -5.21 17.33
N ALA M 233 45.14 -4.58 18.26
CA ALA M 233 45.28 -4.85 19.70
C ALA M 233 46.72 -4.67 20.17
N GLU M 234 47.35 -3.58 19.71
CA GLU M 234 48.71 -3.16 20.09
C GLU M 234 49.70 -4.34 20.10
N GLY M 235 49.45 -5.34 19.27
CA GLY M 235 50.33 -6.50 19.22
C GLY M 235 50.41 -7.03 17.80
N ASN M 236 51.50 -7.75 17.52
CA ASN M 236 51.66 -8.38 16.22
C ASN M 236 50.65 -9.50 16.04
N TRP M 237 50.05 -9.56 14.85
CA TRP M 237 49.13 -10.64 14.52
C TRP M 237 49.41 -11.25 13.17
N LEU M 238 50.22 -10.63 12.33
CA LEU M 238 50.53 -11.17 11.02
C LEU M 238 51.57 -12.28 11.04
N GLU M 239 52.30 -12.46 12.14
CA GLU M 239 53.26 -13.55 12.20
C GLU M 239 52.56 -14.90 12.39
N LEU M 240 51.55 -14.96 13.26
CA LEU M 240 50.79 -16.19 13.40
C LEU M 240 50.00 -16.48 12.13
N SER M 241 49.50 -15.43 11.48
CA SER M 241 48.84 -15.61 10.19
C SER M 241 49.82 -16.13 9.15
N ARG M 242 51.05 -15.62 9.16
CA ARG M 242 52.08 -16.07 8.24
C ARG M 242 52.40 -17.56 8.45
N LEU M 243 52.56 -17.97 9.70
CA LEU M 243 52.87 -19.37 9.97
C LEU M 243 51.66 -20.29 9.79
N THR M 244 50.44 -19.75 9.86
CA THR M 244 49.24 -20.56 9.65
C THR M 244 48.78 -20.51 8.20
N ALA M 245 48.48 -19.31 7.71
CA ALA M 245 48.12 -19.12 6.31
C ALA M 245 49.38 -18.88 5.50
N THR M 246 49.55 -19.65 4.41
CA THR M 246 50.76 -19.64 3.62
C THR M 246 51.98 -19.92 4.52
N ASP M 247 51.99 -21.12 5.07
CA ASP M 247 53.00 -21.51 6.05
C ASP M 247 54.41 -21.36 5.48
N SER M 248 55.36 -21.07 6.37
CA SER M 248 56.74 -20.83 5.95
C SER M 248 57.32 -22.05 5.25
N ASP M 249 57.05 -23.24 5.78
CA ASP M 249 57.49 -24.47 5.13
C ASP M 249 56.82 -24.61 3.77
N ASN M 250 57.57 -25.13 2.80
CA ASN M 250 57.09 -25.28 1.43
C ASN M 250 56.74 -26.72 1.08
N LEU M 251 56.25 -27.49 2.04
CA LEU M 251 55.81 -28.87 1.81
C LEU M 251 54.30 -29.01 1.80
N ASP M 252 53.60 -28.50 2.82
CA ASP M 252 52.16 -28.63 2.92
C ASP M 252 51.43 -27.37 2.43
N LEU M 253 51.76 -26.22 3.02
CA LEU M 253 51.13 -24.95 2.64
C LEU M 253 52.20 -24.01 2.09
N PRO M 254 52.27 -23.82 0.78
CA PRO M 254 53.30 -22.93 0.21
C PRO M 254 53.05 -21.48 0.59
N ALA M 255 54.14 -20.69 0.58
CA ALA M 255 54.09 -19.29 0.96
C ALA M 255 54.70 -18.40 -0.11
N ASN M 256 54.88 -17.12 0.19
CA ASN M 256 55.40 -16.16 -0.76
C ASN M 256 56.33 -15.18 -0.05
N GLU M 257 57.15 -14.49 -0.83
CA GLU M 257 58.09 -13.53 -0.28
C GLU M 257 57.34 -12.42 0.47
N PHE M 258 57.78 -12.14 1.68
CA PHE M 258 57.19 -11.13 2.54
C PHE M 258 58.23 -10.11 2.95
N TRP M 259 57.74 -8.95 3.40
CA TRP M 259 58.59 -7.89 3.93
C TRP M 259 57.97 -7.38 5.22
N LEU M 260 58.76 -7.41 6.30
CA LEU M 260 58.27 -7.12 7.64
C LEU M 260 58.98 -5.89 8.20
N GLY M 261 58.22 -5.04 8.87
CA GLY M 261 58.75 -3.79 9.39
C GLY M 261 59.63 -3.98 10.61
N GLY M 262 60.18 -2.85 11.07
CA GLY M 262 61.14 -2.89 12.16
C GLY M 262 60.51 -3.06 13.54
N GLU M 263 59.30 -2.54 13.73
CA GLU M 263 58.68 -2.60 15.05
C GLU M 263 58.42 -4.03 15.48
N LEU M 264 57.97 -4.88 14.55
CA LEU M 264 57.75 -6.28 14.88
C LEU M 264 59.05 -6.97 15.26
N VAL M 265 60.08 -6.85 14.41
CA VAL M 265 61.34 -7.54 14.65
C VAL M 265 62.12 -6.94 15.81
N ARG M 266 61.70 -5.78 16.32
CA ARG M 266 62.39 -5.18 17.46
C ARG M 266 62.27 -6.05 18.71
N LYS M 267 61.12 -6.70 18.89
CA LYS M 267 60.87 -7.47 20.11
C LYS M 267 60.19 -8.81 19.81
N MET M 268 61.01 -9.84 19.59
CA MET M 268 60.59 -11.22 19.80
C MET M 268 61.85 -12.03 20.11
N ASP M 269 61.65 -13.32 20.35
CA ASP M 269 62.77 -14.20 20.67
C ASP M 269 63.72 -14.27 19.49
N GLN M 270 65.03 -14.27 19.79
CA GLN M 270 66.02 -14.41 18.74
C GLN M 270 65.91 -15.76 18.05
N GLU M 271 65.63 -16.81 18.82
CA GLU M 271 65.40 -18.12 18.23
C GLU M 271 64.18 -18.10 17.32
N GLN M 272 63.18 -17.26 17.62
CA GLN M 272 62.05 -17.11 16.71
C GLN M 272 62.48 -16.51 15.39
N LYS M 273 63.37 -15.50 15.43
CA LYS M 273 63.89 -14.94 14.19
C LYS M 273 64.68 -15.97 13.42
N ALA M 274 65.50 -16.78 14.11
CA ALA M 274 66.29 -17.80 13.45
C ALA M 274 65.40 -18.86 12.81
N GLN M 275 64.32 -19.26 13.50
CA GLN M 275 63.43 -20.27 12.96
C GLN M 275 62.71 -19.76 11.71
N LEU M 276 62.27 -18.50 11.72
CA LEU M 276 61.57 -17.92 10.58
C LEU M 276 62.61 -17.55 9.51
N GLU M 277 63.23 -18.60 8.96
CA GLU M 277 64.25 -18.44 7.93
C GLU M 277 64.13 -19.53 6.88
N ALA M 278 62.96 -20.14 6.74
CA ALA M 278 62.77 -21.17 5.72
C ALA M 278 63.06 -20.63 4.33
N MET M 279 62.43 -19.51 3.98
CA MET M 279 62.82 -18.74 2.81
C MET M 279 63.57 -17.46 3.20
N GLY M 280 63.82 -17.27 4.49
CA GLY M 280 64.54 -16.10 4.95
C GLY M 280 63.64 -14.89 5.15
N ALA M 281 62.62 -14.77 4.31
CA ALA M 281 61.72 -13.59 4.30
C ALA M 281 62.59 -12.36 4.09
N HIS M 282 62.20 -11.24 4.68
CA HIS M 282 62.97 -10.00 4.57
C HIS M 282 62.74 -9.19 5.84
N LEU M 283 63.77 -9.07 6.66
CA LEU M 283 63.68 -8.41 7.95
C LEU M 283 64.55 -7.16 7.96
N TYR M 284 64.01 -6.08 8.53
CA TYR M 284 64.74 -4.82 8.60
C TYR M 284 64.39 -4.12 9.91
N ALA M 285 65.28 -3.23 10.33
CA ALA M 285 65.11 -2.54 11.60
C ALA M 285 64.34 -1.24 11.47
N ASN M 286 64.40 -0.57 10.32
CA ASN M 286 63.70 0.68 10.12
C ASN M 286 62.88 0.61 8.84
N PRO M 287 61.67 1.19 8.84
CA PRO M 287 60.81 1.13 7.65
C PRO M 287 61.40 1.80 6.43
N GLU M 288 62.25 2.82 6.58
CA GLU M 288 62.78 3.53 5.42
C GLU M 288 63.66 2.62 4.57
N LYS M 289 64.52 1.83 5.19
CA LYS M 289 65.35 0.89 4.44
C LYS M 289 64.48 -0.14 3.74
N LEU M 290 63.42 -0.60 4.41
CA LEU M 290 62.50 -1.54 3.78
C LEU M 290 61.85 -0.92 2.54
N PHE M 291 61.41 0.33 2.65
CA PHE M 291 60.81 1.00 1.50
C PHE M 291 61.79 1.13 0.36
N ALA M 292 63.04 1.52 0.65
CA ALA M 292 64.03 1.66 -0.40
C ALA M 292 64.29 0.34 -1.10
N ASP M 293 64.50 -0.73 -0.32
CA ASP M 293 64.78 -2.04 -0.91
C ASP M 293 63.59 -2.56 -1.69
N LEU M 294 62.37 -2.39 -1.16
CA LEU M 294 61.18 -2.85 -1.86
C LEU M 294 60.98 -2.11 -3.17
N ALA M 295 61.19 -0.79 -3.16
CA ALA M 295 61.07 -0.03 -4.40
C ALA M 295 62.11 -0.49 -5.42
N ASP M 296 63.35 -0.70 -4.97
CA ASP M 296 64.39 -1.16 -5.88
C ASP M 296 64.05 -2.52 -6.47
N SER M 297 63.54 -3.44 -5.65
CA SER M 297 63.25 -4.79 -6.14
C SER M 297 62.04 -4.80 -7.07
N PHE M 298 60.96 -4.12 -6.68
CA PHE M 298 59.73 -4.19 -7.45
C PHE M 298 59.83 -3.39 -8.74
N LEU M 299 60.51 -2.23 -8.70
CA LEU M 299 60.63 -1.39 -9.87
C LEU M 299 61.44 -2.05 -10.98
N GLY M 300 62.20 -3.11 -10.67
CA GLY M 300 63.03 -3.77 -11.64
C GLY M 300 64.36 -3.10 -11.90
N VAL M 301 64.69 -2.03 -11.17
CA VAL M 301 65.96 -1.35 -11.35
C VAL M 301 66.43 -0.79 -10.02
N ARG N 9 -8.56 17.11 13.52
CA ARG N 9 -9.02 17.28 14.90
C ARG N 9 -8.01 18.10 15.70
N GLU N 10 -8.06 17.94 17.03
CA GLU N 10 -7.10 18.61 17.89
C GLU N 10 -5.68 18.14 17.60
N TYR N 11 -5.52 16.87 17.21
CA TYR N 11 -4.20 16.33 16.92
C TYR N 11 -3.51 17.11 15.81
N ALA N 12 -4.19 17.25 14.67
CA ALA N 12 -3.57 17.91 13.52
C ALA N 12 -3.31 19.37 13.79
N GLU N 13 -4.26 20.06 14.41
CA GLU N 13 -4.08 21.49 14.65
C GLU N 13 -2.98 21.75 15.68
N ILE N 14 -2.86 20.88 16.69
CA ILE N 14 -1.76 21.02 17.65
C ILE N 14 -0.43 20.74 16.98
N VAL N 15 -0.40 19.76 16.06
CA VAL N 15 0.83 19.51 15.32
C VAL N 15 1.24 20.72 14.51
N TYR N 16 0.27 21.35 13.82
CA TYR N 16 0.58 22.55 13.05
C TYR N 16 1.04 23.68 13.97
N LYS N 17 0.39 23.84 15.12
CA LYS N 17 0.75 24.89 16.05
C LYS N 17 2.17 24.71 16.57
N ILE N 18 2.54 23.47 16.92
CA ILE N 18 3.89 23.23 17.40
C ILE N 18 4.90 23.38 16.28
N ALA N 19 4.52 23.07 15.04
CA ALA N 19 5.41 23.33 13.92
C ALA N 19 5.67 24.82 13.76
N GLN N 20 4.62 25.64 13.86
CA GLN N 20 4.80 27.10 13.79
C GLN N 20 5.64 27.59 14.97
N GLY N 21 5.42 27.03 16.15
CA GLY N 21 6.23 27.40 17.29
C GLY N 21 7.70 27.05 17.11
N PHE N 22 7.97 25.91 16.50
CA PHE N 22 9.34 25.53 16.19
C PHE N 22 9.96 26.48 15.17
N VAL N 23 9.19 26.89 14.17
CA VAL N 23 9.68 27.86 13.19
C VAL N 23 10.05 29.16 13.89
N LEU N 24 9.18 29.64 14.78
CA LEU N 24 9.45 30.89 15.49
C LEU N 24 10.63 30.74 16.45
N SER N 25 10.79 29.56 17.05
CA SER N 25 11.94 29.32 17.91
C SER N 25 13.24 29.35 17.12
N LYS N 26 13.24 28.76 15.92
CA LYS N 26 14.42 28.85 15.07
C LYS N 26 14.70 30.28 14.66
N LEU N 27 13.66 31.04 14.37
CA LEU N 27 13.87 32.45 14.01
C LEU N 27 14.45 33.22 15.19
N SER N 28 13.96 32.95 16.41
CA SER N 28 14.49 33.62 17.60
C SER N 28 15.94 33.24 17.86
N SER N 29 16.28 31.96 17.69
CA SER N 29 17.66 31.53 17.88
C SER N 29 18.58 32.16 16.85
N LYS N 30 18.09 32.28 15.60
CA LYS N 30 18.91 32.87 14.54
C LYS N 30 19.18 34.35 14.82
N HIS N 31 18.14 35.11 15.17
CA HIS N 31 18.28 36.53 15.45
C HIS N 31 17.06 37.00 16.22
N ASP N 32 17.03 38.30 16.52
CA ASP N 32 15.95 38.87 17.32
C ASP N 32 14.62 38.73 16.61
N LEU N 33 13.56 38.49 17.39
CA LEU N 33 12.21 38.36 16.86
C LEU N 33 11.64 39.68 16.37
N GLN N 34 12.30 40.80 16.64
CA GLN N 34 11.77 42.11 16.28
C GLN N 34 11.85 42.26 14.76
N TRP N 35 10.74 42.03 14.07
CA TRP N 35 10.71 42.05 12.62
C TRP N 35 10.58 43.45 12.04
N SER N 36 10.27 44.45 12.87
CA SER N 36 10.31 45.82 12.38
C SER N 36 11.73 46.23 12.01
N LYS N 37 12.74 45.62 12.64
CA LYS N 37 14.11 45.78 12.18
C LYS N 37 14.28 45.21 10.78
N CYS N 38 13.70 44.05 10.51
CA CYS N 38 13.81 43.43 9.19
C CYS N 38 13.14 44.28 8.13
N LYS N 39 11.97 44.83 8.42
CA LYS N 39 11.23 45.63 7.46
C LYS N 39 11.66 47.10 7.52
N GLY N 40 11.17 47.87 6.56
CA GLY N 40 11.44 49.30 6.51
C GLY N 40 12.67 49.69 5.72
N ASN N 41 13.49 48.73 5.29
CA ASN N 41 14.68 49.05 4.52
C ASN N 41 14.95 47.92 3.53
N PRO N 42 15.25 48.23 2.28
CA PRO N 42 15.55 47.16 1.32
C PRO N 42 16.77 46.33 1.71
N LYS N 43 17.78 46.96 2.31
CA LYS N 43 18.96 46.21 2.74
C LYS N 43 18.65 45.33 3.95
N LEU N 44 17.92 45.87 4.93
CA LEU N 44 17.51 45.08 6.08
C LEU N 44 16.58 43.94 5.65
N GLU N 45 15.65 44.23 4.74
CA GLU N 45 14.80 43.18 4.21
C GLU N 45 15.61 42.12 3.50
N ARG N 46 16.60 42.52 2.72
CA ARG N 46 17.41 41.55 1.98
C ARG N 46 18.21 40.66 2.92
N GLU N 47 18.83 41.25 3.94
CA GLU N 47 19.62 40.44 4.86
C GLU N 47 18.73 39.51 5.69
N TYR N 48 17.56 40.01 6.12
CA TYR N 48 16.62 39.13 6.81
C TYR N 48 16.18 37.99 5.92
N ASN N 49 15.91 38.28 4.65
CA ASN N 49 15.53 37.23 3.72
C ASN N 49 16.65 36.22 3.55
N ASP N 50 17.90 36.69 3.46
CA ASP N 50 19.04 35.78 3.29
C ASP N 50 19.17 34.85 4.50
N LYS N 51 18.99 35.41 5.71
CA LYS N 51 18.92 34.56 6.89
C LYS N 51 17.78 33.57 6.76
N LYS N 52 16.66 33.99 6.16
CA LYS N 52 15.55 33.08 5.95
C LYS N 52 15.94 31.92 5.03
N GLU N 53 16.67 32.19 3.94
CA GLU N 53 17.05 31.08 3.07
C GLU N 53 18.12 30.20 3.69
N LYS N 54 18.97 30.73 4.57
CA LYS N 54 19.90 29.81 5.24
C LYS N 54 19.15 28.92 6.23
N VAL N 55 18.12 29.46 6.89
CA VAL N 55 17.22 28.62 7.67
C VAL N 55 16.54 27.60 6.78
N VAL N 56 16.17 28.00 5.55
CA VAL N 56 15.58 27.08 4.60
C VAL N 56 16.57 25.97 4.22
N ASN N 57 17.85 26.30 4.10
CA ASN N 57 18.85 25.29 3.83
C ASN N 57 18.94 24.29 4.97
N GLU N 58 18.90 24.78 6.21
CA GLU N 58 18.84 23.88 7.35
C GLU N 58 17.57 23.02 7.30
N ALA N 59 16.47 23.61 6.84
CA ALA N 59 15.22 22.87 6.69
C ALA N 59 15.36 21.75 5.66
N PHE N 60 16.06 22.01 4.56
CA PHE N 60 16.35 20.96 3.59
C PHE N 60 17.22 19.87 4.20
N LEU N 61 18.21 20.24 5.00
CA LEU N 61 19.01 19.23 5.70
C LEU N 61 18.11 18.33 6.55
N ALA N 62 17.23 18.95 7.35
CA ALA N 62 16.33 18.18 8.20
C ALA N 62 15.40 17.31 7.38
N ILE N 63 14.88 17.84 6.28
CA ILE N 63 13.93 17.08 5.45
C ILE N 63 14.61 15.89 4.79
N ARG N 64 15.78 16.11 4.20
CA ARG N 64 16.49 15.01 3.55
C ARG N 64 16.93 13.96 4.57
N SER N 65 17.17 14.39 5.82
CA SER N 65 17.37 13.40 6.87
C SER N 65 16.07 12.69 7.24
N ARG N 66 14.94 13.37 7.10
CA ARG N 66 13.66 12.83 7.57
C ARG N 66 13.27 11.57 6.81
N THR N 67 13.65 11.47 5.53
CA THR N 67 13.30 10.29 4.75
C THR N 67 13.94 9.04 5.33
N GLU N 68 15.18 9.14 5.81
CA GLU N 68 15.89 8.06 6.48
C GLU N 68 15.72 8.11 8.00
N LYS N 69 14.65 8.75 8.49
CA LYS N 69 14.46 8.97 9.92
C LYS N 69 13.29 8.20 10.50
N GLN N 70 13.06 6.96 10.08
CA GLN N 70 11.83 6.29 10.50
C GLN N 70 11.91 5.58 11.85
N ALA N 71 12.77 4.58 12.00
CA ALA N 71 12.44 3.50 12.94
C ALA N 71 12.84 3.83 14.38
N PHE N 72 14.13 3.83 14.69
CA PHE N 72 14.54 3.86 16.10
C PHE N 72 15.42 5.04 16.48
N ILE N 73 16.61 5.18 15.88
CA ILE N 73 17.61 6.09 16.44
C ILE N 73 17.46 7.48 15.84
N ASP N 74 17.29 7.54 14.52
CA ASP N 74 16.90 8.79 13.90
C ASP N 74 15.60 9.29 14.48
N TYR N 75 14.76 8.38 14.98
CA TYR N 75 13.58 8.78 15.76
C TYR N 75 13.98 9.52 17.02
N PHE N 76 15.03 9.04 17.72
CA PHE N 76 15.52 9.77 18.88
C PHE N 76 16.03 11.14 18.49
N VAL N 77 16.76 11.24 17.38
CA VAL N 77 17.28 12.55 16.97
C VAL N 77 16.12 13.49 16.62
N SER N 78 15.10 12.96 15.94
CA SER N 78 13.94 13.78 15.58
C SER N 78 13.18 14.23 16.82
N THR N 79 13.12 13.39 17.85
CA THR N 79 12.44 13.77 19.08
C THR N 79 13.31 14.70 19.92
N LEU N 80 14.62 14.72 19.66
CA LEU N 80 15.49 15.70 20.30
C LEU N 80 15.31 17.08 19.66
N TYR N 81 15.16 17.11 18.34
CA TYR N 81 15.13 18.35 17.57
C TYR N 81 13.89 19.24 17.67
N PRO N 82 12.67 18.72 17.89
CA PRO N 82 11.48 19.46 17.44
C PRO N 82 11.32 20.83 18.09
N HIS N 83 11.92 21.06 19.26
CA HIS N 83 11.78 22.32 19.98
C HIS N 83 10.31 22.71 20.11
N VAL N 84 9.53 21.80 20.69
CA VAL N 84 8.07 21.94 20.70
C VAL N 84 7.65 23.18 21.47
N ARG N 85 8.21 23.37 22.67
CA ARG N 85 7.91 24.52 23.52
C ARG N 85 6.40 24.69 23.71
N GLN N 86 5.76 23.64 24.22
CA GLN N 86 4.31 23.62 24.33
C GLN N 86 3.87 23.88 25.77
N ASP N 87 2.65 24.41 25.92
CA ASP N 87 2.17 24.83 27.23
C ASP N 87 1.92 23.65 28.16
N GLU N 88 1.20 22.63 27.68
CA GLU N 88 0.83 21.47 28.49
C GLU N 88 1.39 20.23 27.80
N PHE N 89 2.61 19.86 28.19
CA PHE N 89 3.38 18.86 27.46
C PHE N 89 2.89 17.44 27.67
N VAL N 90 2.04 17.23 28.69
CA VAL N 90 1.60 15.88 29.01
C VAL N 90 0.82 15.28 27.85
N ASP N 91 -0.19 16.02 27.36
CA ASP N 91 -1.04 15.50 26.31
C ASP N 91 -0.25 15.30 25.01
N PHE N 92 0.58 16.27 24.65
CA PHE N 92 1.38 16.15 23.43
C PHE N 92 2.33 14.97 23.50
N ALA N 93 2.97 14.77 24.65
CA ALA N 93 3.86 13.63 24.81
C ALA N 93 3.09 12.31 24.69
N GLN N 94 2.00 12.18 25.44
CA GLN N 94 1.31 10.89 25.50
C GLN N 94 0.62 10.55 24.18
N LYS N 95 0.24 11.57 23.39
CA LYS N 95 -0.55 11.29 22.18
C LYS N 95 0.31 10.75 21.04
N LEU N 96 1.63 10.92 21.12
CA LEU N 96 2.47 10.54 19.98
C LEU N 96 3.04 9.13 20.09
N PHE N 97 3.01 8.50 21.27
CA PHE N 97 3.56 7.16 21.40
C PHE N 97 2.69 6.11 20.71
N GLN N 98 1.36 6.23 20.85
CA GLN N 98 0.48 5.18 20.33
C GLN N 98 0.60 5.04 18.82
N ASP N 99 0.60 6.15 18.11
CA ASP N 99 0.72 6.14 16.64
C ASP N 99 2.19 6.14 16.25
N THR N 100 2.81 4.97 16.38
CA THR N 100 4.26 4.87 16.22
C THR N 100 4.70 5.16 14.78
N ASP N 101 3.93 4.69 13.80
CA ASP N 101 4.37 4.73 12.41
C ASP N 101 3.88 5.94 11.62
N GLU N 102 2.62 6.33 11.80
CA GLU N 102 2.04 7.38 10.95
C GLU N 102 2.56 8.76 11.34
N ILE N 103 3.14 8.88 12.54
CA ILE N 103 3.66 10.16 13.01
C ILE N 103 4.78 10.62 12.10
N ARG N 104 5.54 9.69 11.53
CA ARG N 104 6.58 10.09 10.58
C ARG N 104 5.97 10.82 9.40
N SER N 105 4.90 10.27 8.83
CA SER N 105 4.27 10.86 7.67
C SER N 105 3.59 12.18 8.01
N LEU N 106 3.05 12.31 9.22
CA LEU N 106 2.47 13.61 9.60
C LEU N 106 3.52 14.65 9.95
N THR N 107 4.62 14.25 10.59
CA THR N 107 5.62 15.22 11.00
C THR N 107 6.49 15.67 9.84
N LEU N 108 6.63 14.85 8.79
CA LEU N 108 7.30 15.39 7.59
C LEU N 108 6.44 16.47 6.95
N LEU N 109 5.12 16.28 6.92
CA LEU N 109 4.23 17.35 6.47
C LEU N 109 4.35 18.57 7.36
N ALA N 110 4.43 18.36 8.68
CA ALA N 110 4.61 19.47 9.60
C ALA N 110 5.93 20.21 9.37
N LEU N 111 7.01 19.48 9.12
CA LEU N 111 8.30 20.07 8.83
C LEU N 111 8.33 20.75 7.47
N SER N 112 7.42 20.39 6.57
CA SER N 112 7.24 21.17 5.36
C SER N 112 6.79 22.60 5.66
N SER N 113 6.28 22.85 6.87
CA SER N 113 5.93 24.19 7.29
C SER N 113 7.13 25.01 7.75
N GLN N 114 8.34 24.45 7.66
CA GLN N 114 9.56 25.14 8.02
C GLN N 114 10.09 25.99 6.85
N TYR N 115 9.20 26.41 5.95
CA TYR N 115 9.56 27.08 4.71
C TYR N 115 8.86 28.43 4.61
N PRO N 116 9.23 29.41 5.45
CA PRO N 116 8.69 30.76 5.27
C PRO N 116 9.36 31.47 4.09
N ILE N 117 10.69 31.33 4.02
CA ILE N 117 11.56 31.91 2.99
C ILE N 117 11.18 33.36 2.69
N LYS N 118 11.52 33.85 1.49
CA LYS N 118 11.18 35.20 1.08
C LYS N 118 9.75 35.27 0.58
N GLU O 10 -14.89 22.41 -5.21
CA GLU O 10 -14.05 23.08 -4.22
C GLU O 10 -12.72 22.36 -4.05
N TYR O 11 -12.81 21.07 -3.69
CA TYR O 11 -11.59 20.29 -3.47
C TYR O 11 -10.77 20.18 -4.74
N ALA O 12 -11.43 19.88 -5.86
CA ALA O 12 -10.71 19.71 -7.12
C ALA O 12 -10.04 21.01 -7.55
N GLU O 13 -10.74 22.14 -7.41
CA GLU O 13 -10.17 23.42 -7.81
C GLU O 13 -8.97 23.78 -6.92
N ILE O 14 -9.09 23.53 -5.62
CA ILE O 14 -8.01 23.82 -4.69
C ILE O 14 -6.78 22.98 -5.00
N VAL O 15 -7.00 21.69 -5.24
CA VAL O 15 -5.85 20.82 -5.50
C VAL O 15 -5.23 21.13 -6.86
N TYR O 16 -6.04 21.51 -7.86
CA TYR O 16 -5.45 21.91 -9.14
C TYR O 16 -4.61 23.16 -8.99
N LYS O 17 -5.11 24.15 -8.23
CA LYS O 17 -4.31 25.36 -8.00
C LYS O 17 -3.01 25.04 -7.28
N ILE O 18 -3.07 24.17 -6.26
CA ILE O 18 -1.88 23.89 -5.46
C ILE O 18 -0.88 23.06 -6.24
N ALA O 19 -1.35 22.15 -7.10
CA ALA O 19 -0.42 21.43 -7.97
C ALA O 19 0.23 22.36 -8.98
N GLN O 20 -0.53 23.31 -9.53
CA GLN O 20 0.08 24.33 -10.38
C GLN O 20 1.10 25.14 -9.59
N GLY O 21 0.83 25.39 -8.31
CA GLY O 21 1.79 26.10 -7.48
C GLY O 21 3.10 25.35 -7.32
N PHE O 22 3.03 24.04 -7.03
CA PHE O 22 4.27 23.27 -6.97
C PHE O 22 5.00 23.24 -8.31
N VAL O 23 4.27 23.09 -9.41
CA VAL O 23 4.95 23.05 -10.71
C VAL O 23 5.65 24.36 -10.99
N LEU O 24 4.99 25.48 -10.71
CA LEU O 24 5.60 26.78 -10.92
C LEU O 24 6.82 26.98 -10.04
N SER O 25 6.72 26.55 -8.77
CA SER O 25 7.87 26.66 -7.87
C SER O 25 9.04 25.82 -8.35
N LYS O 26 8.76 24.61 -8.84
CA LYS O 26 9.82 23.73 -9.34
C LYS O 26 10.52 24.35 -10.55
N LEU O 27 9.74 24.88 -11.49
CA LEU O 27 10.35 25.51 -12.67
C LEU O 27 11.11 26.77 -12.30
N SER O 28 10.63 27.53 -11.32
CA SER O 28 11.40 28.67 -10.83
C SER O 28 12.71 28.22 -10.19
N SER O 29 12.66 27.13 -9.43
CA SER O 29 13.86 26.61 -8.77
C SER O 29 14.89 26.09 -9.77
N LYS O 30 14.43 25.50 -10.87
CA LYS O 30 15.37 24.96 -11.86
C LYS O 30 16.27 26.05 -12.43
N HIS O 31 15.69 27.21 -12.75
CA HIS O 31 16.47 28.34 -13.24
C HIS O 31 15.69 29.64 -13.11
N PRO O 42 14.70 32.37 -30.57
CA PRO O 42 15.56 31.70 -29.59
C PRO O 42 15.13 30.25 -29.33
N LYS O 43 15.98 29.31 -29.73
CA LYS O 43 15.69 27.89 -29.56
C LYS O 43 15.81 27.44 -28.11
N LEU O 44 16.35 28.28 -27.22
CA LEU O 44 16.55 27.84 -25.84
C LEU O 44 15.23 27.52 -25.16
N GLU O 45 14.19 28.33 -25.42
CA GLU O 45 12.90 28.09 -24.79
C GLU O 45 12.35 26.72 -25.16
N ARG O 46 12.58 26.28 -26.40
CA ARG O 46 12.12 24.97 -26.82
C ARG O 46 12.83 23.86 -26.04
N GLU O 47 14.16 24.00 -25.88
CA GLU O 47 14.91 22.92 -25.23
C GLU O 47 14.71 22.90 -23.72
N TYR O 48 14.46 24.06 -23.09
CA TYR O 48 13.97 24.01 -21.72
C TYR O 48 12.59 23.37 -21.65
N ASN O 49 11.74 23.64 -22.65
CA ASN O 49 10.48 22.91 -22.74
C ASN O 49 10.71 21.45 -23.05
N ASP O 50 11.67 21.15 -23.93
CA ASP O 50 11.95 19.75 -24.29
C ASP O 50 12.52 18.96 -23.12
N LYS O 51 13.40 19.56 -22.34
CA LYS O 51 14.02 18.82 -21.24
C LYS O 51 12.99 18.41 -20.19
N LYS O 52 12.02 19.27 -19.92
CA LYS O 52 10.99 18.95 -18.94
C LYS O 52 9.99 17.92 -19.48
N GLU O 53 9.96 17.70 -20.79
CA GLU O 53 9.10 16.66 -21.34
C GLU O 53 9.51 15.28 -20.83
N LYS O 54 10.79 15.07 -20.56
CA LYS O 54 11.29 13.81 -20.04
C LYS O 54 11.48 13.81 -18.53
N VAL O 55 11.54 15.00 -17.91
CA VAL O 55 11.67 15.05 -16.44
C VAL O 55 10.42 14.47 -15.78
N VAL O 56 9.25 14.71 -16.36
CA VAL O 56 8.03 14.09 -15.85
C VAL O 56 8.12 12.58 -16.00
N ASN O 57 8.71 12.10 -17.10
CA ASN O 57 8.83 10.67 -17.32
C ASN O 57 9.70 10.00 -16.26
N GLU O 58 10.87 10.59 -15.98
CA GLU O 58 11.73 10.03 -14.94
C GLU O 58 11.14 10.23 -13.56
N ALA O 59 10.41 11.32 -13.34
CA ALA O 59 9.75 11.53 -12.05
C ALA O 59 8.58 10.55 -11.87
N PHE O 60 7.84 10.29 -12.94
CA PHE O 60 6.66 9.43 -12.85
C PHE O 60 7.06 8.02 -12.43
N LEU O 61 8.17 7.51 -12.98
CA LEU O 61 8.67 6.19 -12.57
C LEU O 61 9.07 6.20 -11.10
N ALA O 62 9.68 7.30 -10.64
CA ALA O 62 10.07 7.39 -9.24
C ALA O 62 8.86 7.34 -8.31
N ILE O 63 7.78 8.01 -8.70
CA ILE O 63 6.56 7.98 -7.87
C ILE O 63 5.83 6.66 -8.04
N ARG O 64 6.11 6.00 -9.16
CA ARG O 64 5.52 4.72 -9.52
C ARG O 64 5.90 3.68 -8.48
N SER O 65 7.13 3.76 -7.99
CA SER O 65 7.61 2.83 -6.96
C SER O 65 7.19 3.32 -5.58
N ARG O 66 5.89 3.19 -5.32
CA ARG O 66 5.25 3.58 -4.06
C ARG O 66 4.02 2.69 -3.80
N THR O 67 3.55 2.63 -2.56
CA THR O 67 2.41 1.78 -2.24
C THR O 67 1.19 2.14 -3.09
N GLU O 68 0.54 1.10 -3.61
CA GLU O 68 -0.66 1.20 -4.42
C GLU O 68 -1.64 2.20 -3.82
N LYS O 69 -1.76 2.21 -2.48
CA LYS O 69 -2.71 3.11 -1.83
C LYS O 69 -2.25 4.56 -1.90
N GLN O 70 -0.94 4.78 -1.99
CA GLN O 70 -0.22 6.06 -2.12
C GLN O 70 -0.54 7.03 -1.00
N ALA O 71 -1.29 6.62 0.03
CA ALA O 71 -1.52 7.49 1.18
C ALA O 71 -0.22 7.77 1.91
N PHE O 72 0.62 6.75 2.06
CA PHE O 72 1.92 6.92 2.68
C PHE O 72 2.88 7.67 1.76
N ILE O 73 2.74 7.43 0.45
CA ILE O 73 3.75 7.89 -0.51
C ILE O 73 3.63 9.37 -0.81
N ASP O 74 2.40 9.86 -1.01
CA ASP O 74 2.22 11.26 -1.39
C ASP O 74 2.87 12.19 -0.38
N TYR O 75 2.86 11.79 0.90
CA TYR O 75 3.60 12.53 1.91
C TYR O 75 5.09 12.48 1.62
N PHE O 76 5.61 11.30 1.29
CA PHE O 76 7.02 11.17 0.94
C PHE O 76 7.38 11.93 -0.33
N VAL O 77 6.45 11.99 -1.28
CA VAL O 77 6.73 12.62 -2.57
C VAL O 77 6.92 14.12 -2.42
N SER O 78 6.00 14.77 -1.71
CA SER O 78 5.99 16.22 -1.65
C SER O 78 7.08 16.78 -0.75
N THR O 79 7.45 16.06 0.32
CA THR O 79 8.46 16.57 1.23
C THR O 79 9.82 16.70 0.54
N LEU O 80 10.17 15.73 -0.32
CA LEU O 80 11.36 15.85 -1.14
C LEU O 80 11.19 16.86 -2.27
N TYR O 81 9.95 17.12 -2.66
CA TYR O 81 9.68 18.05 -3.75
C TYR O 81 9.79 19.48 -3.21
N PRO O 82 10.66 20.32 -3.76
CA PRO O 82 10.79 21.68 -3.25
C PRO O 82 9.49 22.46 -3.35
N HIS O 83 9.24 23.28 -2.33
CA HIS O 83 7.98 24.00 -2.17
C HIS O 83 8.28 25.47 -1.91
N VAL O 84 7.23 26.31 -1.92
CA VAL O 84 7.36 27.71 -1.55
C VAL O 84 6.36 28.05 -0.45
N ARG O 85 5.07 27.85 -0.75
CA ARG O 85 3.99 28.13 0.17
C ARG O 85 2.70 27.61 -0.44
N GLN O 86 1.76 27.19 0.42
CA GLN O 86 0.49 26.66 -0.05
C GLN O 86 -0.66 27.17 0.82
N ASP O 87 -0.68 28.48 1.08
CA ASP O 87 -1.88 29.19 1.53
C ASP O 87 -2.40 28.66 2.87
N GLU O 88 -1.66 29.00 3.93
CA GLU O 88 -2.08 28.72 5.30
C GLU O 88 -2.18 27.21 5.55
N PHE O 89 -0.99 26.61 5.61
CA PHE O 89 -0.74 25.17 5.69
C PHE O 89 -1.74 24.43 6.56
N VAL O 90 -2.20 25.08 7.63
CA VAL O 90 -3.10 24.42 8.58
C VAL O 90 -4.36 23.93 7.88
N ASP O 91 -5.02 24.81 7.12
CA ASP O 91 -6.28 24.43 6.48
C ASP O 91 -6.06 23.38 5.41
N PHE O 92 -5.00 23.52 4.60
CA PHE O 92 -4.80 22.60 3.48
C PHE O 92 -4.52 21.19 3.97
N ALA O 93 -3.62 21.04 4.94
CA ALA O 93 -3.20 19.70 5.36
C ALA O 93 -4.33 18.94 6.04
N GLN O 94 -5.16 19.65 6.82
CA GLN O 94 -6.14 18.95 7.65
C GLN O 94 -7.28 18.37 6.83
N LYS O 95 -7.58 18.95 5.66
CA LYS O 95 -8.65 18.42 4.83
C LYS O 95 -8.30 17.07 4.21
N LEU O 96 -7.05 16.87 3.83
CA LEU O 96 -6.69 15.72 3.02
C LEU O 96 -6.61 14.42 3.80
N PHE O 97 -6.63 14.46 5.13
CA PHE O 97 -6.61 13.22 5.91
C PHE O 97 -7.90 12.43 5.73
N GLN O 98 -9.04 13.11 5.77
CA GLN O 98 -10.32 12.41 5.71
C GLN O 98 -10.52 11.70 4.38
N ASP O 99 -10.16 12.34 3.27
CA ASP O 99 -10.32 11.77 1.93
C ASP O 99 -8.94 11.66 1.28
N THR O 100 -8.28 10.52 1.50
CA THR O 100 -6.99 10.24 0.89
C THR O 100 -7.21 9.53 -0.44
N ASP O 101 -6.12 8.96 -0.99
CA ASP O 101 -6.13 8.14 -2.21
C ASP O 101 -6.85 8.82 -3.37
N GLU O 102 -6.65 10.14 -3.49
CA GLU O 102 -7.17 10.89 -4.63
C GLU O 102 -6.18 11.90 -5.20
N ILE O 103 -5.07 12.20 -4.51
CA ILE O 103 -4.18 13.27 -4.94
C ILE O 103 -3.39 12.87 -6.18
N ARG O 104 -3.02 11.58 -6.29
CA ARG O 104 -2.24 11.14 -7.43
C ARG O 104 -2.99 11.24 -8.75
N SER O 105 -4.32 11.44 -8.71
CA SER O 105 -5.10 11.57 -9.93
C SER O 105 -4.71 12.79 -10.75
N LEU O 106 -4.05 13.78 -10.14
CA LEU O 106 -3.62 14.96 -10.88
C LEU O 106 -2.21 15.42 -10.50
N THR O 107 -1.47 14.61 -9.73
CA THR O 107 -0.18 15.05 -9.21
C THR O 107 0.84 15.34 -10.31
N LEU O 108 0.61 14.83 -11.52
CA LEU O 108 1.52 15.06 -12.64
C LEU O 108 0.86 15.72 -13.83
N LEU O 109 -0.46 15.89 -13.82
CA LEU O 109 -1.13 16.58 -14.92
C LEU O 109 -0.88 18.09 -14.89
N ALA O 110 -0.47 18.63 -13.74
CA ALA O 110 -0.32 20.07 -13.61
C ALA O 110 0.84 20.59 -14.45
N LEU O 111 1.95 19.85 -14.50
CA LEU O 111 3.13 20.32 -15.22
C LEU O 111 2.91 20.38 -16.73
N SER O 112 1.85 19.74 -17.24
CA SER O 112 1.54 19.85 -18.66
C SER O 112 1.20 21.29 -19.04
N SER O 113 0.42 21.97 -18.20
CA SER O 113 0.04 23.36 -18.47
C SER O 113 1.19 24.33 -18.28
N GLN O 114 2.30 23.90 -17.66
CA GLN O 114 3.42 24.80 -17.44
C GLN O 114 4.07 25.24 -18.75
N TYR O 115 4.15 24.33 -19.71
CA TYR O 115 4.74 24.64 -21.01
C TYR O 115 3.94 25.70 -21.74
N ARG P 9 1.33 3.32 28.00
CA ARG P 9 0.21 3.10 28.91
C ARG P 9 0.28 4.05 30.11
N GLU P 10 -0.21 3.58 31.26
CA GLU P 10 -0.17 4.39 32.47
C GLU P 10 1.27 4.62 32.95
N TYR P 11 2.20 3.77 32.53
CA TYR P 11 3.61 3.98 32.88
C TYR P 11 4.13 5.29 32.29
N ALA P 12 3.61 5.71 31.14
CA ALA P 12 3.97 7.01 30.60
C ALA P 12 3.53 8.13 31.54
N GLU P 13 2.33 8.01 32.10
CA GLU P 13 1.87 8.99 33.10
C GLU P 13 2.74 8.95 34.35
N ILE P 14 3.17 7.75 34.76
CA ILE P 14 4.09 7.63 35.90
C ILE P 14 5.40 8.33 35.59
N VAL P 15 5.93 8.15 34.38
CA VAL P 15 7.16 8.82 33.98
C VAL P 15 6.99 10.33 34.01
N TYR P 16 5.87 10.82 33.49
CA TYR P 16 5.60 12.25 33.57
C TYR P 16 5.56 12.72 35.02
N LYS P 17 4.87 11.98 35.89
CA LYS P 17 4.71 12.45 37.26
C LYS P 17 6.03 12.46 38.00
N ILE P 18 6.89 11.46 37.77
CA ILE P 18 8.18 11.45 38.43
C ILE P 18 9.09 12.55 37.86
N ALA P 19 9.03 12.80 36.55
CA ALA P 19 9.81 13.89 35.99
C ALA P 19 9.35 15.24 36.53
N GLN P 20 8.03 15.43 36.65
CA GLN P 20 7.49 16.67 37.18
C GLN P 20 7.88 16.86 38.64
N GLY P 21 7.81 15.79 39.44
CA GLY P 21 8.27 15.88 40.81
C GLY P 21 9.75 16.20 40.90
N PHE P 22 10.56 15.61 40.02
CA PHE P 22 11.99 15.88 40.00
C PHE P 22 12.27 17.35 39.67
N VAL P 23 11.59 17.88 38.65
CA VAL P 23 11.85 19.26 38.25
C VAL P 23 11.34 20.23 39.32
N LEU P 24 10.20 19.91 39.94
CA LEU P 24 9.70 20.74 41.03
C LEU P 24 10.64 20.74 42.23
N SER P 25 11.18 19.56 42.58
CA SER P 25 12.13 19.49 43.68
C SER P 25 13.41 20.26 43.35
N LYS P 26 13.89 20.16 42.11
CA LYS P 26 15.07 20.90 41.69
C LYS P 26 14.82 22.40 41.78
N LEU P 27 13.64 22.85 41.33
CA LEU P 27 13.30 24.27 41.41
C LEU P 27 13.24 24.74 42.86
N SER P 28 12.63 23.92 43.74
CA SER P 28 12.52 24.30 45.14
C SER P 28 13.88 24.37 45.81
N SER P 29 14.74 23.37 45.57
CA SER P 29 16.03 23.33 46.23
C SER P 29 16.95 24.43 45.73
N LYS P 30 17.07 24.57 44.40
CA LYS P 30 17.99 25.55 43.85
C LYS P 30 17.44 26.96 43.94
N HIS P 31 16.13 27.13 43.83
CA HIS P 31 15.51 28.45 43.79
C HIS P 31 14.52 28.57 44.95
N ASP P 32 14.65 29.65 45.71
CA ASP P 32 13.87 29.81 46.93
C ASP P 32 12.39 30.04 46.61
N LEU P 33 11.53 29.48 47.46
CA LEU P 33 10.08 29.66 47.37
C LEU P 33 9.50 29.15 46.05
N GLN P 34 10.15 28.15 45.45
CA GLN P 34 9.70 27.48 44.23
C GLN P 34 9.53 28.54 43.14
N TRP P 35 8.33 28.74 42.59
CA TRP P 35 8.10 29.73 41.55
C TRP P 35 7.08 30.80 41.94
N SER P 36 6.55 30.74 43.16
CA SER P 36 5.61 31.77 43.62
C SER P 36 6.26 33.13 43.80
N LYS P 37 7.58 33.19 43.86
CA LYS P 37 8.28 34.47 43.96
C LYS P 37 8.04 35.35 42.74
N CYS P 38 7.53 34.76 41.65
CA CYS P 38 7.13 35.53 40.48
C CYS P 38 5.95 36.45 40.75
N LYS P 39 5.27 36.27 41.89
CA LYS P 39 4.15 37.15 42.23
C LYS P 39 4.56 38.62 42.21
N GLY P 40 5.80 38.91 42.63
CA GLY P 40 6.26 40.29 42.64
C GLY P 40 6.48 40.86 41.26
N ASN P 41 7.48 40.36 40.53
CA ASN P 41 7.75 40.79 39.17
C ASN P 41 8.27 39.60 38.37
N PRO P 42 8.07 39.59 37.05
CA PRO P 42 8.43 38.41 36.26
C PRO P 42 9.92 38.27 35.96
N LYS P 43 10.73 39.31 36.19
CA LYS P 43 12.14 39.22 35.83
C LYS P 43 12.87 38.17 36.64
N LEU P 44 12.59 38.10 37.95
CA LEU P 44 13.25 37.08 38.78
C LEU P 44 12.92 35.68 38.30
N GLU P 45 11.64 35.44 37.97
CA GLU P 45 11.28 34.17 37.37
C GLU P 45 11.95 33.98 36.02
N ARG P 46 12.27 35.08 35.33
CA ARG P 46 12.98 34.95 34.06
C ARG P 46 14.38 34.39 34.27
N GLU P 47 15.16 34.95 35.21
CA GLU P 47 16.49 34.35 35.38
C GLU P 47 16.39 32.97 36.04
N TYR P 48 15.35 32.72 36.85
CA TYR P 48 15.15 31.39 37.40
C TYR P 48 14.94 30.37 36.29
N ASN P 49 14.08 30.70 35.33
CA ASN P 49 13.87 29.83 34.18
C ASN P 49 15.14 29.70 33.36
N ASP P 50 15.91 30.78 33.23
CA ASP P 50 17.18 30.72 32.51
C ASP P 50 18.11 29.69 33.14
N LYS P 51 18.28 29.78 34.46
CA LYS P 51 19.03 28.74 35.19
C LYS P 51 18.44 27.37 34.94
N LYS P 52 17.11 27.29 34.78
CA LYS P 52 16.48 26.01 34.47
C LYS P 52 16.96 25.47 33.12
N GLU P 53 17.03 26.33 32.09
CA GLU P 53 17.56 25.81 30.82
C GLU P 53 19.02 25.41 30.96
N LYS P 54 19.83 26.18 31.70
CA LYS P 54 21.21 25.74 31.88
C LYS P 54 21.30 24.37 32.55
N VAL P 55 20.52 24.15 33.61
CA VAL P 55 20.64 22.88 34.32
C VAL P 55 20.10 21.73 33.47
N VAL P 56 19.00 21.93 32.75
CA VAL P 56 18.49 20.86 31.92
C VAL P 56 19.43 20.57 30.75
N ASN P 57 20.10 21.59 30.23
CA ASN P 57 21.01 21.36 29.11
C ASN P 57 22.29 20.66 29.57
N GLU P 58 22.79 21.01 30.77
CA GLU P 58 23.93 20.27 31.29
C GLU P 58 23.56 18.83 31.60
N ALA P 59 22.34 18.59 32.10
CA ALA P 59 21.87 17.22 32.27
C ALA P 59 21.80 16.49 30.94
N PHE P 60 21.31 17.18 29.90
CA PHE P 60 21.26 16.58 28.57
C PHE P 60 22.65 16.16 28.10
N LEU P 61 23.62 17.07 28.18
CA LEU P 61 24.96 16.74 27.68
C LEU P 61 25.67 15.73 28.57
N ALA P 62 25.25 15.60 29.83
CA ALA P 62 25.91 14.65 30.72
C ALA P 62 25.35 13.24 30.56
N ILE P 63 24.03 13.10 30.44
CA ILE P 63 23.41 11.78 30.47
C ILE P 63 23.24 11.21 29.07
N ARG P 64 23.80 11.89 28.06
CA ARG P 64 23.76 11.41 26.68
C ARG P 64 25.04 10.72 26.26
N SER P 65 25.74 10.07 27.20
CA SER P 65 26.96 9.35 26.86
C SER P 65 26.65 7.96 26.29
N ARG P 66 26.00 7.12 27.09
CA ARG P 66 25.63 5.78 26.67
C ARG P 66 24.58 5.24 27.63
N THR P 67 23.63 4.48 27.09
CA THR P 67 22.51 3.99 27.90
C THR P 67 22.96 3.03 28.99
N GLU P 68 24.10 2.36 28.83
CA GLU P 68 24.56 1.42 29.85
C GLU P 68 24.86 2.15 31.16
N LYS P 69 25.70 3.19 31.11
CA LYS P 69 26.00 3.97 32.30
C LYS P 69 24.86 4.94 32.63
N GLN P 70 24.11 5.38 31.62
CA GLN P 70 22.92 6.17 31.88
C GLN P 70 21.88 5.40 32.67
N ALA P 71 21.90 4.07 32.60
CA ALA P 71 21.01 3.27 33.44
C ALA P 71 21.30 3.51 34.92
N PHE P 72 22.58 3.48 35.31
CA PHE P 72 22.94 3.80 36.69
C PHE P 72 22.71 5.27 36.99
N ILE P 73 22.90 6.15 36.01
CA ILE P 73 22.60 7.57 36.23
C ILE P 73 21.15 7.74 36.63
N ASP P 74 20.22 7.15 35.87
CA ASP P 74 18.81 7.30 36.18
C ASP P 74 18.44 6.56 37.44
N TYR P 75 19.09 5.43 37.73
CA TYR P 75 18.86 4.74 39.00
C TYR P 75 19.20 5.64 40.17
N PHE P 76 20.35 6.31 40.12
CA PHE P 76 20.77 7.16 41.22
C PHE P 76 19.88 8.40 41.33
N VAL P 77 19.56 9.04 40.20
CA VAL P 77 18.69 10.22 40.30
C VAL P 77 17.29 9.83 40.72
N SER P 78 16.87 8.58 40.46
CA SER P 78 15.59 8.11 40.95
C SER P 78 15.62 7.86 42.45
N THR P 79 16.73 7.30 42.95
CA THR P 79 16.88 7.16 44.38
C THR P 79 16.89 8.52 45.07
N LEU P 80 17.38 9.55 44.37
CA LEU P 80 17.48 10.87 44.99
C LEU P 80 16.16 11.65 44.92
N TYR P 81 15.74 12.03 43.71
CA TYR P 81 14.71 13.06 43.54
C TYR P 81 13.26 12.57 43.72
N PRO P 82 12.85 11.44 43.11
CA PRO P 82 11.43 11.04 43.26
C PRO P 82 10.99 10.81 44.69
N HIS P 83 11.92 10.55 45.60
CA HIS P 83 11.64 10.40 47.04
C HIS P 83 10.82 9.12 47.24
N VAL P 84 9.58 9.20 47.74
CA VAL P 84 8.88 8.00 48.20
C VAL P 84 8.52 7.05 47.06
N ARG P 85 8.17 7.56 45.89
CA ARG P 85 7.74 6.72 44.78
C ARG P 85 8.91 6.08 44.03
N GLN P 86 10.13 6.20 44.55
CA GLN P 86 11.29 5.65 43.86
C GLN P 86 11.32 4.13 43.93
N ASP P 87 10.63 3.54 44.90
CA ASP P 87 10.67 2.09 45.07
C ASP P 87 10.06 1.37 43.87
N GLU P 88 8.89 1.81 43.42
CA GLU P 88 8.27 1.19 42.26
C GLU P 88 9.07 1.46 41.00
N PHE P 89 9.68 2.65 40.90
CA PHE P 89 10.46 2.97 39.72
C PHE P 89 11.70 2.10 39.63
N VAL P 90 12.37 1.83 40.77
CA VAL P 90 13.52 0.95 40.74
C VAL P 90 13.10 -0.52 40.61
N ASP P 91 11.89 -0.87 41.02
CA ASP P 91 11.36 -2.19 40.66
C ASP P 91 11.21 -2.32 39.14
N PHE P 92 10.70 -1.26 38.50
CA PHE P 92 10.64 -1.26 37.05
C PHE P 92 12.02 -1.30 36.42
N ALA P 93 12.99 -0.64 37.07
CA ALA P 93 14.38 -0.74 36.63
C ALA P 93 14.90 -2.16 36.74
N GLN P 94 14.50 -2.89 37.78
CA GLN P 94 14.85 -4.30 37.87
C GLN P 94 14.24 -5.10 36.72
N LYS P 95 12.94 -4.87 36.46
CA LYS P 95 12.30 -5.52 35.31
C LYS P 95 13.04 -5.21 34.02
N LEU P 96 13.59 -3.99 33.91
CA LEU P 96 14.53 -3.68 32.84
C LEU P 96 15.76 -4.58 32.91
N PHE P 97 16.29 -4.79 34.12
CA PHE P 97 17.53 -5.57 34.26
C PHE P 97 17.35 -6.98 33.74
N GLN P 98 16.22 -7.63 34.05
CA GLN P 98 16.00 -8.97 33.50
C GLN P 98 15.41 -8.93 32.08
N ASP P 99 14.18 -8.42 31.94
CA ASP P 99 13.48 -8.61 30.67
C ASP P 99 13.03 -7.35 29.96
N THR P 100 12.10 -6.64 30.57
CA THR P 100 11.47 -5.52 29.87
C THR P 100 12.32 -4.34 29.43
N ASP P 101 13.04 -3.72 30.38
CA ASP P 101 13.92 -2.58 30.11
C ASP P 101 13.17 -1.48 29.36
N GLU P 102 13.82 -0.92 28.33
CA GLU P 102 13.15 0.06 27.47
C GLU P 102 12.47 1.18 28.25
N ILE P 103 13.10 1.65 29.32
CA ILE P 103 12.46 2.68 30.11
C ILE P 103 13.30 3.92 30.05
N ARG P 104 14.32 3.92 29.18
CA ARG P 104 15.15 5.11 29.17
C ARG P 104 14.81 6.04 28.01
N SER P 105 14.26 5.49 26.93
CA SER P 105 13.78 6.32 25.82
C SER P 105 12.68 7.26 26.29
N LEU P 106 11.74 6.74 27.07
CA LEU P 106 10.67 7.59 27.61
C LEU P 106 11.25 8.66 28.53
N THR P 107 12.25 8.30 29.34
CA THR P 107 12.83 9.29 30.26
C THR P 107 13.51 10.41 29.49
N LEU P 108 14.29 10.07 28.45
CA LEU P 108 14.96 11.11 27.68
C LEU P 108 13.96 11.95 26.90
N LEU P 109 12.89 11.32 26.39
CA LEU P 109 11.85 12.08 25.71
C LEU P 109 11.16 13.05 26.65
N ALA P 110 10.84 12.60 27.86
CA ALA P 110 10.20 13.48 28.84
C ALA P 110 11.12 14.62 29.25
N LEU P 111 12.41 14.34 29.44
CA LEU P 111 13.35 15.39 29.77
C LEU P 111 13.47 16.39 28.63
N SER P 112 13.49 15.91 27.39
CA SER P 112 13.48 16.81 26.23
C SER P 112 12.19 17.60 26.15
N SER P 113 11.13 17.16 26.82
CA SER P 113 9.85 17.83 26.84
C SER P 113 9.66 18.68 28.09
N GLN P 114 10.72 19.33 28.57
CA GLN P 114 10.67 20.05 29.83
C GLN P 114 11.13 21.50 29.67
N TYR P 115 10.57 22.20 28.68
CA TYR P 115 10.84 23.63 28.47
C TYR P 115 9.51 24.38 28.46
N PRO P 116 8.87 24.56 29.63
CA PRO P 116 7.63 25.33 29.72
C PRO P 116 7.89 26.82 29.95
N ILE P 117 8.77 27.41 29.13
CA ILE P 117 9.21 28.78 29.35
C ILE P 117 8.80 29.66 28.18
N LYS P 118 9.06 29.18 26.96
CA LYS P 118 8.78 29.93 25.73
C LYS P 118 9.55 31.25 25.71
#